data_6WQH
#
_entry.id   6WQH
#
loop_
_entity.id
_entity.type
_entity.pdbx_description
1 polymer 'Lon protease'
2 polymer 'Ig2 substrate'
3 non-polymer 'PHOSPHOTHIOPHOSPHORIC ACID-ADENYLATE ESTER'
4 non-polymer N-[(1R)-1-(dihydroxyboranyl)-2-phenylethyl]-Nalpha-(pyrazin-2-ylcarbonyl)-L-phenylalaninamide
5 non-polymer "ADENOSINE-5'-DIPHOSPHATE"
#
loop_
_entity_poly.entity_id
_entity_poly.type
_entity_poly.pdbx_seq_one_letter_code
_entity_poly.pdbx_strand_id
1 'polypeptide(L)'
;MRLELPVIPLRNTVILPHTTTPVDVGRAKSKRAVEEAMGADRLIFLVAQRDPEVDDPAPDDLYTWGVQAVVKQAMRLPDG
TLQVMVEARARAFQVTDYIPGPYLRARGEVFSEIFPIDEAVVRVLVEELKEAFEKYVANHKSLRLDRYQLEAVKGTSDPA
MLADTIAYHATWTVAEKQEILELTDLEARLKKVLGLLSRDLERFELDKRVAQRVKEQMDTNQREYYLREQMKAIQKELGG
EDGLSDLEALRKKIEEVGMPEAVKTKALKELDRLERMQQGSPEATVARTYLDWLTEVPWSKADPEVLDINHTRQVLDEDH
YGLKDVKERILEYLAVRQLTQGLDVRNKAPILVLVGPPGVGKTSLGRSIARSMNRKFHRISLGGVRDEAEIRGHRRTYIG
AMPGKLIHAMKQVGVINPVILLDEIDKMSSDWRGDPASAMLEVLDPEQNNTFTDHYLDVPYDLSKVFFITTANTLQTIPR
PLLDRMEVIEIPGYTNMEKQAIARQYLWPKQVRESGMEGRIEVTDAAILRVISEYTREAGVRGLERELGKIARKGAKFWL
EGAWEGLRTIDASDIPTYLGIPRYRPDKAETEPQVGTAQGLAWTPVGGTLLTIEVAAVPGSGKLSLTGQLGEVMKESAQA
ALTYLRAHTQDYGLPEDFYNKVDLHVHVPDGATPKDGPSAGITMATAIASALSRRPARMDIAMTGEVSLRGKVMPIGGVK
EKLLAAHQAGIHKIVLPKDNEAQLEELPKEVLEGLEIKLVEDVGEVLEYLLLPEPTMPPVVQPSDNRQQPGAGA
;
A,B,C,F,D,E
2 'polypeptide(L)' (UNK)(UNK)(UNK)(UNK)(UNK)(UNK)(UNK)(UNK)(UNK)(UNK)(UNK) S
#
loop_
_chem_comp.id
_chem_comp.type
_chem_comp.name
_chem_comp.formula
4KZ non-polymer N-[(1R)-1-(dihydroxyboranyl)-2-phenylethyl]-Nalpha-(pyrazin-2-ylcarbonyl)-L-phenylalaninamide 'C22 H23 B N4 O4'
ADP non-polymer ADENOSINE-5'-DIPHOSPHATE 'C10 H15 N5 O10 P2'
AGS non-polymer 'PHOSPHOTHIOPHOSPHORIC ACID-ADENYLATE ESTER' 'C10 H16 N5 O12 P3 S'
#
# COMPACT_ATOMS: atom_id res chain seq x y z
N SER A 245 -21.96 62.51 1.12
CA SER A 245 -23.38 62.78 0.89
C SER A 245 -24.13 61.49 0.63
N ASP A 246 -23.87 60.86 -0.52
CA ASP A 246 -24.50 59.60 -0.84
C ASP A 246 -24.14 58.52 0.17
N LEU A 247 -22.95 58.61 0.78
CA LEU A 247 -22.60 57.68 1.84
C LEU A 247 -23.56 57.81 3.02
N GLU A 248 -24.04 59.03 3.29
CA GLU A 248 -25.09 59.18 4.29
C GLU A 248 -26.45 58.81 3.72
N ALA A 249 -26.72 59.21 2.48
CA ALA A 249 -27.92 58.73 1.79
C ALA A 249 -27.92 57.21 1.66
N LEU A 250 -26.74 56.59 1.70
CA LEU A 250 -26.69 55.14 1.76
C LEU A 250 -27.33 54.62 3.05
N ARG A 251 -27.12 55.33 4.16
CA ARG A 251 -27.76 54.91 5.41
C ARG A 251 -29.26 54.85 5.27
N LYS A 252 -29.86 55.84 4.58
CA LYS A 252 -31.27 55.77 4.25
C LYS A 252 -31.59 54.45 3.55
N LYS A 253 -30.81 54.11 2.53
CA LYS A 253 -30.92 52.79 1.92
C LYS A 253 -30.69 51.70 2.96
N ILE A 254 -29.58 51.82 3.71
CA ILE A 254 -29.28 50.84 4.76
C ILE A 254 -30.43 50.75 5.76
N GLU A 255 -31.09 51.86 6.05
CA GLU A 255 -32.25 51.80 6.93
C GLU A 255 -33.45 51.15 6.25
N GLU A 256 -33.57 51.31 4.93
CA GLU A 256 -34.69 50.68 4.22
C GLU A 256 -34.48 49.17 4.10
N VAL A 257 -33.40 48.76 3.45
CA VAL A 257 -33.13 47.35 3.23
C VAL A 257 -32.46 46.77 4.47
N GLY A 258 -33.02 45.67 4.96
CA GLY A 258 -32.53 45.07 6.20
C GLY A 258 -32.60 46.01 7.38
N MET A 259 -32.06 45.61 8.52
CA MET A 259 -31.44 44.30 8.70
C MET A 259 -31.76 43.83 10.11
N PRO A 260 -31.45 42.57 10.43
CA PRO A 260 -31.57 42.12 11.82
C PRO A 260 -30.89 43.07 12.79
N GLU A 261 -31.48 43.21 13.96
CA GLU A 261 -30.98 44.17 14.95
C GLU A 261 -29.57 43.85 15.39
N ALA A 262 -29.27 42.56 15.62
CA ALA A 262 -27.91 42.15 15.94
C ALA A 262 -26.92 42.51 14.84
N VAL A 263 -27.42 42.84 13.65
CA VAL A 263 -26.59 43.34 12.56
C VAL A 263 -26.75 44.84 12.37
N LYS A 264 -27.87 45.42 12.81
CA LYS A 264 -28.13 46.82 12.51
C LYS A 264 -27.19 47.73 13.27
N THR A 265 -27.15 47.59 14.59
CA THR A 265 -26.25 48.42 15.40
C THR A 265 -24.81 48.27 14.96
N LYS A 266 -24.44 47.11 14.43
CA LYS A 266 -23.12 46.93 13.86
C LYS A 266 -22.95 47.89 12.69
N ALA A 267 -23.73 47.69 11.65
CA ALA A 267 -23.66 48.56 10.47
C ALA A 267 -23.89 50.02 10.86
N LEU A 268 -24.68 50.26 11.90
CA LEU A 268 -24.88 51.63 12.39
C LEU A 268 -23.54 52.28 12.70
N LYS A 269 -22.73 51.63 13.53
CA LYS A 269 -21.46 52.24 13.95
C LYS A 269 -20.45 52.22 12.82
N GLU A 270 -20.30 51.09 12.13
CA GLU A 270 -19.26 50.98 11.10
C GLU A 270 -19.44 52.04 10.03
N LEU A 271 -20.68 52.36 9.68
CA LEU A 271 -20.94 53.45 8.75
C LEU A 271 -20.44 54.77 9.32
N ASP A 272 -20.87 55.11 10.54
CA ASP A 272 -20.36 56.30 11.21
C ASP A 272 -18.91 56.16 11.58
N ARG A 273 -18.39 54.93 11.69
CA ARG A 273 -16.97 54.73 11.90
C ARG A 273 -16.16 55.40 10.81
N LEU A 274 -16.49 55.12 9.54
CA LEU A 274 -15.67 55.58 8.43
C LEU A 274 -15.87 57.06 8.11
N GLU A 275 -16.93 57.68 8.62
CA GLU A 275 -17.35 59.00 8.14
C GLU A 275 -16.29 60.07 8.33
N ARG A 276 -15.20 59.79 9.04
CA ARG A 276 -14.09 60.73 9.13
C ARG A 276 -13.23 60.74 7.87
N MET A 277 -13.63 60.03 6.82
CA MET A 277 -12.77 59.82 5.66
C MET A 277 -13.20 60.72 4.50
N GLN A 278 -12.30 61.60 4.11
CA GLN A 278 -12.33 62.24 2.80
C GLN A 278 -11.00 62.09 2.07
N GLN A 279 -9.89 62.17 2.80
CA GLN A 279 -8.58 61.90 2.22
C GLN A 279 -8.29 60.41 2.30
N GLY A 280 -7.66 59.88 1.24
CA GLY A 280 -7.44 58.46 1.19
C GLY A 280 -8.75 57.72 0.99
N SER A 281 -8.90 56.60 1.69
CA SER A 281 -7.87 56.06 2.57
C SER A 281 -7.74 54.56 2.34
N PRO A 282 -6.58 53.99 2.68
CA PRO A 282 -6.42 52.53 2.51
C PRO A 282 -7.46 51.73 3.27
N GLU A 283 -7.93 52.23 4.41
CA GLU A 283 -8.98 51.56 5.16
C GLU A 283 -10.36 52.06 4.80
N ALA A 284 -10.47 53.05 3.92
CA ALA A 284 -11.78 53.54 3.51
C ALA A 284 -12.50 52.52 2.64
N THR A 285 -11.80 51.94 1.67
CA THR A 285 -12.44 51.01 0.74
C THR A 285 -13.01 49.80 1.47
N VAL A 286 -12.20 49.16 2.32
CA VAL A 286 -12.68 48.01 3.08
C VAL A 286 -13.83 48.42 3.98
N ALA A 287 -13.83 49.68 4.44
CA ALA A 287 -14.92 50.17 5.27
C ALA A 287 -16.16 50.47 4.42
N ARG A 288 -15.98 50.77 3.15
CA ARG A 288 -17.11 51.06 2.27
C ARG A 288 -17.62 49.81 1.56
N THR A 289 -16.71 48.94 1.13
CA THR A 289 -17.17 47.73 0.46
C THR A 289 -17.90 46.80 1.41
N TYR A 290 -17.54 46.83 2.69
CA TYR A 290 -18.25 46.00 3.66
C TYR A 290 -19.71 46.41 3.74
N LEU A 291 -19.97 47.71 3.82
CA LEU A 291 -21.34 48.19 3.85
C LEU A 291 -22.04 47.92 2.52
N ASP A 292 -21.38 48.22 1.41
CA ASP A 292 -21.92 47.85 0.11
C ASP A 292 -22.18 46.35 0.04
N TRP A 293 -21.33 45.55 0.67
CA TRP A 293 -21.64 44.13 0.81
C TRP A 293 -22.79 43.92 1.80
N LEU A 294 -22.83 44.72 2.86
CA LEU A 294 -23.86 44.58 3.87
C LEU A 294 -25.18 45.23 3.48
N THR A 295 -25.35 45.59 2.22
CA THR A 295 -26.66 45.99 1.71
C THR A 295 -27.10 45.19 0.49
N GLU A 296 -26.17 44.79 -0.38
CA GLU A 296 -26.55 43.96 -1.51
C GLU A 296 -26.98 42.57 -1.07
N VAL A 297 -26.38 42.06 0.00
CA VAL A 297 -26.78 40.76 0.54
C VAL A 297 -28.26 40.80 0.87
N PRO A 298 -29.02 39.75 0.57
CA PRO A 298 -30.47 39.80 0.81
C PRO A 298 -30.81 39.53 2.26
N TRP A 299 -31.75 40.33 2.78
CA TRP A 299 -32.27 40.16 4.13
C TRP A 299 -33.78 40.05 4.06
N SER A 300 -34.31 38.89 4.45
CA SER A 300 -35.73 38.71 4.69
C SER A 300 -36.58 39.16 3.49
N LYS A 301 -36.14 38.80 2.30
CA LYS A 301 -36.93 38.99 1.08
C LYS A 301 -36.93 37.68 0.30
N ALA A 302 -38.07 37.02 0.29
CA ALA A 302 -38.21 35.70 -0.33
C ALA A 302 -39.11 35.78 -1.55
N ASP A 303 -39.24 34.67 -2.23
CA ASP A 303 -40.16 34.53 -3.34
C ASP A 303 -41.40 33.75 -2.91
N PRO A 304 -42.55 34.02 -3.50
CA PRO A 304 -43.77 33.33 -3.07
C PRO A 304 -43.70 31.86 -3.41
N GLU A 305 -43.66 30.99 -2.38
CA GLU A 305 -43.67 29.57 -2.65
C GLU A 305 -44.97 29.18 -3.33
N VAL A 306 -44.86 28.40 -4.40
CA VAL A 306 -46.04 28.03 -5.16
C VAL A 306 -46.99 27.25 -4.27
N LEU A 307 -48.28 27.56 -4.39
CA LEU A 307 -49.34 26.78 -3.75
C LEU A 307 -50.14 26.03 -4.79
N ASP A 308 -49.50 25.69 -5.91
CA ASP A 308 -50.11 25.03 -7.05
C ASP A 308 -49.28 23.79 -7.34
N ILE A 309 -49.60 22.68 -6.67
CA ILE A 309 -48.76 21.49 -6.80
C ILE A 309 -48.92 20.87 -8.19
N ASN A 310 -50.16 20.72 -8.65
CA ASN A 310 -50.40 20.16 -9.96
C ASN A 310 -49.70 20.93 -11.07
N HIS A 311 -49.24 22.15 -10.80
CA HIS A 311 -48.36 22.83 -11.73
C HIS A 311 -47.00 22.13 -11.78
N THR A 312 -46.41 21.88 -10.62
CA THR A 312 -45.12 21.19 -10.58
C THR A 312 -45.24 19.79 -11.13
N ARG A 313 -46.32 19.09 -10.79
CA ARG A 313 -46.55 17.74 -11.30
C ARG A 313 -46.64 17.69 -12.82
N GLN A 314 -46.84 18.83 -13.47
CA GLN A 314 -46.88 18.89 -14.92
C GLN A 314 -45.82 19.81 -15.51
N VAL A 315 -45.05 20.52 -14.69
CA VAL A 315 -43.91 21.27 -15.17
C VAL A 315 -42.60 20.59 -14.82
N LEU A 316 -42.58 19.67 -13.85
CA LEU A 316 -41.41 18.81 -13.66
C LEU A 316 -41.44 17.66 -14.65
N ASP A 317 -42.59 17.02 -14.81
CA ASP A 317 -42.71 15.84 -15.65
C ASP A 317 -42.55 16.12 -17.14
N GLU A 318 -42.22 17.36 -17.53
CA GLU A 318 -41.99 17.65 -18.93
C GLU A 318 -40.55 18.02 -19.26
N ASP A 319 -39.73 18.30 -18.25
CA ASP A 319 -38.32 18.54 -18.47
C ASP A 319 -37.47 17.29 -18.33
N HIS A 320 -38.07 16.17 -17.93
CA HIS A 320 -37.37 14.91 -17.82
C HIS A 320 -38.35 13.77 -18.03
N TYR A 321 -37.83 12.57 -18.23
CA TYR A 321 -38.64 11.38 -18.30
C TYR A 321 -38.19 10.39 -17.23
N GLY A 322 -39.12 9.57 -16.77
CA GLY A 322 -38.81 8.65 -15.69
C GLY A 322 -38.52 9.42 -14.42
N LEU A 323 -37.56 8.91 -13.64
CA LEU A 323 -37.14 9.56 -12.40
C LEU A 323 -38.31 9.81 -11.47
N LYS A 324 -39.29 8.91 -11.46
CA LYS A 324 -40.48 9.14 -10.66
C LYS A 324 -40.15 9.27 -9.17
N ASP A 325 -39.07 8.64 -8.72
CA ASP A 325 -38.72 8.71 -7.31
C ASP A 325 -38.30 10.12 -6.93
N VAL A 326 -37.26 10.65 -7.56
CA VAL A 326 -36.77 11.98 -7.20
C VAL A 326 -37.81 13.04 -7.46
N LYS A 327 -38.78 12.78 -8.33
CA LYS A 327 -39.82 13.76 -8.59
C LYS A 327 -40.79 13.84 -7.41
N GLU A 328 -41.43 12.72 -7.06
CA GLU A 328 -42.36 12.73 -5.94
C GLU A 328 -41.70 13.19 -4.65
N ARG A 329 -40.42 12.86 -4.46
CA ARG A 329 -39.71 13.31 -3.28
C ARG A 329 -39.67 14.82 -3.17
N ILE A 330 -39.87 15.53 -4.27
CA ILE A 330 -39.96 16.98 -4.23
C ILE A 330 -41.42 17.44 -4.12
N LEU A 331 -42.33 16.77 -4.82
CA LEU A 331 -43.75 17.04 -4.63
C LEU A 331 -44.11 16.97 -3.15
N GLU A 332 -43.68 15.90 -2.49
CA GLU A 332 -43.99 15.75 -1.07
C GLU A 332 -43.30 16.81 -0.23
N TYR A 333 -42.18 17.36 -0.70
CA TYR A 333 -41.53 18.41 0.06
C TYR A 333 -42.42 19.64 0.17
N LEU A 334 -43.26 19.90 -0.83
CA LEU A 334 -44.17 21.02 -0.73
C LEU A 334 -45.41 20.64 0.05
N ALA A 335 -45.93 19.43 -0.16
CA ALA A 335 -47.09 18.97 0.61
C ALA A 335 -46.80 19.00 2.10
N VAL A 336 -45.61 18.56 2.51
CA VAL A 336 -45.25 18.68 3.91
C VAL A 336 -45.03 20.13 4.29
N ARG A 337 -44.76 20.99 3.31
CA ARG A 337 -44.55 22.40 3.61
C ARG A 337 -45.83 23.21 3.54
N GLN A 338 -46.69 22.93 2.57
CA GLN A 338 -47.92 23.72 2.45
C GLN A 338 -48.88 23.42 3.60
N LEU A 339 -48.91 22.19 4.07
CA LEU A 339 -49.74 21.84 5.22
C LEU A 339 -49.05 22.12 6.53
N THR A 340 -48.00 22.93 6.51
CA THR A 340 -47.28 23.35 7.71
C THR A 340 -47.09 24.85 7.65
N GLN A 341 -47.78 25.59 8.52
CA GLN A 341 -47.65 27.04 8.59
C GLN A 341 -47.65 27.42 10.07
N GLY A 342 -46.46 27.48 10.67
CA GLY A 342 -46.34 27.85 12.06
C GLY A 342 -45.47 26.93 12.91
N LEU A 343 -44.71 26.03 12.28
CA LEU A 343 -43.79 25.17 13.03
C LEU A 343 -42.72 24.66 12.07
N ASP A 344 -41.50 25.20 12.20
CA ASP A 344 -40.33 24.77 11.44
C ASP A 344 -40.68 24.47 9.98
N VAL A 345 -41.41 25.40 9.37
CA VAL A 345 -41.87 25.21 8.00
C VAL A 345 -40.69 25.21 7.04
N ARG A 346 -39.98 26.33 6.96
CA ARG A 346 -38.78 26.45 6.15
C ARG A 346 -37.52 26.18 6.95
N ASN A 347 -37.60 26.24 8.28
CA ASN A 347 -36.47 25.87 9.13
C ASN A 347 -36.11 24.39 9.01
N LYS A 348 -36.93 23.60 8.32
CA LYS A 348 -36.65 22.18 8.12
C LYS A 348 -36.87 21.87 6.65
N ALA A 349 -35.77 21.69 5.92
CA ALA A 349 -35.80 21.32 4.51
C ALA A 349 -34.70 20.30 4.28
N PRO A 350 -34.95 19.31 3.43
CA PRO A 350 -33.95 18.25 3.24
C PRO A 350 -32.72 18.79 2.53
N ILE A 351 -31.66 17.99 2.56
CA ILE A 351 -30.45 18.27 1.81
C ILE A 351 -30.34 17.15 0.78
N LEU A 352 -30.90 17.38 -0.40
CA LEU A 352 -30.99 16.34 -1.41
C LEU A 352 -29.63 16.14 -2.07
N VAL A 353 -29.10 14.93 -1.93
CA VAL A 353 -27.94 14.49 -2.70
C VAL A 353 -28.40 13.42 -3.66
N LEU A 354 -27.94 13.51 -4.90
CA LEU A 354 -28.29 12.55 -5.93
C LEU A 354 -27.08 11.72 -6.29
N VAL A 355 -27.24 10.40 -6.34
CA VAL A 355 -26.16 9.48 -6.64
C VAL A 355 -26.58 8.57 -7.78
N GLY A 356 -25.68 8.34 -8.71
CA GLY A 356 -25.94 7.50 -9.85
C GLY A 356 -24.80 7.53 -10.84
N PRO A 357 -24.87 6.67 -11.86
CA PRO A 357 -23.82 6.65 -12.86
C PRO A 357 -23.75 7.99 -13.56
N PRO A 358 -22.57 8.37 -14.07
CA PRO A 358 -22.42 9.73 -14.61
C PRO A 358 -23.26 9.99 -15.84
N GLY A 359 -23.73 8.96 -16.53
CA GLY A 359 -24.49 9.16 -17.74
C GLY A 359 -25.89 9.71 -17.51
N VAL A 360 -26.46 9.47 -16.33
CA VAL A 360 -27.79 9.98 -16.03
C VAL A 360 -27.66 11.47 -15.75
N GLY A 361 -28.78 12.18 -15.74
CA GLY A 361 -28.75 13.61 -15.51
C GLY A 361 -29.22 14.03 -14.14
N LYS A 362 -28.27 14.39 -13.28
CA LYS A 362 -28.57 14.93 -11.96
C LYS A 362 -28.50 16.45 -11.95
N THR A 363 -27.43 17.02 -12.52
CA THR A 363 -27.29 18.47 -12.53
C THR A 363 -28.41 19.14 -13.32
N SER A 364 -28.88 18.48 -14.38
CA SER A 364 -29.94 19.07 -15.17
C SER A 364 -31.18 19.36 -14.32
N LEU A 365 -31.39 18.57 -13.27
CA LEU A 365 -32.49 18.86 -12.35
C LEU A 365 -32.33 20.20 -11.66
N GLY A 366 -31.12 20.74 -11.63
CA GLY A 366 -30.88 21.98 -10.88
C GLY A 366 -31.82 23.09 -11.28
N ARG A 367 -32.00 23.30 -12.58
CA ARG A 367 -32.85 24.39 -13.02
C ARG A 367 -34.31 24.00 -13.09
N SER A 368 -34.61 22.82 -13.63
CA SER A 368 -36.00 22.37 -13.72
C SER A 368 -36.70 22.48 -12.38
N ILE A 369 -36.03 22.08 -11.31
CA ILE A 369 -36.63 22.18 -9.97
C ILE A 369 -36.91 23.63 -9.63
N ALA A 370 -35.86 24.46 -9.62
CA ALA A 370 -36.00 25.84 -9.19
C ALA A 370 -37.01 26.60 -10.03
N ARG A 371 -37.14 26.25 -11.31
CA ARG A 371 -38.17 26.85 -12.14
C ARG A 371 -39.54 26.23 -11.86
N SER A 372 -39.57 24.95 -11.47
CA SER A 372 -40.84 24.33 -11.11
C SER A 372 -41.52 25.08 -9.97
N MET A 373 -40.74 25.48 -8.98
CA MET A 373 -41.26 26.20 -7.82
C MET A 373 -41.06 27.70 -7.95
N ASN A 374 -40.69 28.18 -9.14
CA ASN A 374 -40.49 29.61 -9.40
C ASN A 374 -39.50 30.22 -8.41
N ARG A 375 -38.49 29.44 -8.04
CA ARG A 375 -37.43 29.91 -7.16
C ARG A 375 -36.20 30.24 -7.97
N LYS A 376 -35.56 31.35 -7.64
CA LYS A 376 -34.34 31.75 -8.34
C LYS A 376 -33.24 30.73 -8.11
N PHE A 377 -32.51 30.41 -9.17
CA PHE A 377 -31.57 29.30 -9.16
C PHE A 377 -30.14 29.81 -9.16
N HIS A 378 -29.23 28.92 -8.75
CA HIS A 378 -27.81 29.18 -8.84
C HIS A 378 -27.08 27.85 -8.76
N ARG A 379 -25.82 27.86 -9.19
CA ARG A 379 -24.99 26.66 -9.17
C ARG A 379 -23.61 27.03 -8.66
N ILE A 380 -23.01 26.13 -7.89
CA ILE A 380 -21.69 26.35 -7.32
C ILE A 380 -20.91 25.05 -7.45
N SER A 381 -19.96 25.02 -8.37
CA SER A 381 -19.18 23.81 -8.58
C SER A 381 -18.18 23.61 -7.44
N LEU A 382 -18.07 22.36 -6.98
CA LEU A 382 -17.07 21.99 -5.98
C LEU A 382 -16.04 21.05 -6.56
N GLY A 383 -15.88 21.02 -7.88
CA GLY A 383 -14.97 20.11 -8.51
C GLY A 383 -13.52 20.48 -8.31
N GLY A 384 -13.05 20.37 -7.08
CA GLY A 384 -11.66 20.61 -6.77
C GLY A 384 -11.36 21.88 -6.00
N VAL A 385 -12.38 22.62 -5.56
CA VAL A 385 -12.13 23.74 -4.68
C VAL A 385 -11.71 23.19 -3.32
N ARG A 386 -10.46 23.43 -2.94
CA ARG A 386 -9.87 22.76 -1.79
C ARG A 386 -9.19 23.77 -0.88
N ASP A 387 -9.86 24.88 -0.63
CA ASP A 387 -9.38 25.86 0.34
C ASP A 387 -10.56 26.42 1.10
N GLU A 388 -10.33 26.66 2.40
CA GLU A 388 -11.37 27.23 3.24
C GLU A 388 -11.79 28.61 2.76
N ALA A 389 -10.91 29.30 2.04
CA ALA A 389 -11.13 30.70 1.69
C ALA A 389 -12.04 30.87 0.48
N GLU A 390 -12.84 29.87 0.14
CA GLU A 390 -13.83 30.02 -0.92
C GLU A 390 -15.24 29.73 -0.46
N ILE A 391 -15.45 28.70 0.38
CA ILE A 391 -16.75 28.50 0.98
C ILE A 391 -17.08 29.66 1.91
N ARG A 392 -16.25 29.85 2.93
CA ARG A 392 -16.17 31.12 3.61
C ARG A 392 -15.08 31.95 2.96
N GLY A 393 -14.93 33.20 3.40
CA GLY A 393 -14.00 34.12 2.81
C GLY A 393 -12.87 34.50 3.76
N HIS A 394 -12.20 35.60 3.43
CA HIS A 394 -11.22 36.20 4.32
C HIS A 394 -11.89 37.20 5.23
N ARG A 395 -11.11 37.81 6.12
CA ARG A 395 -11.62 38.85 6.99
C ARG A 395 -11.30 40.23 6.40
N ARG A 396 -11.84 41.28 7.02
CA ARG A 396 -11.53 42.64 6.61
C ARG A 396 -10.06 43.00 6.83
N THR A 397 -9.28 42.12 7.45
CA THR A 397 -7.87 42.41 7.70
C THR A 397 -7.05 42.34 6.42
N TYR A 398 -7.02 41.16 5.79
CA TYR A 398 -6.26 40.99 4.57
C TYR A 398 -6.81 41.91 3.49
N ILE A 399 -5.90 42.50 2.71
CA ILE A 399 -6.25 43.65 1.88
C ILE A 399 -7.31 43.31 0.85
N GLY A 400 -7.23 42.14 0.22
CA GLY A 400 -8.21 41.78 -0.79
C GLY A 400 -9.37 40.99 -0.25
N ALA A 401 -10.10 41.56 0.69
CA ALA A 401 -11.16 40.83 1.36
C ALA A 401 -12.36 40.66 0.43
N MET A 402 -12.97 39.49 0.49
CA MET A 402 -14.22 39.22 -0.21
C MET A 402 -14.88 37.99 0.38
N PRO A 403 -16.20 37.91 0.39
CA PRO A 403 -16.89 36.82 1.08
C PRO A 403 -16.75 35.51 0.32
N GLY A 404 -17.26 34.45 0.93
CA GLY A 404 -17.16 33.13 0.38
C GLY A 404 -17.99 32.96 -0.88
N LYS A 405 -18.05 31.71 -1.33
CA LYS A 405 -18.80 31.41 -2.54
C LYS A 405 -20.30 31.57 -2.33
N LEU A 406 -20.80 31.11 -1.18
CA LEU A 406 -22.24 31.15 -0.94
C LEU A 406 -22.75 32.58 -0.89
N ILE A 407 -22.04 33.47 -0.18
CA ILE A 407 -22.52 34.83 -0.02
C ILE A 407 -22.59 35.54 -1.38
N HIS A 408 -21.52 35.40 -2.18
CA HIS A 408 -21.57 35.90 -3.55
C HIS A 408 -22.78 35.32 -4.28
N ALA A 409 -22.96 34.01 -4.21
CA ALA A 409 -24.15 33.40 -4.78
C ALA A 409 -25.41 34.04 -4.22
N MET A 410 -25.49 34.13 -2.89
CA MET A 410 -26.63 34.78 -2.26
C MET A 410 -26.78 36.22 -2.72
N LYS A 411 -25.73 36.83 -3.24
CA LYS A 411 -25.86 38.16 -3.82
C LYS A 411 -26.30 38.11 -5.28
N GLN A 412 -25.80 37.13 -6.04
CA GLN A 412 -26.22 36.99 -7.42
C GLN A 412 -27.72 36.80 -7.52
N VAL A 413 -28.25 35.85 -6.75
CA VAL A 413 -29.69 35.81 -6.54
C VAL A 413 -30.07 36.96 -5.60
N GLY A 414 -31.27 37.49 -5.78
CA GLY A 414 -31.68 38.63 -4.99
C GLY A 414 -32.72 38.33 -3.93
N VAL A 415 -32.80 37.07 -3.51
CA VAL A 415 -33.75 36.65 -2.49
C VAL A 415 -33.01 35.88 -1.41
N ILE A 416 -33.77 35.39 -0.43
CA ILE A 416 -33.19 34.71 0.71
C ILE A 416 -33.32 33.19 0.57
N ASN A 417 -34.28 32.74 -0.24
CA ASN A 417 -34.53 31.32 -0.43
C ASN A 417 -34.38 30.94 -1.90
N PRO A 418 -33.15 30.93 -2.41
CA PRO A 418 -32.93 30.39 -3.75
C PRO A 418 -32.82 28.88 -3.72
N VAL A 419 -32.45 28.28 -4.84
CA VAL A 419 -32.16 26.86 -4.92
C VAL A 419 -30.69 26.75 -5.31
N ILE A 420 -29.82 26.70 -4.31
CA ILE A 420 -28.39 26.58 -4.58
C ILE A 420 -28.05 25.14 -4.85
N LEU A 421 -27.31 24.90 -5.92
CA LEU A 421 -26.96 23.54 -6.36
C LEU A 421 -25.46 23.38 -6.24
N LEU A 422 -25.01 22.66 -5.21
CA LEU A 422 -23.64 22.23 -5.17
C LEU A 422 -23.41 21.21 -6.27
N ASP A 423 -22.16 20.79 -6.44
CA ASP A 423 -21.88 19.92 -7.57
C ASP A 423 -20.63 19.10 -7.29
N GLU A 424 -20.69 17.82 -7.67
CA GLU A 424 -19.67 16.82 -7.40
C GLU A 424 -19.07 17.00 -6.01
N ILE A 425 -19.96 16.96 -5.02
CA ILE A 425 -19.59 17.28 -3.65
C ILE A 425 -18.51 16.35 -3.11
N ASP A 426 -18.37 15.16 -3.68
CA ASP A 426 -17.36 14.24 -3.19
C ASP A 426 -15.95 14.63 -3.62
N LYS A 427 -15.80 15.43 -4.68
CA LYS A 427 -14.49 15.70 -5.21
C LYS A 427 -13.63 16.57 -4.30
N MET A 428 -14.24 17.22 -3.32
CA MET A 428 -13.47 18.07 -2.40
C MET A 428 -12.42 17.23 -1.67
N SER A 429 -11.35 17.89 -1.24
CA SER A 429 -10.18 17.21 -0.69
C SER A 429 -9.91 17.69 0.73
N SER A 430 -9.97 16.77 1.69
CA SER A 430 -9.41 17.02 3.02
C SER A 430 -7.89 17.08 2.88
N ASP A 431 -7.44 18.30 2.54
CA ASP A 431 -6.07 18.63 2.17
C ASP A 431 -5.64 20.03 2.63
N TRP A 432 -4.38 20.41 2.45
CA TRP A 432 -3.73 21.44 3.27
C TRP A 432 -4.30 22.84 3.07
N ARG A 433 -4.13 23.70 4.11
CA ARG A 433 -4.71 25.03 4.40
C ARG A 433 -6.11 24.88 4.96
N GLY A 434 -6.48 23.65 5.33
CA GLY A 434 -7.79 23.30 5.86
C GLY A 434 -8.72 22.57 4.90
N ASP A 435 -9.64 21.78 5.41
CA ASP A 435 -10.49 21.02 4.52
C ASP A 435 -11.75 21.81 4.19
N PRO A 436 -12.07 21.97 2.91
CA PRO A 436 -13.40 22.50 2.58
C PRO A 436 -14.53 21.60 3.07
N ALA A 437 -14.34 20.28 3.01
CA ALA A 437 -15.38 19.39 3.51
C ALA A 437 -15.54 19.52 5.02
N SER A 438 -14.51 19.95 5.72
CA SER A 438 -14.66 20.26 7.13
C SER A 438 -15.25 21.62 7.37
N ALA A 439 -15.68 22.28 6.30
CA ALA A 439 -16.28 23.60 6.38
C ALA A 439 -17.68 23.66 5.82
N MET A 440 -18.08 22.70 4.98
CA MET A 440 -19.46 22.70 4.47
C MET A 440 -20.46 22.37 5.55
N LEU A 441 -20.03 21.66 6.60
CA LEU A 441 -20.92 21.31 7.69
C LEU A 441 -21.61 22.54 8.25
N GLU A 442 -20.84 23.60 8.49
CA GLU A 442 -21.38 24.81 9.09
C GLU A 442 -22.54 25.38 8.27
N VAL A 443 -22.53 25.15 6.96
CA VAL A 443 -23.51 25.74 6.06
C VAL A 443 -24.42 24.69 5.44
N LEU A 444 -24.38 23.45 5.93
CA LEU A 444 -25.26 22.42 5.44
C LEU A 444 -26.05 21.70 6.54
N ASP A 445 -25.62 21.79 7.78
CA ASP A 445 -26.33 21.15 8.87
C ASP A 445 -27.72 21.77 9.02
N PRO A 446 -28.79 20.97 9.05
CA PRO A 446 -30.15 21.54 9.07
C PRO A 446 -30.52 22.20 10.39
N GLU A 447 -29.62 22.26 11.36
CA GLU A 447 -29.95 22.92 12.62
C GLU A 447 -28.80 23.77 13.14
N GLN A 448 -27.84 24.12 12.30
CA GLN A 448 -26.76 25.02 12.69
C GLN A 448 -26.59 26.18 11.73
N ASN A 449 -26.81 25.96 10.43
CA ASN A 449 -26.53 26.99 9.43
C ASN A 449 -27.37 28.23 9.66
N ASN A 450 -28.57 28.07 10.22
CA ASN A 450 -29.52 29.18 10.33
C ASN A 450 -28.90 30.44 10.92
N THR A 451 -27.86 30.29 11.74
CA THR A 451 -27.19 31.43 12.33
C THR A 451 -25.71 31.49 11.91
N PHE A 452 -25.42 31.05 10.69
CA PHE A 452 -24.03 31.00 10.22
C PHE A 452 -23.44 32.39 10.09
N THR A 453 -22.29 32.60 10.75
CA THR A 453 -21.54 33.84 10.66
C THR A 453 -20.40 33.66 9.66
N ASP A 454 -20.29 34.60 8.73
CA ASP A 454 -19.31 34.49 7.65
C ASP A 454 -17.97 35.06 8.08
N HIS A 455 -16.91 34.53 7.46
CA HIS A 455 -15.56 35.01 7.74
C HIS A 455 -15.30 36.39 7.16
N TYR A 456 -16.17 36.88 6.27
CA TYR A 456 -16.11 38.27 5.82
C TYR A 456 -17.28 39.09 6.35
N LEU A 457 -18.50 38.61 6.18
CA LEU A 457 -19.64 39.18 6.87
C LEU A 457 -19.57 38.74 8.33
N ASP A 458 -19.00 39.57 9.18
CA ASP A 458 -18.75 39.18 10.56
C ASP A 458 -19.99 39.04 11.37
N VAL A 459 -21.16 39.14 10.73
CA VAL A 459 -22.44 38.95 11.41
C VAL A 459 -22.99 37.58 11.02
N PRO A 460 -23.86 36.99 11.83
CA PRO A 460 -24.51 35.74 11.42
C PRO A 460 -25.39 35.96 10.20
N TYR A 461 -25.63 34.89 9.46
CA TYR A 461 -26.49 34.94 8.28
C TYR A 461 -27.56 33.86 8.37
N ASP A 462 -28.69 34.16 7.76
CA ASP A 462 -29.86 33.28 7.78
C ASP A 462 -29.77 32.30 6.61
N LEU A 463 -29.69 31.02 6.94
CA LEU A 463 -29.79 29.96 5.95
C LEU A 463 -30.88 28.99 6.35
N SER A 464 -30.89 27.82 5.71
CA SER A 464 -31.90 26.78 5.88
C SER A 464 -33.20 27.24 5.22
N LYS A 465 -33.24 28.49 4.80
CA LYS A 465 -34.31 28.94 3.91
C LYS A 465 -34.06 28.51 2.48
N VAL A 466 -32.81 28.25 2.14
CA VAL A 466 -32.41 27.81 0.81
C VAL A 466 -32.55 26.30 0.74
N PHE A 467 -32.98 25.81 -0.42
CA PHE A 467 -33.25 24.40 -0.63
C PHE A 467 -32.05 23.79 -1.36
N PHE A 468 -31.03 23.45 -0.58
CA PHE A 468 -29.79 22.94 -1.15
C PHE A 468 -30.03 21.64 -1.92
N ILE A 469 -29.27 21.47 -2.99
CA ILE A 469 -29.24 20.23 -3.77
C ILE A 469 -27.79 19.95 -4.13
N THR A 470 -27.33 18.74 -3.85
CA THR A 470 -25.95 18.38 -4.13
C THR A 470 -25.91 17.26 -5.15
N THR A 471 -24.71 16.76 -5.44
CA THR A 471 -24.55 15.76 -6.47
C THR A 471 -23.25 15.00 -6.23
N ALA A 472 -23.28 13.70 -6.51
CA ALA A 472 -22.11 12.85 -6.48
C ALA A 472 -22.50 11.53 -7.11
N ASN A 473 -21.50 10.69 -7.35
CA ASN A 473 -21.74 9.34 -7.86
C ASN A 473 -21.23 8.26 -6.94
N THR A 474 -20.42 8.58 -5.94
CA THR A 474 -19.96 7.63 -4.95
C THR A 474 -20.03 8.27 -3.58
N LEU A 475 -20.70 7.61 -2.63
CA LEU A 475 -20.78 8.16 -1.29
C LEU A 475 -19.45 8.04 -0.56
N GLN A 476 -18.65 7.06 -0.93
CA GLN A 476 -17.45 6.69 -0.18
C GLN A 476 -16.34 7.72 -0.26
N THR A 477 -16.58 8.87 -0.88
CA THR A 477 -15.62 9.96 -0.87
C THR A 477 -16.12 11.15 -0.07
N ILE A 478 -17.39 11.17 0.29
CA ILE A 478 -17.95 12.25 1.12
C ILE A 478 -17.65 11.94 2.58
N PRO A 479 -17.17 12.90 3.36
CA PRO A 479 -16.92 12.62 4.78
C PRO A 479 -18.20 12.30 5.51
N ARG A 480 -18.11 11.39 6.47
CA ARG A 480 -19.27 11.01 7.27
C ARG A 480 -20.00 12.18 7.92
N PRO A 481 -19.32 13.23 8.41
CA PRO A 481 -20.10 14.41 8.85
C PRO A 481 -20.97 14.97 7.76
N LEU A 482 -20.47 15.07 6.54
CA LEU A 482 -21.29 15.56 5.43
C LEU A 482 -22.30 14.52 4.98
N LEU A 483 -21.92 13.25 5.01
CA LEU A 483 -22.78 12.19 4.49
C LEU A 483 -24.09 12.11 5.28
N ASP A 484 -23.98 11.84 6.58
CA ASP A 484 -25.16 11.45 7.35
C ASP A 484 -26.18 12.57 7.45
N ARG A 485 -25.73 13.82 7.46
CA ARG A 485 -26.67 14.93 7.56
C ARG A 485 -27.26 15.24 6.20
N MET A 486 -27.78 14.22 5.52
CA MET A 486 -28.34 14.36 4.19
C MET A 486 -29.38 13.27 3.98
N GLU A 487 -30.09 13.37 2.86
CA GLU A 487 -31.08 12.38 2.45
C GLU A 487 -30.62 11.81 1.11
N VAL A 488 -29.82 10.74 1.17
CA VAL A 488 -29.32 10.15 -0.05
C VAL A 488 -30.47 9.59 -0.88
N ILE A 489 -30.57 10.05 -2.11
CA ILE A 489 -31.58 9.57 -3.05
C ILE A 489 -30.82 9.12 -4.29
N GLU A 490 -30.50 7.83 -4.35
CA GLU A 490 -29.82 7.28 -5.51
C GLU A 490 -30.63 7.52 -6.77
N ILE A 491 -29.94 7.45 -7.91
CA ILE A 491 -30.58 7.45 -9.21
C ILE A 491 -30.09 6.20 -9.93
N PRO A 492 -30.98 5.31 -10.38
CA PRO A 492 -30.52 3.95 -10.72
C PRO A 492 -29.72 3.88 -12.00
N GLY A 493 -30.06 4.67 -12.99
CA GLY A 493 -29.56 4.41 -14.32
C GLY A 493 -30.72 3.88 -15.13
N TYR A 494 -30.81 4.34 -16.38
CA TYR A 494 -32.04 4.18 -17.11
C TYR A 494 -32.17 2.78 -17.69
N THR A 495 -33.41 2.41 -17.98
CA THR A 495 -33.74 1.18 -18.67
C THR A 495 -33.91 1.46 -20.15
N ASN A 496 -33.70 0.42 -20.96
CA ASN A 496 -33.80 0.60 -22.40
C ASN A 496 -35.19 1.07 -22.80
N MET A 497 -36.22 0.56 -22.12
CA MET A 497 -37.58 1.01 -22.39
C MET A 497 -37.70 2.51 -22.18
N GLU A 498 -36.95 3.07 -21.23
CA GLU A 498 -36.90 4.52 -21.09
C GLU A 498 -36.17 5.14 -22.27
N LYS A 499 -35.02 4.57 -22.65
CA LYS A 499 -34.17 5.19 -23.65
C LYS A 499 -34.90 5.33 -24.98
N GLN A 500 -35.62 4.28 -25.40
CA GLN A 500 -36.40 4.39 -26.62
C GLN A 500 -37.45 5.50 -26.54
N ALA A 501 -37.76 5.96 -25.33
CA ALA A 501 -38.69 7.06 -25.15
C ALA A 501 -37.99 8.36 -24.79
N ILE A 502 -36.92 8.30 -24.00
CA ILE A 502 -36.23 9.52 -23.63
C ILE A 502 -35.47 10.09 -24.81
N ALA A 503 -35.12 9.27 -25.80
CA ALA A 503 -34.44 9.78 -26.98
C ALA A 503 -35.42 10.53 -27.87
N ARG A 504 -36.51 9.87 -28.25
CA ARG A 504 -37.51 10.46 -29.14
C ARG A 504 -37.99 11.80 -28.61
N GLN A 505 -38.26 11.88 -27.32
CA GLN A 505 -38.93 13.06 -26.77
C GLN A 505 -37.96 14.17 -26.42
N TYR A 506 -36.75 13.85 -25.96
CA TYR A 506 -35.85 14.86 -25.42
C TYR A 506 -34.58 15.02 -26.24
N LEU A 507 -33.81 13.95 -26.43
CA LEU A 507 -32.48 14.10 -26.98
C LEU A 507 -32.50 14.28 -28.49
N TRP A 508 -33.30 13.49 -29.18
CA TRP A 508 -33.33 13.59 -30.65
C TRP A 508 -33.73 14.97 -31.13
N PRO A 509 -34.88 15.53 -30.72
CA PRO A 509 -35.24 16.86 -31.23
C PRO A 509 -34.19 17.91 -30.94
N LYS A 510 -33.59 17.89 -29.75
CA LYS A 510 -32.51 18.82 -29.48
C LYS A 510 -31.34 18.58 -30.42
N GLN A 511 -31.06 17.32 -30.72
CA GLN A 511 -29.88 17.00 -31.53
C GLN A 511 -30.11 17.19 -33.02
N VAL A 512 -31.36 17.39 -33.45
CA VAL A 512 -31.63 17.70 -34.85
C VAL A 512 -31.72 19.20 -35.07
N ARG A 513 -32.26 19.93 -34.10
CA ARG A 513 -32.21 21.39 -34.15
C ARG A 513 -30.76 21.87 -34.13
N GLU A 514 -30.05 21.54 -33.06
CA GLU A 514 -28.64 21.94 -32.92
C GLU A 514 -27.84 21.60 -34.16
N SER A 515 -28.10 20.44 -34.76
CA SER A 515 -27.38 20.03 -35.96
C SER A 515 -27.60 20.97 -37.13
N GLY A 516 -28.59 21.83 -37.07
CA GLY A 516 -28.94 22.68 -38.19
C GLY A 516 -29.94 22.06 -39.14
N MET A 517 -30.04 20.73 -39.16
CA MET A 517 -31.03 20.06 -40.00
C MET A 517 -32.40 20.40 -39.45
N GLU A 518 -33.09 21.31 -40.10
CA GLU A 518 -34.32 21.88 -39.60
C GLU A 518 -35.49 20.92 -39.61
N GLY A 519 -35.28 19.63 -39.88
CA GLY A 519 -36.38 18.71 -39.98
C GLY A 519 -36.37 17.97 -41.31
N ARG A 520 -35.19 17.87 -41.91
CA ARG A 520 -34.99 17.12 -43.14
C ARG A 520 -34.69 15.66 -42.87
N ILE A 521 -34.88 15.19 -41.63
CA ILE A 521 -34.46 13.86 -41.24
C ILE A 521 -35.37 13.38 -40.12
N GLU A 522 -35.58 12.07 -40.05
CA GLU A 522 -36.44 11.49 -39.04
C GLU A 522 -35.94 10.10 -38.70
N VAL A 523 -35.93 9.78 -37.40
CA VAL A 523 -35.51 8.48 -36.92
C VAL A 523 -36.73 7.70 -36.44
N THR A 524 -36.64 6.38 -36.49
CA THR A 524 -37.73 5.51 -36.11
C THR A 524 -37.36 4.70 -34.87
N ASP A 525 -38.38 4.07 -34.29
CA ASP A 525 -38.19 3.28 -33.07
C ASP A 525 -37.05 2.29 -33.22
N ALA A 526 -37.18 1.36 -34.17
CA ALA A 526 -36.11 0.40 -34.39
C ALA A 526 -34.81 1.11 -34.72
N ALA A 527 -34.87 2.15 -35.56
CA ALA A 527 -33.68 2.92 -35.86
C ALA A 527 -33.08 3.50 -34.58
N ILE A 528 -33.91 3.88 -33.63
CA ILE A 528 -33.39 4.27 -32.32
C ILE A 528 -33.06 3.02 -31.51
N LEU A 529 -33.91 2.00 -31.61
CA LEU A 529 -33.72 0.79 -30.81
C LEU A 529 -32.32 0.21 -31.00
N ARG A 530 -31.87 0.13 -32.26
CA ARG A 530 -30.53 -0.35 -32.52
C ARG A 530 -29.50 0.50 -31.78
N VAL A 531 -29.55 1.81 -31.97
CA VAL A 531 -28.61 2.70 -31.30
C VAL A 531 -28.65 2.54 -29.79
N ILE A 532 -29.78 2.08 -29.25
CA ILE A 532 -29.87 1.90 -27.80
C ILE A 532 -29.00 0.73 -27.35
N SER A 533 -29.18 -0.43 -27.97
CA SER A 533 -28.47 -1.63 -27.55
C SER A 533 -27.17 -1.82 -28.32
N GLU A 534 -27.21 -1.66 -29.63
CA GLU A 534 -26.06 -2.04 -30.44
C GLU A 534 -24.87 -1.12 -30.22
N TYR A 535 -25.09 0.20 -30.21
CA TYR A 535 -24.00 1.16 -30.20
C TYR A 535 -23.94 1.91 -28.88
N THR A 536 -24.22 1.22 -27.79
CA THR A 536 -24.27 1.87 -26.49
C THR A 536 -24.17 0.84 -25.37
N ARG A 537 -23.23 1.05 -24.45
CA ARG A 537 -23.05 0.13 -23.33
C ARG A 537 -22.87 0.93 -22.04
N GLU A 538 -23.75 1.89 -21.82
CA GLU A 538 -23.75 2.64 -20.58
C GLU A 538 -25.17 2.96 -20.18
N ALA A 539 -25.44 2.91 -18.87
CA ALA A 539 -26.71 3.37 -18.31
C ALA A 539 -26.62 4.88 -18.21
N GLY A 540 -26.92 5.55 -19.31
CA GLY A 540 -26.80 6.98 -19.37
C GLY A 540 -27.03 7.52 -20.76
N VAL A 541 -27.79 8.58 -20.80
CA VAL A 541 -28.16 9.18 -22.00
C VAL A 541 -27.06 9.82 -22.75
N ARG A 542 -25.96 10.18 -22.14
CA ARG A 542 -24.92 10.82 -22.92
C ARG A 542 -24.40 9.95 -24.02
N GLY A 543 -24.22 8.66 -23.73
CA GLY A 543 -23.72 7.76 -24.72
C GLY A 543 -24.68 7.72 -25.84
N LEU A 544 -25.96 7.58 -25.55
CA LEU A 544 -26.93 7.54 -26.58
C LEU A 544 -27.01 8.81 -27.36
N GLU A 545 -26.88 9.90 -26.68
CA GLU A 545 -26.95 11.17 -27.29
C GLU A 545 -25.90 11.38 -28.30
N ARG A 546 -24.68 10.95 -28.06
CA ARG A 546 -23.66 11.26 -29.05
C ARG A 546 -23.94 10.68 -30.38
N GLU A 547 -24.33 9.43 -30.39
CA GLU A 547 -24.64 8.75 -31.63
C GLU A 547 -25.62 9.56 -32.47
N LEU A 548 -26.68 10.07 -31.83
CA LEU A 548 -27.61 10.93 -32.55
C LEU A 548 -26.90 12.12 -33.15
N GLY A 549 -25.86 12.63 -32.48
CA GLY A 549 -25.03 13.64 -33.10
C GLY A 549 -24.35 13.13 -34.35
N LYS A 550 -23.85 11.90 -34.31
CA LYS A 550 -23.25 11.31 -35.51
C LYS A 550 -24.30 11.04 -36.58
N ILE A 551 -25.52 10.68 -36.18
CA ILE A 551 -26.58 10.56 -37.17
C ILE A 551 -26.96 11.93 -37.70
N ALA A 552 -26.84 12.96 -36.87
CA ALA A 552 -27.16 14.30 -37.33
C ALA A 552 -26.08 14.86 -38.24
N ARG A 553 -24.82 14.79 -37.82
CA ARG A 553 -23.73 15.29 -38.65
C ARG A 553 -23.71 14.58 -39.99
N LYS A 554 -23.51 13.27 -39.99
CA LYS A 554 -23.53 12.53 -41.24
C LYS A 554 -24.88 12.64 -41.95
N GLY A 555 -25.92 13.05 -41.23
CA GLY A 555 -27.16 13.43 -41.88
C GLY A 555 -27.13 14.81 -42.49
N ALA A 556 -26.10 15.59 -42.20
CA ALA A 556 -25.89 16.89 -42.85
C ALA A 556 -24.82 16.83 -43.92
N LYS A 557 -23.71 16.15 -43.65
CA LYS A 557 -22.67 16.00 -44.67
C LYS A 557 -23.21 15.32 -45.92
N PHE A 558 -24.25 14.50 -45.77
CA PHE A 558 -24.90 13.96 -46.96
C PHE A 558 -25.72 15.03 -47.67
N TRP A 559 -26.29 15.97 -46.92
CA TRP A 559 -27.18 16.95 -47.51
C TRP A 559 -26.43 17.87 -48.48
N LEU A 560 -25.25 18.35 -48.09
CA LEU A 560 -24.49 19.21 -48.99
C LEU A 560 -24.12 18.49 -50.27
N GLU A 561 -23.98 17.16 -50.22
CA GLU A 561 -23.65 16.38 -51.39
C GLU A 561 -24.88 15.86 -52.12
N GLY A 562 -26.07 16.02 -51.53
CA GLY A 562 -27.28 15.62 -52.20
C GLY A 562 -28.52 16.08 -51.45
N ALA A 563 -29.45 16.71 -52.16
CA ALA A 563 -30.68 17.16 -51.56
C ALA A 563 -31.75 16.08 -51.67
N TRP A 564 -32.95 16.37 -51.20
CA TRP A 564 -34.04 15.42 -51.26
C TRP A 564 -35.36 16.14 -51.11
N GLU A 565 -36.43 15.48 -51.55
CA GLU A 565 -37.79 16.01 -51.45
C GLU A 565 -38.40 15.53 -50.15
N GLY A 566 -38.38 16.38 -49.13
CA GLY A 566 -38.98 16.05 -47.85
C GLY A 566 -37.93 15.64 -46.83
N LEU A 567 -38.12 14.46 -46.24
CA LEU A 567 -37.19 13.91 -45.28
C LEU A 567 -37.10 12.40 -45.45
N ARG A 568 -35.90 11.87 -45.23
CA ARG A 568 -35.64 10.45 -45.37
C ARG A 568 -35.69 9.80 -44.00
N THR A 569 -36.74 9.01 -43.76
CA THR A 569 -36.93 8.35 -42.47
C THR A 569 -35.88 7.25 -42.29
N ILE A 570 -34.88 7.53 -41.45
CA ILE A 570 -33.86 6.55 -41.17
C ILE A 570 -34.48 5.34 -40.49
N ASP A 571 -34.28 4.16 -41.06
CA ASP A 571 -34.79 2.92 -40.51
C ASP A 571 -33.64 2.11 -39.91
N ALA A 572 -34.01 0.99 -39.29
CA ALA A 572 -33.02 0.13 -38.64
C ALA A 572 -31.90 -0.27 -39.60
N SER A 573 -32.27 -0.76 -40.79
CA SER A 573 -31.28 -1.16 -41.76
C SER A 573 -30.46 0.00 -42.29
N ASP A 574 -30.82 1.24 -41.96
CA ASP A 574 -30.06 2.39 -42.43
C ASP A 574 -28.96 2.79 -41.47
N ILE A 575 -29.06 2.41 -40.20
CA ILE A 575 -28.10 2.88 -39.20
C ILE A 575 -26.65 2.57 -39.58
N PRO A 576 -26.29 1.34 -39.96
CA PRO A 576 -24.88 1.09 -40.29
C PRO A 576 -24.34 1.98 -41.39
N THR A 577 -25.21 2.52 -42.25
CA THR A 577 -24.73 3.46 -43.25
C THR A 577 -24.32 4.77 -42.61
N TYR A 578 -25.04 5.20 -41.57
CA TYR A 578 -24.72 6.44 -40.88
C TYR A 578 -23.74 6.19 -39.73
N LEU A 579 -24.12 5.34 -38.79
CA LEU A 579 -23.30 5.08 -37.61
C LEU A 579 -22.31 3.95 -37.80
N GLY A 580 -22.04 3.55 -39.05
CA GLY A 580 -20.98 2.61 -39.26
C GLY A 580 -21.23 1.22 -38.70
N ILE A 581 -20.14 0.44 -38.68
CA ILE A 581 -20.15 -0.97 -38.31
C ILE A 581 -20.55 -1.09 -36.84
N PRO A 582 -21.24 -2.15 -36.44
CA PRO A 582 -21.65 -2.28 -35.03
C PRO A 582 -20.46 -2.36 -34.09
N ARG A 583 -20.77 -2.23 -32.81
CA ARG A 583 -19.78 -2.28 -31.75
C ARG A 583 -20.06 -3.35 -30.72
N TYR A 584 -21.31 -3.53 -30.33
CA TYR A 584 -21.71 -4.57 -29.37
C TYR A 584 -22.90 -5.28 -29.98
N ARG A 585 -22.66 -6.47 -30.51
CA ARG A 585 -23.73 -7.20 -31.18
C ARG A 585 -24.79 -7.59 -30.16
N PRO A 586 -26.05 -7.73 -30.60
CA PRO A 586 -27.09 -8.19 -29.69
C PRO A 586 -26.92 -9.66 -29.37
N ASP A 587 -27.84 -10.23 -28.61
CA ASP A 587 -27.72 -11.60 -28.11
C ASP A 587 -29.03 -12.33 -28.36
N LYS A 588 -29.13 -12.98 -29.52
CA LYS A 588 -30.34 -13.68 -29.88
C LYS A 588 -30.62 -14.81 -28.88
N ALA A 589 -31.89 -15.12 -28.72
CA ALA A 589 -32.34 -16.08 -27.73
C ALA A 589 -32.65 -17.40 -28.42
N GLU A 590 -31.67 -18.28 -28.47
CA GLU A 590 -31.90 -19.61 -29.00
C GLU A 590 -32.70 -20.42 -28.00
N THR A 591 -33.07 -22.01 -31.32
CA THR A 591 -34.24 -21.95 -30.47
C THR A 591 -34.67 -23.37 -30.12
N GLU A 592 -34.22 -24.32 -30.93
CA GLU A 592 -34.52 -25.72 -30.69
C GLU A 592 -33.94 -26.14 -29.36
N PRO A 593 -34.66 -26.85 -28.52
CA PRO A 593 -34.08 -27.34 -27.26
C PRO A 593 -32.82 -28.16 -27.48
N GLN A 594 -31.77 -27.85 -26.73
CA GLN A 594 -30.49 -28.53 -26.90
C GLN A 594 -30.15 -29.35 -25.67
N VAL A 595 -29.09 -30.14 -25.79
CA VAL A 595 -28.64 -31.00 -24.72
C VAL A 595 -27.74 -30.21 -23.78
N GLY A 596 -28.04 -30.28 -22.48
CA GLY A 596 -27.25 -29.61 -21.48
C GLY A 596 -27.04 -28.14 -21.78
N THR A 597 -28.10 -27.36 -21.72
CA THR A 597 -28.02 -25.95 -22.07
C THR A 597 -29.20 -25.23 -21.43
N ALA A 598 -28.98 -23.99 -21.00
CA ALA A 598 -30.05 -23.19 -20.41
C ALA A 598 -29.65 -21.72 -20.45
N GLN A 599 -30.63 -20.87 -20.74
CA GLN A 599 -30.40 -19.45 -20.93
C GLN A 599 -30.51 -18.74 -19.58
N GLY A 600 -29.39 -18.66 -18.87
CA GLY A 600 -29.35 -17.99 -17.59
C GLY A 600 -29.31 -16.49 -17.81
N LEU A 601 -29.73 -15.75 -16.80
CA LEU A 601 -29.69 -14.30 -16.82
C LEU A 601 -28.59 -13.81 -15.91
N ALA A 602 -28.11 -12.59 -16.19
CA ALA A 602 -27.07 -11.99 -15.38
C ALA A 602 -27.04 -10.50 -15.67
N TRP A 603 -26.89 -9.70 -14.62
CA TRP A 603 -26.93 -8.27 -14.80
C TRP A 603 -25.63 -7.65 -14.32
N THR A 604 -25.27 -6.57 -14.97
CA THR A 604 -24.08 -5.77 -14.70
C THR A 604 -24.54 -4.32 -14.70
N PRO A 605 -23.88 -3.42 -13.97
CA PRO A 605 -24.44 -2.08 -13.75
C PRO A 605 -25.10 -1.44 -14.96
N VAL A 606 -24.53 -1.61 -16.15
CA VAL A 606 -25.14 -1.03 -17.34
C VAL A 606 -26.50 -1.64 -17.62
N GLY A 607 -26.70 -2.91 -17.33
CA GLY A 607 -27.97 -3.55 -17.61
C GLY A 607 -27.80 -5.04 -17.69
N GLY A 608 -28.94 -5.72 -17.67
CA GLY A 608 -28.98 -7.17 -17.67
C GLY A 608 -28.50 -7.72 -19.01
N THR A 609 -27.82 -8.85 -18.97
CA THR A 609 -27.36 -9.55 -20.16
C THR A 609 -28.02 -10.91 -20.20
N LEU A 610 -27.56 -11.72 -21.15
CA LEU A 610 -28.12 -13.05 -21.40
C LEU A 610 -26.96 -14.02 -21.53
N LEU A 611 -26.86 -14.96 -20.58
CA LEU A 611 -25.77 -15.93 -20.57
C LEU A 611 -26.30 -17.34 -20.71
N THR A 612 -25.82 -18.03 -21.74
CA THR A 612 -26.10 -19.45 -21.87
C THR A 612 -25.14 -20.23 -21.00
N ILE A 613 -25.54 -21.46 -20.66
CA ILE A 613 -24.71 -22.35 -19.87
C ILE A 613 -24.66 -23.70 -20.56
N GLU A 614 -23.46 -24.18 -20.85
CA GLU A 614 -23.26 -25.45 -21.50
C GLU A 614 -22.48 -26.37 -20.58
N VAL A 615 -22.85 -27.65 -20.59
CA VAL A 615 -22.16 -28.66 -19.79
C VAL A 615 -21.94 -29.89 -20.64
N ALA A 616 -20.84 -30.59 -20.37
CA ALA A 616 -20.45 -31.77 -21.13
C ALA A 616 -20.37 -32.96 -20.21
N ALA A 617 -20.90 -34.09 -20.67
CA ALA A 617 -20.78 -35.35 -19.94
C ALA A 617 -20.00 -36.34 -20.79
N VAL A 618 -18.79 -36.67 -20.35
CA VAL A 618 -17.92 -37.57 -21.10
C VAL A 618 -17.39 -38.61 -20.12
N PRO A 619 -17.38 -39.89 -20.52
CA PRO A 619 -16.88 -40.94 -19.63
C PRO A 619 -15.49 -40.64 -19.11
N GLY A 620 -15.35 -40.68 -17.80
CA GLY A 620 -14.09 -40.31 -17.18
C GLY A 620 -14.05 -40.73 -15.72
N SER A 621 -13.33 -39.95 -14.92
CA SER A 621 -13.03 -40.31 -13.54
C SER A 621 -13.77 -39.46 -12.52
N GLY A 622 -14.88 -38.84 -12.89
CA GLY A 622 -15.62 -38.03 -11.93
C GLY A 622 -15.04 -36.66 -11.70
N LYS A 623 -14.15 -36.21 -12.58
CA LYS A 623 -13.57 -34.88 -12.49
C LYS A 623 -14.64 -33.83 -12.78
N LEU A 624 -14.63 -32.76 -11.98
CA LEU A 624 -15.45 -31.59 -12.24
C LEU A 624 -14.56 -30.45 -12.68
N SER A 625 -14.72 -30.02 -13.93
CA SER A 625 -13.92 -28.94 -14.49
C SER A 625 -14.83 -27.77 -14.79
N LEU A 626 -14.55 -26.64 -14.13
CA LEU A 626 -15.37 -25.44 -14.25
C LEU A 626 -14.51 -24.36 -14.91
N THR A 627 -14.90 -23.94 -16.11
CA THR A 627 -14.18 -22.93 -16.86
C THR A 627 -15.11 -21.78 -17.24
N GLY A 628 -14.58 -20.86 -18.02
CA GLY A 628 -15.26 -19.63 -18.30
C GLY A 628 -14.95 -18.51 -17.34
N GLN A 629 -13.82 -18.57 -16.64
CA GLN A 629 -13.41 -17.53 -15.70
C GLN A 629 -14.45 -17.34 -14.59
N LEU A 630 -15.05 -18.44 -14.16
CA LEU A 630 -16.03 -18.37 -13.08
C LEU A 630 -15.38 -17.87 -11.80
N GLY A 631 -16.13 -17.11 -11.02
CA GLY A 631 -15.69 -16.69 -9.71
C GLY A 631 -15.82 -17.81 -8.70
N GLU A 632 -15.18 -17.60 -7.54
CA GLU A 632 -15.12 -18.67 -6.55
C GLU A 632 -16.50 -18.96 -5.96
N VAL A 633 -17.40 -17.97 -5.97
CA VAL A 633 -18.73 -18.20 -5.43
C VAL A 633 -19.50 -19.16 -6.32
N MET A 634 -19.52 -18.91 -7.63
CA MET A 634 -20.34 -19.71 -8.53
C MET A 634 -19.87 -21.16 -8.57
N LYS A 635 -18.55 -21.38 -8.55
CA LYS A 635 -18.05 -22.74 -8.58
C LYS A 635 -18.55 -23.54 -7.39
N GLU A 636 -18.62 -22.91 -6.21
CA GLU A 636 -19.21 -23.60 -5.07
C GLU A 636 -20.69 -23.86 -5.29
N SER A 637 -21.41 -22.90 -5.88
CA SER A 637 -22.81 -23.12 -6.21
C SER A 637 -22.95 -24.25 -7.23
N ALA A 638 -22.00 -24.38 -8.15
CA ALA A 638 -22.05 -25.48 -9.10
C ALA A 638 -22.06 -26.82 -8.39
N GLN A 639 -21.09 -27.05 -7.51
CA GLN A 639 -21.05 -28.31 -6.77
C GLN A 639 -22.34 -28.54 -6.01
N ALA A 640 -22.95 -27.46 -5.53
CA ALA A 640 -24.20 -27.59 -4.79
C ALA A 640 -25.26 -28.28 -5.64
N ALA A 641 -25.51 -27.78 -6.84
CA ALA A 641 -26.47 -28.43 -7.73
C ALA A 641 -26.05 -29.87 -8.01
N LEU A 642 -24.76 -30.08 -8.27
CA LEU A 642 -24.29 -31.44 -8.54
C LEU A 642 -24.48 -32.34 -7.33
N THR A 643 -24.29 -31.79 -6.13
CA THR A 643 -24.54 -32.59 -4.94
C THR A 643 -26.01 -32.95 -4.82
N TYR A 644 -26.90 -32.02 -5.16
CA TYR A 644 -28.33 -32.30 -5.08
C TYR A 644 -28.69 -33.48 -5.97
N LEU A 645 -28.29 -33.44 -7.24
CA LEU A 645 -28.59 -34.53 -8.15
C LEU A 645 -27.95 -35.82 -7.68
N ARG A 646 -26.75 -35.74 -7.10
CA ARG A 646 -26.10 -36.94 -6.58
C ARG A 646 -26.93 -37.58 -5.49
N ALA A 647 -27.80 -36.80 -4.85
CA ALA A 647 -28.69 -37.39 -3.85
C ALA A 647 -29.88 -38.07 -4.51
N HIS A 648 -30.67 -37.33 -5.28
CA HIS A 648 -31.92 -37.84 -5.83
C HIS A 648 -31.73 -38.34 -7.25
N THR A 649 -30.98 -39.43 -7.38
CA THR A 649 -30.66 -39.94 -8.70
C THR A 649 -31.90 -40.46 -9.42
N GLN A 650 -32.64 -41.38 -8.79
CA GLN A 650 -33.71 -42.08 -9.48
C GLN A 650 -34.85 -41.14 -9.87
N ASP A 651 -35.08 -40.10 -9.08
CA ASP A 651 -36.19 -39.19 -9.34
C ASP A 651 -36.13 -38.66 -10.77
N TYR A 652 -34.93 -38.34 -11.24
CA TYR A 652 -34.74 -37.95 -12.63
C TYR A 652 -34.03 -39.07 -13.37
N GLY A 653 -33.85 -38.87 -14.67
CA GLY A 653 -33.25 -39.90 -15.50
C GLY A 653 -31.74 -39.92 -15.41
N LEU A 654 -31.20 -40.04 -14.20
CA LEU A 654 -29.75 -39.91 -14.25
C LEU A 654 -29.09 -41.26 -14.15
N PRO A 655 -28.00 -41.48 -14.87
CA PRO A 655 -27.19 -42.68 -14.64
C PRO A 655 -26.76 -42.75 -13.19
N GLU A 656 -26.92 -43.94 -12.61
CA GLU A 656 -26.79 -44.12 -11.17
C GLU A 656 -25.40 -43.80 -10.63
N ASP A 657 -24.35 -44.11 -11.38
CA ASP A 657 -23.00 -44.04 -10.84
C ASP A 657 -22.15 -43.08 -11.66
N PHE A 658 -22.75 -41.99 -12.13
CA PHE A 658 -21.98 -41.03 -12.90
C PHE A 658 -20.84 -40.44 -12.06
N TYR A 659 -21.09 -40.22 -10.77
CA TYR A 659 -20.21 -39.47 -9.89
C TYR A 659 -18.76 -39.90 -9.99
N ASN A 660 -18.51 -41.17 -10.30
CA ASN A 660 -17.16 -41.68 -10.45
C ASN A 660 -16.93 -42.32 -11.81
N LYS A 661 -17.77 -42.03 -12.78
CA LYS A 661 -17.54 -42.52 -14.13
C LYS A 661 -17.72 -41.47 -15.20
N VAL A 662 -18.29 -40.30 -14.88
CA VAL A 662 -18.51 -39.24 -15.85
C VAL A 662 -17.87 -37.97 -15.34
N ASP A 663 -17.12 -37.31 -16.22
CA ASP A 663 -16.46 -36.05 -15.89
C ASP A 663 -17.30 -34.91 -16.43
N LEU A 664 -17.96 -34.18 -15.54
CA LEU A 664 -18.77 -33.05 -15.95
C LEU A 664 -17.89 -31.82 -16.12
N HIS A 665 -18.06 -31.16 -17.25
CA HIS A 665 -17.40 -29.89 -17.53
C HIS A 665 -18.49 -28.85 -17.76
N VAL A 666 -18.34 -27.69 -17.13
CA VAL A 666 -19.32 -26.61 -17.24
C VAL A 666 -18.63 -25.41 -17.86
N HIS A 667 -19.17 -24.91 -18.96
CA HIS A 667 -18.60 -23.76 -19.64
C HIS A 667 -19.66 -22.68 -19.84
N VAL A 668 -19.28 -21.45 -19.54
CA VAL A 668 -20.20 -20.32 -19.64
C VAL A 668 -19.58 -19.25 -20.53
N PRO A 669 -19.74 -19.32 -21.84
CA PRO A 669 -19.16 -18.30 -22.72
C PRO A 669 -19.77 -16.94 -22.43
N ASP A 670 -19.00 -15.87 -22.74
CA ASP A 670 -17.70 -15.95 -23.37
C ASP A 670 -16.60 -16.25 -22.36
N GLY A 671 -15.43 -16.61 -22.88
CA GLY A 671 -14.35 -17.03 -22.01
C GLY A 671 -13.61 -15.86 -21.38
N ALA A 672 -13.78 -14.67 -21.93
CA ALA A 672 -13.01 -13.54 -21.45
C ALA A 672 -13.68 -12.89 -20.25
N THR A 673 -14.96 -12.57 -20.37
CA THR A 673 -15.63 -11.78 -19.35
C THR A 673 -15.74 -12.55 -18.05
N PRO A 674 -15.10 -12.10 -16.98
CA PRO A 674 -15.20 -12.82 -15.70
C PRO A 674 -16.63 -12.80 -15.19
N LYS A 675 -17.00 -13.87 -14.48
CA LYS A 675 -18.35 -14.02 -13.99
C LYS A 675 -18.29 -14.42 -12.52
N ASP A 676 -19.31 -14.04 -11.76
CA ASP A 676 -19.33 -14.24 -10.33
C ASP A 676 -20.78 -14.50 -9.92
N GLY A 677 -21.03 -14.39 -8.62
CA GLY A 677 -22.38 -14.39 -8.11
C GLY A 677 -23.00 -15.75 -8.08
N PRO A 678 -24.01 -16.49 -6.99
CA PRO A 678 -24.79 -17.72 -6.90
C PRO A 678 -26.20 -17.65 -7.41
N SER A 679 -26.60 -16.58 -8.06
CA SER A 679 -27.97 -16.47 -8.49
C SER A 679 -28.31 -17.40 -9.61
N ALA A 680 -27.29 -17.89 -10.28
CA ALA A 680 -27.48 -18.91 -11.29
C ALA A 680 -27.15 -20.26 -10.68
N GLY A 681 -27.95 -20.60 -9.97
CA GLY A 681 -28.12 -21.85 -9.28
C GLY A 681 -28.92 -22.87 -10.07
N ILE A 682 -30.20 -22.59 -10.28
CA ILE A 682 -31.08 -23.58 -10.88
C ILE A 682 -30.75 -23.78 -12.35
N THR A 683 -30.23 -22.74 -13.01
CA THR A 683 -29.86 -22.89 -14.40
C THR A 683 -28.75 -23.91 -14.58
N MET A 684 -27.76 -23.92 -13.67
CA MET A 684 -26.76 -24.97 -13.73
C MET A 684 -27.37 -26.31 -13.35
N ALA A 685 -28.32 -26.32 -12.42
CA ALA A 685 -29.03 -27.55 -12.12
C ALA A 685 -29.79 -28.04 -13.34
N THR A 686 -30.41 -27.12 -14.09
CA THR A 686 -31.08 -27.53 -15.32
C THR A 686 -30.08 -28.04 -16.34
N ALA A 687 -28.99 -27.30 -16.55
CA ALA A 687 -28.02 -27.70 -17.56
C ALA A 687 -27.38 -29.03 -17.21
N ILE A 688 -26.90 -29.18 -15.98
CA ILE A 688 -26.21 -30.40 -15.60
C ILE A 688 -27.14 -31.60 -15.70
N ALA A 689 -28.36 -31.48 -15.18
CA ALA A 689 -29.29 -32.60 -15.20
C ALA A 689 -29.60 -33.01 -16.63
N SER A 690 -29.73 -32.02 -17.53
CA SER A 690 -30.01 -32.35 -18.92
C SER A 690 -28.87 -33.16 -19.53
N ALA A 691 -27.63 -32.82 -19.16
CA ALA A 691 -26.48 -33.50 -19.74
C ALA A 691 -26.47 -34.97 -19.37
N LEU A 692 -26.50 -35.26 -18.07
CA LEU A 692 -26.45 -36.66 -17.63
C LEU A 692 -27.64 -37.43 -18.15
N SER A 693 -28.84 -36.85 -18.03
CA SER A 693 -30.04 -37.53 -18.51
C SER A 693 -30.05 -37.62 -20.03
N ARG A 694 -29.17 -36.87 -20.69
CA ARG A 694 -29.10 -36.80 -22.14
C ARG A 694 -30.40 -36.26 -22.72
N ARG A 695 -31.25 -35.69 -21.87
CA ARG A 695 -32.52 -35.14 -22.32
C ARG A 695 -32.33 -33.70 -22.77
N PRO A 696 -32.92 -33.30 -23.88
CA PRO A 696 -32.77 -31.91 -24.33
C PRO A 696 -33.46 -30.95 -23.38
N ALA A 697 -32.97 -29.72 -23.31
CA ALA A 697 -33.52 -28.72 -22.42
C ALA A 697 -34.02 -27.54 -23.24
N ARG A 698 -35.24 -27.11 -22.92
CA ARG A 698 -35.84 -26.01 -23.65
C ARG A 698 -35.05 -24.73 -23.42
N MET A 699 -34.95 -23.92 -24.46
CA MET A 699 -34.17 -22.69 -24.39
C MET A 699 -35.05 -21.45 -24.53
N ASP A 700 -36.32 -21.62 -24.89
CA ASP A 700 -37.23 -20.49 -24.88
C ASP A 700 -37.53 -20.02 -23.46
N ILE A 701 -37.25 -20.87 -22.47
CA ILE A 701 -37.40 -20.48 -21.07
C ILE A 701 -36.05 -19.97 -20.57
N ALA A 702 -36.08 -18.91 -19.78
CA ALA A 702 -34.89 -18.38 -19.14
C ALA A 702 -35.13 -18.38 -17.64
N MET A 703 -34.19 -18.95 -16.90
CA MET A 703 -34.36 -19.14 -15.47
C MET A 703 -33.21 -18.48 -14.72
N THR A 704 -33.42 -18.30 -13.41
CA THR A 704 -32.40 -17.77 -12.53
C THR A 704 -32.79 -18.09 -11.10
N GLY A 705 -31.81 -18.04 -10.20
CA GLY A 705 -32.09 -18.28 -8.80
C GLY A 705 -30.93 -18.98 -8.13
N GLU A 706 -31.06 -19.14 -6.82
CA GLU A 706 -30.10 -19.84 -6.00
C GLU A 706 -30.65 -21.20 -5.60
N VAL A 707 -29.78 -22.20 -5.55
CA VAL A 707 -30.21 -23.57 -5.29
C VAL A 707 -29.50 -24.10 -4.05
N SER A 708 -30.24 -24.80 -3.22
CA SER A 708 -29.74 -25.37 -1.98
C SER A 708 -29.58 -26.88 -2.13
N LEU A 709 -28.96 -27.50 -1.13
CA LEU A 709 -28.68 -28.93 -1.21
C LEU A 709 -29.97 -29.74 -1.22
N ARG A 710 -30.86 -29.49 -0.26
CA ARG A 710 -32.16 -30.14 -0.30
C ARG A 710 -32.94 -29.73 -1.53
N GLY A 711 -32.61 -28.60 -2.13
CA GLY A 711 -33.29 -28.12 -3.31
C GLY A 711 -34.19 -26.94 -3.10
N LYS A 712 -34.02 -26.20 -2.01
CA LYS A 712 -34.86 -25.04 -1.73
C LYS A 712 -34.36 -23.85 -2.55
N VAL A 713 -35.05 -23.56 -3.65
CA VAL A 713 -34.68 -22.41 -4.46
C VAL A 713 -34.84 -21.13 -3.65
N MET A 714 -33.81 -20.30 -3.67
CA MET A 714 -33.72 -19.13 -2.81
C MET A 714 -33.91 -17.87 -3.63
N PRO A 715 -34.32 -16.78 -3.00
CA PRO A 715 -34.55 -15.54 -3.75
C PRO A 715 -33.24 -14.88 -4.17
N ILE A 716 -33.30 -14.16 -5.28
CA ILE A 716 -32.15 -13.48 -5.84
C ILE A 716 -32.53 -12.06 -6.22
N GLY A 717 -31.60 -11.13 -6.00
CA GLY A 717 -31.80 -9.74 -6.33
C GLY A 717 -31.55 -9.45 -7.80
N GLY A 718 -31.86 -8.21 -8.17
CA GLY A 718 -31.68 -7.77 -9.54
C GLY A 718 -32.61 -8.48 -10.50
N VAL A 719 -33.91 -8.30 -10.30
CA VAL A 719 -34.86 -8.92 -11.21
C VAL A 719 -35.27 -7.97 -12.31
N LYS A 720 -35.43 -6.68 -11.96
CA LYS A 720 -35.84 -5.69 -12.95
C LYS A 720 -34.82 -5.59 -14.08
N GLU A 721 -33.54 -5.74 -13.76
CA GLU A 721 -32.52 -5.69 -14.80
C GLU A 721 -32.46 -7.01 -15.57
N LYS A 722 -32.91 -8.10 -14.95
CA LYS A 722 -32.83 -9.39 -15.62
C LYS A 722 -33.99 -9.60 -16.58
N LEU A 723 -35.21 -9.67 -16.05
CA LEU A 723 -36.36 -9.91 -16.91
C LEU A 723 -36.44 -8.91 -18.05
N LEU A 724 -36.05 -7.66 -17.80
CA LEU A 724 -36.06 -6.66 -18.87
C LEU A 724 -35.07 -7.05 -19.96
N ALA A 725 -33.95 -7.65 -19.57
CA ALA A 725 -33.00 -8.15 -20.56
C ALA A 725 -33.58 -9.32 -21.34
N ALA A 726 -34.42 -10.12 -20.69
CA ALA A 726 -34.99 -11.27 -21.38
C ALA A 726 -36.02 -10.84 -22.40
N HIS A 727 -36.84 -9.84 -22.06
CA HIS A 727 -37.93 -9.46 -22.94
C HIS A 727 -37.39 -8.99 -24.29
N GLN A 728 -36.38 -8.13 -24.28
CA GLN A 728 -35.82 -7.65 -25.53
C GLN A 728 -35.27 -8.80 -26.36
N ALA A 729 -34.65 -9.78 -25.71
CA ALA A 729 -34.11 -10.91 -26.45
C ALA A 729 -35.21 -11.74 -27.08
N GLY A 730 -36.46 -11.45 -26.77
CA GLY A 730 -37.58 -12.19 -27.30
C GLY A 730 -38.07 -13.31 -26.42
N ILE A 731 -37.48 -13.52 -25.26
CA ILE A 731 -37.90 -14.55 -24.33
C ILE A 731 -39.25 -14.16 -23.75
N HIS A 732 -40.13 -15.14 -23.58
CA HIS A 732 -41.48 -14.87 -23.09
C HIS A 732 -41.90 -15.89 -22.06
N LYS A 733 -40.95 -16.66 -21.53
CA LYS A 733 -41.25 -17.58 -20.44
C LYS A 733 -40.14 -17.55 -19.41
N ILE A 734 -40.36 -16.87 -18.29
CA ILE A 734 -39.34 -16.74 -17.26
C ILE A 734 -39.68 -17.64 -16.07
N VAL A 735 -38.66 -18.26 -15.48
CA VAL A 735 -38.81 -19.07 -14.29
C VAL A 735 -38.06 -18.37 -13.16
N LEU A 736 -38.78 -18.10 -12.08
CA LEU A 736 -38.30 -17.22 -11.02
C LEU A 736 -38.57 -17.87 -9.68
N PRO A 737 -37.72 -17.64 -8.68
CA PRO A 737 -37.96 -18.23 -7.36
C PRO A 737 -39.28 -17.73 -6.78
N LYS A 738 -39.85 -18.53 -5.89
CA LYS A 738 -41.11 -18.16 -5.26
C LYS A 738 -40.98 -16.85 -4.50
N ASP A 739 -39.92 -16.72 -3.70
CA ASP A 739 -39.77 -15.56 -2.84
C ASP A 739 -39.68 -14.26 -3.62
N ASN A 740 -39.29 -14.29 -4.89
CA ASN A 740 -39.19 -13.09 -5.69
C ASN A 740 -40.51 -12.70 -6.34
N GLU A 741 -41.63 -13.13 -5.77
CA GLU A 741 -42.92 -12.65 -6.24
C GLU A 741 -43.06 -11.15 -5.98
N ALA A 742 -42.25 -10.62 -5.07
CA ALA A 742 -42.37 -9.21 -4.69
C ALA A 742 -41.84 -8.29 -5.78
N GLN A 743 -40.63 -8.54 -6.26
CA GLN A 743 -40.00 -7.60 -7.18
C GLN A 743 -40.72 -7.49 -8.50
N LEU A 744 -41.79 -8.25 -8.72
CA LEU A 744 -42.59 -8.06 -9.91
C LEU A 744 -43.28 -6.70 -9.93
N GLU A 745 -43.48 -6.11 -8.75
CA GLU A 745 -44.27 -4.89 -8.67
C GLU A 745 -43.58 -3.72 -9.37
N GLU A 746 -42.25 -3.73 -9.43
CA GLU A 746 -41.54 -2.59 -9.98
C GLU A 746 -41.29 -2.70 -11.48
N LEU A 747 -41.61 -3.84 -12.09
CA LEU A 747 -41.47 -3.95 -13.54
C LEU A 747 -42.60 -3.17 -14.21
N PRO A 748 -42.38 -2.64 -15.41
CA PRO A 748 -43.45 -1.91 -16.10
C PRO A 748 -44.59 -2.84 -16.45
N LYS A 749 -45.80 -2.44 -16.06
CA LYS A 749 -46.96 -3.31 -16.19
C LYS A 749 -47.25 -3.65 -17.64
N GLU A 750 -46.66 -2.91 -18.57
CA GLU A 750 -46.84 -3.20 -19.99
C GLU A 750 -46.05 -4.45 -20.39
N VAL A 751 -44.92 -4.70 -19.70
CA VAL A 751 -44.05 -5.79 -20.12
C VAL A 751 -44.46 -7.09 -19.43
N LEU A 752 -45.15 -6.99 -18.28
CA LEU A 752 -45.55 -8.20 -17.57
C LEU A 752 -46.40 -9.10 -18.44
N GLU A 753 -47.47 -8.57 -19.01
CA GLU A 753 -48.36 -9.35 -19.85
C GLU A 753 -47.63 -10.00 -21.01
N GLY A 754 -46.51 -9.43 -21.45
CA GLY A 754 -45.69 -10.10 -22.42
C GLY A 754 -44.85 -11.23 -21.85
N LEU A 755 -44.79 -11.36 -20.54
CA LEU A 755 -43.98 -12.38 -19.89
C LEU A 755 -44.87 -13.37 -19.17
N GLU A 756 -44.57 -14.65 -19.35
CA GLU A 756 -45.22 -15.71 -18.61
C GLU A 756 -44.27 -16.16 -17.51
N ILE A 757 -44.45 -15.63 -16.31
CA ILE A 757 -43.55 -15.87 -15.19
C ILE A 757 -44.07 -17.07 -14.42
N LYS A 758 -43.22 -18.06 -14.25
CA LYS A 758 -43.52 -19.18 -13.38
C LYS A 758 -42.78 -18.97 -12.06
N LEU A 759 -43.47 -19.15 -10.95
CA LEU A 759 -42.86 -19.07 -9.63
C LEU A 759 -42.61 -20.47 -9.12
N VAL A 760 -41.37 -20.77 -8.79
CA VAL A 760 -40.96 -22.08 -8.34
C VAL A 760 -40.34 -21.95 -6.95
N GLU A 761 -40.50 -22.98 -6.13
CA GLU A 761 -39.87 -23.03 -4.82
C GLU A 761 -38.90 -24.18 -4.66
N ASP A 762 -39.17 -25.32 -5.27
CA ASP A 762 -38.26 -26.46 -5.21
C ASP A 762 -37.75 -26.76 -6.60
N VAL A 763 -36.43 -27.00 -6.68
CA VAL A 763 -35.78 -27.21 -7.97
C VAL A 763 -36.48 -28.31 -8.75
N GLY A 764 -37.08 -29.27 -8.04
CA GLY A 764 -37.85 -30.30 -8.69
C GLY A 764 -38.94 -29.75 -9.59
N GLU A 765 -39.48 -28.59 -9.22
CA GLU A 765 -40.50 -27.96 -10.05
C GLU A 765 -39.89 -27.24 -11.24
N VAL A 766 -38.57 -27.07 -11.25
CA VAL A 766 -37.91 -26.48 -12.41
C VAL A 766 -37.55 -27.57 -13.43
N LEU A 767 -36.86 -28.62 -12.96
CA LEU A 767 -36.46 -29.70 -13.84
C LEU A 767 -37.65 -30.26 -14.60
N GLU A 768 -38.77 -30.47 -13.91
CA GLU A 768 -39.97 -30.96 -14.57
C GLU A 768 -40.40 -30.03 -15.69
N TYR A 769 -40.41 -28.72 -15.41
CA TYR A 769 -40.94 -27.78 -16.38
C TYR A 769 -39.98 -27.59 -17.55
N LEU A 770 -38.68 -27.79 -17.32
CA LEU A 770 -37.69 -27.53 -18.35
C LEU A 770 -37.45 -28.71 -19.28
N LEU A 771 -37.22 -29.89 -18.75
CA LEU A 771 -36.72 -31.01 -19.53
C LEU A 771 -37.83 -31.59 -20.40
N LEU A 772 -37.47 -32.04 -21.59
CA LEU A 772 -38.36 -32.87 -22.38
C LEU A 772 -38.46 -34.26 -21.74
N PRO A 773 -39.55 -34.98 -21.96
CA PRO A 773 -39.73 -36.28 -21.28
C PRO A 773 -39.09 -37.47 -22.00
N GLU A 774 -38.34 -37.25 -23.06
CA GLU A 774 -37.66 -38.32 -23.78
C GLU A 774 -36.35 -37.79 -24.34
N PRO A 775 -35.20 -38.28 -23.87
CA PRO A 775 -33.93 -37.79 -24.40
C PRO A 775 -33.76 -38.14 -25.88
N THR A 776 -32.71 -37.56 -26.47
CA THR A 776 -32.38 -37.82 -27.87
C THR A 776 -31.00 -38.46 -28.00
N MET A 777 -30.00 -37.92 -27.30
CA MET A 777 -28.70 -38.53 -27.30
C MET A 777 -28.72 -39.83 -26.51
N PRO A 778 -28.08 -40.89 -27.00
CA PRO A 778 -27.96 -42.12 -26.23
C PRO A 778 -27.17 -41.89 -24.97
N PRO A 779 -27.34 -42.73 -23.96
CA PRO A 779 -26.64 -42.54 -22.68
C PRO A 779 -25.12 -42.53 -22.85
N VAL A 780 -24.44 -42.20 -21.75
CA VAL A 780 -23.01 -41.93 -21.81
C VAL A 780 -22.21 -43.24 -21.84
N VAL A 781 -22.73 -44.29 -21.23
CA VAL A 781 -21.97 -45.54 -21.13
C VAL A 781 -21.95 -46.26 -22.48
N SER B 245 -7.83 59.99 -15.48
CA SER B 245 -7.11 60.38 -16.70
C SER B 245 -6.79 59.17 -17.57
N ASP B 246 -5.75 58.42 -17.17
CA ASP B 246 -5.36 57.23 -17.90
C ASP B 246 -6.33 56.09 -17.70
N LEU B 247 -7.02 56.08 -16.55
CA LEU B 247 -8.07 55.09 -16.31
C LEU B 247 -9.20 55.24 -17.32
N GLU B 248 -9.44 56.46 -17.80
CA GLU B 248 -10.58 56.71 -18.66
C GLU B 248 -10.52 55.89 -19.93
N ALA B 249 -9.33 55.73 -20.50
CA ALA B 249 -9.16 54.80 -21.62
C ALA B 249 -9.64 53.42 -21.23
N LEU B 250 -9.13 52.90 -20.11
CA LEU B 250 -9.58 51.60 -19.61
C LEU B 250 -11.09 51.59 -19.40
N ARG B 251 -11.64 52.67 -18.86
CA ARG B 251 -13.09 52.76 -18.73
C ARG B 251 -13.76 52.69 -20.10
N LYS B 252 -13.21 53.38 -21.09
CA LYS B 252 -13.72 53.26 -22.44
C LYS B 252 -13.45 51.89 -23.03
N LYS B 253 -12.39 51.22 -22.57
CA LYS B 253 -12.06 49.90 -23.09
C LYS B 253 -13.11 48.88 -22.69
N ILE B 254 -13.72 49.03 -21.52
CA ILE B 254 -14.69 48.05 -21.04
C ILE B 254 -15.89 48.00 -21.97
N GLU B 255 -16.44 49.17 -22.32
CA GLU B 255 -17.61 49.20 -23.18
C GLU B 255 -17.31 48.63 -24.56
N GLU B 256 -16.06 48.71 -25.00
CA GLU B 256 -15.71 48.25 -26.34
C GLU B 256 -15.86 46.74 -26.47
N VAL B 257 -15.09 45.99 -25.68
CA VAL B 257 -15.10 44.54 -25.82
C VAL B 257 -16.38 43.97 -25.21
N GLY B 258 -16.77 42.79 -25.68
CA GLY B 258 -17.94 42.11 -25.13
C GLY B 258 -19.18 42.97 -25.25
N MET B 259 -19.95 43.04 -24.18
CA MET B 259 -19.73 42.29 -22.95
C MET B 259 -21.08 41.82 -22.42
N PRO B 260 -21.09 40.77 -21.60
CA PRO B 260 -22.34 40.40 -20.92
C PRO B 260 -22.81 41.52 -20.00
N GLU B 261 -24.12 41.52 -19.76
CA GLU B 261 -24.72 42.59 -18.97
C GLU B 261 -24.18 42.59 -17.55
N ALA B 262 -24.39 41.49 -16.81
CA ALA B 262 -24.13 41.47 -15.38
C ALA B 262 -22.68 41.82 -15.07
N VAL B 263 -21.74 41.32 -15.87
CA VAL B 263 -20.35 41.61 -15.59
C VAL B 263 -20.03 43.08 -15.85
N LYS B 264 -20.70 43.68 -16.85
CA LYS B 264 -20.48 45.09 -17.15
C LYS B 264 -20.69 45.96 -15.92
N THR B 265 -21.91 45.91 -15.36
CA THR B 265 -22.16 46.61 -14.11
C THR B 265 -21.20 46.16 -13.02
N LYS B 266 -20.93 44.85 -12.96
CA LYS B 266 -19.92 44.36 -12.02
C LYS B 266 -18.57 44.99 -12.28
N ALA B 267 -18.22 45.17 -13.56
CA ALA B 267 -16.94 45.79 -13.89
C ALA B 267 -16.93 47.26 -13.50
N LEU B 268 -17.86 48.04 -14.04
CA LEU B 268 -17.92 49.47 -13.75
C LEU B 268 -17.99 49.73 -12.25
N LYS B 269 -18.65 48.83 -11.52
CA LYS B 269 -18.68 48.96 -10.07
C LYS B 269 -17.26 49.00 -9.51
N GLU B 270 -16.45 47.99 -9.85
CA GLU B 270 -15.10 47.94 -9.31
C GLU B 270 -14.22 49.03 -9.89
N LEU B 271 -14.48 49.46 -11.12
CA LEU B 271 -13.80 50.63 -11.65
C LEU B 271 -14.15 51.85 -10.82
N ASP B 272 -15.46 52.11 -10.64
CA ASP B 272 -15.88 53.18 -9.75
C ASP B 272 -15.49 52.93 -8.30
N ARG B 273 -15.03 51.73 -7.98
CA ARG B 273 -14.34 51.49 -6.71
C ARG B 273 -12.86 51.78 -6.84
N LEU B 274 -12.26 51.39 -7.98
CA LEU B 274 -10.86 51.69 -8.23
C LEU B 274 -10.63 53.19 -8.38
N GLU B 275 -11.40 53.83 -9.27
CA GLU B 275 -11.20 55.24 -9.59
C GLU B 275 -11.16 56.11 -8.35
N ARG B 276 -11.75 55.65 -7.24
CA ARG B 276 -11.71 56.40 -5.99
C ARG B 276 -10.78 55.77 -4.95
N MET B 277 -9.91 54.85 -5.37
CA MET B 277 -8.77 54.45 -4.57
C MET B 277 -7.51 55.03 -5.19
N GLN B 278 -6.55 55.42 -4.35
CA GLN B 278 -5.57 56.43 -4.72
C GLN B 278 -4.26 55.81 -5.21
N GLN B 279 -4.12 55.75 -6.54
CA GLN B 279 -2.86 55.68 -7.27
C GLN B 279 -1.82 54.75 -6.66
N GLY B 280 -2.10 53.46 -6.64
CA GLY B 280 -1.10 52.51 -6.20
C GLY B 280 -1.16 52.28 -4.71
N SER B 281 -1.36 51.02 -4.32
CA SER B 281 -1.53 50.62 -2.94
C SER B 281 -1.62 49.11 -2.90
N PRO B 282 -1.48 48.48 -1.73
CA PRO B 282 -1.78 47.05 -1.63
C PRO B 282 -3.19 46.69 -2.05
N GLU B 283 -4.05 47.67 -2.28
CA GLU B 283 -5.40 47.43 -2.77
C GLU B 283 -5.60 47.80 -4.23
N ALA B 284 -4.87 48.79 -4.74
CA ALA B 284 -5.02 49.19 -6.14
C ALA B 284 -4.64 48.05 -7.07
N THR B 285 -3.44 47.50 -6.90
CA THR B 285 -2.94 46.49 -7.83
C THR B 285 -3.84 45.25 -7.82
N VAL B 286 -4.20 44.76 -6.64
CA VAL B 286 -5.02 43.56 -6.58
C VAL B 286 -6.38 43.78 -7.22
N ALA B 287 -6.76 45.02 -7.47
CA ALA B 287 -8.00 45.34 -8.16
C ALA B 287 -7.77 45.87 -9.57
N ARG B 288 -6.75 46.69 -9.79
CA ARG B 288 -6.49 47.22 -11.13
C ARG B 288 -6.21 46.09 -12.11
N THR B 289 -5.32 45.17 -11.75
CA THR B 289 -4.99 44.08 -12.65
C THR B 289 -6.18 43.19 -12.93
N TYR B 290 -7.09 43.04 -11.97
CA TYR B 290 -8.34 42.34 -12.23
C TYR B 290 -9.02 42.91 -13.45
N LEU B 291 -9.16 44.24 -13.51
CA LEU B 291 -9.77 44.87 -14.67
C LEU B 291 -8.89 44.69 -15.90
N ASP B 292 -7.59 44.94 -15.77
CA ASP B 292 -6.66 44.62 -16.84
C ASP B 292 -6.59 43.12 -17.10
N TRP B 293 -7.31 42.32 -16.34
CA TRP B 293 -7.56 40.93 -16.70
C TRP B 293 -8.96 40.72 -17.24
N LEU B 294 -9.93 41.54 -16.82
CA LEU B 294 -11.26 41.44 -17.41
C LEU B 294 -11.29 41.97 -18.83
N THR B 295 -10.46 42.97 -19.14
CA THR B 295 -10.51 43.57 -20.46
C THR B 295 -9.75 42.75 -21.50
N GLU B 296 -8.64 42.13 -21.11
CA GLU B 296 -7.81 41.45 -22.09
C GLU B 296 -8.43 40.14 -22.54
N VAL B 297 -9.11 39.42 -21.66
CA VAL B 297 -9.74 38.16 -22.04
C VAL B 297 -10.76 38.45 -23.15
N PRO B 298 -10.94 37.55 -24.10
CA PRO B 298 -11.82 37.86 -25.23
C PRO B 298 -13.28 37.58 -24.92
N TRP B 299 -14.14 38.56 -25.19
CA TRP B 299 -15.58 38.42 -25.01
C TRP B 299 -16.23 38.60 -26.37
N SER B 300 -16.93 37.57 -26.83
CA SER B 300 -17.74 37.64 -28.05
C SER B 300 -16.95 38.14 -29.26
N LYS B 301 -15.65 37.90 -29.27
CA LYS B 301 -14.81 38.19 -30.43
C LYS B 301 -14.34 36.87 -30.99
N ALA B 302 -14.82 36.52 -32.18
CA ALA B 302 -14.56 35.18 -32.72
C ALA B 302 -13.97 35.21 -34.11
N ASP B 303 -13.86 34.05 -34.73
CA ASP B 303 -13.41 33.87 -36.11
C ASP B 303 -14.53 33.25 -36.93
N PRO B 304 -14.55 33.50 -38.24
CA PRO B 304 -15.62 32.96 -39.08
C PRO B 304 -15.55 31.44 -39.16
N GLU B 305 -16.59 30.87 -39.77
CA GLU B 305 -16.66 29.44 -40.02
C GLU B 305 -16.64 29.23 -41.54
N VAL B 306 -15.56 28.64 -42.03
CA VAL B 306 -15.30 28.53 -43.46
C VAL B 306 -16.29 27.57 -44.08
N LEU B 307 -17.27 28.11 -44.81
CA LEU B 307 -18.19 27.26 -45.55
C LEU B 307 -17.46 26.39 -46.56
N ASP B 308 -16.35 26.90 -47.11
CA ASP B 308 -15.52 26.08 -47.99
C ASP B 308 -14.94 24.91 -47.21
N ILE B 309 -15.15 23.70 -47.72
CA ILE B 309 -14.57 22.50 -47.15
C ILE B 309 -13.52 21.90 -48.06
N ASN B 310 -13.70 22.01 -49.38
CA ASN B 310 -12.70 21.52 -50.31
C ASN B 310 -11.34 22.14 -50.04
N HIS B 311 -11.31 23.35 -49.50
CA HIS B 311 -10.05 23.89 -49.01
C HIS B 311 -9.66 23.24 -47.68
N THR B 312 -10.59 23.24 -46.71
CA THR B 312 -10.27 22.71 -45.39
C THR B 312 -9.88 21.24 -45.47
N ARG B 313 -10.42 20.50 -46.44
CA ARG B 313 -9.94 19.15 -46.65
C ARG B 313 -8.56 19.16 -47.30
N GLN B 314 -8.36 20.03 -48.30
CA GLN B 314 -7.12 20.04 -49.05
C GLN B 314 -5.96 20.64 -48.27
N VAL B 315 -6.17 21.05 -47.02
CA VAL B 315 -5.08 21.40 -46.14
C VAL B 315 -4.82 20.31 -45.11
N LEU B 316 -5.83 19.55 -44.72
CA LEU B 316 -5.60 18.44 -43.81
C LEU B 316 -4.78 17.35 -44.49
N ASP B 317 -5.13 17.02 -45.73
CA ASP B 317 -4.44 15.92 -46.42
C ASP B 317 -2.95 16.20 -46.55
N GLU B 318 -2.57 17.45 -46.78
CA GLU B 318 -1.16 17.76 -46.93
C GLU B 318 -0.40 17.70 -45.63
N ASP B 319 -1.02 17.28 -44.52
CA ASP B 319 -0.34 17.21 -43.24
C ASP B 319 -0.31 15.81 -42.64
N HIS B 320 -1.27 14.94 -42.97
CA HIS B 320 -1.33 13.63 -42.35
C HIS B 320 -1.94 12.64 -43.33
N TYR B 321 -1.19 11.59 -43.66
CA TYR B 321 -1.74 10.50 -44.43
C TYR B 321 -2.59 9.62 -43.54
N GLY B 322 -3.67 9.10 -44.10
CA GLY B 322 -4.60 8.31 -43.33
C GLY B 322 -5.47 9.16 -42.44
N LEU B 323 -5.80 8.66 -41.25
CA LEU B 323 -6.63 9.39 -40.29
C LEU B 323 -7.94 9.85 -40.93
N LYS B 324 -8.52 8.99 -41.75
CA LYS B 324 -9.70 9.39 -42.52
C LYS B 324 -10.85 9.76 -41.60
N ASP B 325 -11.01 9.04 -40.49
CA ASP B 325 -12.16 9.27 -39.63
C ASP B 325 -12.07 10.61 -38.91
N VAL B 326 -10.88 10.96 -38.40
CA VAL B 326 -10.73 12.24 -37.72
C VAL B 326 -10.96 13.40 -38.69
N LYS B 327 -10.39 13.28 -39.89
CA LYS B 327 -10.63 14.27 -40.92
C LYS B 327 -12.13 14.43 -41.18
N GLU B 328 -12.83 13.32 -41.31
CA GLU B 328 -14.28 13.40 -41.51
C GLU B 328 -14.96 14.08 -40.33
N ARG B 329 -14.45 13.86 -39.12
CA ARG B 329 -15.05 14.50 -37.96
C ARG B 329 -15.00 16.01 -38.08
N ILE B 330 -13.98 16.53 -38.75
CA ILE B 330 -13.90 17.97 -38.94
C ILE B 330 -14.82 18.43 -40.06
N LEU B 331 -14.84 17.67 -41.17
CA LEU B 331 -15.70 18.04 -42.29
C LEU B 331 -17.15 18.17 -41.84
N GLU B 332 -17.69 17.13 -41.22
CA GLU B 332 -19.07 17.19 -40.74
C GLU B 332 -19.28 18.36 -39.80
N TYR B 333 -18.26 18.75 -39.04
CA TYR B 333 -18.39 19.91 -38.18
C TYR B 333 -18.60 21.17 -39.00
N LEU B 334 -17.75 21.39 -40.01
CA LEU B 334 -17.94 22.55 -40.87
C LEU B 334 -19.23 22.45 -41.66
N ALA B 335 -19.58 21.24 -42.10
CA ALA B 335 -20.82 21.06 -42.85
C ALA B 335 -22.01 21.49 -42.01
N VAL B 336 -21.97 21.24 -40.71
CA VAL B 336 -23.02 21.73 -39.83
C VAL B 336 -22.99 23.25 -39.78
N ARG B 337 -21.80 23.82 -39.56
CA ARG B 337 -21.66 25.27 -39.52
C ARG B 337 -22.25 25.92 -40.76
N GLN B 338 -21.95 25.36 -41.94
CA GLN B 338 -22.51 25.89 -43.17
C GLN B 338 -24.03 25.82 -43.17
N LEU B 339 -24.60 24.79 -42.56
CA LEU B 339 -26.04 24.57 -42.60
C LEU B 339 -26.78 25.19 -41.41
N THR B 340 -26.12 26.04 -40.63
CA THR B 340 -26.75 26.61 -39.44
C THR B 340 -26.60 28.11 -39.42
N GLN B 341 -27.69 28.82 -39.11
CA GLN B 341 -27.68 30.26 -38.87
C GLN B 341 -28.70 30.57 -37.78
N GLY B 342 -28.24 31.24 -36.73
CA GLY B 342 -29.13 31.71 -35.68
C GLY B 342 -29.56 30.66 -34.68
N LEU B 343 -28.60 29.97 -34.05
CA LEU B 343 -28.89 28.92 -33.10
C LEU B 343 -27.62 28.68 -32.28
N ASP B 344 -27.63 27.62 -31.46
CA ASP B 344 -26.47 27.29 -30.66
C ASP B 344 -25.27 26.99 -31.56
N VAL B 345 -24.09 26.91 -30.94
CA VAL B 345 -22.87 26.65 -31.69
C VAL B 345 -22.27 25.33 -31.24
N ARG B 346 -21.97 25.22 -29.94
CA ARG B 346 -21.34 24.03 -29.40
C ARG B 346 -22.19 23.35 -28.34
N ASN B 347 -23.52 23.48 -28.44
CA ASN B 347 -24.42 22.79 -27.54
C ASN B 347 -24.39 21.30 -27.89
N LYS B 348 -23.57 20.54 -27.17
CA LYS B 348 -23.25 19.15 -27.49
C LYS B 348 -22.61 19.05 -28.88
N ALA B 349 -21.43 19.65 -29.00
CA ALA B 349 -20.63 19.62 -30.21
C ALA B 349 -19.24 19.08 -29.89
N PRO B 350 -18.57 18.46 -30.85
CA PRO B 350 -17.45 17.55 -30.52
C PRO B 350 -16.40 18.15 -29.61
N ILE B 351 -16.33 17.62 -28.39
CA ILE B 351 -15.17 17.80 -27.52
C ILE B 351 -14.36 16.52 -27.66
N LEU B 352 -13.46 16.50 -28.64
CA LEU B 352 -12.84 15.25 -29.01
C LEU B 352 -11.83 14.80 -27.96
N VAL B 353 -11.59 13.50 -27.95
CA VAL B 353 -10.45 12.90 -27.29
C VAL B 353 -9.91 11.82 -28.20
N LEU B 354 -8.62 11.90 -28.51
CA LEU B 354 -8.00 10.92 -29.39
C LEU B 354 -7.28 9.88 -28.56
N VAL B 355 -7.40 8.63 -28.95
CA VAL B 355 -6.72 7.54 -28.25
C VAL B 355 -6.02 6.66 -29.26
N GLY B 356 -4.89 6.13 -28.84
CA GLY B 356 -4.07 5.31 -29.71
C GLY B 356 -2.69 5.14 -29.14
N PRO B 357 -2.01 4.07 -29.55
CA PRO B 357 -0.68 3.82 -29.03
C PRO B 357 0.26 4.94 -29.40
N PRO B 358 1.23 5.24 -28.56
CA PRO B 358 2.15 6.34 -28.86
C PRO B 358 2.97 6.03 -30.08
N GLY B 359 3.34 7.08 -30.80
CA GLY B 359 3.99 6.96 -32.08
C GLY B 359 3.11 7.33 -33.25
N VAL B 360 1.79 7.38 -33.05
CA VAL B 360 0.87 7.84 -34.07
C VAL B 360 0.69 9.34 -33.87
N GLY B 361 0.11 10.02 -34.87
CA GLY B 361 -0.02 11.45 -34.80
C GLY B 361 -1.26 11.96 -34.12
N LYS B 362 -1.16 12.28 -32.84
CA LYS B 362 -2.25 12.91 -32.10
C LYS B 362 -1.88 14.31 -31.63
N THR B 363 -0.79 14.44 -30.87
CA THR B 363 -0.33 15.77 -30.49
C THR B 363 0.13 16.57 -31.68
N SER B 364 0.45 15.92 -32.81
CA SER B 364 0.77 16.64 -34.03
C SER B 364 -0.44 16.90 -34.90
N LEU B 365 -1.61 16.93 -34.30
CA LEU B 365 -2.86 17.16 -35.03
C LEU B 365 -3.53 18.46 -34.68
N GLY B 366 -3.41 18.93 -33.44
CA GLY B 366 -4.05 20.17 -33.06
C GLY B 366 -3.63 21.32 -33.94
N ARG B 367 -2.33 21.49 -34.15
CA ARG B 367 -1.85 22.54 -35.04
C ARG B 367 -2.38 22.36 -36.45
N SER B 368 -2.56 21.12 -36.88
CA SER B 368 -3.10 20.88 -38.22
C SER B 368 -4.56 21.29 -38.29
N ILE B 369 -5.40 20.73 -37.42
CA ILE B 369 -6.82 21.05 -37.40
C ILE B 369 -7.04 22.54 -37.24
N ALA B 370 -6.13 23.23 -36.55
CA ALA B 370 -6.21 24.68 -36.45
C ALA B 370 -5.95 25.32 -37.81
N ARG B 371 -4.82 24.99 -38.42
CA ARG B 371 -4.53 25.48 -39.76
C ARG B 371 -5.61 25.08 -40.75
N SER B 372 -6.38 24.04 -40.45
CA SER B 372 -7.44 23.62 -41.35
C SER B 372 -8.46 24.73 -41.56
N MET B 373 -8.81 25.44 -40.49
CA MET B 373 -9.94 26.35 -40.54
C MET B 373 -9.64 27.71 -39.92
N ASN B 374 -8.36 28.03 -39.71
CA ASN B 374 -7.95 29.34 -39.21
C ASN B 374 -8.57 29.63 -37.85
N ARG B 375 -8.19 28.82 -36.85
CA ARG B 375 -8.50 29.09 -35.46
C ARG B 375 -7.20 29.15 -34.69
N LYS B 376 -7.00 30.24 -33.96
CA LYS B 376 -5.73 30.46 -33.30
C LYS B 376 -5.49 29.41 -32.24
N PHE B 377 -4.48 28.59 -32.46
CA PHE B 377 -4.21 27.37 -31.70
C PHE B 377 -3.47 27.67 -30.42
N HIS B 378 -3.55 26.73 -29.48
CA HIS B 378 -2.76 26.81 -28.26
C HIS B 378 -2.71 25.45 -27.59
N ARG B 379 -1.56 25.12 -27.01
CA ARG B 379 -1.35 23.87 -26.30
C ARG B 379 -1.48 24.09 -24.80
N ILE B 380 -1.96 23.05 -24.12
CA ILE B 380 -1.99 23.02 -22.66
C ILE B 380 -1.43 21.66 -22.25
N SER B 381 -0.14 21.61 -21.95
CA SER B 381 0.48 20.36 -21.53
C SER B 381 -0.03 19.99 -20.14
N LEU B 382 -0.60 18.80 -20.00
CA LEU B 382 -1.20 18.41 -18.75
C LEU B 382 -0.69 17.08 -18.22
N GLY B 383 0.37 16.53 -18.80
CA GLY B 383 0.89 15.28 -18.29
C GLY B 383 1.62 15.47 -16.97
N GLY B 384 1.01 15.05 -15.87
CA GLY B 384 1.62 15.11 -14.57
C GLY B 384 1.13 16.24 -13.69
N VAL B 385 0.39 17.19 -14.23
CA VAL B 385 -0.14 18.27 -13.43
C VAL B 385 -1.04 17.70 -12.33
N ARG B 386 -0.75 18.04 -11.09
CA ARG B 386 -1.43 17.47 -9.95
C ARG B 386 -1.75 18.54 -8.90
N ASP B 387 -2.27 19.68 -9.34
CA ASP B 387 -2.61 20.75 -8.41
C ASP B 387 -3.78 21.55 -8.97
N GLU B 388 -4.23 22.53 -8.19
CA GLU B 388 -5.33 23.39 -8.56
C GLU B 388 -4.91 24.81 -8.86
N ALA B 389 -3.64 25.16 -8.66
CA ALA B 389 -3.13 26.43 -9.17
C ALA B 389 -3.36 26.53 -10.67
N GLU B 390 -3.65 25.41 -11.30
CA GLU B 390 -4.14 25.30 -12.66
C GLU B 390 -5.61 25.66 -12.69
N ILE B 391 -6.34 25.05 -13.64
CA ILE B 391 -7.55 25.54 -14.26
C ILE B 391 -8.40 26.42 -13.34
N ARG B 392 -8.61 26.00 -12.11
CA ARG B 392 -9.29 26.86 -11.14
C ARG B 392 -8.23 27.75 -10.51
N GLY B 393 -7.93 28.87 -11.16
CA GLY B 393 -6.90 29.78 -10.70
C GLY B 393 -7.06 30.20 -9.26
N HIS B 394 -6.04 30.83 -8.69
CA HIS B 394 -6.10 31.19 -7.28
C HIS B 394 -6.99 32.42 -7.08
N ARG B 395 -7.46 32.57 -5.84
CA ARG B 395 -8.27 33.72 -5.49
C ARG B 395 -7.48 35.01 -5.66
N ARG B 396 -8.18 36.06 -6.04
CA ARG B 396 -7.56 37.33 -6.43
C ARG B 396 -6.91 38.04 -5.31
N THR B 397 -6.83 37.55 -4.08
CA THR B 397 -6.27 38.34 -2.99
C THR B 397 -4.95 37.81 -2.45
N TYR B 398 -4.55 36.61 -2.82
CA TYR B 398 -3.29 36.08 -2.33
C TYR B 398 -2.14 36.95 -2.82
N ILE B 399 -1.01 36.86 -2.11
CA ILE B 399 0.11 37.77 -2.33
C ILE B 399 0.46 37.86 -3.81
N GLY B 400 0.54 36.70 -4.46
CA GLY B 400 0.51 36.63 -5.91
C GLY B 400 -0.82 36.03 -6.35
N ALA B 401 -1.04 36.08 -7.66
CA ALA B 401 -2.29 35.53 -8.18
C ALA B 401 -2.15 35.35 -9.68
N MET B 402 -2.96 34.46 -10.21
CA MET B 402 -3.05 34.21 -11.64
C MET B 402 -4.26 33.34 -11.91
N PRO B 403 -5.03 33.63 -12.95
CA PRO B 403 -6.15 32.75 -13.29
C PRO B 403 -5.63 31.39 -13.72
N GLY B 404 -6.57 30.46 -13.87
CA GLY B 404 -6.22 29.13 -14.33
C GLY B 404 -5.59 29.15 -15.70
N LYS B 405 -4.86 28.08 -16.02
CA LYS B 405 -4.21 27.99 -17.31
C LYS B 405 -5.21 28.17 -18.45
N LEU B 406 -6.43 27.65 -18.27
CA LEU B 406 -7.44 27.77 -19.30
C LEU B 406 -7.78 29.22 -19.57
N ILE B 407 -8.16 29.96 -18.53
CA ILE B 407 -8.38 31.39 -18.69
C ILE B 407 -7.12 32.05 -19.22
N HIS B 408 -5.96 31.58 -18.77
CA HIS B 408 -4.71 32.11 -19.30
C HIS B 408 -4.52 31.78 -20.77
N ALA B 409 -5.18 30.73 -21.26
CA ALA B 409 -5.13 30.44 -22.69
C ALA B 409 -5.94 31.45 -23.47
N MET B 410 -7.17 31.71 -23.03
CA MET B 410 -8.01 32.69 -23.72
C MET B 410 -7.33 34.06 -23.76
N LYS B 411 -6.56 34.40 -22.74
CA LYS B 411 -5.78 35.62 -22.79
C LYS B 411 -4.69 35.53 -23.84
N GLN B 412 -3.96 34.42 -23.86
CA GLN B 412 -2.87 34.28 -24.82
C GLN B 412 -3.40 34.17 -26.25
N VAL B 413 -4.46 33.42 -26.45
CA VAL B 413 -5.15 33.39 -27.73
C VAL B 413 -5.86 34.73 -27.87
N GLY B 414 -6.37 35.03 -29.06
CA GLY B 414 -7.04 36.31 -29.24
C GLY B 414 -8.54 36.24 -29.25
N VAL B 415 -9.12 35.07 -29.50
CA VAL B 415 -10.55 35.00 -29.80
C VAL B 415 -11.26 34.10 -28.82
N ILE B 416 -12.58 33.94 -29.01
CA ILE B 416 -13.40 33.16 -28.10
C ILE B 416 -13.66 31.75 -28.60
N ASN B 417 -13.25 31.42 -29.82
CA ASN B 417 -13.40 30.07 -30.35
C ASN B 417 -12.06 29.54 -30.83
N PRO B 418 -11.10 29.35 -29.93
CA PRO B 418 -9.82 28.81 -30.35
C PRO B 418 -9.87 27.30 -30.40
N VAL B 419 -8.73 26.67 -30.66
CA VAL B 419 -8.61 25.22 -30.61
C VAL B 419 -7.58 24.92 -29.53
N ILE B 420 -8.05 24.54 -28.38
CA ILE B 420 -7.18 24.22 -27.26
C ILE B 420 -6.87 22.73 -27.30
N LEU B 421 -5.60 22.39 -27.14
CA LEU B 421 -5.12 21.01 -27.23
C LEU B 421 -4.69 20.57 -25.85
N LEU B 422 -5.62 20.01 -25.08
CA LEU B 422 -5.27 19.55 -23.75
C LEU B 422 -4.41 18.31 -23.87
N ASP B 423 -3.10 18.50 -24.00
CA ASP B 423 -2.21 17.40 -24.28
C ASP B 423 -2.13 16.44 -23.10
N GLU B 424 -2.14 15.15 -23.40
CA GLU B 424 -1.91 14.08 -22.43
C GLU B 424 -2.83 14.23 -21.22
N ILE B 425 -4.14 14.14 -21.49
CA ILE B 425 -5.11 14.28 -20.42
C ILE B 425 -5.18 13.05 -19.53
N ASP B 426 -4.62 11.93 -19.98
CA ASP B 426 -4.68 10.68 -19.21
C ASP B 426 -3.52 10.53 -18.26
N LYS B 427 -2.95 11.62 -17.78
CA LYS B 427 -1.86 11.59 -16.82
C LYS B 427 -2.22 12.42 -15.60
N MET B 428 -3.50 12.54 -15.48
CA MET B 428 -3.97 13.35 -14.43
C MET B 428 -3.56 12.57 -13.22
N SER B 429 -2.99 13.25 -12.25
CA SER B 429 -2.54 12.52 -11.10
C SER B 429 -3.44 12.72 -9.95
N SER B 430 -4.09 11.67 -9.50
CA SER B 430 -4.89 11.79 -8.31
C SER B 430 -4.06 11.43 -7.09
N ASP B 431 -2.98 12.17 -6.79
CA ASP B 431 -2.16 11.92 -5.61
C ASP B 431 -2.77 12.73 -4.48
N TRP B 432 -3.93 12.31 -4.01
CA TRP B 432 -4.68 13.01 -3.01
C TRP B 432 -4.87 14.43 -3.54
N ARG B 433 -4.51 15.43 -2.73
CA ARG B 433 -4.57 16.88 -3.03
C ARG B 433 -5.29 17.36 -4.28
N GLY B 434 -6.61 17.26 -4.25
CA GLY B 434 -7.43 17.81 -5.30
C GLY B 434 -7.05 17.57 -6.72
N ASP B 435 -7.01 16.34 -7.19
CA ASP B 435 -6.64 16.14 -8.57
C ASP B 435 -7.64 16.86 -9.39
N PRO B 436 -7.14 17.61 -10.36
CA PRO B 436 -7.86 18.47 -11.28
C PRO B 436 -8.73 17.46 -11.89
N ALA B 437 -8.18 16.28 -12.07
CA ALA B 437 -9.14 15.38 -12.70
C ALA B 437 -10.55 15.72 -12.28
N SER B 438 -10.72 16.30 -11.10
CA SER B 438 -12.01 16.85 -10.72
C SER B 438 -12.22 18.26 -11.23
N ALA B 439 -11.15 18.99 -11.52
CA ALA B 439 -11.30 20.37 -11.97
C ALA B 439 -11.89 20.43 -13.37
N MET B 440 -11.41 19.58 -14.28
CA MET B 440 -11.90 19.61 -15.65
C MET B 440 -13.38 19.26 -15.73
N LEU B 441 -13.88 18.50 -14.76
CA LEU B 441 -15.26 18.01 -14.76
C LEU B 441 -16.25 19.10 -15.11
N GLU B 442 -15.93 20.34 -14.73
CA GLU B 442 -16.76 21.46 -15.11
C GLU B 442 -16.41 21.97 -16.49
N VAL B 443 -15.14 21.89 -16.87
CA VAL B 443 -14.71 22.51 -18.13
C VAL B 443 -15.21 21.71 -19.31
N LEU B 444 -14.94 20.41 -19.33
CA LEU B 444 -15.29 19.61 -20.49
C LEU B 444 -16.78 19.36 -20.61
N ASP B 445 -17.53 19.46 -19.52
CA ASP B 445 -18.97 19.23 -19.50
C ASP B 445 -19.64 20.03 -20.60
N PRO B 446 -20.18 19.36 -21.62
CA PRO B 446 -20.64 20.08 -22.81
C PRO B 446 -21.88 20.93 -22.59
N GLU B 447 -22.53 20.84 -21.45
CA GLU B 447 -23.76 21.60 -21.21
C GLU B 447 -23.64 22.63 -20.11
N GLN B 448 -22.69 22.50 -19.20
CA GLN B 448 -22.55 23.43 -18.10
C GLN B 448 -21.30 24.28 -18.19
N ASN B 449 -20.47 24.09 -19.21
CA ASN B 449 -19.23 24.84 -19.28
C ASN B 449 -19.43 26.29 -19.66
N ASN B 450 -20.60 26.64 -20.22
CA ASN B 450 -20.84 28.03 -20.59
C ASN B 450 -20.92 28.92 -19.35
N THR B 451 -20.90 28.31 -18.17
CA THR B 451 -20.87 29.03 -16.90
C THR B 451 -19.69 28.56 -16.07
N PHE B 452 -18.53 28.49 -16.70
CA PHE B 452 -17.30 28.13 -15.99
C PHE B 452 -16.93 29.25 -15.03
N THR B 453 -16.91 28.95 -13.74
CA THR B 453 -16.63 29.95 -12.70
C THR B 453 -15.20 29.76 -12.22
N ASP B 454 -14.32 30.65 -12.65
CA ASP B 454 -12.94 30.65 -12.20
C ASP B 454 -12.89 31.18 -10.76
N HIS B 455 -11.70 31.37 -10.22
CA HIS B 455 -11.53 32.09 -8.97
C HIS B 455 -10.87 33.44 -9.15
N TYR B 456 -10.16 33.67 -10.25
CA TYR B 456 -9.67 35.00 -10.53
C TYR B 456 -10.72 35.79 -11.30
N LEU B 457 -11.11 35.31 -12.49
CA LEU B 457 -12.28 35.84 -13.17
C LEU B 457 -13.51 35.17 -12.57
N ASP B 458 -13.86 35.61 -11.36
CA ASP B 458 -14.96 34.98 -10.66
C ASP B 458 -16.28 35.12 -11.43
N VAL B 459 -16.38 36.11 -12.30
CA VAL B 459 -17.53 36.25 -13.19
C VAL B 459 -17.62 35.00 -14.05
N PRO B 460 -18.82 34.52 -14.36
CA PRO B 460 -18.92 33.29 -15.16
C PRO B 460 -18.44 33.52 -16.58
N TYR B 461 -17.60 32.61 -17.06
CA TYR B 461 -17.12 32.62 -18.43
C TYR B 461 -17.80 31.49 -19.19
N ASP B 462 -17.88 31.64 -20.51
CA ASP B 462 -18.46 30.60 -21.36
C ASP B 462 -17.38 30.09 -22.30
N LEU B 463 -16.89 28.88 -22.02
CA LEU B 463 -16.03 28.15 -22.94
C LEU B 463 -16.84 27.23 -23.85
N SER B 464 -18.09 27.58 -24.11
CA SER B 464 -18.93 26.74 -24.96
C SER B 464 -18.30 26.57 -26.32
N LYS B 465 -18.13 27.66 -27.04
CA LYS B 465 -17.67 27.59 -28.42
C LYS B 465 -16.17 27.45 -28.56
N VAL B 466 -15.47 27.00 -27.52
CA VAL B 466 -14.09 26.56 -27.70
C VAL B 466 -14.18 25.19 -28.37
N PHE B 467 -13.05 24.68 -28.86
CA PHE B 467 -13.02 23.39 -29.53
C PHE B 467 -11.89 22.58 -28.92
N PHE B 468 -12.22 21.78 -27.90
CA PHE B 468 -11.21 21.03 -27.19
C PHE B 468 -10.83 19.77 -27.96
N ILE B 469 -9.54 19.44 -27.91
CA ILE B 469 -9.01 18.20 -28.45
C ILE B 469 -7.95 17.72 -27.48
N THR B 470 -8.19 16.58 -26.84
CA THR B 470 -7.29 16.06 -25.82
C THR B 470 -6.74 14.72 -26.26
N THR B 471 -5.43 14.62 -26.33
CA THR B 471 -4.79 13.36 -26.68
C THR B 471 -4.55 12.54 -25.42
N ALA B 472 -4.68 11.22 -25.57
CA ALA B 472 -4.52 10.30 -24.46
C ALA B 472 -4.35 8.88 -24.98
N ASN B 473 -3.26 8.21 -24.60
CA ASN B 473 -2.92 6.92 -25.19
C ASN B 473 -3.43 5.74 -24.37
N THR B 474 -4.54 5.93 -23.66
CA THR B 474 -5.20 4.87 -22.90
C THR B 474 -6.51 5.42 -22.39
N LEU B 475 -7.26 4.58 -21.69
CA LEU B 475 -8.50 5.02 -21.06
C LEU B 475 -8.70 4.51 -19.65
N GLN B 476 -7.93 3.51 -19.19
CA GLN B 476 -8.12 2.98 -17.85
C GLN B 476 -7.87 4.04 -16.79
N THR B 477 -6.90 4.92 -17.03
CA THR B 477 -6.50 5.89 -16.02
C THR B 477 -7.39 7.12 -15.98
N ILE B 478 -8.10 7.41 -17.06
CA ILE B 478 -9.04 8.53 -17.04
C ILE B 478 -10.19 8.20 -16.10
N PRO B 479 -10.59 9.11 -15.21
CA PRO B 479 -11.75 8.82 -14.36
C PRO B 479 -12.99 8.52 -15.19
N ARG B 480 -13.89 7.74 -14.62
CA ARG B 480 -15.11 7.39 -15.34
C ARG B 480 -15.99 8.59 -15.68
N PRO B 481 -16.20 9.58 -14.81
CA PRO B 481 -17.03 10.73 -15.20
C PRO B 481 -16.41 11.55 -16.32
N LEU B 482 -15.16 11.96 -16.13
CA LEU B 482 -14.52 12.86 -17.10
C LEU B 482 -14.49 12.24 -18.48
N LEU B 483 -14.30 10.92 -18.56
CA LEU B 483 -14.26 10.25 -19.85
C LEU B 483 -15.59 10.38 -20.57
N ASP B 484 -16.66 10.39 -19.82
CA ASP B 484 -17.94 10.45 -20.43
C ASP B 484 -18.13 11.70 -21.19
N ARG B 485 -17.66 12.81 -20.66
CA ARG B 485 -17.86 14.07 -21.34
C ARG B 485 -17.23 14.08 -22.70
N MET B 486 -16.03 13.53 -22.82
CA MET B 486 -15.35 13.46 -24.09
C MET B 486 -15.96 12.45 -25.01
N GLU B 487 -15.62 12.58 -26.26
CA GLU B 487 -16.10 11.70 -27.33
C GLU B 487 -14.90 10.88 -27.79
N VAL B 488 -14.86 9.62 -27.38
CA VAL B 488 -13.71 8.78 -27.69
C VAL B 488 -13.58 8.63 -29.20
N ILE B 489 -12.34 8.70 -29.68
CA ILE B 489 -12.03 8.44 -31.08
C ILE B 489 -10.75 7.63 -31.13
N GLU B 490 -10.85 6.40 -31.62
CA GLU B 490 -9.71 5.50 -31.60
C GLU B 490 -8.82 5.74 -32.81
N ILE B 491 -7.51 5.62 -32.59
CA ILE B 491 -6.52 5.67 -33.65
C ILE B 491 -5.75 4.35 -33.63
N PRO B 492 -6.11 3.41 -34.49
CA PRO B 492 -5.72 2.02 -34.26
C PRO B 492 -4.31 1.68 -34.69
N GLY B 493 -3.47 2.68 -34.87
CA GLY B 493 -2.14 2.44 -35.39
C GLY B 493 -2.18 2.28 -36.90
N TYR B 494 -1.02 1.94 -37.45
CA TYR B 494 -0.85 1.94 -38.89
C TYR B 494 -0.52 0.55 -39.39
N THR B 495 -0.91 0.28 -40.63
CA THR B 495 -0.65 -0.98 -41.28
C THR B 495 0.80 -0.99 -41.75
N ASN B 496 1.15 -1.94 -42.61
CA ASN B 496 2.40 -1.83 -43.32
C ASN B 496 2.27 -1.00 -44.57
N MET B 497 1.10 -0.99 -45.18
CA MET B 497 0.90 -0.17 -46.37
C MET B 497 0.94 1.31 -46.02
N GLU B 498 0.29 1.70 -44.92
CA GLU B 498 0.35 3.10 -44.49
C GLU B 498 1.77 3.49 -44.11
N LYS B 499 2.35 2.80 -43.12
CA LYS B 499 3.72 3.08 -42.71
C LYS B 499 4.66 3.15 -43.90
N GLN B 500 4.40 2.36 -44.94
CA GLN B 500 5.18 2.47 -46.17
C GLN B 500 4.92 3.80 -46.86
N ALA B 501 3.66 4.03 -47.25
CA ALA B 501 3.33 5.24 -47.99
C ALA B 501 3.63 6.49 -47.18
N ILE B 502 3.33 6.47 -45.88
CA ILE B 502 3.56 7.64 -45.06
C ILE B 502 5.03 7.97 -44.98
N ALA B 503 5.91 7.01 -45.24
CA ALA B 503 7.33 7.29 -45.25
C ALA B 503 7.75 7.93 -46.57
N ARG B 504 7.21 7.44 -47.68
CA ARG B 504 7.57 7.96 -48.98
C ARG B 504 7.13 9.41 -49.14
N GLN B 505 6.02 9.80 -48.52
CA GLN B 505 5.48 11.14 -48.72
C GLN B 505 5.99 12.12 -47.67
N TYR B 506 5.72 11.85 -46.40
CA TYR B 506 6.03 12.81 -45.34
C TYR B 506 7.37 12.54 -44.69
N LEU B 507 7.55 11.33 -44.15
CA LEU B 507 8.67 11.06 -43.26
C LEU B 507 10.01 11.29 -43.96
N TRP B 508 10.27 10.54 -45.02
CA TRP B 508 11.60 10.60 -45.65
C TRP B 508 11.96 12.00 -46.12
N PRO B 509 11.15 12.70 -46.92
CA PRO B 509 11.56 14.05 -47.34
C PRO B 509 11.79 14.98 -46.16
N LYS B 510 11.02 14.82 -45.09
CA LYS B 510 11.27 15.59 -43.89
C LYS B 510 12.66 15.33 -43.34
N GLN B 511 13.16 14.12 -43.49
CA GLN B 511 14.47 13.79 -42.95
C GLN B 511 15.60 14.20 -43.90
N VAL B 512 15.32 14.29 -45.18
CA VAL B 512 16.36 14.70 -46.13
C VAL B 512 16.76 16.14 -45.89
N ARG B 513 15.78 17.04 -45.92
CA ARG B 513 16.07 18.47 -45.79
C ARG B 513 16.73 18.79 -44.45
N GLU B 514 16.35 18.10 -43.39
CA GLU B 514 16.99 18.36 -42.11
C GLU B 514 18.42 17.83 -42.08
N SER B 515 18.72 16.83 -42.90
CA SER B 515 20.03 16.20 -42.91
C SER B 515 21.00 16.86 -43.88
N GLY B 516 20.74 18.10 -44.27
CA GLY B 516 21.63 18.79 -45.19
C GLY B 516 21.46 18.34 -46.61
N MET B 517 21.08 17.08 -46.80
CA MET B 517 20.86 16.55 -48.13
C MET B 517 19.63 17.20 -48.76
N GLU B 518 19.56 17.11 -50.07
CA GLU B 518 18.44 17.64 -50.82
C GLU B 518 18.00 16.73 -51.94
N GLY B 519 18.57 15.54 -52.05
CA GLY B 519 18.50 14.80 -53.29
C GLY B 519 19.88 14.40 -53.74
N ARG B 520 20.80 14.30 -52.80
CA ARG B 520 22.05 13.57 -53.02
C ARG B 520 21.91 12.10 -52.67
N ILE B 521 20.73 11.69 -52.19
CA ILE B 521 20.46 10.30 -51.84
C ILE B 521 18.95 10.13 -51.78
N GLU B 522 18.48 8.99 -52.27
CA GLU B 522 17.05 8.72 -52.27
C GLU B 522 16.83 7.21 -52.19
N VAL B 523 15.94 6.80 -51.30
CA VAL B 523 15.71 5.39 -51.04
C VAL B 523 14.67 4.87 -52.02
N THR B 524 14.63 3.55 -52.16
CA THR B 524 13.63 2.88 -52.97
C THR B 524 12.53 2.32 -52.09
N ASP B 525 11.31 2.31 -52.62
CA ASP B 525 10.13 1.99 -51.83
C ASP B 525 10.27 0.63 -51.17
N ALA B 526 10.55 -0.41 -51.97
CA ALA B 526 10.70 -1.75 -51.40
C ALA B 526 11.75 -1.80 -50.33
N ALA B 527 12.80 -0.99 -50.45
CA ALA B 527 13.83 -0.90 -49.43
C ALA B 527 13.40 -0.07 -48.24
N ILE B 528 12.14 0.37 -48.19
CA ILE B 528 11.56 0.87 -46.96
C ILE B 528 10.73 -0.19 -46.26
N LEU B 529 10.01 -1.01 -47.04
CA LEU B 529 9.37 -2.18 -46.48
C LEU B 529 10.35 -3.03 -45.69
N ARG B 530 11.61 -3.07 -46.12
CA ARG B 530 12.60 -3.80 -45.36
C ARG B 530 12.88 -3.12 -44.03
N VAL B 531 12.83 -1.79 -44.01
CA VAL B 531 13.07 -1.07 -42.75
C VAL B 531 11.88 -1.23 -41.82
N ILE B 532 10.67 -1.24 -42.37
CA ILE B 532 9.48 -1.39 -41.55
C ILE B 532 9.37 -2.81 -41.02
N SER B 533 9.68 -3.79 -41.86
CA SER B 533 9.47 -5.18 -41.49
C SER B 533 10.49 -5.67 -40.48
N GLU B 534 11.75 -5.25 -40.62
CA GLU B 534 12.82 -5.82 -39.82
C GLU B 534 13.35 -4.92 -38.74
N TYR B 535 13.28 -3.60 -38.90
CA TYR B 535 13.88 -2.66 -37.96
C TYR B 535 12.86 -1.85 -37.19
N THR B 536 11.62 -2.31 -37.12
CA THR B 536 10.56 -1.53 -36.49
C THR B 536 9.56 -2.47 -35.85
N ARG B 537 9.35 -2.32 -34.56
CA ARG B 537 8.42 -3.15 -33.79
C ARG B 537 7.44 -2.27 -33.03
N GLU B 538 6.81 -1.34 -33.74
CA GLU B 538 5.88 -0.44 -33.07
C GLU B 538 4.87 0.09 -34.07
N ALA B 539 3.63 0.24 -33.62
CA ALA B 539 2.64 0.99 -34.37
C ALA B 539 2.94 2.47 -34.24
N GLY B 540 2.84 3.19 -35.33
CA GLY B 540 3.19 4.58 -35.36
C GLY B 540 4.49 4.80 -36.12
N VAL B 541 5.00 6.02 -36.02
CA VAL B 541 6.18 6.40 -36.78
C VAL B 541 7.26 7.07 -35.96
N ARG B 542 6.98 7.51 -34.73
CA ARG B 542 8.00 8.17 -33.93
C ARG B 542 9.23 7.29 -33.71
N GLY B 543 9.16 6.02 -34.08
CA GLY B 543 10.32 5.16 -34.06
C GLY B 543 10.87 4.97 -35.46
N LEU B 544 9.99 4.97 -36.45
CA LEU B 544 10.43 4.77 -37.83
C LEU B 544 11.30 5.93 -38.29
N GLU B 545 10.85 7.16 -38.03
CA GLU B 545 11.62 8.31 -38.48
C GLU B 545 13.04 8.28 -37.90
N ARG B 546 13.21 7.69 -36.72
CA ARG B 546 14.54 7.56 -36.16
C ARG B 546 15.42 6.60 -36.92
N GLU B 547 14.85 5.80 -37.82
CA GLU B 547 15.65 4.94 -38.69
C GLU B 547 16.04 5.67 -39.96
N LEU B 548 15.06 6.30 -40.62
CA LEU B 548 15.38 7.11 -41.79
C LEU B 548 16.39 8.19 -41.44
N GLY B 549 16.35 8.71 -40.22
CA GLY B 549 17.35 9.64 -39.76
C GLY B 549 18.74 9.06 -39.84
N LYS B 550 18.96 7.94 -39.15
CA LYS B 550 20.28 7.32 -39.17
C LYS B 550 20.70 6.95 -40.59
N ILE B 551 19.75 6.67 -41.47
CA ILE B 551 20.09 6.52 -42.87
C ILE B 551 20.63 7.84 -43.42
N ALA B 552 19.98 8.94 -43.06
CA ALA B 552 20.41 10.24 -43.57
C ALA B 552 21.72 10.68 -42.94
N ARG B 553 21.84 10.54 -41.62
CA ARG B 553 23.11 10.84 -40.97
C ARG B 553 24.24 10.04 -41.62
N LYS B 554 24.08 8.72 -41.69
CA LYS B 554 25.04 7.90 -42.41
C LYS B 554 25.08 8.24 -43.89
N GLY B 555 23.98 8.79 -44.42
CA GLY B 555 23.96 9.22 -45.80
C GLY B 555 24.72 10.51 -46.05
N ALA B 556 25.13 11.20 -44.99
CA ALA B 556 25.96 12.40 -45.12
C ALA B 556 27.35 12.22 -44.56
N LYS B 557 27.50 11.42 -43.51
CA LYS B 557 28.83 11.07 -43.01
C LYS B 557 29.72 10.55 -44.13
N PHE B 558 29.13 9.87 -45.11
CA PHE B 558 29.90 9.46 -46.27
C PHE B 558 30.25 10.64 -47.17
N TRP B 559 29.29 11.54 -47.36
CA TRP B 559 29.49 12.68 -48.25
C TRP B 559 30.67 13.54 -47.85
N LEU B 560 31.05 13.51 -46.58
CA LEU B 560 32.26 14.21 -46.15
C LEU B 560 33.51 13.35 -46.31
N GLU B 561 33.42 12.05 -46.01
CA GLU B 561 34.55 11.17 -46.22
C GLU B 561 34.84 10.98 -47.70
N GLY B 562 33.80 11.00 -48.53
CA GLY B 562 33.98 10.98 -49.95
C GLY B 562 32.70 11.37 -50.66
N ALA B 563 32.77 12.34 -51.56
CA ALA B 563 31.59 12.79 -52.26
C ALA B 563 31.23 11.83 -53.39
N TRP B 564 30.13 12.11 -54.05
CA TRP B 564 29.71 11.33 -55.21
C TRP B 564 28.92 12.26 -56.12
N GLU B 565 28.20 11.69 -57.08
CA GLU B 565 27.45 12.46 -58.04
C GLU B 565 26.19 11.71 -58.41
N GLY B 566 25.07 12.41 -58.45
CA GLY B 566 23.80 11.81 -58.75
C GLY B 566 23.20 11.09 -57.55
N LEU B 567 21.90 10.85 -57.63
CA LEU B 567 21.17 10.21 -56.54
C LEU B 567 21.76 8.83 -56.24
N ARG B 568 22.37 8.69 -55.07
CA ARG B 568 22.88 7.39 -54.64
C ARG B 568 21.71 6.61 -54.07
N THR B 569 21.10 5.77 -54.88
CA THR B 569 19.92 5.05 -54.43
C THR B 569 20.29 4.02 -53.38
N ILE B 570 19.27 3.51 -52.70
CA ILE B 570 19.43 2.50 -51.65
C ILE B 570 18.41 1.41 -51.89
N ASP B 571 18.86 0.17 -51.89
CA ASP B 571 17.98 -0.98 -52.05
C ASP B 571 18.10 -1.88 -50.83
N ALA B 572 17.30 -2.96 -50.84
CA ALA B 572 17.34 -3.93 -49.75
C ALA B 572 18.74 -4.45 -49.52
N SER B 573 19.51 -4.64 -50.59
CA SER B 573 20.88 -5.11 -50.46
C SER B 573 21.70 -4.18 -49.58
N ASP B 574 21.51 -2.87 -49.73
CA ASP B 574 22.35 -1.89 -49.05
C ASP B 574 21.86 -1.55 -47.65
N ILE B 575 20.64 -1.95 -47.29
CA ILE B 575 20.08 -1.56 -46.01
C ILE B 575 20.97 -1.94 -44.82
N PRO B 576 21.39 -3.20 -44.66
CA PRO B 576 22.20 -3.53 -43.47
C PRO B 576 23.48 -2.75 -43.37
N THR B 577 23.98 -2.21 -44.48
CA THR B 577 25.22 -1.43 -44.44
C THR B 577 25.02 -0.13 -43.66
N TYR B 578 23.85 0.49 -43.79
CA TYR B 578 23.61 1.79 -43.21
C TYR B 578 23.09 1.67 -41.78
N LEU B 579 21.94 1.04 -41.61
CA LEU B 579 21.30 0.99 -40.31
C LEU B 579 22.02 0.05 -39.37
N GLY B 580 22.05 -1.24 -39.72
CA GLY B 580 22.72 -2.22 -38.88
C GLY B 580 22.40 -3.65 -39.22
N ILE B 581 22.08 -4.45 -38.21
CA ILE B 581 21.83 -5.88 -38.37
C ILE B 581 20.32 -6.09 -38.25
N PRO B 582 19.74 -7.07 -38.93
CA PRO B 582 18.30 -7.31 -38.74
C PRO B 582 17.93 -7.53 -37.29
N ARG B 583 17.20 -6.58 -36.72
CA ARG B 583 16.84 -6.63 -35.31
C ARG B 583 15.58 -7.43 -35.05
N TYR B 584 14.90 -7.91 -36.07
CA TYR B 584 13.67 -8.68 -35.89
C TYR B 584 13.58 -9.71 -37.02
N ARG B 585 12.57 -10.57 -36.92
CA ARG B 585 12.42 -11.66 -37.85
C ARG B 585 11.12 -11.52 -38.63
N PRO B 586 11.17 -11.64 -39.95
CA PRO B 586 9.93 -11.68 -40.75
C PRO B 586 9.33 -13.08 -40.72
N ASP B 587 8.56 -13.35 -39.66
CA ASP B 587 8.05 -14.70 -39.41
C ASP B 587 7.35 -15.25 -40.64
N LYS B 588 7.92 -16.30 -41.22
CA LYS B 588 7.46 -16.83 -42.49
C LYS B 588 6.42 -17.91 -42.25
N ALA B 589 5.45 -17.99 -43.16
CA ALA B 589 4.34 -18.92 -43.00
C ALA B 589 4.79 -20.34 -43.26
N GLU B 590 5.12 -21.07 -42.20
CA GLU B 590 5.47 -22.48 -42.32
C GLU B 590 5.00 -23.25 -41.10
N THR B 591 4.12 -24.47 -44.45
CA THR B 591 3.34 -24.66 -45.67
C THR B 591 3.00 -26.13 -45.87
N GLU B 592 3.98 -27.00 -45.71
CA GLU B 592 3.73 -28.43 -45.81
C GLU B 592 2.76 -28.86 -44.72
N PRO B 593 1.76 -29.67 -45.05
CA PRO B 593 0.79 -30.09 -44.03
C PRO B 593 1.47 -30.89 -42.93
N GLN B 594 1.47 -30.31 -41.73
CA GLN B 594 2.12 -30.89 -40.57
C GLN B 594 1.09 -31.61 -39.72
N VAL B 595 1.57 -32.49 -38.87
CA VAL B 595 0.73 -33.25 -37.95
C VAL B 595 0.91 -32.64 -36.56
N GLY B 596 -0.20 -32.32 -35.91
CA GLY B 596 -0.17 -31.78 -34.57
C GLY B 596 0.19 -30.32 -34.45
N THR B 597 0.05 -29.54 -35.52
CA THR B 597 0.26 -28.10 -35.44
C THR B 597 -0.89 -27.39 -36.12
N ALA B 598 -0.86 -26.06 -36.05
CA ALA B 598 -1.88 -25.23 -36.68
C ALA B 598 -1.41 -23.79 -36.67
N GLN B 599 -1.60 -23.11 -37.79
CA GLN B 599 -1.34 -21.68 -37.81
C GLN B 599 -2.30 -20.97 -36.87
N GLY B 600 -1.81 -19.92 -36.24
CA GLY B 600 -2.64 -19.14 -35.35
C GLY B 600 -2.30 -17.68 -35.52
N LEU B 601 -3.33 -16.86 -35.47
CA LEU B 601 -3.17 -15.42 -35.62
C LEU B 601 -3.43 -14.77 -34.28
N ALA B 602 -2.44 -14.04 -33.78
CA ALA B 602 -2.54 -13.36 -32.51
C ALA B 602 -2.54 -11.87 -32.75
N TRP B 603 -3.22 -11.15 -31.86
CA TRP B 603 -3.35 -9.72 -32.01
C TRP B 603 -2.52 -9.02 -30.95
N THR B 604 -1.94 -7.90 -31.32
CA THR B 604 -1.17 -7.05 -30.43
C THR B 604 -1.28 -5.61 -30.93
N PRO B 605 -1.30 -4.64 -30.02
CA PRO B 605 -1.31 -3.24 -30.48
C PRO B 605 -0.28 -2.95 -31.55
N VAL B 606 0.93 -3.49 -31.42
CA VAL B 606 1.96 -3.21 -32.42
C VAL B 606 1.60 -3.85 -33.75
N GLY B 607 0.65 -4.77 -33.75
CA GLY B 607 0.27 -5.43 -34.98
C GLY B 607 -0.05 -6.88 -34.72
N GLY B 608 -0.24 -7.62 -35.81
CA GLY B 608 -0.57 -9.02 -35.67
C GLY B 608 0.65 -9.91 -35.73
N THR B 609 0.61 -11.03 -35.02
CA THR B 609 1.66 -12.03 -35.05
C THR B 609 1.09 -13.36 -35.50
N LEU B 610 1.88 -14.08 -36.27
CA LEU B 610 1.48 -15.36 -36.85
C LEU B 610 2.03 -16.47 -35.98
N LEU B 611 1.20 -17.01 -35.09
CA LEU B 611 1.61 -18.05 -34.16
C LEU B 611 1.32 -19.43 -34.74
N THR B 612 2.13 -20.39 -34.30
CA THR B 612 1.90 -21.79 -34.59
C THR B 612 1.73 -22.53 -33.28
N ILE B 613 0.69 -23.34 -33.19
CA ILE B 613 0.38 -24.07 -31.96
C ILE B 613 0.75 -25.53 -32.16
N GLU B 614 1.66 -26.01 -31.31
CA GLU B 614 2.17 -27.36 -31.43
C GLU B 614 1.61 -28.22 -30.31
N VAL B 615 1.15 -29.42 -30.67
CA VAL B 615 0.53 -30.33 -29.72
C VAL B 615 1.16 -31.71 -29.88
N ALA B 616 1.45 -32.35 -28.75
CA ALA B 616 2.01 -33.68 -28.73
C ALA B 616 1.05 -34.62 -28.03
N ALA B 617 0.92 -35.83 -28.54
CA ALA B 617 0.13 -36.88 -27.91
C ALA B 617 1.03 -38.08 -27.70
N VAL B 618 1.24 -38.45 -26.43
CA VAL B 618 2.11 -39.58 -26.09
C VAL B 618 1.39 -40.48 -25.11
N PRO B 619 1.77 -41.75 -25.07
CA PRO B 619 1.14 -42.67 -24.13
C PRO B 619 1.26 -42.19 -22.70
N GLY B 620 0.16 -42.24 -21.97
CA GLY B 620 0.14 -41.75 -20.61
C GLY B 620 -1.18 -42.02 -19.93
N SER B 621 -1.63 -41.05 -19.15
CA SER B 621 -2.85 -41.17 -18.36
C SER B 621 -3.69 -39.90 -18.40
N GLY B 622 -3.76 -39.25 -19.56
CA GLY B 622 -4.66 -38.14 -19.73
C GLY B 622 -4.22 -36.82 -19.16
N LYS B 623 -3.06 -36.77 -18.51
CA LYS B 623 -2.59 -35.51 -17.95
C LYS B 623 -2.39 -34.48 -19.06
N LEU B 624 -3.13 -33.38 -18.96
CA LEU B 624 -3.08 -32.31 -19.95
C LEU B 624 -2.20 -31.19 -19.42
N SER B 625 -1.01 -31.05 -20.00
CA SER B 625 -0.05 -30.04 -19.58
C SER B 625 0.02 -28.94 -20.63
N LEU B 626 -0.19 -27.71 -20.19
CA LEU B 626 -0.18 -26.55 -21.07
C LEU B 626 1.02 -25.68 -20.73
N THR B 627 2.01 -25.64 -21.60
CA THR B 627 3.17 -24.79 -21.45
C THR B 627 3.20 -23.74 -22.55
N GLY B 628 4.24 -22.93 -22.51
CA GLY B 628 4.34 -21.77 -23.38
C GLY B 628 3.91 -20.49 -22.72
N GLN B 629 3.95 -20.41 -21.39
CA GLN B 629 3.55 -19.22 -20.66
C GLN B 629 2.12 -18.80 -21.01
N LEU B 630 1.23 -19.78 -21.07
CA LEU B 630 -0.16 -19.48 -21.37
C LEU B 630 -0.82 -18.75 -20.21
N GLY B 631 -1.72 -17.83 -20.54
CA GLY B 631 -2.50 -17.12 -19.56
C GLY B 631 -3.67 -17.97 -19.09
N GLU B 632 -4.31 -17.50 -18.02
CA GLU B 632 -5.38 -18.28 -17.42
C GLU B 632 -6.56 -18.45 -18.38
N VAL B 633 -6.87 -17.42 -19.16
CA VAL B 633 -8.03 -17.49 -20.02
C VAL B 633 -7.83 -18.54 -21.10
N MET B 634 -6.63 -18.58 -21.68
CA MET B 634 -6.38 -19.50 -22.78
C MET B 634 -6.37 -20.95 -22.32
N LYS B 635 -5.75 -21.21 -21.17
CA LYS B 635 -5.76 -22.56 -20.61
C LYS B 635 -7.18 -23.09 -20.52
N GLU B 636 -8.09 -22.28 -20.00
CA GLU B 636 -9.48 -22.69 -19.93
C GLU B 636 -10.05 -22.96 -21.31
N SER B 637 -9.70 -22.14 -22.29
CA SER B 637 -10.20 -22.37 -23.65
C SER B 637 -9.65 -23.68 -24.21
N ALA B 638 -8.38 -23.97 -23.92
CA ALA B 638 -7.81 -25.23 -24.40
C ALA B 638 -8.56 -26.43 -23.85
N GLN B 639 -8.86 -26.42 -22.56
CA GLN B 639 -9.63 -27.52 -21.98
C GLN B 639 -11.00 -27.63 -22.60
N ALA B 640 -11.56 -26.50 -23.04
CA ALA B 640 -12.87 -26.53 -23.67
C ALA B 640 -12.84 -27.37 -24.93
N ALA B 641 -12.02 -26.97 -25.90
CA ALA B 641 -11.95 -27.71 -27.16
C ALA B 641 -11.64 -29.17 -26.93
N LEU B 642 -10.74 -29.48 -26.01
CA LEU B 642 -10.48 -30.87 -25.69
C LEU B 642 -11.72 -31.56 -25.15
N THR B 643 -12.38 -30.94 -24.17
CA THR B 643 -13.59 -31.54 -23.63
C THR B 643 -14.66 -31.66 -24.69
N TYR B 644 -14.59 -30.84 -25.74
CA TYR B 644 -15.49 -31.03 -26.87
C TYR B 644 -15.17 -32.32 -27.60
N LEU B 645 -13.89 -32.54 -27.92
CA LEU B 645 -13.50 -33.71 -28.70
C LEU B 645 -13.82 -35.00 -27.98
N ARG B 646 -13.59 -35.05 -26.66
CA ARG B 646 -13.90 -36.27 -25.92
C ARG B 646 -15.38 -36.58 -25.97
N ALA B 647 -16.21 -35.64 -26.41
CA ALA B 647 -17.63 -35.91 -26.53
C ALA B 647 -18.00 -36.41 -27.92
N HIS B 648 -17.22 -36.07 -28.94
CA HIS B 648 -17.48 -36.49 -30.31
C HIS B 648 -16.34 -37.32 -30.87
N THR B 649 -15.84 -38.26 -30.06
CA THR B 649 -14.65 -39.04 -30.44
C THR B 649 -14.85 -39.78 -31.75
N GLN B 650 -16.04 -40.35 -31.95
CA GLN B 650 -16.25 -41.20 -33.12
C GLN B 650 -16.28 -40.38 -34.41
N ASP B 651 -16.69 -39.12 -34.31
CA ASP B 651 -16.90 -38.33 -35.53
C ASP B 651 -15.60 -38.11 -36.30
N TYR B 652 -14.60 -37.50 -35.67
CA TYR B 652 -13.38 -37.10 -36.36
C TYR B 652 -12.31 -38.18 -36.35
N GLY B 653 -12.68 -39.43 -36.11
CA GLY B 653 -11.71 -40.51 -36.15
C GLY B 653 -10.71 -40.48 -35.02
N LEU B 654 -11.15 -40.20 -33.81
CA LEU B 654 -10.24 -40.14 -32.68
C LEU B 654 -10.18 -41.48 -31.97
N PRO B 655 -9.11 -41.73 -31.21
CA PRO B 655 -9.08 -42.94 -30.39
C PRO B 655 -10.26 -42.96 -29.43
N GLU B 656 -10.90 -44.14 -29.32
CA GLU B 656 -12.16 -44.23 -28.61
C GLU B 656 -12.03 -43.79 -27.15
N ASP B 657 -10.95 -44.22 -26.48
CA ASP B 657 -10.77 -43.93 -25.07
C ASP B 657 -9.41 -43.26 -24.88
N PHE B 658 -9.11 -42.28 -25.73
CA PHE B 658 -7.85 -41.58 -25.61
C PHE B 658 -7.77 -40.82 -24.29
N TYR B 659 -8.91 -40.38 -23.77
CA TYR B 659 -8.91 -39.56 -22.56
C TYR B 659 -8.18 -40.23 -21.41
N ASN B 660 -8.09 -41.55 -21.42
CA ASN B 660 -7.58 -42.29 -20.30
C ASN B 660 -6.16 -42.81 -20.51
N LYS B 661 -5.66 -42.80 -21.74
CA LYS B 661 -4.38 -43.45 -22.00
C LYS B 661 -3.39 -42.59 -22.76
N VAL B 662 -3.61 -41.28 -22.84
CA VAL B 662 -2.74 -40.41 -23.64
C VAL B 662 -2.43 -39.14 -22.87
N ASP B 663 -1.17 -38.96 -22.53
CA ASP B 663 -0.67 -37.70 -22.03
C ASP B 663 -0.62 -36.70 -23.17
N LEU B 664 -1.32 -35.58 -22.99
CA LEU B 664 -1.49 -34.61 -24.06
C LEU B 664 -0.82 -33.31 -23.65
N HIS B 665 -0.04 -32.75 -24.56
CA HIS B 665 0.78 -31.58 -24.28
C HIS B 665 0.58 -30.56 -25.39
N VAL B 666 0.37 -29.31 -25.00
CA VAL B 666 0.18 -28.21 -25.93
C VAL B 666 1.28 -27.20 -25.72
N HIS B 667 1.92 -26.78 -26.80
CA HIS B 667 3.00 -25.81 -26.74
C HIS B 667 2.75 -24.70 -27.76
N VAL B 668 2.93 -23.47 -27.31
CA VAL B 668 2.73 -22.31 -28.17
C VAL B 668 4.01 -21.51 -28.24
N PRO B 669 4.92 -21.81 -29.16
CA PRO B 669 6.18 -21.08 -29.23
C PRO B 669 5.95 -19.63 -29.61
N ASP B 670 6.82 -18.76 -29.09
CA ASP B 670 7.95 -19.17 -28.27
C ASP B 670 7.55 -19.28 -26.81
N GLY B 671 8.56 -19.45 -25.95
CA GLY B 671 8.31 -19.67 -24.54
C GLY B 671 8.43 -18.44 -23.68
N ALA B 672 9.20 -17.45 -24.13
CA ALA B 672 9.43 -16.28 -23.29
C ALA B 672 8.19 -15.42 -23.19
N THR B 673 7.64 -15.01 -24.31
CA THR B 673 6.58 -14.00 -24.31
C THR B 673 5.29 -14.59 -23.79
N PRO B 674 4.66 -13.99 -22.78
CA PRO B 674 3.39 -14.51 -22.28
C PRO B 674 2.28 -14.30 -23.29
N LYS B 675 1.30 -15.21 -23.26
CA LYS B 675 0.19 -15.19 -24.18
C LYS B 675 -1.11 -15.35 -23.41
N ASP B 676 -2.21 -14.92 -24.03
CA ASP B 676 -3.49 -14.89 -23.36
C ASP B 676 -4.58 -14.73 -24.41
N GLY B 677 -5.82 -14.67 -23.96
CA GLY B 677 -6.95 -14.46 -24.85
C GLY B 677 -7.57 -15.76 -25.29
N PRO B 678 -8.71 -15.70 -25.45
CA PRO B 678 -9.36 -16.94 -25.77
C PRO B 678 -9.59 -17.16 -27.26
N SER B 679 -8.99 -16.37 -28.14
CA SER B 679 -9.34 -16.44 -29.56
C SER B 679 -8.69 -17.62 -30.22
N ALA B 680 -7.94 -18.38 -29.43
CA ALA B 680 -7.14 -19.48 -29.93
C ALA B 680 -7.88 -20.79 -29.92
N GLY B 681 -9.12 -20.49 -29.74
CA GLY B 681 -9.86 -21.73 -29.57
C GLY B 681 -9.75 -22.70 -30.71
N ILE B 682 -10.27 -22.33 -31.88
CA ILE B 682 -10.40 -23.30 -32.97
C ILE B 682 -9.03 -23.69 -33.51
N THR B 683 -7.99 -22.92 -33.18
CA THR B 683 -6.65 -23.36 -33.54
C THR B 683 -6.29 -24.64 -32.81
N MET B 684 -6.39 -24.64 -31.49
CA MET B 684 -6.07 -25.83 -30.71
C MET B 684 -7.02 -26.97 -31.05
N ALA B 685 -8.30 -26.66 -31.23
CA ALA B 685 -9.26 -27.70 -31.55
C ALA B 685 -8.86 -28.47 -32.80
N THR B 686 -8.17 -27.79 -33.72
CA THR B 686 -7.62 -28.49 -34.87
C THR B 686 -6.39 -29.30 -34.48
N ALA B 687 -5.40 -28.61 -33.89
CA ALA B 687 -4.14 -29.26 -33.57
C ALA B 687 -4.35 -30.49 -32.70
N ILE B 688 -5.08 -30.33 -31.60
CA ILE B 688 -5.34 -31.45 -30.71
C ILE B 688 -5.99 -32.59 -31.48
N ALA B 689 -6.91 -32.24 -32.38
CA ALA B 689 -7.47 -33.26 -33.27
C ALA B 689 -6.38 -33.84 -34.16
N SER B 690 -5.61 -32.98 -34.82
CA SER B 690 -4.53 -33.46 -35.67
C SER B 690 -3.43 -34.15 -34.88
N ALA B 691 -3.47 -34.11 -33.56
CA ALA B 691 -2.50 -34.86 -32.78
C ALA B 691 -3.03 -36.26 -32.46
N LEU B 692 -4.16 -36.33 -31.76
CA LEU B 692 -4.77 -37.62 -31.45
C LEU B 692 -5.09 -38.39 -32.72
N SER B 693 -5.92 -37.84 -33.58
CA SER B 693 -5.95 -38.33 -34.95
C SER B 693 -4.63 -37.98 -35.62
N ARG B 694 -4.14 -38.88 -36.45
CA ARG B 694 -2.86 -38.68 -37.12
C ARG B 694 -3.01 -37.99 -38.46
N ARG B 695 -4.20 -37.55 -38.81
CA ARG B 695 -4.39 -36.77 -40.03
C ARG B 695 -3.70 -35.42 -39.89
N PRO B 696 -2.66 -35.15 -40.67
CA PRO B 696 -1.93 -33.88 -40.52
C PRO B 696 -2.82 -32.70 -40.89
N ALA B 697 -2.52 -31.55 -40.26
CA ALA B 697 -3.30 -30.33 -40.43
C ALA B 697 -2.61 -29.46 -41.47
N ARG B 698 -3.37 -28.98 -42.46
CA ARG B 698 -2.81 -28.06 -43.42
C ARG B 698 -2.35 -26.79 -42.73
N MET B 699 -1.26 -26.21 -43.23
CA MET B 699 -0.77 -24.96 -42.68
C MET B 699 -0.72 -23.87 -43.74
N ASP B 700 -1.26 -24.14 -44.93
CA ASP B 700 -1.59 -23.06 -45.83
C ASP B 700 -2.70 -22.21 -45.24
N ILE B 701 -3.62 -22.85 -44.54
CA ILE B 701 -4.78 -22.21 -43.93
C ILE B 701 -4.42 -21.74 -42.54
N ALA B 702 -4.70 -20.49 -42.24
CA ALA B 702 -4.51 -19.95 -40.90
C ALA B 702 -5.86 -19.56 -40.32
N MET B 703 -6.16 -20.10 -39.15
CA MET B 703 -7.51 -20.01 -38.59
C MET B 703 -7.46 -19.25 -37.29
N THR B 704 -8.62 -18.79 -36.84
CA THR B 704 -8.75 -18.08 -35.57
C THR B 704 -10.23 -18.01 -35.22
N GLY B 705 -10.54 -18.13 -33.93
CA GLY B 705 -11.92 -18.08 -33.50
C GLY B 705 -12.14 -18.72 -32.15
N GLU B 706 -12.97 -18.10 -31.33
CA GLU B 706 -13.27 -18.62 -30.00
C GLU B 706 -14.29 -19.74 -30.10
N VAL B 707 -13.98 -20.86 -29.46
CA VAL B 707 -14.78 -22.07 -29.55
C VAL B 707 -15.54 -22.26 -28.26
N SER B 708 -16.81 -22.64 -28.36
CA SER B 708 -17.59 -22.98 -27.20
C SER B 708 -17.54 -24.47 -26.95
N LEU B 709 -18.05 -24.88 -25.80
CA LEU B 709 -18.04 -26.30 -25.47
C LEU B 709 -19.02 -27.10 -26.30
N ARG B 710 -20.13 -26.49 -26.73
CA ARG B 710 -21.10 -27.20 -27.56
C ARG B 710 -20.59 -27.46 -28.97
N GLY B 711 -19.57 -26.74 -29.40
CA GLY B 711 -19.17 -26.78 -30.79
C GLY B 711 -19.48 -25.53 -31.57
N LYS B 712 -20.05 -24.52 -30.93
CA LYS B 712 -20.25 -23.24 -31.59
C LYS B 712 -18.94 -22.50 -31.69
N VAL B 713 -18.82 -21.65 -32.70
CA VAL B 713 -17.62 -20.85 -32.92
C VAL B 713 -17.98 -19.40 -32.61
N MET B 714 -17.61 -18.93 -31.44
CA MET B 714 -17.94 -17.59 -31.00
C MET B 714 -17.17 -16.58 -31.84
N PRO B 715 -17.65 -15.33 -31.87
CA PRO B 715 -16.89 -14.28 -32.55
C PRO B 715 -15.70 -13.82 -31.74
N ILE B 716 -14.77 -13.15 -32.42
CA ILE B 716 -13.52 -12.68 -31.84
C ILE B 716 -13.38 -11.19 -32.14
N GLY B 717 -12.34 -10.60 -31.58
CA GLY B 717 -12.03 -9.20 -31.78
C GLY B 717 -10.73 -9.02 -32.54
N GLY B 718 -10.60 -7.84 -33.14
CA GLY B 718 -9.39 -7.54 -33.89
C GLY B 718 -9.17 -8.45 -35.07
N VAL B 719 -10.01 -8.33 -36.11
CA VAL B 719 -9.83 -9.21 -37.26
C VAL B 719 -8.91 -8.57 -38.28
N LYS B 720 -8.81 -7.24 -38.28
CA LYS B 720 -8.02 -6.58 -39.31
C LYS B 720 -6.53 -6.79 -39.08
N GLU B 721 -6.04 -6.47 -37.88
CA GLU B 721 -4.62 -6.60 -37.61
C GLU B 721 -4.16 -8.04 -37.78
N LYS B 722 -5.06 -9.00 -37.59
CA LYS B 722 -4.71 -10.39 -37.84
C LYS B 722 -4.53 -10.64 -39.33
N LEU B 723 -5.56 -10.35 -40.12
CA LEU B 723 -5.49 -10.64 -41.54
C LEU B 723 -4.38 -9.85 -42.22
N LEU B 724 -4.12 -8.63 -41.76
CA LEU B 724 -2.97 -7.90 -42.25
C LEU B 724 -1.69 -8.67 -41.97
N ALA B 725 -1.49 -9.08 -40.72
CA ALA B 725 -0.36 -9.93 -40.40
C ALA B 725 -0.38 -11.20 -41.23
N ALA B 726 -1.57 -11.72 -41.51
CA ALA B 726 -1.67 -12.91 -42.33
C ALA B 726 -1.09 -12.68 -43.71
N HIS B 727 -1.63 -11.71 -44.44
CA HIS B 727 -1.21 -11.50 -45.82
C HIS B 727 0.27 -11.19 -45.92
N GLN B 728 0.79 -10.43 -44.96
CA GLN B 728 2.22 -10.13 -44.97
C GLN B 728 3.05 -11.40 -44.90
N ALA B 729 2.63 -12.37 -44.09
CA ALA B 729 3.35 -13.63 -44.05
C ALA B 729 3.33 -14.32 -45.40
N GLY B 730 2.18 -14.26 -46.08
CA GLY B 730 2.03 -14.89 -47.37
C GLY B 730 0.98 -15.97 -47.45
N ILE B 731 0.00 -15.96 -46.56
CA ILE B 731 -1.07 -16.96 -46.52
C ILE B 731 -2.31 -16.37 -47.15
N HIS B 732 -3.00 -17.18 -47.95
CA HIS B 732 -4.16 -16.71 -48.70
C HIS B 732 -5.43 -17.48 -48.40
N LYS B 733 -5.51 -18.16 -47.25
CA LYS B 733 -6.72 -18.82 -46.83
C LYS B 733 -6.94 -18.57 -45.34
N ILE B 734 -8.13 -18.10 -44.99
CA ILE B 734 -8.44 -17.76 -43.61
C ILE B 734 -9.74 -18.43 -43.20
N VAL B 735 -9.75 -18.95 -41.98
CA VAL B 735 -10.94 -19.55 -41.38
C VAL B 735 -11.42 -18.62 -40.28
N LEU B 736 -12.71 -18.29 -40.32
CA LEU B 736 -13.18 -17.18 -39.52
C LEU B 736 -14.60 -17.42 -39.03
N PRO B 737 -14.97 -16.91 -37.85
CA PRO B 737 -16.34 -17.08 -37.38
C PRO B 737 -17.31 -16.20 -38.14
N LYS B 738 -18.49 -16.75 -38.40
CA LYS B 738 -19.53 -16.00 -39.10
C LYS B 738 -19.72 -14.62 -38.48
N ASP B 739 -19.88 -14.58 -37.16
CA ASP B 739 -20.24 -13.32 -36.50
C ASP B 739 -19.19 -12.25 -36.67
N ASN B 740 -18.03 -12.58 -37.24
CA ASN B 740 -17.04 -11.57 -37.54
C ASN B 740 -17.03 -11.16 -39.02
N GLU B 741 -17.91 -11.74 -39.84
CA GLU B 741 -17.90 -11.38 -41.26
C GLU B 741 -18.18 -9.90 -41.45
N ALA B 742 -18.75 -9.26 -40.45
CA ALA B 742 -19.01 -7.83 -40.55
C ALA B 742 -17.74 -7.01 -40.62
N GLN B 743 -16.70 -7.36 -39.87
CA GLN B 743 -15.52 -6.51 -39.73
C GLN B 743 -14.54 -6.69 -40.88
N LEU B 744 -14.98 -7.26 -41.99
CA LEU B 744 -14.11 -7.37 -43.17
C LEU B 744 -13.93 -6.04 -43.88
N GLU B 745 -14.86 -5.11 -43.73
CA GLU B 745 -14.86 -3.88 -44.51
C GLU B 745 -13.86 -2.86 -44.01
N GLU B 746 -12.99 -3.23 -43.07
CA GLU B 746 -11.87 -2.38 -42.68
C GLU B 746 -10.58 -2.75 -43.38
N LEU B 747 -10.51 -3.96 -43.93
CA LEU B 747 -9.33 -4.36 -44.69
C LEU B 747 -9.23 -3.53 -45.97
N PRO B 748 -8.04 -3.18 -46.40
CA PRO B 748 -7.89 -2.52 -47.71
C PRO B 748 -8.44 -3.42 -48.80
N LYS B 749 -9.19 -2.79 -49.71
CA LYS B 749 -9.84 -3.56 -50.78
C LYS B 749 -8.82 -4.35 -51.57
N GLU B 750 -7.59 -3.85 -51.65
CA GLU B 750 -6.54 -4.57 -52.36
C GLU B 750 -6.28 -5.93 -51.75
N VAL B 751 -6.11 -6.00 -50.43
CA VAL B 751 -5.72 -7.26 -49.80
C VAL B 751 -6.88 -8.23 -49.81
N LEU B 752 -8.12 -7.71 -49.79
CA LEU B 752 -9.28 -8.58 -49.69
C LEU B 752 -9.45 -9.43 -50.94
N GLU B 753 -8.85 -9.02 -52.06
CA GLU B 753 -8.94 -9.81 -53.27
C GLU B 753 -8.14 -11.10 -53.14
N GLY B 754 -7.00 -11.04 -52.48
CA GLY B 754 -6.13 -12.19 -52.37
C GLY B 754 -6.30 -12.95 -51.08
N LEU B 755 -7.53 -13.11 -50.62
CA LEU B 755 -7.83 -13.85 -49.40
C LEU B 755 -9.07 -14.72 -49.64
N GLU B 756 -8.91 -16.02 -49.43
CA GLU B 756 -10.05 -16.94 -49.53
C GLU B 756 -10.62 -17.13 -48.13
N ILE B 757 -11.17 -16.05 -47.60
CA ILE B 757 -11.77 -16.08 -46.27
C ILE B 757 -12.95 -17.04 -46.26
N LYS B 758 -12.99 -17.89 -45.24
CA LYS B 758 -14.11 -18.79 -45.02
C LYS B 758 -14.81 -18.41 -43.74
N LEU B 759 -16.13 -18.33 -43.78
CA LEU B 759 -16.95 -18.06 -42.61
C LEU B 759 -17.54 -19.37 -42.12
N VAL B 760 -17.24 -19.73 -40.88
CA VAL B 760 -17.73 -20.96 -40.28
C VAL B 760 -18.47 -20.60 -39.01
N GLU B 761 -19.52 -21.37 -38.70
CA GLU B 761 -20.29 -21.15 -37.50
C GLU B 761 -20.23 -22.33 -36.54
N ASP B 762 -19.50 -23.39 -36.88
CA ASP B 762 -19.34 -24.53 -36.01
C ASP B 762 -17.98 -25.15 -36.26
N VAL B 763 -17.45 -25.83 -35.24
CA VAL B 763 -16.11 -26.38 -35.36
C VAL B 763 -16.11 -27.60 -36.26
N GLY B 764 -17.27 -28.22 -36.48
CA GLY B 764 -17.33 -29.36 -37.36
C GLY B 764 -16.86 -29.07 -38.78
N GLU B 765 -17.28 -27.94 -39.34
CA GLU B 765 -16.81 -27.56 -40.66
C GLU B 765 -15.31 -27.38 -40.68
N VAL B 766 -14.73 -26.83 -39.61
CA VAL B 766 -13.31 -26.52 -39.61
C VAL B 766 -12.48 -27.79 -39.68
N LEU B 767 -12.78 -28.76 -38.81
CA LEU B 767 -11.98 -29.97 -38.77
C LEU B 767 -12.10 -30.77 -40.05
N GLU B 768 -13.20 -30.59 -40.79
CA GLU B 768 -13.28 -31.17 -42.12
C GLU B 768 -12.48 -30.35 -43.12
N TYR B 769 -12.41 -29.04 -42.91
CA TYR B 769 -11.69 -28.20 -43.86
C TYR B 769 -10.19 -28.26 -43.65
N LEU B 770 -9.74 -28.48 -42.42
CA LEU B 770 -8.32 -28.42 -42.10
C LEU B 770 -7.63 -29.77 -42.22
N LEU B 771 -8.11 -30.76 -41.49
CA LEU B 771 -7.44 -32.06 -41.44
C LEU B 771 -7.41 -32.69 -42.83
N LEU B 772 -6.23 -33.19 -43.22
CA LEU B 772 -6.12 -33.95 -44.44
C LEU B 772 -6.99 -35.19 -44.36
N PRO B 773 -7.48 -35.69 -45.50
CA PRO B 773 -8.50 -36.75 -45.44
C PRO B 773 -8.00 -38.04 -44.82
N GLU B 774 -6.88 -38.57 -45.30
CA GLU B 774 -6.41 -39.85 -44.82
C GLU B 774 -5.19 -39.67 -43.92
N PRO B 775 -5.10 -40.38 -42.81
CA PRO B 775 -3.94 -40.25 -41.92
C PRO B 775 -2.63 -40.61 -42.62
N THR B 776 -1.52 -40.20 -42.03
CA THR B 776 -0.21 -40.53 -42.57
C THR B 776 0.71 -41.22 -41.57
N MET B 777 0.50 -41.01 -40.28
CA MET B 777 1.33 -41.58 -39.23
C MET B 777 0.61 -42.75 -38.56
N PRO B 778 1.35 -43.65 -37.91
CA PRO B 778 0.69 -44.63 -37.05
C PRO B 778 0.21 -43.97 -35.78
N PRO B 779 -0.83 -44.51 -35.17
CA PRO B 779 -1.33 -43.91 -33.91
C PRO B 779 -0.43 -44.22 -32.74
N VAL B 780 -0.87 -43.84 -31.54
CA VAL B 780 -0.06 -44.07 -30.34
C VAL B 780 0.04 -45.55 -30.03
N VAL B 781 -0.77 -46.37 -30.70
CA VAL B 781 -0.83 -47.82 -30.49
C VAL B 781 -1.20 -48.14 -29.04
N SER C 245 15.34 54.24 -10.92
CA SER C 245 16.33 54.30 -11.99
C SER C 245 16.75 52.90 -12.42
N ASP C 246 16.45 51.91 -11.58
CA ASP C 246 16.82 50.53 -11.90
C ASP C 246 15.92 49.96 -12.99
N LEU C 247 14.62 50.25 -12.93
CA LEU C 247 13.68 49.66 -13.88
C LEU C 247 14.05 50.05 -15.31
N GLU C 248 14.31 51.34 -15.54
CA GLU C 248 14.73 51.76 -16.88
C GLU C 248 16.05 51.12 -17.26
N ALA C 249 16.99 51.03 -16.32
CA ALA C 249 18.19 50.23 -16.55
C ALA C 249 17.83 48.78 -16.77
N LEU C 250 16.82 48.28 -16.06
CA LEU C 250 16.32 46.94 -16.33
C LEU C 250 15.64 46.87 -17.69
N ARG C 251 15.04 47.97 -18.14
CA ARG C 251 14.39 47.98 -19.45
C ARG C 251 15.41 47.73 -20.55
N LYS C 252 16.54 48.43 -20.50
CA LYS C 252 17.59 48.19 -21.49
C LYS C 252 18.07 46.75 -21.43
N LYS C 253 18.13 46.18 -20.23
CA LYS C 253 18.38 44.74 -20.11
C LYS C 253 17.29 43.96 -20.83
N ILE C 254 16.05 44.47 -20.80
CA ILE C 254 14.98 43.81 -21.53
C ILE C 254 15.01 44.21 -23.01
N GLU C 255 15.40 45.45 -23.29
CA GLU C 255 15.36 45.95 -24.66
C GLU C 255 16.32 45.21 -25.59
N GLU C 256 17.30 44.48 -25.05
CA GLU C 256 18.32 43.84 -25.88
C GLU C 256 18.26 42.32 -25.86
N VAL C 257 17.97 41.72 -24.71
CA VAL C 257 18.04 40.27 -24.60
C VAL C 257 17.00 39.63 -25.51
N GLY C 258 17.30 38.44 -25.99
CA GLY C 258 16.35 37.68 -26.79
C GLY C 258 16.05 38.39 -28.09
N MET C 259 14.76 38.53 -28.41
CA MET C 259 13.67 38.07 -27.57
C MET C 259 12.47 37.73 -28.45
N PRO C 260 11.64 36.79 -28.01
CA PRO C 260 10.38 36.55 -28.71
C PRO C 260 9.51 37.80 -28.69
N GLU C 261 8.90 38.08 -29.83
CA GLU C 261 8.18 39.34 -30.00
C GLU C 261 7.04 39.48 -28.99
N ALA C 262 6.06 38.58 -29.06
CA ALA C 262 4.91 38.70 -28.18
C ALA C 262 5.29 38.52 -26.72
N VAL C 263 6.32 37.73 -26.44
CA VAL C 263 6.79 37.57 -25.07
C VAL C 263 7.35 38.89 -24.56
N LYS C 264 8.05 39.63 -25.42
CA LYS C 264 8.56 40.95 -25.05
C LYS C 264 7.44 41.81 -24.45
N THR C 265 6.36 41.99 -25.20
CA THR C 265 5.20 42.70 -24.67
C THR C 265 4.67 41.99 -23.43
N LYS C 266 4.50 40.67 -23.51
CA LYS C 266 4.07 39.91 -22.35
C LYS C 266 5.03 40.04 -21.19
N ALA C 267 6.24 40.53 -21.42
CA ALA C 267 7.18 40.87 -20.36
C ALA C 267 7.14 42.36 -20.01
N LEU C 268 7.17 43.22 -21.03
CA LEU C 268 7.10 44.66 -20.77
C LEU C 268 5.83 45.02 -20.03
N LYS C 269 4.71 44.41 -20.41
CA LYS C 269 3.44 44.70 -19.74
C LYS C 269 3.48 44.37 -18.26
N GLU C 270 4.45 43.57 -17.82
CA GLU C 270 4.62 43.34 -16.40
C GLU C 270 5.55 44.37 -15.77
N LEU C 271 6.60 44.77 -16.48
CA LEU C 271 7.44 45.87 -15.99
C LEU C 271 6.62 47.13 -15.83
N ASP C 272 5.78 47.45 -16.81
CA ASP C 272 4.86 48.56 -16.67
C ASP C 272 3.92 48.35 -15.49
N ARG C 273 3.47 47.12 -15.30
CA ARG C 273 2.68 46.78 -14.12
C ARG C 273 3.47 46.99 -12.83
N LEU C 274 4.79 47.16 -12.93
CA LEU C 274 5.63 47.47 -11.79
C LEU C 274 6.06 48.94 -11.75
N GLU C 275 5.68 49.72 -12.76
CA GLU C 275 5.79 51.18 -12.65
C GLU C 275 5.16 51.64 -11.34
N ARG C 276 3.89 51.32 -11.16
CA ARG C 276 3.21 51.53 -9.90
C ARG C 276 3.41 50.29 -9.03
N MET C 277 2.62 50.17 -7.96
CA MET C 277 2.85 49.18 -6.92
C MET C 277 4.26 49.36 -6.33
N GLN C 278 4.39 50.49 -5.65
CA GLN C 278 5.64 50.96 -5.08
C GLN C 278 6.50 49.83 -4.52
N GLN C 279 7.78 49.84 -4.88
CA GLN C 279 8.75 49.01 -4.20
C GLN C 279 8.58 49.15 -2.70
N GLY C 280 8.58 48.02 -2.00
CA GLY C 280 7.81 47.99 -0.77
C GLY C 280 6.84 46.83 -0.81
N SER C 281 5.57 47.12 -1.08
CA SER C 281 4.47 46.16 -1.12
C SER C 281 4.92 44.81 -1.65
N PRO C 282 4.51 43.71 -1.00
CA PRO C 282 5.22 42.44 -1.19
C PRO C 282 5.16 41.90 -2.61
N GLU C 283 4.06 42.12 -3.33
CA GLU C 283 3.95 41.53 -4.65
C GLU C 283 5.02 42.05 -5.60
N ALA C 284 5.55 43.25 -5.32
CA ALA C 284 6.65 43.77 -6.12
C ALA C 284 7.78 42.76 -6.25
N THR C 285 8.07 42.03 -5.17
CA THR C 285 9.05 40.95 -5.24
C THR C 285 8.66 39.96 -6.33
N VAL C 286 7.47 39.37 -6.20
CA VAL C 286 7.01 38.37 -7.16
C VAL C 286 7.14 38.88 -8.58
N ALA C 287 6.90 40.17 -8.80
CA ALA C 287 7.10 40.73 -10.13
C ALA C 287 8.58 40.86 -10.46
N ARG C 288 9.37 41.40 -9.51
CA ARG C 288 10.78 41.65 -9.78
C ARG C 288 11.52 40.35 -10.06
N THR C 289 11.49 39.42 -9.10
CA THR C 289 12.16 38.13 -9.27
C THR C 289 11.73 37.46 -10.56
N TYR C 290 10.44 37.56 -10.90
CA TYR C 290 9.96 37.04 -12.18
C TYR C 290 10.77 37.63 -13.32
N LEU C 291 10.88 38.95 -13.37
CA LEU C 291 11.64 39.59 -14.44
C LEU C 291 13.09 39.14 -14.43
N ASP C 292 13.63 38.84 -13.25
CA ASP C 292 14.97 38.28 -13.18
C ASP C 292 15.04 36.95 -13.90
N TRP C 293 14.23 35.99 -13.46
CA TRP C 293 14.19 34.69 -14.13
C TRP C 293 13.79 34.83 -15.59
N LEU C 294 12.98 35.84 -15.91
CA LEU C 294 12.58 36.04 -17.29
C LEU C 294 13.75 36.50 -18.14
N THR C 295 14.58 37.39 -17.59
CA THR C 295 15.64 38.02 -18.37
C THR C 295 16.97 37.28 -18.24
N GLU C 296 17.26 36.70 -17.08
CA GLU C 296 18.51 35.98 -16.92
C GLU C 296 18.55 34.74 -17.80
N VAL C 297 17.44 34.01 -17.88
CA VAL C 297 17.38 32.81 -18.70
C VAL C 297 17.69 33.18 -20.14
N PRO C 298 18.59 32.46 -20.81
CA PRO C 298 19.12 32.96 -22.08
C PRO C 298 18.14 32.75 -23.23
N TRP C 299 17.93 33.81 -24.00
CA TRP C 299 17.24 33.73 -25.27
C TRP C 299 18.20 34.14 -26.38
N SER C 300 18.21 33.37 -27.47
CA SER C 300 18.93 33.74 -28.68
C SER C 300 20.43 33.91 -28.40
N LYS C 301 21.05 32.83 -27.95
CA LYS C 301 22.51 32.79 -27.82
C LYS C 301 22.94 31.33 -27.90
N ALA C 302 23.43 30.92 -29.07
CA ALA C 302 23.90 29.57 -29.30
C ALA C 302 25.41 29.60 -29.40
N ASP C 303 26.07 28.80 -28.57
CA ASP C 303 27.53 28.80 -28.54
C ASP C 303 28.07 28.29 -29.86
N PRO C 304 28.98 29.03 -30.52
CA PRO C 304 29.59 28.54 -31.76
C PRO C 304 30.20 27.16 -31.61
N GLU C 305 29.62 26.20 -32.31
CA GLU C 305 30.01 24.81 -32.22
C GLU C 305 31.28 24.55 -33.04
N VAL C 306 32.07 23.57 -32.58
CA VAL C 306 33.19 23.11 -33.38
C VAL C 306 32.67 22.41 -34.64
N LEU C 307 33.52 22.32 -35.65
CA LEU C 307 33.09 21.78 -36.92
C LEU C 307 34.04 20.77 -37.54
N ASP C 308 35.28 20.65 -37.06
CA ASP C 308 36.23 19.67 -37.58
C ASP C 308 36.03 18.36 -36.83
N ILE C 309 35.51 17.35 -37.52
CA ILE C 309 35.24 16.07 -36.88
C ILE C 309 36.55 15.39 -36.50
N ASN C 310 37.54 15.42 -37.40
CA ASN C 310 38.82 14.79 -37.12
C ASN C 310 39.43 15.33 -35.84
N HIS C 311 39.29 16.63 -35.62
CA HIS C 311 39.69 17.20 -34.34
C HIS C 311 38.88 16.57 -33.21
N THR C 312 37.55 16.67 -33.28
CA THR C 312 36.70 16.14 -32.22
C THR C 312 36.92 14.66 -32.00
N ARG C 313 37.15 13.91 -33.08
CA ARG C 313 37.38 12.48 -32.97
C ARG C 313 38.43 12.18 -31.92
N GLN C 314 39.63 12.71 -32.09
CA GLN C 314 40.70 12.46 -31.14
C GLN C 314 40.51 13.19 -29.82
N VAL C 315 39.54 14.10 -29.73
CA VAL C 315 39.17 14.60 -28.42
C VAL C 315 38.32 13.57 -27.69
N LEU C 316 37.55 12.78 -28.43
CA LEU C 316 36.84 11.66 -27.81
C LEU C 316 37.78 10.50 -27.55
N ASP C 317 38.62 10.17 -28.53
CA ASP C 317 39.53 9.03 -28.41
C ASP C 317 40.53 9.19 -27.28
N GLU C 318 40.64 10.37 -26.68
CA GLU C 318 41.61 10.60 -25.62
C GLU C 318 41.06 10.32 -24.23
N ASP C 319 39.76 10.03 -24.11
CA ASP C 319 39.19 9.87 -22.78
C ASP C 319 38.45 8.56 -22.61
N HIS C 320 37.82 8.07 -23.66
CA HIS C 320 37.03 6.84 -23.60
C HIS C 320 37.48 5.88 -24.69
N TYR C 321 37.72 4.62 -24.32
CA TYR C 321 38.10 3.61 -25.27
C TYR C 321 36.89 2.80 -25.71
N GLY C 322 36.97 2.28 -26.94
CA GLY C 322 35.85 1.54 -27.48
C GLY C 322 34.68 2.46 -27.76
N LEU C 323 33.47 1.94 -27.58
CA LEU C 323 32.25 2.72 -27.74
C LEU C 323 32.20 3.36 -29.13
N LYS C 324 32.62 2.61 -30.14
CA LYS C 324 32.62 3.14 -31.50
C LYS C 324 31.23 3.59 -31.90
N ASP C 325 30.20 2.82 -31.54
CA ASP C 325 28.84 3.15 -31.96
C ASP C 325 28.39 4.48 -31.39
N VAL C 326 28.75 4.80 -30.14
CA VAL C 326 28.36 6.07 -29.55
C VAL C 326 29.08 7.22 -30.24
N LYS C 327 30.40 7.11 -30.40
CA LYS C 327 31.16 8.19 -31.00
C LYS C 327 30.65 8.54 -32.39
N GLU C 328 30.16 7.56 -33.15
CA GLU C 328 29.66 7.87 -34.48
C GLU C 328 28.40 8.72 -34.42
N ARG C 329 27.47 8.37 -33.52
CA ARG C 329 26.24 9.14 -33.41
C ARG C 329 26.51 10.60 -33.08
N ILE C 330 27.70 10.90 -32.57
CA ILE C 330 28.14 12.28 -32.45
C ILE C 330 28.75 12.76 -33.75
N LEU C 331 29.73 12.00 -34.27
CA LEU C 331 30.37 12.38 -35.52
C LEU C 331 29.37 12.55 -36.64
N GLU C 332 28.41 11.62 -36.74
CA GLU C 332 27.36 11.78 -37.73
C GLU C 332 26.61 13.09 -37.52
N TYR C 333 26.37 13.46 -36.27
CA TYR C 333 25.59 14.66 -36.01
C TYR C 333 26.32 15.91 -36.50
N LEU C 334 27.63 15.97 -36.26
CA LEU C 334 28.40 17.12 -36.75
C LEU C 334 28.43 17.12 -38.28
N ALA C 335 28.74 15.97 -38.88
CA ALA C 335 28.79 15.88 -40.33
C ALA C 335 27.46 16.29 -40.96
N VAL C 336 26.35 16.09 -40.25
CA VAL C 336 25.07 16.55 -40.76
C VAL C 336 25.02 18.08 -40.74
N ARG C 337 25.26 18.67 -39.58
CA ARG C 337 25.10 20.10 -39.46
C ARG C 337 26.18 20.86 -40.22
N GLN C 338 27.42 20.34 -40.21
CA GLN C 338 28.45 20.95 -41.04
C GLN C 338 27.99 21.07 -42.48
N LEU C 339 27.28 20.06 -42.98
CA LEU C 339 26.73 20.09 -44.32
C LEU C 339 25.66 21.16 -44.48
N THR C 340 25.19 21.77 -43.39
CA THR C 340 24.13 22.76 -43.45
C THR C 340 24.69 24.12 -43.05
N GLN C 341 24.47 25.11 -43.91
CA GLN C 341 24.86 26.49 -43.62
C GLN C 341 23.80 27.42 -44.16
N GLY C 342 23.70 28.59 -43.54
CA GLY C 342 22.72 29.58 -43.94
C GLY C 342 21.33 29.27 -43.45
N LEU C 343 20.71 28.23 -43.98
CA LEU C 343 19.38 27.80 -43.60
C LEU C 343 19.46 26.45 -42.91
N ASP C 344 18.71 26.30 -41.82
CA ASP C 344 18.54 25.04 -41.12
C ASP C 344 19.89 24.51 -40.60
N VAL C 345 20.47 25.26 -39.68
CA VAL C 345 21.74 24.88 -39.04
C VAL C 345 21.51 24.25 -37.68
N ARG C 346 20.67 24.86 -36.84
CA ARG C 346 20.30 24.32 -35.54
C ARG C 346 18.79 24.05 -35.56
N ASN C 347 18.41 22.89 -36.09
CA ASN C 347 16.99 22.53 -36.10
C ASN C 347 16.62 21.77 -34.83
N LYS C 348 17.23 20.61 -34.63
CA LYS C 348 16.93 19.76 -33.48
C LYS C 348 18.22 19.10 -33.04
N ALA C 349 18.25 18.69 -31.78
CA ALA C 349 19.35 17.90 -31.25
C ALA C 349 18.81 16.52 -30.89
N PRO C 350 19.39 15.44 -31.38
CA PRO C 350 18.78 14.12 -31.15
C PRO C 350 18.88 13.74 -29.69
N ILE C 351 17.74 13.38 -29.11
CA ILE C 351 17.68 12.99 -27.71
C ILE C 351 18.11 11.54 -27.61
N LEU C 352 19.34 11.32 -27.16
CA LEU C 352 19.85 9.96 -27.00
C LEU C 352 19.57 9.45 -25.60
N VAL C 353 19.35 8.14 -25.51
CA VAL C 353 19.34 7.43 -24.25
C VAL C 353 20.40 6.34 -24.34
N LEU C 354 21.22 6.24 -23.30
CA LEU C 354 22.30 5.26 -23.25
C LEU C 354 21.94 4.24 -22.18
N VAL C 355 21.79 2.99 -22.59
CA VAL C 355 21.40 1.92 -21.69
C VAL C 355 22.53 0.91 -21.63
N GLY C 356 22.82 0.41 -20.43
CA GLY C 356 23.88 -0.54 -20.24
C GLY C 356 24.06 -0.94 -18.79
N PRO C 357 24.87 -1.96 -18.56
CA PRO C 357 25.04 -2.45 -17.20
C PRO C 357 25.80 -1.46 -16.35
N PRO C 358 25.49 -1.38 -15.07
CA PRO C 358 26.22 -0.45 -14.19
C PRO C 358 27.63 -0.91 -13.94
N GLY C 359 28.60 -0.13 -14.41
CA GLY C 359 29.99 -0.49 -14.31
C GLY C 359 30.73 -0.06 -15.55
N VAL C 360 29.98 0.14 -16.61
CA VAL C 360 30.49 0.79 -17.81
C VAL C 360 30.47 2.29 -17.55
N GLY C 361 31.15 3.07 -18.39
CA GLY C 361 31.09 4.50 -18.24
C GLY C 361 30.06 5.16 -19.10
N LYS C 362 28.89 5.48 -18.53
CA LYS C 362 27.85 6.22 -19.24
C LYS C 362 27.83 7.68 -18.81
N THR C 363 27.67 7.93 -17.51
CA THR C 363 27.67 9.28 -16.97
C THR C 363 28.99 9.99 -17.23
N SER C 364 29.99 9.30 -17.73
CA SER C 364 31.24 9.93 -18.12
C SER C 364 31.23 10.43 -19.56
N LEU C 365 30.23 10.02 -20.36
CA LEU C 365 30.15 10.51 -21.73
C LEU C 365 29.85 12.01 -21.75
N GLY C 366 28.77 12.41 -21.08
CA GLY C 366 28.39 13.82 -21.08
C GLY C 366 29.51 14.73 -20.60
N ARG C 367 30.22 14.31 -19.56
CA ARG C 367 31.36 15.08 -19.09
C ARG C 367 32.41 15.23 -20.17
N SER C 368 32.50 14.25 -21.08
CA SER C 368 33.49 14.29 -22.14
C SER C 368 32.95 14.89 -23.42
N ILE C 369 31.75 14.46 -23.84
CA ILE C 369 31.19 14.95 -25.09
C ILE C 369 31.14 16.47 -25.11
N ALA C 370 30.91 17.08 -23.95
CA ALA C 370 30.88 18.53 -23.86
C ALA C 370 32.16 19.15 -24.41
N ARG C 371 33.30 18.77 -23.83
CA ARG C 371 34.57 19.30 -24.32
C ARG C 371 34.77 18.97 -25.79
N SER C 372 34.37 17.77 -26.20
CA SER C 372 34.51 17.36 -27.59
C SER C 372 33.80 18.35 -28.50
N MET C 373 32.49 18.48 -28.34
CA MET C 373 31.69 19.37 -29.15
C MET C 373 31.81 20.82 -28.73
N ASN C 374 32.58 21.10 -27.68
CA ASN C 374 32.77 22.45 -27.17
C ASN C 374 31.43 23.14 -26.91
N ARG C 375 30.65 22.53 -26.04
CA ARG C 375 29.38 23.09 -25.62
C ARG C 375 29.32 23.11 -24.10
N LYS C 376 28.47 23.96 -23.56
CA LYS C 376 28.27 23.98 -22.12
C LYS C 376 27.61 22.68 -21.67
N PHE C 377 27.64 22.44 -20.37
CA PHE C 377 27.21 21.16 -19.84
C PHE C 377 26.83 21.32 -18.39
N HIS C 378 25.72 20.70 -18.00
CA HIS C 378 25.28 20.77 -16.64
C HIS C 378 24.40 19.60 -16.32
N ARG C 379 24.89 18.53 -15.73
CA ARG C 379 24.04 17.36 -15.51
C ARG C 379 22.94 17.58 -14.54
N ILE C 380 21.84 16.90 -14.72
CA ILE C 380 20.69 17.03 -13.84
C ILE C 380 20.50 15.79 -13.04
N SER C 381 20.55 15.91 -11.74
CA SER C 381 20.52 14.73 -10.89
C SER C 381 19.08 14.24 -10.76
N LEU C 382 18.70 13.29 -11.62
CA LEU C 382 17.34 12.77 -11.65
C LEU C 382 17.29 11.33 -11.12
N GLY C 383 18.11 11.04 -10.14
CA GLY C 383 18.02 9.75 -9.48
C GLY C 383 17.12 9.82 -8.27
N GLY C 384 15.87 9.44 -8.44
CA GLY C 384 14.94 9.41 -7.33
C GLY C 384 13.97 10.58 -7.25
N VAL C 385 13.96 11.46 -8.24
CA VAL C 385 13.01 12.56 -8.23
C VAL C 385 11.59 12.02 -8.28
N ARG C 386 10.77 12.43 -7.31
CA ARG C 386 9.41 11.91 -7.18
C ARG C 386 8.44 13.04 -6.88
N ASP C 387 8.51 14.11 -7.66
CA ASP C 387 7.63 15.25 -7.46
C ASP C 387 7.59 16.09 -8.72
N GLU C 388 6.39 16.32 -9.25
CA GLU C 388 6.25 17.02 -10.53
C GLU C 388 6.46 18.50 -10.29
N ALA C 389 7.56 18.84 -9.71
CA ALA C 389 7.93 20.23 -9.51
C ALA C 389 9.33 20.53 -9.98
N GLU C 390 10.25 19.58 -9.79
CA GLU C 390 11.62 19.79 -10.25
C GLU C 390 11.69 19.98 -11.75
N ILE C 391 10.71 19.49 -12.49
CA ILE C 391 10.62 19.78 -13.91
C ILE C 391 10.01 21.15 -14.13
N ARG C 392 8.84 21.39 -13.55
CA ARG C 392 8.16 22.68 -13.64
C ARG C 392 7.88 23.18 -12.24
N GLY C 393 8.59 24.22 -11.82
CA GLY C 393 8.42 24.74 -10.48
C GLY C 393 7.00 25.18 -10.22
N HIS C 394 6.68 25.33 -8.94
CA HIS C 394 5.34 25.72 -8.56
C HIS C 394 5.04 27.13 -9.06
N ARG C 395 3.76 27.41 -9.28
CA ARG C 395 3.35 28.68 -9.87
C ARG C 395 3.88 29.86 -9.07
N ARG C 396 4.22 30.94 -9.78
CA ARG C 396 4.84 32.09 -9.15
C ARG C 396 4.00 32.70 -8.04
N THR C 397 2.74 32.29 -7.89
CA THR C 397 1.92 32.83 -6.81
C THR C 397 2.26 32.20 -5.46
N TYR C 398 2.88 31.03 -5.45
CA TYR C 398 3.23 30.40 -4.19
C TYR C 398 4.38 31.18 -3.53
N ILE C 399 4.79 30.71 -2.35
CA ILE C 399 5.74 31.50 -1.57
C ILE C 399 7.17 31.23 -2.01
N GLY C 400 7.48 30.03 -2.47
CA GLY C 400 8.84 29.74 -2.91
C GLY C 400 9.10 30.28 -4.30
N ALA C 401 8.32 29.82 -5.27
CA ALA C 401 8.32 30.36 -6.63
C ALA C 401 9.72 30.28 -7.25
N MET C 402 10.15 29.05 -7.47
CA MET C 402 11.40 28.81 -8.17
C MET C 402 11.12 27.88 -9.34
N PRO C 403 11.62 28.20 -10.53
CA PRO C 403 11.34 27.37 -11.70
C PRO C 403 11.90 25.96 -11.51
N GLY C 404 11.53 25.09 -12.44
CA GLY C 404 12.00 23.72 -12.40
C GLY C 404 13.49 23.63 -12.66
N LYS C 405 14.06 22.47 -12.28
CA LYS C 405 15.49 22.25 -12.50
C LYS C 405 15.86 22.47 -13.94
N LEU C 406 14.98 22.07 -14.86
CA LEU C 406 15.29 22.18 -16.28
C LEU C 406 15.42 23.63 -16.73
N ILE C 407 14.95 24.60 -15.96
CA ILE C 407 15.21 25.99 -16.24
C ILE C 407 16.44 26.49 -15.50
N HIS C 408 16.60 26.08 -14.24
CA HIS C 408 17.86 26.30 -13.55
C HIS C 408 19.04 25.92 -14.43
N ALA C 409 18.99 24.70 -14.96
CA ALA C 409 20.00 24.24 -15.90
C ALA C 409 20.22 25.26 -16.99
N MET C 410 19.13 25.70 -17.63
CA MET C 410 19.27 26.68 -18.70
C MET C 410 19.86 27.98 -18.18
N LYS C 411 19.75 28.24 -16.88
CA LYS C 411 20.33 29.47 -16.34
C LYS C 411 21.81 29.29 -16.03
N GLN C 412 22.18 28.18 -15.39
CA GLN C 412 23.59 27.92 -15.08
C GLN C 412 24.43 28.03 -16.34
N VAL C 413 24.15 27.20 -17.33
CA VAL C 413 24.76 27.37 -18.63
C VAL C 413 24.26 28.68 -19.23
N GLY C 414 25.09 29.30 -20.05
CA GLY C 414 24.72 30.59 -20.59
C GLY C 414 24.16 30.51 -21.99
N VAL C 415 24.36 29.38 -22.65
CA VAL C 415 24.02 29.24 -24.05
C VAL C 415 22.67 28.55 -24.18
N ILE C 416 22.08 28.62 -25.36
CA ILE C 416 20.77 28.03 -25.57
C ILE C 416 20.86 26.55 -25.89
N ASN C 417 22.03 26.05 -26.28
CA ASN C 417 22.19 24.67 -26.72
C ASN C 417 23.28 23.96 -25.91
N PRO C 418 22.99 23.65 -24.65
CA PRO C 418 23.93 22.87 -23.86
C PRO C 418 23.64 21.38 -23.97
N VAL C 419 24.64 20.57 -23.67
CA VAL C 419 24.48 19.12 -23.69
C VAL C 419 24.01 18.70 -22.29
N ILE C 420 22.72 18.88 -22.06
CA ILE C 420 22.18 18.59 -20.74
C ILE C 420 22.12 17.09 -20.53
N LEU C 421 22.63 16.64 -19.38
CA LEU C 421 22.66 15.23 -19.05
C LEU C 421 21.58 14.91 -18.03
N LEU C 422 20.93 13.76 -18.20
CA LEU C 422 19.91 13.28 -17.27
C LEU C 422 20.39 11.96 -16.69
N ASP C 423 20.56 11.91 -15.38
CA ASP C 423 21.12 10.74 -14.71
C ASP C 423 20.02 9.77 -14.33
N GLU C 424 20.11 8.54 -14.82
CA GLU C 424 19.24 7.44 -14.40
C GLU C 424 17.77 7.81 -14.56
N ILE C 425 17.43 7.98 -15.82
CA ILE C 425 16.15 8.46 -16.22
C ILE C 425 15.09 7.49 -15.86
N ASP C 426 15.44 6.29 -15.45
CA ASP C 426 14.41 5.37 -15.12
C ASP C 426 14.21 5.18 -13.64
N LYS C 427 14.68 6.10 -12.83
CA LYS C 427 14.42 5.94 -11.42
C LYS C 427 13.24 6.74 -10.98
N MET C 428 12.60 7.40 -11.90
CA MET C 428 11.45 8.18 -11.54
C MET C 428 10.25 7.27 -11.34
N SER C 429 9.27 7.69 -10.52
CA SER C 429 8.11 6.87 -10.23
C SER C 429 6.86 7.43 -10.90
N SER C 430 5.85 6.56 -11.01
CA SER C 430 4.51 6.95 -11.42
C SER C 430 3.58 6.41 -10.33
N ASP C 431 3.42 7.20 -9.27
CA ASP C 431 2.63 6.81 -8.12
C ASP C 431 2.09 8.08 -7.48
N TRP C 432 1.63 7.95 -6.23
CA TRP C 432 1.30 9.12 -5.43
C TRP C 432 2.55 9.96 -5.22
N ARG C 433 2.34 11.20 -4.77
CA ARG C 433 3.39 12.21 -4.70
C ARG C 433 3.98 12.47 -6.09
N GLY C 434 3.11 12.95 -6.99
CA GLY C 434 3.52 13.31 -8.33
C GLY C 434 4.04 12.16 -9.17
N ASP C 435 4.38 12.44 -10.42
CA ASP C 435 4.98 11.45 -11.31
C ASP C 435 5.78 12.19 -12.38
N PRO C 436 6.93 12.74 -12.03
CA PRO C 436 7.68 13.58 -12.98
C PRO C 436 7.97 12.88 -14.28
N ALA C 437 8.17 11.56 -14.27
CA ALA C 437 8.40 10.83 -15.51
C ALA C 437 7.32 11.11 -16.55
N SER C 438 6.15 11.58 -16.11
CA SER C 438 5.14 12.01 -17.05
C SER C 438 5.36 13.44 -17.52
N ALA C 439 5.93 14.29 -16.68
CA ALA C 439 6.22 15.65 -17.10
C ALA C 439 7.24 15.67 -18.23
N MET C 440 8.20 14.74 -18.19
CA MET C 440 9.20 14.67 -19.24
C MET C 440 8.56 14.57 -20.61
N LEU C 441 7.41 13.89 -20.71
CA LEU C 441 6.73 13.74 -21.98
C LEU C 441 6.55 15.09 -22.68
N GLU C 442 6.45 16.17 -21.92
CA GLU C 442 6.42 17.49 -22.53
C GLU C 442 7.81 17.95 -22.92
N VAL C 443 8.83 17.49 -22.22
CA VAL C 443 10.19 17.99 -22.46
C VAL C 443 10.78 17.35 -23.71
N LEU C 444 10.93 16.04 -23.69
CA LEU C 444 11.69 15.35 -24.72
C LEU C 444 10.94 15.20 -26.04
N ASP C 445 9.70 15.66 -26.13
CA ASP C 445 8.93 15.54 -27.36
C ASP C 445 9.57 16.40 -28.43
N PRO C 446 10.27 15.80 -29.40
CA PRO C 446 11.06 16.59 -30.34
C PRO C 446 10.25 17.58 -31.14
N GLU C 447 9.27 17.11 -31.89
CA GLU C 447 8.54 18.03 -32.75
C GLU C 447 7.61 18.93 -32.00
N GLN C 448 7.60 18.86 -30.67
CA GLN C 448 6.81 19.80 -29.88
C GLN C 448 7.61 20.31 -28.68
N ASN C 449 8.93 20.27 -28.76
CA ASN C 449 9.76 20.71 -27.65
C ASN C 449 9.76 22.22 -27.50
N ASN C 450 9.77 22.94 -28.62
CA ASN C 450 10.01 24.38 -28.62
C ASN C 450 8.93 25.18 -27.90
N THR C 451 7.92 24.54 -27.35
CA THR C 451 6.84 25.25 -26.66
C THR C 451 6.73 24.77 -25.22
N PHE C 452 7.86 24.53 -24.59
CA PHE C 452 7.86 24.13 -23.19
C PHE C 452 7.42 25.30 -22.33
N THR C 453 6.46 25.04 -21.44
CA THR C 453 5.87 26.07 -20.60
C THR C 453 5.98 25.63 -19.14
N ASP C 454 7.03 26.06 -18.46
CA ASP C 454 7.12 25.85 -17.03
C ASP C 454 5.97 26.55 -16.33
N HIS C 455 5.78 26.23 -15.05
CA HIS C 455 4.72 26.88 -14.31
C HIS C 455 5.16 28.16 -13.61
N TYR C 456 6.44 28.30 -13.31
CA TYR C 456 6.90 29.54 -12.71
C TYR C 456 6.68 30.69 -13.68
N LEU C 457 7.39 30.67 -14.80
CA LEU C 457 7.06 31.60 -15.87
C LEU C 457 5.73 31.21 -16.49
N ASP C 458 5.21 32.08 -17.35
CA ASP C 458 4.01 31.77 -18.11
C ASP C 458 4.26 31.95 -19.59
N VAL C 459 5.51 31.77 -20.00
CA VAL C 459 5.90 32.03 -21.39
C VAL C 459 6.46 30.75 -22.00
N PRO C 460 6.25 30.52 -23.27
CA PRO C 460 6.77 29.30 -23.91
C PRO C 460 8.26 29.41 -24.17
N TYR C 461 9.05 28.65 -23.43
CA TYR C 461 10.48 28.60 -23.68
C TYR C 461 10.77 27.61 -24.80
N ASP C 462 11.98 27.73 -25.36
CA ASP C 462 12.39 26.95 -26.52
C ASP C 462 13.50 26.01 -26.12
N LEU C 463 13.27 24.71 -26.32
CA LEU C 463 14.28 23.68 -26.10
C LEU C 463 14.48 22.85 -27.37
N SER C 464 14.21 23.43 -28.54
CA SER C 464 14.44 22.68 -29.77
C SER C 464 15.91 22.45 -29.99
N LYS C 465 16.76 23.38 -29.59
CA LYS C 465 18.20 23.27 -29.76
C LYS C 465 18.81 23.05 -28.38
N VAL C 466 18.84 21.79 -27.96
CA VAL C 466 19.50 21.37 -26.73
C VAL C 466 19.76 19.87 -26.79
N PHE C 467 20.99 19.47 -26.45
CA PHE C 467 21.45 18.10 -26.70
C PHE C 467 21.18 17.26 -25.47
N PHE C 468 20.01 16.62 -25.45
CA PHE C 468 19.60 15.82 -24.30
C PHE C 468 20.25 14.44 -24.36
N ILE C 469 21.12 14.15 -23.39
CA ILE C 469 21.71 12.83 -23.25
C ILE C 469 21.08 12.16 -22.03
N THR C 470 20.83 10.86 -22.15
CA THR C 470 20.07 10.15 -21.13
C THR C 470 20.72 8.81 -20.83
N THR C 471 20.84 8.49 -19.54
CA THR C 471 21.40 7.24 -19.08
C THR C 471 20.36 6.46 -18.30
N ALA C 472 20.39 5.14 -18.43
CA ALA C 472 19.49 4.27 -17.70
C ALA C 472 20.06 2.86 -17.73
N ASN C 473 20.31 2.28 -16.56
CA ASN C 473 20.99 0.99 -16.53
C ASN C 473 20.15 -0.09 -17.21
N THR C 474 18.83 -0.02 -17.07
CA THR C 474 17.93 -0.92 -17.76
C THR C 474 16.83 -0.11 -18.43
N LEU C 475 16.01 -0.80 -19.23
CA LEU C 475 14.94 -0.11 -19.93
C LEU C 475 13.61 -0.84 -19.85
N GLN C 476 13.48 -1.80 -18.94
CA GLN C 476 12.19 -2.43 -18.71
C GLN C 476 11.35 -1.68 -17.69
N THR C 477 11.80 -0.50 -17.26
CA THR C 477 11.07 0.29 -16.27
C THR C 477 10.88 1.74 -16.73
N ILE C 478 10.97 1.99 -18.02
CA ILE C 478 10.75 3.32 -18.57
C ILE C 478 9.33 3.37 -19.12
N PRO C 479 8.54 4.40 -18.82
CA PRO C 479 7.18 4.48 -19.36
C PRO C 479 7.19 4.45 -20.87
N ARG C 480 6.43 3.50 -21.43
CA ARG C 480 6.35 3.22 -22.87
C ARG C 480 6.33 4.48 -23.73
N PRO C 481 5.59 5.52 -23.37
CA PRO C 481 5.69 6.77 -24.16
C PRO C 481 7.09 7.34 -24.20
N LEU C 482 7.76 7.45 -23.05
CA LEU C 482 9.10 8.02 -23.02
C LEU C 482 10.04 7.28 -23.97
N LEU C 483 10.15 5.97 -23.79
CA LEU C 483 11.05 5.16 -24.60
C LEU C 483 10.80 5.31 -26.10
N ASP C 484 9.63 5.81 -26.49
CA ASP C 484 9.35 6.08 -27.89
C ASP C 484 9.58 7.53 -28.27
N ARG C 485 10.16 8.31 -27.37
CA ARG C 485 10.64 9.65 -27.71
C ARG C 485 12.14 9.69 -27.88
N MET C 486 12.88 9.00 -27.01
CA MET C 486 14.32 9.02 -27.02
C MET C 486 14.84 8.14 -28.16
N GLU C 487 16.15 7.95 -28.21
CA GLU C 487 16.79 7.08 -29.20
C GLU C 487 17.69 6.11 -28.45
N VAL C 488 17.42 4.82 -28.59
CA VAL C 488 18.12 3.81 -27.81
C VAL C 488 19.52 3.63 -28.38
N ILE C 489 20.51 3.58 -27.49
CA ILE C 489 21.90 3.33 -27.85
C ILE C 489 22.44 2.29 -26.88
N GLU C 490 22.76 1.11 -27.39
CA GLU C 490 23.15 -0.01 -26.55
C GLU C 490 24.60 0.17 -26.10
N ILE C 491 24.79 0.54 -24.85
CA ILE C 491 26.11 0.47 -24.24
C ILE C 491 26.33 -0.99 -23.84
N PRO C 492 27.13 -1.75 -24.58
CA PRO C 492 27.14 -3.20 -24.39
C PRO C 492 27.62 -3.66 -23.03
N GLY C 493 28.84 -3.27 -22.68
CA GLY C 493 29.57 -3.94 -21.63
C GLY C 493 30.86 -4.45 -22.24
N TYR C 494 31.90 -4.62 -21.44
CA TYR C 494 33.24 -4.82 -21.99
C TYR C 494 33.68 -6.26 -21.83
N THR C 495 34.31 -6.77 -22.88
CA THR C 495 35.00 -8.05 -22.82
C THR C 495 36.38 -7.87 -22.21
N ASN C 496 36.99 -8.98 -21.83
CA ASN C 496 38.31 -8.94 -21.22
C ASN C 496 39.32 -8.24 -22.12
N MET C 497 39.32 -8.60 -23.41
CA MET C 497 40.24 -7.98 -24.35
C MET C 497 40.05 -6.47 -24.39
N GLU C 498 38.80 -6.01 -24.38
CA GLU C 498 38.59 -4.57 -24.28
C GLU C 498 38.81 -4.07 -22.86
N LYS C 499 38.37 -4.82 -21.85
CA LYS C 499 38.69 -4.45 -20.48
C LYS C 499 40.19 -4.31 -20.29
N GLN C 500 40.92 -5.14 -20.99
CA GLN C 500 42.33 -5.11 -20.83
C GLN C 500 42.86 -3.79 -21.27
N ALA C 501 42.41 -3.35 -22.43
CA ALA C 501 42.91 -2.12 -23.00
C ALA C 501 42.59 -0.95 -22.14
N ILE C 502 41.40 -0.92 -21.59
CA ILE C 502 41.03 0.19 -20.76
C ILE C 502 41.93 0.28 -19.57
N ALA C 503 42.23 -0.83 -18.93
CA ALA C 503 43.12 -0.73 -17.80
C ALA C 503 44.47 -0.28 -18.28
N ARG C 504 44.94 -0.89 -19.35
CA ARG C 504 46.26 -0.57 -19.86
C ARG C 504 46.40 0.85 -20.32
N GLN C 505 45.43 1.33 -21.07
CA GLN C 505 45.50 2.70 -21.56
C GLN C 505 45.14 3.70 -20.46
N TYR C 506 43.91 3.62 -19.95
CA TYR C 506 43.36 4.67 -19.12
C TYR C 506 43.36 4.33 -17.63
N LEU C 507 42.80 3.18 -17.25
CA LEU C 507 42.54 2.93 -15.84
C LEU C 507 43.82 2.83 -15.03
N TRP C 508 44.79 2.05 -15.50
CA TRP C 508 46.01 1.87 -14.71
C TRP C 508 46.79 3.17 -14.54
N PRO C 509 47.16 3.90 -15.60
CA PRO C 509 47.93 5.13 -15.39
C PRO C 509 47.16 6.19 -14.63
N LYS C 510 45.83 6.27 -14.81
CA LYS C 510 45.05 7.26 -14.08
C LYS C 510 45.21 7.10 -12.58
N GLN C 511 45.27 5.85 -12.11
CA GLN C 511 45.50 5.62 -10.68
C GLN C 511 46.91 6.01 -10.28
N VAL C 512 47.91 5.53 -11.02
CA VAL C 512 49.30 5.78 -10.66
C VAL C 512 49.56 7.28 -10.61
N ARG C 513 49.13 8.00 -11.65
CA ARG C 513 49.30 9.45 -11.68
C ARG C 513 48.61 10.14 -10.51
N GLU C 514 47.71 9.45 -9.80
CA GLU C 514 47.05 9.98 -8.63
C GLU C 514 47.41 9.23 -7.37
N SER C 515 48.55 8.54 -7.36
CA SER C 515 49.03 7.87 -6.16
C SER C 515 50.52 8.07 -6.00
N GLY C 516 50.99 9.29 -6.23
CA GLY C 516 52.38 9.64 -5.97
C GLY C 516 53.37 9.08 -6.97
N MET C 517 53.26 7.79 -7.25
CA MET C 517 54.18 7.17 -8.20
C MET C 517 54.04 7.81 -9.58
N GLU C 518 55.14 8.30 -10.11
CA GLU C 518 55.17 8.80 -11.48
C GLU C 518 55.58 7.72 -12.47
N GLY C 519 55.61 6.47 -12.03
CA GLY C 519 56.05 5.39 -12.89
C GLY C 519 57.05 4.49 -12.18
N ARG C 520 57.28 4.77 -10.90
CA ARG C 520 58.17 3.94 -10.10
C ARG C 520 57.59 2.57 -9.79
N ILE C 521 56.40 2.27 -10.30
CA ILE C 521 55.77 0.97 -10.15
C ILE C 521 54.98 0.69 -11.42
N GLU C 522 54.88 -0.57 -11.79
CA GLU C 522 54.23 -0.91 -13.04
C GLU C 522 53.69 -2.33 -12.97
N VAL C 523 52.57 -2.54 -13.64
CA VAL C 523 51.94 -3.85 -13.74
C VAL C 523 52.18 -4.40 -15.14
N THR C 524 52.12 -5.71 -15.26
CA THR C 524 52.38 -6.40 -16.53
C THR C 524 51.08 -6.86 -17.16
N ASP C 525 51.04 -6.77 -18.49
CA ASP C 525 49.84 -7.14 -19.24
C ASP C 525 49.36 -8.54 -18.87
N ALA C 526 50.28 -9.50 -18.79
CA ALA C 526 49.90 -10.87 -18.46
C ALA C 526 49.26 -10.96 -17.08
N ALA C 527 49.67 -10.09 -16.15
CA ALA C 527 49.08 -10.09 -14.83
C ALA C 527 47.74 -9.38 -14.79
N ILE C 528 47.45 -8.53 -15.78
CA ILE C 528 46.19 -7.79 -15.78
C ILE C 528 45.01 -8.75 -15.78
N LEU C 529 45.11 -9.83 -16.54
CA LEU C 529 44.00 -10.77 -16.63
C LEU C 529 43.62 -11.33 -15.28
N ARG C 530 44.62 -11.60 -14.43
CA ARG C 530 44.33 -12.16 -13.12
C ARG C 530 43.38 -11.27 -12.34
N VAL C 531 43.69 -9.97 -12.26
CA VAL C 531 42.78 -9.03 -11.62
C VAL C 531 41.44 -9.05 -12.32
N ILE C 532 41.45 -9.18 -13.65
CA ILE C 532 40.19 -9.21 -14.39
C ILE C 532 39.45 -10.51 -14.11
N SER C 533 40.18 -11.63 -14.13
CA SER C 533 39.52 -12.94 -14.01
C SER C 533 39.21 -13.28 -12.57
N GLU C 534 40.18 -13.14 -11.67
CA GLU C 534 40.06 -13.68 -10.32
C GLU C 534 39.54 -12.67 -9.31
N TYR C 535 39.28 -11.43 -9.71
CA TYR C 535 38.84 -10.43 -8.75
C TYR C 535 37.73 -9.53 -9.24
N THR C 536 37.21 -9.72 -10.44
CA THR C 536 36.18 -8.84 -10.98
C THR C 536 35.13 -9.67 -11.67
N ARG C 537 33.88 -9.50 -11.25
CA ARG C 537 32.75 -10.14 -11.92
C ARG C 537 31.85 -9.15 -12.64
N GLU C 538 31.67 -7.96 -12.07
CA GLU C 538 30.78 -6.96 -12.64
C GLU C 538 31.12 -6.68 -14.09
N ALA C 539 30.10 -6.29 -14.86
CA ALA C 539 30.31 -5.82 -16.22
C ALA C 539 30.79 -4.38 -16.17
N GLY C 540 31.71 -4.05 -17.06
CA GLY C 540 32.33 -2.75 -16.99
C GLY C 540 33.56 -2.78 -16.10
N VAL C 541 34.02 -1.59 -15.71
CA VAL C 541 35.29 -1.46 -15.02
C VAL C 541 35.22 -0.60 -13.77
N ARG C 542 34.06 -0.22 -13.31
CA ARG C 542 34.12 0.54 -12.10
C ARG C 542 34.72 -0.42 -11.12
N GLY C 543 34.20 -1.62 -11.10
CA GLY C 543 34.71 -2.62 -10.18
C GLY C 543 36.05 -3.20 -10.57
N LEU C 544 36.74 -2.61 -11.53
CA LEU C 544 38.09 -3.04 -11.89
C LEU C 544 39.16 -2.08 -11.38
N GLU C 545 38.90 -0.78 -11.43
CA GLU C 545 39.92 0.17 -11.04
C GLU C 545 40.24 0.07 -9.56
N ARG C 546 39.24 -0.21 -8.74
CA ARG C 546 39.55 -0.20 -7.31
C ARG C 546 40.34 -1.39 -6.86
N GLU C 547 40.71 -2.31 -7.74
CA GLU C 547 41.77 -3.25 -7.41
C GLU C 547 43.13 -2.65 -7.73
N LEU C 548 43.23 -1.90 -8.83
CA LEU C 548 44.45 -1.17 -9.09
C LEU C 548 44.73 -0.17 -7.98
N GLY C 549 43.68 0.39 -7.39
CA GLY C 549 43.86 1.28 -6.25
C GLY C 549 44.60 0.61 -5.12
N LYS C 550 44.18 -0.61 -4.77
CA LYS C 550 44.94 -1.40 -3.80
C LYS C 550 46.38 -1.59 -4.27
N ILE C 551 46.54 -2.01 -5.52
CA ILE C 551 47.88 -2.17 -6.09
C ILE C 551 48.66 -0.88 -5.96
N ALA C 552 48.05 0.24 -6.34
CA ALA C 552 48.71 1.53 -6.21
C ALA C 552 49.00 1.84 -4.75
N ARG C 553 47.97 1.77 -3.91
CA ARG C 553 48.15 2.15 -2.51
C ARG C 553 49.17 1.26 -1.82
N LYS C 554 49.06 -0.06 -1.99
CA LYS C 554 50.05 -0.95 -1.39
C LYS C 554 51.46 -0.61 -1.86
N GLY C 555 51.58 -0.06 -3.07
CA GLY C 555 52.87 0.41 -3.52
C GLY C 555 53.43 1.50 -2.63
N ALA C 556 52.56 2.39 -2.13
CA ALA C 556 53.01 3.47 -1.26
C ALA C 556 53.66 2.92 0.00
N LYS C 557 52.94 2.07 0.73
CA LYS C 557 53.48 1.45 1.93
C LYS C 557 54.84 0.81 1.66
N PHE C 558 54.90 -0.07 0.66
CA PHE C 558 56.16 -0.73 0.32
C PHE C 558 57.21 0.29 -0.08
N TRP C 559 56.80 1.42 -0.66
CA TRP C 559 57.75 2.47 -0.98
C TRP C 559 58.02 3.38 0.21
N LEU C 560 56.99 3.74 0.96
CA LEU C 560 57.19 4.68 2.06
C LEU C 560 58.06 4.08 3.15
N GLU C 561 57.99 2.77 3.35
CA GLU C 561 58.93 2.13 4.27
C GLU C 561 60.34 2.17 3.70
N GLY C 562 60.49 2.00 2.40
CA GLY C 562 61.78 2.02 1.77
C GLY C 562 61.66 2.00 0.25
N ALA C 563 62.36 2.93 -0.41
CA ALA C 563 62.26 3.04 -1.86
C ALA C 563 63.05 1.93 -2.54
N TRP C 564 63.00 1.92 -3.86
CA TRP C 564 63.76 0.96 -4.66
C TRP C 564 64.25 1.64 -5.93
N GLU C 565 65.11 0.93 -6.65
CA GLU C 565 65.75 1.47 -7.84
C GLU C 565 64.76 1.38 -9.01
N GLY C 566 64.15 2.50 -9.34
CA GLY C 566 63.30 2.54 -10.52
C GLY C 566 61.95 1.89 -10.26
N LEU C 567 61.50 1.09 -11.23
CA LEU C 567 60.20 0.45 -11.17
C LEU C 567 60.34 -1.00 -10.72
N ARG C 568 59.24 -1.55 -10.23
CA ARG C 568 59.16 -2.94 -9.76
C ARG C 568 57.93 -3.55 -10.42
N THR C 569 58.12 -4.16 -11.58
CA THR C 569 57.02 -4.70 -12.36
C THR C 569 56.28 -5.80 -11.61
N ILE C 570 55.04 -5.54 -11.21
CA ILE C 570 54.20 -6.58 -10.63
C ILE C 570 53.78 -7.56 -11.71
N ASP C 571 53.97 -8.84 -11.44
CA ASP C 571 53.65 -9.89 -12.40
C ASP C 571 52.53 -10.76 -11.84
N ALA C 572 52.16 -11.77 -12.62
CA ALA C 572 51.01 -12.60 -12.26
C ALA C 572 51.20 -13.28 -10.91
N SER C 573 52.40 -13.72 -10.62
CA SER C 573 52.67 -14.40 -9.36
C SER C 573 52.74 -13.45 -8.18
N ASP C 574 52.39 -12.18 -8.34
CA ASP C 574 52.50 -11.20 -7.27
C ASP C 574 51.16 -10.71 -6.75
N ILE C 575 50.14 -10.68 -7.60
CA ILE C 575 48.86 -10.08 -7.21
C ILE C 575 48.29 -10.68 -5.93
N PRO C 576 48.27 -12.00 -5.73
CA PRO C 576 47.76 -12.53 -4.46
C PRO C 576 48.41 -11.91 -3.24
N THR C 577 49.64 -11.41 -3.36
CA THR C 577 50.27 -10.70 -2.25
C THR C 577 49.66 -9.33 -2.05
N TYR C 578 49.12 -8.73 -3.10
CA TYR C 578 48.49 -7.41 -3.01
C TYR C 578 47.00 -7.51 -2.75
N LEU C 579 46.28 -8.18 -3.66
CA LEU C 579 44.84 -8.27 -3.56
C LEU C 579 44.38 -9.39 -2.64
N GLY C 580 45.29 -10.15 -2.06
CA GLY C 580 44.87 -11.22 -1.19
C GLY C 580 44.35 -12.42 -1.96
N ILE C 581 43.51 -13.20 -1.28
CA ILE C 581 43.03 -14.45 -1.87
C ILE C 581 42.12 -14.13 -3.05
N PRO C 582 42.15 -14.90 -4.13
CA PRO C 582 41.20 -14.66 -5.22
C PRO C 582 39.76 -14.88 -4.77
N ARG C 583 38.93 -13.87 -4.99
CA ARG C 583 37.55 -13.91 -4.54
C ARG C 583 36.57 -14.35 -5.63
N TYR C 584 37.05 -14.70 -6.81
CA TYR C 584 36.18 -15.15 -7.88
C TYR C 584 36.91 -16.21 -8.69
N ARG C 585 36.54 -17.47 -8.50
CA ARG C 585 37.23 -18.54 -9.19
C ARG C 585 36.93 -18.50 -10.68
N PRO C 586 37.91 -18.81 -11.52
CA PRO C 586 37.62 -19.00 -12.94
C PRO C 586 36.90 -20.32 -13.16
N ASP C 587 35.83 -20.27 -13.94
CA ASP C 587 35.01 -21.44 -14.20
C ASP C 587 35.69 -22.32 -15.23
N LYS C 588 36.18 -23.47 -14.80
CA LYS C 588 36.80 -24.41 -15.72
C LYS C 588 35.75 -25.03 -16.64
N ALA C 589 36.19 -25.90 -17.54
CA ALA C 589 35.30 -26.53 -18.49
C ALA C 589 35.56 -28.02 -18.53
N GLU C 590 34.56 -28.79 -18.13
CA GLU C 590 34.66 -30.24 -18.21
C GLU C 590 34.42 -30.68 -19.65
N THR C 591 36.53 -33.25 -18.99
CA THR C 591 36.62 -32.97 -20.41
C THR C 591 36.20 -34.23 -21.17
N GLU C 592 35.58 -35.15 -20.44
CA GLU C 592 35.28 -36.46 -20.98
C GLU C 592 33.79 -36.62 -21.15
N PRO C 593 33.36 -37.44 -22.11
CA PRO C 593 31.93 -37.69 -22.29
C PRO C 593 31.33 -38.30 -21.03
N GLN C 594 30.40 -37.58 -20.41
CA GLN C 594 29.75 -38.05 -19.20
C GLN C 594 28.31 -38.44 -19.50
N VAL C 595 27.68 -39.14 -18.57
CA VAL C 595 26.34 -39.65 -18.76
C VAL C 595 25.35 -38.63 -18.20
N GLY C 596 24.29 -38.36 -18.95
CA GLY C 596 23.20 -37.55 -18.49
C GLY C 596 23.54 -36.12 -18.13
N THR C 597 24.70 -35.63 -18.54
CA THR C 597 25.09 -34.27 -18.22
C THR C 597 25.67 -33.61 -19.45
N ALA C 598 25.20 -32.40 -19.74
CA ALA C 598 25.61 -31.70 -20.94
C ALA C 598 25.97 -30.26 -20.60
N GLN C 599 26.73 -29.65 -21.49
CA GLN C 599 27.28 -28.31 -21.30
C GLN C 599 26.24 -27.30 -21.76
N GLY C 600 25.98 -26.29 -20.95
CA GLY C 600 25.01 -25.28 -21.32
C GLY C 600 25.53 -23.87 -21.15
N LEU C 601 25.05 -22.96 -21.98
CA LEU C 601 25.51 -21.57 -21.94
C LEU C 601 24.40 -20.68 -21.41
N ALA C 602 24.78 -19.72 -20.58
CA ALA C 602 23.83 -18.79 -20.00
C ALA C 602 24.50 -17.44 -19.85
N TRP C 603 23.72 -16.38 -20.07
CA TRP C 603 24.31 -15.06 -20.11
C TRP C 603 23.51 -14.10 -19.25
N THR C 604 24.22 -13.16 -18.66
CA THR C 604 23.64 -12.14 -17.81
C THR C 604 24.31 -10.82 -18.16
N PRO C 605 23.76 -9.69 -17.70
CA PRO C 605 24.48 -8.42 -17.87
C PRO C 605 25.91 -8.49 -17.37
N VAL C 606 26.18 -9.26 -16.32
CA VAL C 606 27.54 -9.50 -15.87
C VAL C 606 28.40 -9.99 -17.03
N GLY C 607 27.83 -10.78 -17.91
CA GLY C 607 28.57 -11.34 -19.01
C GLY C 607 28.15 -12.78 -19.25
N GLY C 608 29.00 -13.49 -19.96
CA GLY C 608 28.78 -14.89 -20.23
C GLY C 608 29.12 -15.75 -19.03
N THR C 609 28.48 -16.90 -18.95
CA THR C 609 28.70 -17.82 -17.85
C THR C 609 28.40 -19.24 -18.31
N LEU C 610 29.29 -20.16 -18.00
CA LEU C 610 29.10 -21.56 -18.36
C LEU C 610 28.18 -22.23 -17.35
N LEU C 611 27.41 -23.20 -17.84
CA LEU C 611 26.52 -23.96 -16.97
C LEU C 611 26.50 -25.41 -17.41
N THR C 612 26.66 -26.32 -16.46
CA THR C 612 26.59 -27.74 -16.72
C THR C 612 25.26 -28.27 -16.21
N ILE C 613 24.33 -28.51 -17.13
CA ILE C 613 23.02 -29.03 -16.78
C ILE C 613 23.16 -30.51 -16.46
N GLU C 614 22.65 -30.90 -15.29
CA GLU C 614 22.82 -32.26 -14.78
C GLU C 614 21.48 -32.95 -14.72
N VAL C 615 21.42 -34.17 -15.24
CA VAL C 615 20.22 -34.98 -15.19
C VAL C 615 20.60 -36.35 -14.66
N ALA C 616 19.70 -36.95 -13.91
CA ALA C 616 19.87 -38.33 -13.44
C ALA C 616 18.51 -39.00 -13.40
N ALA C 617 18.44 -40.20 -13.95
CA ALA C 617 17.19 -40.95 -14.05
C ALA C 617 17.26 -42.14 -13.12
N VAL C 618 16.27 -42.29 -12.25
CA VAL C 618 16.27 -43.34 -11.26
C VAL C 618 15.01 -44.19 -11.41
N PRO C 619 15.08 -45.48 -11.15
CA PRO C 619 13.90 -46.33 -11.34
C PRO C 619 12.80 -46.00 -10.36
N GLY C 620 11.60 -45.75 -10.90
CA GLY C 620 10.45 -45.43 -10.07
C GLY C 620 9.24 -45.21 -10.92
N SER C 621 8.31 -44.42 -10.39
CA SER C 621 7.09 -44.07 -11.10
C SER C 621 7.33 -42.90 -12.02
N GLY C 622 6.25 -42.40 -12.61
CA GLY C 622 6.35 -41.32 -13.57
C GLY C 622 6.36 -39.94 -12.95
N LYS C 623 7.49 -39.52 -12.39
CA LYS C 623 7.62 -38.20 -11.79
C LYS C 623 8.75 -37.45 -12.47
N LEU C 624 8.64 -36.12 -12.50
CA LEU C 624 9.72 -35.25 -12.95
C LEU C 624 9.90 -34.14 -11.93
N SER C 625 11.12 -33.99 -11.44
CA SER C 625 11.46 -32.94 -10.48
C SER C 625 12.44 -31.98 -11.14
N LEU C 626 12.35 -30.71 -10.76
CA LEU C 626 13.18 -29.67 -11.35
C LEU C 626 13.77 -28.81 -10.23
N THR C 627 14.95 -29.17 -9.76
CA THR C 627 15.58 -28.40 -8.70
C THR C 627 16.69 -27.53 -9.26
N GLY C 628 17.28 -26.73 -8.37
CA GLY C 628 18.27 -25.76 -8.76
C GLY C 628 17.79 -24.33 -8.79
N GLN C 629 16.69 -24.01 -8.11
CA GLN C 629 16.14 -22.66 -8.07
C GLN C 629 15.82 -22.16 -9.48
N LEU C 630 15.20 -23.03 -10.26
CA LEU C 630 14.82 -22.70 -11.64
C LEU C 630 13.65 -21.74 -11.62
N GLY C 631 13.64 -20.80 -12.55
CA GLY C 631 12.49 -19.95 -12.74
C GLY C 631 11.35 -20.72 -13.35
N GLU C 632 10.22 -20.05 -13.61
CA GLU C 632 9.06 -20.77 -14.13
C GLU C 632 9.22 -21.07 -15.61
N VAL C 633 9.65 -20.08 -16.39
CA VAL C 633 9.70 -20.25 -17.84
C VAL C 633 10.60 -21.41 -18.23
N MET C 634 11.73 -21.55 -17.55
CA MET C 634 12.66 -22.62 -17.88
C MET C 634 12.04 -23.99 -17.65
N LYS C 635 11.23 -24.12 -16.59
CA LYS C 635 10.56 -25.39 -16.34
C LYS C 635 9.68 -25.78 -17.50
N GLU C 636 9.01 -24.81 -18.12
CA GLU C 636 8.15 -25.11 -19.26
C GLU C 636 8.96 -25.69 -20.41
N SER C 637 10.20 -25.23 -20.59
CA SER C 637 11.02 -25.76 -21.67
C SER C 637 11.50 -27.17 -21.34
N ALA C 638 11.77 -27.45 -20.07
CA ALA C 638 12.16 -28.80 -19.69
C ALA C 638 11.08 -29.81 -20.07
N GLN C 639 9.85 -29.59 -19.59
CA GLN C 639 8.75 -30.46 -19.97
C GLN C 639 8.55 -30.45 -21.48
N ALA C 640 8.91 -29.34 -22.13
CA ALA C 640 8.83 -29.31 -23.58
C ALA C 640 9.83 -30.27 -24.20
N ALA C 641 11.10 -30.14 -23.85
CA ALA C 641 12.11 -31.03 -24.41
C ALA C 641 11.79 -32.48 -24.11
N LEU C 642 11.44 -32.78 -22.85
CA LEU C 642 11.15 -34.16 -22.47
C LEU C 642 10.02 -34.73 -23.32
N THR C 643 8.92 -33.99 -23.47
CA THR C 643 7.79 -34.50 -24.22
C THR C 643 8.17 -34.76 -25.67
N TYR C 644 9.13 -34.01 -26.19
CA TYR C 644 9.61 -34.29 -27.54
C TYR C 644 10.17 -35.71 -27.64
N LEU C 645 10.91 -36.13 -26.61
CA LEU C 645 11.54 -37.44 -26.65
C LEU C 645 10.50 -38.56 -26.65
N ARG C 646 9.44 -38.42 -25.84
CA ARG C 646 8.44 -39.47 -25.75
C ARG C 646 7.75 -39.68 -27.09
N ALA C 647 7.81 -38.69 -27.97
CA ALA C 647 7.29 -38.88 -29.32
C ALA C 647 8.20 -39.80 -30.12
N HIS C 648 9.51 -39.70 -29.90
CA HIS C 648 10.49 -40.45 -30.66
C HIS C 648 11.26 -41.45 -29.82
N THR C 649 10.56 -42.15 -28.91
CA THR C 649 11.23 -43.06 -27.99
C THR C 649 11.98 -44.15 -28.73
N GLN C 650 11.38 -44.71 -29.77
CA GLN C 650 12.00 -45.84 -30.47
C GLN C 650 13.23 -45.39 -31.24
N ASP C 651 13.27 -44.12 -31.64
CA ASP C 651 14.33 -43.66 -32.53
C ASP C 651 15.67 -43.62 -31.82
N TYR C 652 15.80 -42.81 -30.78
CA TYR C 652 17.09 -42.57 -30.14
C TYR C 652 17.39 -43.54 -29.02
N GLY C 653 16.80 -44.74 -29.04
CA GLY C 653 17.17 -45.75 -28.08
C GLY C 653 16.84 -45.41 -26.64
N LEU C 654 15.56 -45.36 -26.31
CA LEU C 654 15.13 -45.07 -24.95
C LEU C 654 14.16 -46.15 -24.48
N PRO C 655 14.07 -46.38 -23.18
CA PRO C 655 13.13 -47.39 -22.67
C PRO C 655 11.69 -46.92 -22.85
N GLU C 656 11.00 -47.51 -23.82
CA GLU C 656 9.73 -46.96 -24.29
C GLU C 656 8.72 -46.76 -23.18
N ASP C 657 8.86 -47.44 -22.05
CA ASP C 657 7.94 -47.29 -20.93
C ASP C 657 8.50 -46.42 -19.83
N PHE C 658 9.47 -45.56 -20.13
CA PHE C 658 10.08 -44.77 -19.07
C PHE C 658 9.11 -43.75 -18.51
N TYR C 659 8.07 -43.41 -19.28
CA TYR C 659 7.06 -42.49 -18.76
C TYR C 659 6.30 -43.07 -17.59
N ASN C 660 6.52 -44.33 -17.25
CA ASN C 660 5.95 -44.90 -16.03
C ASN C 660 7.04 -45.48 -15.14
N LYS C 661 8.20 -45.79 -15.70
CA LYS C 661 9.22 -46.54 -14.99
C LYS C 661 10.49 -45.74 -14.74
N VAL C 662 10.41 -44.43 -14.57
CA VAL C 662 11.60 -43.66 -14.21
C VAL C 662 11.21 -42.29 -13.65
N ASP C 663 11.95 -41.84 -12.65
CA ASP C 663 11.81 -40.51 -12.09
C ASP C 663 12.95 -39.65 -12.63
N LEU C 664 12.61 -38.62 -13.39
CA LEU C 664 13.60 -37.77 -14.01
C LEU C 664 13.91 -36.60 -13.09
N HIS C 665 15.19 -36.30 -12.92
CA HIS C 665 15.64 -35.22 -12.07
C HIS C 665 16.63 -34.36 -12.82
N VAL C 666 16.33 -33.07 -12.94
CA VAL C 666 17.15 -32.13 -13.69
C VAL C 666 17.69 -31.09 -12.71
N HIS C 667 19.01 -30.96 -12.66
CA HIS C 667 19.64 -30.11 -11.67
C HIS C 667 20.68 -29.23 -12.34
N VAL C 668 20.63 -27.93 -12.03
CA VAL C 668 21.55 -26.97 -12.63
C VAL C 668 22.27 -26.19 -11.53
N PRO C 669 23.40 -26.69 -11.04
CA PRO C 669 24.12 -25.99 -9.98
C PRO C 669 24.69 -24.68 -10.49
N ASP C 670 24.88 -23.74 -9.57
CA ASP C 670 24.62 -23.92 -8.14
C ASP C 670 23.18 -23.63 -7.78
N GLY C 671 22.81 -23.91 -6.54
CA GLY C 671 21.42 -23.84 -6.12
C GLY C 671 21.00 -22.50 -5.59
N ALA C 672 21.95 -21.66 -5.24
CA ALA C 672 21.64 -20.38 -4.62
C ALA C 672 21.40 -19.27 -5.62
N THR C 673 21.81 -19.43 -6.87
CA THR C 673 21.65 -18.39 -7.87
C THR C 673 20.41 -18.65 -8.68
N PRO C 674 19.38 -17.86 -8.52
CA PRO C 674 18.18 -18.20 -9.28
C PRO C 674 18.52 -18.22 -10.73
N LYS C 675 17.96 -19.10 -11.54
CA LYS C 675 18.33 -19.13 -12.94
C LYS C 675 17.09 -19.08 -13.80
N ASP C 676 17.19 -18.67 -15.07
CA ASP C 676 16.05 -18.59 -16.04
C ASP C 676 16.28 -18.50 -17.58
N GLY C 677 15.20 -18.63 -18.37
CA GLY C 677 15.26 -18.52 -19.82
C GLY C 677 14.84 -19.75 -20.58
N PRO C 678 14.76 -19.68 -21.91
CA PRO C 678 14.38 -20.88 -22.61
C PRO C 678 15.11 -21.08 -23.92
N SER C 679 16.40 -21.32 -23.79
CA SER C 679 17.47 -21.58 -24.75
C SER C 679 18.28 -22.79 -24.38
N ALA C 680 17.92 -23.22 -23.20
CA ALA C 680 18.47 -24.37 -22.61
C ALA C 680 17.71 -25.56 -23.08
N GLY C 681 16.67 -25.39 -23.88
CA GLY C 681 15.89 -26.50 -24.35
C GLY C 681 16.76 -27.42 -25.13
N ILE C 682 17.61 -26.91 -26.00
CA ILE C 682 18.51 -27.73 -26.77
C ILE C 682 19.43 -28.45 -25.81
N THR C 683 19.94 -27.79 -24.78
CA THR C 683 20.80 -28.49 -23.87
C THR C 683 20.14 -29.58 -23.12
N MET C 684 18.98 -29.36 -22.55
CA MET C 684 18.43 -30.41 -21.74
C MET C 684 18.08 -31.52 -22.62
N ALA C 685 17.46 -31.15 -23.69
CA ALA C 685 17.05 -32.25 -24.56
C ALA C 685 18.07 -33.37 -24.56
N THR C 686 19.31 -33.05 -24.90
CA THR C 686 20.36 -34.07 -24.91
C THR C 686 20.56 -34.66 -23.53
N ALA C 687 20.84 -33.81 -22.55
CA ALA C 687 21.15 -34.28 -21.21
C ALA C 687 20.10 -35.28 -20.72
N ILE C 688 18.82 -34.94 -20.88
CA ILE C 688 17.77 -35.88 -20.54
C ILE C 688 17.85 -37.12 -21.43
N ALA C 689 17.99 -36.92 -22.73
CA ALA C 689 18.12 -38.06 -23.64
C ALA C 689 19.39 -38.83 -23.35
N SER C 690 20.40 -38.16 -22.81
CA SER C 690 21.63 -38.86 -22.45
C SER C 690 21.38 -39.83 -21.30
N ALA C 691 20.77 -39.35 -20.22
CA ALA C 691 20.58 -40.18 -19.03
C ALA C 691 19.66 -41.35 -19.32
N LEU C 692 18.55 -41.11 -20.00
CA LEU C 692 17.63 -42.19 -20.33
C LEU C 692 18.29 -43.22 -21.24
N SER C 693 19.17 -42.78 -22.12
CA SER C 693 19.84 -43.72 -23.01
C SER C 693 20.99 -44.44 -22.33
N ARG C 694 21.58 -43.82 -21.31
CA ARG C 694 22.82 -44.22 -20.67
C ARG C 694 24.00 -44.05 -21.61
N ARG C 695 23.80 -43.44 -22.75
CA ARG C 695 24.91 -43.19 -23.67
C ARG C 695 25.57 -41.87 -23.32
N PRO C 696 26.88 -41.85 -23.12
CA PRO C 696 27.54 -40.63 -22.64
C PRO C 696 27.42 -39.50 -23.64
N ALA C 697 27.23 -38.30 -23.11
CA ALA C 697 27.09 -37.10 -23.92
C ALA C 697 28.38 -36.30 -23.85
N ARG C 698 28.91 -35.92 -25.01
CA ARG C 698 30.15 -35.16 -25.06
C ARG C 698 29.98 -33.85 -24.31
N MET C 699 31.07 -33.40 -23.68
CA MET C 699 31.05 -32.17 -22.91
C MET C 699 32.08 -31.17 -23.39
N ASP C 700 32.90 -31.52 -24.38
CA ASP C 700 33.77 -30.56 -25.02
C ASP C 700 33.01 -29.64 -25.96
N ILE C 701 31.69 -29.72 -25.99
CA ILE C 701 30.86 -28.90 -26.85
C ILE C 701 29.84 -28.17 -26.00
N ALA C 702 29.86 -26.85 -26.05
CA ALA C 702 28.82 -26.05 -25.44
C ALA C 702 27.70 -25.88 -26.45
N MET C 703 26.48 -25.72 -25.94
CA MET C 703 25.33 -25.62 -26.82
C MET C 703 24.31 -24.69 -26.18
N THR C 704 23.44 -24.14 -27.02
CA THR C 704 22.37 -23.29 -26.53
C THR C 704 21.29 -23.19 -27.59
N GLY C 705 20.04 -23.13 -27.16
CA GLY C 705 18.93 -23.05 -28.08
C GLY C 705 17.63 -23.28 -27.37
N GLU C 706 16.55 -22.88 -28.03
CA GLU C 706 15.21 -23.14 -27.55
C GLU C 706 14.57 -24.22 -28.40
N VAL C 707 14.06 -25.26 -27.76
CA VAL C 707 13.54 -26.42 -28.46
C VAL C 707 12.02 -26.31 -28.50
N SER C 708 11.49 -26.09 -29.69
CA SER C 708 10.06 -26.16 -29.89
C SER C 708 9.61 -27.60 -29.75
N LEU C 709 8.34 -27.81 -29.41
CA LEU C 709 7.86 -29.17 -29.16
C LEU C 709 7.95 -30.02 -30.41
N ARG C 710 7.83 -29.42 -31.59
CA ARG C 710 8.03 -30.17 -32.82
C ARG C 710 9.46 -30.68 -32.92
N GLY C 711 10.39 -30.01 -32.26
CA GLY C 711 11.80 -30.29 -32.42
C GLY C 711 12.56 -29.20 -33.15
N LYS C 712 11.86 -28.25 -33.76
CA LYS C 712 12.53 -27.14 -34.39
C LYS C 712 13.30 -26.32 -33.35
N VAL C 713 14.53 -25.97 -33.69
CA VAL C 713 15.39 -25.17 -32.83
C VAL C 713 15.10 -23.72 -33.16
N MET C 714 14.89 -22.92 -32.14
CA MET C 714 14.46 -21.56 -32.39
C MET C 714 15.52 -20.56 -31.94
N PRO C 715 15.52 -19.36 -32.51
CA PRO C 715 16.60 -18.40 -32.23
C PRO C 715 16.76 -18.02 -30.77
N ILE C 716 17.92 -17.46 -30.44
CA ILE C 716 18.29 -17.11 -29.08
C ILE C 716 18.86 -15.71 -29.06
N GLY C 717 18.68 -15.02 -27.94
CA GLY C 717 19.30 -13.73 -27.75
C GLY C 717 20.65 -13.83 -27.06
N GLY C 718 21.35 -12.69 -27.01
CA GLY C 718 22.63 -12.60 -26.34
C GLY C 718 23.66 -13.59 -26.86
N VAL C 719 23.91 -13.58 -28.17
CA VAL C 719 24.79 -14.59 -28.75
C VAL C 719 26.23 -14.34 -28.36
N LYS C 720 26.72 -13.12 -28.60
CA LYS C 720 28.15 -12.86 -28.45
C LYS C 720 28.61 -13.10 -27.02
N GLU C 721 27.72 -12.92 -26.05
CA GLU C 721 28.11 -13.15 -24.66
C GLU C 721 28.33 -14.63 -24.40
N LYS C 722 27.41 -15.48 -24.86
CA LYS C 722 27.58 -16.91 -24.68
C LYS C 722 28.84 -17.42 -25.34
N LEU C 723 29.01 -17.14 -26.64
CA LEU C 723 30.16 -17.68 -27.36
C LEU C 723 31.47 -17.17 -26.77
N LEU C 724 31.48 -15.92 -26.31
CA LEU C 724 32.72 -15.34 -25.79
C LEU C 724 33.14 -16.02 -24.50
N ALA C 725 32.18 -16.30 -23.61
CA ALA C 725 32.50 -17.05 -22.41
C ALA C 725 32.84 -18.49 -22.73
N ALA C 726 32.34 -19.01 -23.85
CA ALA C 726 32.62 -20.38 -24.22
C ALA C 726 34.06 -20.57 -24.68
N HIS C 727 34.66 -19.52 -25.24
CA HIS C 727 36.06 -19.64 -25.65
C HIS C 727 36.99 -19.50 -24.46
N GLN C 728 36.81 -18.46 -23.64
CA GLN C 728 37.63 -18.33 -22.45
C GLN C 728 37.56 -19.56 -21.57
N ALA C 729 36.42 -20.24 -21.56
CA ALA C 729 36.32 -21.51 -20.85
C ALA C 729 37.14 -22.61 -21.50
N GLY C 730 37.56 -22.42 -22.75
CA GLY C 730 38.32 -23.45 -23.44
C GLY C 730 37.51 -24.36 -24.32
N ILE C 731 36.28 -24.01 -24.63
CA ILE C 731 35.46 -24.78 -25.55
C ILE C 731 35.68 -24.24 -26.96
N HIS C 732 35.74 -25.14 -27.94
CA HIS C 732 36.00 -24.74 -29.32
C HIS C 732 34.99 -25.32 -30.29
N LYS C 733 33.94 -25.95 -29.78
CA LYS C 733 32.82 -26.39 -30.60
C LYS C 733 31.53 -25.88 -29.99
N ILE C 734 30.76 -25.14 -30.77
CA ILE C 734 29.58 -24.44 -30.28
C ILE C 734 28.40 -24.77 -31.17
N VAL C 735 27.32 -25.26 -30.57
CA VAL C 735 26.08 -25.55 -31.28
C VAL C 735 25.19 -24.31 -31.20
N LEU C 736 24.61 -23.93 -32.33
CA LEU C 736 23.89 -22.68 -32.41
C LEU C 736 22.68 -22.83 -33.33
N PRO C 737 21.56 -22.18 -33.02
CA PRO C 737 20.41 -22.24 -33.92
C PRO C 737 20.71 -21.57 -35.24
N LYS C 738 20.34 -22.26 -36.31
CA LYS C 738 20.61 -21.76 -37.66
C LYS C 738 20.10 -20.34 -37.85
N ASP C 739 18.96 -20.02 -37.24
CA ASP C 739 18.37 -18.70 -37.39
C ASP C 739 19.26 -17.62 -36.80
N ASN C 740 20.24 -18.00 -36.00
CA ASN C 740 21.12 -17.03 -35.37
C ASN C 740 22.40 -16.79 -36.13
N GLU C 741 22.52 -17.25 -37.37
CA GLU C 741 23.75 -17.02 -38.12
C GLU C 741 24.03 -15.54 -38.27
N ALA C 742 22.98 -14.72 -38.36
CA ALA C 742 23.16 -13.28 -38.53
C ALA C 742 23.96 -12.68 -37.38
N GLN C 743 23.84 -13.24 -36.17
CA GLN C 743 24.56 -12.69 -35.04
C GLN C 743 26.01 -13.14 -35.00
N LEU C 744 26.44 -14.01 -35.91
CA LEU C 744 27.82 -14.48 -35.88
C LEU C 744 28.80 -13.40 -36.32
N GLU C 745 28.41 -12.58 -37.31
CA GLU C 745 29.29 -11.52 -37.77
C GLU C 745 29.46 -10.41 -36.76
N GLU C 746 28.82 -10.53 -35.59
CA GLU C 746 28.90 -9.55 -34.52
C GLU C 746 30.03 -9.86 -33.56
N LEU C 747 30.93 -10.75 -33.93
CA LEU C 747 31.90 -11.17 -32.93
C LEU C 747 33.30 -10.71 -33.34
N PRO C 748 34.22 -10.52 -32.41
CA PRO C 748 35.61 -10.28 -32.82
C PRO C 748 36.20 -11.49 -33.50
N LYS C 749 36.82 -11.26 -34.67
CA LYS C 749 37.26 -12.36 -35.52
C LYS C 749 38.30 -13.23 -34.83
N GLU C 750 39.06 -12.65 -33.89
CA GLU C 750 40.00 -13.44 -33.11
C GLU C 750 39.30 -14.60 -32.42
N VAL C 751 38.15 -14.33 -31.80
CA VAL C 751 37.39 -15.40 -31.16
C VAL C 751 36.69 -16.25 -32.19
N LEU C 752 36.15 -15.62 -33.25
CA LEU C 752 35.36 -16.36 -34.22
C LEU C 752 36.18 -17.43 -34.93
N GLU C 753 37.42 -17.12 -35.27
CA GLU C 753 38.25 -18.09 -35.99
C GLU C 753 38.41 -19.38 -35.19
N GLY C 754 38.48 -19.28 -33.87
CA GLY C 754 38.73 -20.42 -33.02
C GLY C 754 37.53 -21.21 -32.60
N LEU C 755 36.39 -21.01 -33.25
CA LEU C 755 35.17 -21.70 -32.89
C LEU C 755 34.62 -22.49 -34.07
N GLU C 756 34.60 -23.81 -33.92
CA GLU C 756 33.88 -24.69 -34.82
C GLU C 756 32.41 -24.63 -34.45
N ILE C 757 31.59 -24.05 -35.32
CA ILE C 757 30.19 -23.79 -35.02
C ILE C 757 29.33 -24.72 -35.86
N LYS C 758 28.51 -25.51 -35.18
CA LYS C 758 27.54 -26.38 -35.83
C LYS C 758 26.19 -25.68 -35.86
N LEU C 759 25.75 -25.29 -37.06
CA LEU C 759 24.48 -24.60 -37.24
C LEU C 759 23.38 -25.63 -37.45
N VAL C 760 22.50 -25.75 -36.46
CA VAL C 760 21.43 -26.75 -36.48
C VAL C 760 20.11 -26.03 -36.57
N GLU C 761 19.11 -26.73 -37.10
CA GLU C 761 17.74 -26.24 -37.14
C GLU C 761 16.76 -27.19 -36.48
N ASP C 762 17.13 -28.45 -36.32
CA ASP C 762 16.23 -29.43 -35.71
C ASP C 762 17.03 -30.27 -34.72
N VAL C 763 16.54 -30.32 -33.49
CA VAL C 763 17.26 -30.92 -32.38
C VAL C 763 17.74 -32.33 -32.65
N GLY C 764 17.05 -33.09 -33.52
CA GLY C 764 17.48 -34.45 -33.79
C GLY C 764 18.91 -34.53 -34.28
N GLU C 765 19.34 -33.52 -35.04
CA GLU C 765 20.71 -33.48 -35.51
C GLU C 765 21.68 -33.24 -34.34
N VAL C 766 21.25 -32.42 -33.38
CA VAL C 766 22.10 -32.15 -32.21
C VAL C 766 22.37 -33.45 -31.46
N LEU C 767 21.30 -34.18 -31.11
CA LEU C 767 21.46 -35.46 -30.42
C LEU C 767 22.47 -36.35 -31.12
N GLU C 768 22.34 -36.55 -32.42
CA GLU C 768 23.27 -37.41 -33.13
C GLU C 768 24.68 -36.84 -33.06
N TYR C 769 24.81 -35.52 -33.03
CA TYR C 769 26.14 -34.93 -32.98
C TYR C 769 26.76 -35.07 -31.60
N LEU C 770 25.94 -35.33 -30.58
CA LEU C 770 26.44 -35.25 -29.21
C LEU C 770 26.59 -36.62 -28.55
N LEU C 771 25.76 -37.59 -28.92
CA LEU C 771 25.76 -38.87 -28.24
C LEU C 771 26.83 -39.79 -28.81
N LEU C 772 27.60 -40.41 -27.92
CA LEU C 772 28.49 -41.48 -28.34
C LEU C 772 27.64 -42.70 -28.71
N PRO C 773 28.20 -43.63 -29.50
CA PRO C 773 27.34 -44.69 -30.07
C PRO C 773 26.86 -45.72 -29.06
N GLU C 774 27.62 -46.05 -28.03
CA GLU C 774 27.29 -47.19 -27.20
C GLU C 774 27.09 -46.80 -25.74
N PRO C 775 26.07 -47.32 -25.09
CA PRO C 775 25.88 -47.06 -23.66
C PRO C 775 26.98 -47.71 -22.82
N THR C 776 27.26 -47.08 -21.68
CA THR C 776 28.29 -47.54 -20.76
C THR C 776 27.71 -47.91 -19.39
N MET C 777 26.40 -48.09 -19.31
CA MET C 777 25.73 -48.40 -18.06
C MET C 777 24.53 -49.27 -18.38
N PRO C 778 24.01 -50.02 -17.41
CA PRO C 778 22.71 -50.65 -17.60
C PRO C 778 21.62 -49.60 -17.63
N PRO C 779 20.49 -49.90 -18.26
CA PRO C 779 19.38 -48.93 -18.29
C PRO C 779 18.77 -48.77 -16.90
N VAL C 780 17.68 -48.00 -16.85
CA VAL C 780 17.01 -47.77 -15.58
C VAL C 780 16.32 -49.04 -15.08
N VAL C 781 15.49 -49.67 -15.90
CA VAL C 781 14.78 -50.89 -15.51
C VAL C 781 14.82 -51.86 -16.68
N GLN C 782 15.09 -53.13 -16.38
CA GLN C 782 15.07 -54.19 -17.36
C GLN C 782 15.93 -53.88 -18.57
N SER D 245 -18.50 58.06 26.85
CA SER D 245 -18.26 57.45 28.15
C SER D 245 -18.30 55.93 28.07
N ASP D 246 -18.43 55.40 26.85
CA ASP D 246 -18.42 53.95 26.69
C ASP D 246 -17.06 53.37 27.06
N LEU D 247 -15.98 54.09 26.75
CA LEU D 247 -14.66 53.68 27.22
C LEU D 247 -14.58 53.70 28.73
N GLU D 248 -15.52 54.37 29.41
CA GLU D 248 -15.63 54.32 30.85
C GLU D 248 -16.67 53.33 31.34
N ALA D 249 -17.65 52.98 30.49
CA ALA D 249 -18.61 51.95 30.85
C ALA D 249 -17.94 50.61 31.04
N LEU D 250 -16.80 50.39 30.37
CA LEU D 250 -16.03 49.17 30.56
C LEU D 250 -15.61 49.01 32.02
N ARG D 251 -15.31 50.13 32.69
CA ARG D 251 -15.08 50.06 34.12
C ARG D 251 -16.32 49.57 34.85
N LYS D 252 -17.48 50.15 34.52
CA LYS D 252 -18.70 49.89 35.27
C LYS D 252 -19.00 48.40 35.35
N LYS D 253 -18.86 47.68 34.24
CA LYS D 253 -19.20 46.27 34.21
C LYS D 253 -18.07 45.37 34.68
N ILE D 254 -16.82 45.71 34.35
CA ILE D 254 -15.70 44.88 34.78
C ILE D 254 -15.53 44.90 36.28
N GLU D 255 -15.76 46.05 36.93
CA GLU D 255 -15.60 46.11 38.37
C GLU D 255 -16.77 45.50 39.12
N GLU D 256 -17.92 45.34 38.47
CA GLU D 256 -19.13 44.86 39.14
C GLU D 256 -19.35 43.37 38.97
N VAL D 257 -18.98 42.78 37.84
CA VAL D 257 -19.14 41.34 37.67
C VAL D 257 -18.08 40.63 38.49
N GLY D 258 -18.40 39.41 38.92
CA GLY D 258 -17.46 38.62 39.70
C GLY D 258 -17.22 39.24 41.06
N MET D 259 -15.95 39.30 41.45
CA MET D 259 -14.86 38.84 40.62
C MET D 259 -13.79 38.14 41.44
N PRO D 260 -13.26 37.03 40.93
CA PRO D 260 -12.13 36.38 41.59
C PRO D 260 -10.81 37.07 41.26
N GLU D 261 -9.87 36.96 42.20
CA GLU D 261 -8.54 37.55 42.01
C GLU D 261 -7.83 36.96 40.81
N ALA D 262 -8.12 35.70 40.47
CA ALA D 262 -7.47 35.07 39.33
C ALA D 262 -7.78 35.76 38.01
N VAL D 263 -8.90 36.48 37.94
CA VAL D 263 -9.30 37.21 36.75
C VAL D 263 -9.45 38.71 37.04
N LYS D 264 -8.95 39.17 38.19
CA LYS D 264 -9.04 40.58 38.53
C LYS D 264 -7.96 41.39 37.81
N THR D 265 -6.69 41.05 38.07
CA THR D 265 -5.59 41.75 37.43
C THR D 265 -5.59 41.60 35.92
N LYS D 266 -6.29 40.59 35.40
CA LYS D 266 -6.35 40.39 33.96
C LYS D 266 -7.06 41.54 33.26
N ALA D 267 -7.77 42.38 33.99
CA ALA D 267 -8.43 43.55 33.42
C ALA D 267 -7.83 44.87 33.87
N LEU D 268 -7.33 44.95 35.11
CA LEU D 268 -6.80 46.22 35.62
C LEU D 268 -5.66 46.76 34.79
N LYS D 269 -4.98 45.91 34.02
CA LYS D 269 -3.96 46.38 33.09
C LYS D 269 -4.59 46.84 31.78
N GLU D 270 -5.54 46.07 31.26
CA GLU D 270 -6.17 46.35 29.98
C GLU D 270 -7.44 47.19 30.11
N LEU D 271 -7.93 47.43 31.33
CA LEU D 271 -9.06 48.34 31.51
C LEU D 271 -8.75 49.72 30.95
N ASP D 272 -7.47 50.07 30.88
CA ASP D 272 -7.03 51.36 30.35
C ASP D 272 -6.33 51.22 29.00
N ARG D 273 -5.74 50.06 28.72
CA ARG D 273 -4.87 49.92 27.57
C ARG D 273 -5.61 50.09 26.25
N LEU D 274 -6.90 49.76 26.21
CA LEU D 274 -7.63 49.69 24.96
C LEU D 274 -8.34 50.99 24.58
N GLU D 275 -8.13 52.07 25.34
CA GLU D 275 -8.86 53.30 25.11
C GLU D 275 -8.45 54.03 23.83
N ARG D 276 -7.48 53.51 23.07
CA ARG D 276 -6.98 54.17 21.87
C ARG D 276 -7.74 53.75 20.61
N MET D 277 -9.01 53.40 20.75
CA MET D 277 -9.81 52.93 19.62
C MET D 277 -10.38 54.09 18.81
N GLN D 278 -9.51 55.02 18.44
CA GLN D 278 -9.79 56.00 17.41
C GLN D 278 -9.02 55.73 16.13
N GLN D 279 -7.79 55.24 16.25
CA GLN D 279 -6.91 55.01 15.13
C GLN D 279 -6.40 53.57 15.18
N GLY D 280 -6.53 52.85 14.06
CA GLY D 280 -5.91 51.55 13.93
C GLY D 280 -6.87 50.39 13.75
N SER D 281 -6.86 49.46 14.71
CA SER D 281 -6.01 49.57 15.88
C SER D 281 -5.38 48.24 16.27
N PRO D 282 -4.05 48.19 16.28
CA PRO D 282 -3.36 46.95 16.68
C PRO D 282 -3.73 46.46 18.07
N GLU D 283 -3.99 47.38 19.02
CA GLU D 283 -4.24 46.95 20.39
C GLU D 283 -5.38 47.74 21.04
N ALA D 284 -6.36 48.18 20.24
CA ALA D 284 -7.58 48.77 20.80
C ALA D 284 -8.86 48.18 20.22
N THR D 285 -8.86 47.65 19.00
CA THR D 285 -10.00 46.92 18.48
C THR D 285 -9.94 45.44 18.80
N VAL D 286 -8.77 44.95 19.24
CA VAL D 286 -8.58 43.53 19.55
C VAL D 286 -8.91 43.29 21.01
N ALA D 287 -9.49 44.29 21.66
CA ALA D 287 -9.87 44.19 23.07
C ALA D 287 -11.36 44.41 23.31
N ARG D 288 -12.16 44.49 22.25
CA ARG D 288 -13.60 44.53 22.43
C ARG D 288 -14.19 43.14 22.62
N THR D 289 -13.60 42.13 21.97
CA THR D 289 -13.91 40.73 22.25
C THR D 289 -13.19 40.22 23.50
N TYR D 290 -12.54 41.13 24.24
CA TYR D 290 -11.86 40.81 25.48
C TYR D 290 -12.79 41.01 26.68
N LEU D 291 -13.41 42.18 26.77
CA LEU D 291 -14.30 42.47 27.89
C LEU D 291 -15.72 42.00 27.62
N ASP D 292 -16.17 42.06 26.37
CA ASP D 292 -17.53 41.64 26.04
C ASP D 292 -17.82 40.23 26.50
N TRP D 293 -16.77 39.41 26.69
CA TRP D 293 -16.94 38.16 27.42
C TRP D 293 -16.82 38.41 28.92
N LEU D 294 -15.72 39.07 29.34
CA LEU D 294 -15.49 39.32 30.75
C LEU D 294 -16.62 40.13 31.38
N THR D 295 -17.18 41.07 30.62
CA THR D 295 -18.34 41.81 31.11
C THR D 295 -19.61 40.98 31.05
N GLU D 296 -19.61 39.87 30.31
CA GLU D 296 -20.78 39.02 30.15
C GLU D 296 -20.61 37.63 30.72
N VAL D 297 -19.39 37.13 30.89
CA VAL D 297 -19.22 35.77 31.40
C VAL D 297 -19.79 35.69 32.81
N PRO D 298 -20.58 34.67 33.14
CA PRO D 298 -21.14 34.59 34.50
C PRO D 298 -20.07 34.29 35.53
N TRP D 299 -20.33 34.73 36.75
CA TRP D 299 -19.47 34.46 37.90
C TRP D 299 -20.35 34.03 39.06
N SER D 300 -20.01 32.90 39.68
CA SER D 300 -20.69 32.37 40.86
C SER D 300 -22.18 32.16 40.65
N LYS D 301 -22.65 32.16 39.40
CA LYS D 301 -24.06 31.91 39.13
C LYS D 301 -24.37 30.44 39.39
N ALA D 302 -24.81 30.12 40.60
CA ALA D 302 -24.95 28.75 41.04
C ALA D 302 -26.32 28.20 40.69
N ASP D 303 -26.57 26.96 41.11
CA ASP D 303 -27.82 26.27 40.84
C ASP D 303 -27.93 25.12 41.82
N PRO D 304 -29.14 24.81 42.30
CA PRO D 304 -29.27 23.73 43.29
C PRO D 304 -29.02 22.38 42.65
N GLU D 305 -27.87 21.78 42.93
CA GLU D 305 -27.55 20.47 42.39
C GLU D 305 -28.51 19.43 42.93
N VAL D 306 -29.07 18.62 42.05
CA VAL D 306 -30.01 17.60 42.48
C VAL D 306 -29.28 16.54 43.28
N LEU D 307 -29.69 16.34 44.53
CA LEU D 307 -29.16 15.28 45.37
C LEU D 307 -30.21 14.20 45.62
N ASP D 308 -31.07 13.97 44.63
CA ASP D 308 -32.14 12.99 44.71
C ASP D 308 -32.05 12.07 43.51
N ILE D 309 -31.73 10.80 43.75
CA ILE D 309 -31.66 9.84 42.66
C ILE D 309 -33.03 9.65 42.02
N ASN D 310 -34.11 9.84 42.80
CA ASN D 310 -35.44 9.74 42.23
C ASN D 310 -35.75 10.93 41.34
N HIS D 311 -35.18 12.11 41.63
CA HIS D 311 -35.32 13.22 40.72
C HIS D 311 -34.71 12.89 39.36
N THR D 312 -33.68 12.05 39.35
CA THR D 312 -33.03 11.63 38.11
C THR D 312 -33.69 10.39 37.51
N ARG D 313 -33.85 9.34 38.31
CA ARG D 313 -34.43 8.11 37.80
C ARG D 313 -35.81 8.34 37.21
N GLN D 314 -36.69 8.96 37.99
CA GLN D 314 -38.08 9.16 37.55
C GLN D 314 -38.20 10.03 36.32
N VAL D 315 -37.13 10.67 35.86
CA VAL D 315 -37.16 11.41 34.62
C VAL D 315 -36.25 10.81 33.56
N LEU D 316 -35.22 10.05 33.95
CA LEU D 316 -34.41 9.36 32.96
C LEU D 316 -35.24 8.34 32.19
N ASP D 317 -35.99 7.51 32.91
CA ASP D 317 -36.91 6.59 32.25
C ASP D 317 -38.05 7.34 31.55
N GLU D 318 -38.32 8.58 31.97
CA GLU D 318 -39.30 9.42 31.29
C GLU D 318 -38.83 9.83 29.89
N ASP D 319 -37.60 9.50 29.53
CA ASP D 319 -37.05 9.84 28.23
C ASP D 319 -36.53 8.66 27.44
N HIS D 320 -36.08 7.59 28.11
CA HIS D 320 -35.46 6.45 27.46
C HIS D 320 -36.03 5.16 28.02
N TYR D 321 -35.94 4.10 27.21
CA TYR D 321 -36.41 2.77 27.59
C TYR D 321 -35.24 1.82 27.77
N GLY D 322 -35.53 0.69 28.40
CA GLY D 322 -34.56 -0.38 28.57
C GLY D 322 -33.28 0.10 29.23
N LEU D 323 -32.16 -0.47 28.79
CA LEU D 323 -30.83 -0.06 29.25
C LEU D 323 -30.73 -0.17 30.77
N LYS D 324 -31.32 -1.23 31.34
CA LYS D 324 -31.43 -1.35 32.78
C LYS D 324 -30.06 -1.38 33.44
N ASP D 325 -29.25 -2.40 33.14
CA ASP D 325 -27.90 -2.43 33.69
C ASP D 325 -27.10 -1.23 33.24
N VAL D 326 -27.40 -0.69 32.05
CA VAL D 326 -26.76 0.55 31.63
C VAL D 326 -27.13 1.69 32.56
N LYS D 327 -28.43 1.90 32.77
CA LYS D 327 -28.86 2.92 33.72
C LYS D 327 -28.40 2.61 35.14
N GLU D 328 -28.13 1.35 35.44
CA GLU D 328 -27.56 1.00 36.74
C GLU D 328 -26.18 1.62 36.92
N ARG D 329 -25.35 1.53 35.88
CA ARG D 329 -24.03 2.14 35.96
C ARG D 329 -24.09 3.66 35.87
N ILE D 330 -25.15 4.21 35.28
CA ILE D 330 -25.27 5.66 35.15
C ILE D 330 -25.37 6.31 36.52
N LEU D 331 -26.35 5.88 37.32
CA LEU D 331 -26.45 6.36 38.69
C LEU D 331 -25.18 6.05 39.48
N GLU D 332 -24.54 4.91 39.17
CA GLU D 332 -23.32 4.54 39.86
C GLU D 332 -22.23 5.57 39.67
N TYR D 333 -22.28 6.34 38.58
CA TYR D 333 -21.37 7.46 38.41
C TYR D 333 -21.90 8.74 39.03
N LEU D 334 -23.20 8.84 39.25
CA LEU D 334 -23.79 10.09 39.70
C LEU D 334 -23.46 10.37 41.17
N ALA D 335 -23.92 9.51 42.07
CA ALA D 335 -23.85 9.77 43.50
C ALA D 335 -22.47 9.56 44.07
N VAL D 336 -21.44 9.37 43.24
CA VAL D 336 -20.09 9.38 43.76
C VAL D 336 -19.65 10.81 44.06
N ARG D 337 -20.13 11.78 43.28
CA ARG D 337 -19.82 13.18 43.56
C ARG D 337 -20.57 13.67 44.80
N GLN D 338 -21.86 13.37 44.88
CA GLN D 338 -22.68 13.86 45.99
C GLN D 338 -22.43 13.11 47.28
N LEU D 339 -21.39 12.29 47.32
CA LEU D 339 -20.94 11.72 48.58
C LEU D 339 -19.82 12.54 49.20
N THR D 340 -19.13 13.36 48.41
CA THR D 340 -18.10 14.27 48.90
C THR D 340 -18.27 15.65 48.27
N GLN D 341 -19.50 16.02 47.92
CA GLN D 341 -19.76 17.26 47.19
C GLN D 341 -19.19 18.46 47.93
N GLY D 342 -18.87 19.50 47.16
CA GLY D 342 -18.34 20.75 47.69
C GLY D 342 -16.83 20.78 47.74
N LEU D 343 -16.25 20.00 48.65
CA LEU D 343 -14.82 19.84 48.76
C LEU D 343 -14.50 18.37 48.95
N ASP D 344 -13.33 17.95 48.47
CA ASP D 344 -12.90 16.56 48.38
C ASP D 344 -13.65 15.78 47.32
N VAL D 345 -14.18 16.46 46.31
CA VAL D 345 -14.83 15.78 45.18
C VAL D 345 -14.18 16.21 43.87
N ARG D 346 -14.14 17.52 43.60
CA ARG D 346 -13.59 18.05 42.36
C ARG D 346 -12.11 17.78 42.23
N ASN D 347 -11.44 17.34 43.30
CA ASN D 347 -10.01 17.10 43.27
C ASN D 347 -9.64 15.78 42.62
N LYS D 348 -10.50 14.75 42.70
CA LYS D 348 -10.22 13.48 42.05
C LYS D 348 -11.50 12.67 41.93
N ALA D 349 -11.86 12.32 40.70
CA ALA D 349 -13.01 11.48 40.37
C ALA D 349 -12.94 11.11 38.88
N PRO D 350 -13.40 9.93 38.49
CA PRO D 350 -13.32 9.52 37.08
C PRO D 350 -14.30 10.30 36.22
N ILE D 351 -14.19 10.08 34.91
CA ILE D 351 -14.98 10.80 33.92
C ILE D 351 -15.91 9.80 33.24
N LEU D 352 -17.18 10.17 33.11
CA LEU D 352 -18.15 9.34 32.41
C LEU D 352 -17.97 9.47 30.91
N VAL D 353 -18.02 8.34 30.21
CA VAL D 353 -17.87 8.30 28.76
C VAL D 353 -18.85 7.29 28.20
N LEU D 354 -19.57 7.67 27.15
CA LEU D 354 -20.57 6.82 26.54
C LEU D 354 -20.09 6.39 25.16
N VAL D 355 -20.10 5.08 24.90
CA VAL D 355 -19.71 4.52 23.63
C VAL D 355 -20.79 3.57 23.13
N GLY D 356 -21.09 3.65 21.84
CA GLY D 356 -22.12 2.87 21.21
C GLY D 356 -22.32 3.32 19.78
N PRO D 357 -23.05 2.52 19.00
CA PRO D 357 -23.28 2.91 17.60
C PRO D 357 -24.00 4.23 17.54
N PRO D 358 -23.81 5.00 16.46
CA PRO D 358 -24.36 6.35 16.39
C PRO D 358 -25.86 6.42 16.13
N GLY D 359 -26.57 5.30 16.14
CA GLY D 359 -28.01 5.33 15.99
C GLY D 359 -28.69 5.30 17.34
N VAL D 360 -28.10 4.57 18.28
CA VAL D 360 -28.67 4.38 19.61
C VAL D 360 -28.55 5.69 20.40
N GLY D 361 -29.23 5.78 21.53
CA GLY D 361 -29.23 6.99 22.33
C GLY D 361 -27.87 7.43 22.80
N LYS D 362 -27.39 8.53 22.28
CA LYS D 362 -26.07 9.03 22.66
C LYS D 362 -26.05 10.50 23.06
N THR D 363 -26.83 11.35 22.38
CA THR D 363 -26.85 12.76 22.72
C THR D 363 -28.10 13.17 23.48
N SER D 364 -29.24 12.54 23.19
CA SER D 364 -30.47 12.87 23.91
C SER D 364 -30.29 12.71 25.41
N LEU D 365 -29.50 11.72 25.84
CA LEU D 365 -29.20 11.58 27.26
C LEU D 365 -28.52 12.83 27.80
N GLY D 366 -27.62 13.42 27.01
CA GLY D 366 -27.00 14.66 27.43
C GLY D 366 -28.01 15.71 27.80
N ARG D 367 -28.97 15.97 26.92
CA ARG D 367 -30.08 16.85 27.28
C ARG D 367 -30.91 16.25 28.39
N SER D 368 -30.97 14.92 28.48
CA SER D 368 -31.72 14.28 29.55
C SER D 368 -30.97 14.36 30.87
N ILE D 369 -29.67 14.09 30.84
CA ILE D 369 -28.90 14.09 32.10
C ILE D 369 -28.74 15.51 32.62
N ALA D 370 -28.66 16.49 31.73
CA ALA D 370 -28.45 17.87 32.16
C ALA D 370 -29.73 18.46 32.74
N ARG D 371 -30.84 18.38 31.98
CA ARG D 371 -32.11 18.88 32.47
C ARG D 371 -32.49 18.24 33.80
N SER D 372 -32.09 16.99 34.01
CA SER D 372 -32.36 16.31 35.27
C SER D 372 -31.46 16.77 36.40
N MET D 373 -30.62 17.80 36.19
CA MET D 373 -29.79 18.31 37.29
C MET D 373 -29.73 19.83 37.33
N ASN D 374 -30.67 20.51 36.68
CA ASN D 374 -30.82 21.97 36.78
C ASN D 374 -29.58 22.69 36.28
N ARG D 375 -29.14 22.33 35.07
CA ARG D 375 -27.97 22.94 34.45
C ARG D 375 -28.35 23.17 32.99
N LYS D 376 -27.35 23.42 32.13
CA LYS D 376 -27.61 23.69 30.72
C LYS D 376 -26.83 22.71 29.85
N PHE D 377 -27.54 21.81 29.18
CA PHE D 377 -26.96 20.91 28.22
C PHE D 377 -26.34 21.68 27.06
N HIS D 378 -25.25 21.15 26.51
CA HIS D 378 -24.58 21.79 25.39
C HIS D 378 -23.88 20.71 24.58
N ARG D 379 -24.20 20.63 23.29
CA ARG D 379 -23.71 19.57 22.42
C ARG D 379 -22.58 20.11 21.55
N ILE D 380 -21.38 20.11 22.11
CA ILE D 380 -20.21 20.58 21.37
C ILE D 380 -19.88 19.56 20.30
N SER D 381 -20.25 19.87 19.06
CA SER D 381 -20.06 18.94 17.95
C SER D 381 -18.59 18.84 17.58
N LEU D 382 -17.88 17.87 18.17
CA LEU D 382 -16.45 17.75 17.91
C LEU D 382 -16.17 17.11 16.55
N GLY D 383 -17.13 16.40 15.97
CA GLY D 383 -16.94 15.87 14.64
C GLY D 383 -16.65 16.98 13.67
N GLY D 384 -15.40 17.07 13.24
CA GLY D 384 -14.94 18.16 12.41
C GLY D 384 -13.61 18.69 12.89
N VAL D 385 -13.14 18.19 14.02
CA VAL D 385 -11.85 18.57 14.60
C VAL D 385 -11.00 17.32 14.69
N ARG D 386 -9.98 17.25 13.83
CA ARG D 386 -8.98 16.18 13.87
C ARG D 386 -7.57 16.73 13.85
N ASP D 387 -7.41 18.03 14.07
CA ASP D 387 -6.12 18.70 13.94
C ASP D 387 -6.04 19.83 14.95
N GLU D 388 -4.88 20.46 15.02
CA GLU D 388 -4.65 21.59 15.92
C GLU D 388 -5.22 22.88 15.31
N ALA D 389 -6.52 22.85 15.05
CA ALA D 389 -7.21 24.01 14.51
C ALA D 389 -7.83 24.84 15.62
N GLU D 390 -8.74 24.24 16.38
CA GLU D 390 -9.36 24.94 17.52
C GLU D 390 -9.67 23.91 18.60
N ILE D 391 -8.72 23.74 19.51
CA ILE D 391 -9.00 23.18 20.82
C ILE D 391 -8.76 24.20 21.92
N ARG D 392 -7.93 25.20 21.66
CA ARG D 392 -7.78 26.38 22.51
C ARG D 392 -7.68 27.58 21.60
N GLY D 393 -8.31 28.68 22.00
CA GLY D 393 -8.40 29.86 21.15
C GLY D 393 -7.04 30.41 20.75
N HIS D 394 -7.07 31.26 19.74
CA HIS D 394 -5.84 31.84 19.21
C HIS D 394 -5.27 32.83 20.22
N ARG D 395 -4.16 33.48 19.85
CA ARG D 395 -3.62 34.57 20.63
C ARG D 395 -4.34 35.87 20.26
N ARG D 396 -3.79 37.00 20.68
CA ARG D 396 -4.23 38.30 20.24
C ARG D 396 -3.54 38.75 18.96
N THR D 397 -3.02 37.80 18.18
CA THR D 397 -2.20 38.13 17.02
C THR D 397 -3.01 38.70 15.85
N TYR D 398 -4.34 38.60 15.90
CA TYR D 398 -5.20 39.22 14.91
C TYR D 398 -6.37 39.88 15.64
N ILE D 399 -7.24 40.54 14.89
CA ILE D 399 -8.44 41.11 15.49
C ILE D 399 -9.48 40.04 15.76
N GLY D 400 -9.46 38.96 14.99
CA GLY D 400 -10.39 37.86 15.17
C GLY D 400 -9.94 36.87 16.21
N ALA D 401 -9.72 37.34 17.43
CA ALA D 401 -9.35 36.47 18.54
C ALA D 401 -10.58 35.97 19.28
N MET D 402 -11.53 35.43 18.53
CA MET D 402 -12.72 34.85 19.13
C MET D 402 -12.34 33.71 20.05
N PRO D 403 -12.91 33.62 21.25
CA PRO D 403 -12.52 32.57 22.20
C PRO D 403 -12.62 31.16 21.63
N GLY D 404 -11.99 30.20 22.30
CA GLY D 404 -12.08 28.82 21.86
C GLY D 404 -13.50 28.29 21.96
N LYS D 405 -13.89 27.48 20.98
CA LYS D 405 -15.24 26.92 20.99
C LYS D 405 -15.47 26.06 22.23
N LEU D 406 -14.40 25.50 22.80
CA LEU D 406 -14.51 24.80 24.06
C LEU D 406 -14.98 25.74 25.17
N ILE D 407 -14.24 26.83 25.37
CA ILE D 407 -14.60 27.77 26.43
C ILE D 407 -15.85 28.55 26.08
N HIS D 408 -16.25 28.57 24.81
CA HIS D 408 -17.52 29.19 24.46
C HIS D 408 -18.69 28.48 25.10
N ALA D 409 -18.53 27.18 25.40
CA ALA D 409 -19.52 26.51 26.23
C ALA D 409 -19.76 27.24 27.53
N MET D 410 -18.68 27.78 28.12
CA MET D 410 -18.83 28.65 29.27
C MET D 410 -19.43 30.00 28.90
N LYS D 411 -19.35 30.38 27.63
CA LYS D 411 -19.96 31.63 27.20
C LYS D 411 -21.43 31.45 26.85
N GLN D 412 -21.77 30.38 26.13
CA GLN D 412 -23.16 30.17 25.73
C GLN D 412 -24.07 30.03 26.94
N VAL D 413 -23.61 29.34 27.98
CA VAL D 413 -24.39 29.15 29.19
C VAL D 413 -24.37 30.45 29.98
N GLY D 414 -25.37 30.64 30.84
CA GLY D 414 -25.45 31.84 31.66
C GLY D 414 -25.11 31.59 33.12
N VAL D 415 -24.76 30.35 33.45
CA VAL D 415 -24.38 29.99 34.81
C VAL D 415 -22.92 29.56 34.80
N ILE D 416 -22.39 29.30 36.00
CA ILE D 416 -21.01 28.88 36.18
C ILE D 416 -20.90 27.42 36.57
N ASN D 417 -22.00 26.68 36.56
CA ASN D 417 -22.01 25.26 36.92
C ASN D 417 -22.78 24.49 35.86
N PRO D 418 -22.23 24.37 34.66
CA PRO D 418 -22.99 23.80 33.55
C PRO D 418 -22.82 22.30 33.39
N VAL D 419 -23.56 21.72 32.46
CA VAL D 419 -23.31 20.37 31.95
C VAL D 419 -22.80 20.53 30.53
N ILE D 420 -21.50 20.27 30.33
CA ILE D 420 -20.86 20.40 29.03
C ILE D 420 -20.67 19.01 28.45
N LEU D 421 -21.08 18.83 27.20
CA LEU D 421 -21.01 17.55 26.53
C LEU D 421 -20.14 17.66 25.29
N LEU D 422 -19.54 16.53 24.90
CA LEU D 422 -18.72 16.43 23.71
C LEU D 422 -19.30 15.35 22.80
N ASP D 423 -18.80 15.30 21.57
CA ASP D 423 -19.34 14.38 20.57
C ASP D 423 -18.21 13.67 19.84
N GLU D 424 -18.12 12.35 20.03
CA GLU D 424 -17.30 11.47 19.20
C GLU D 424 -15.81 11.86 19.25
N ILE D 425 -15.23 11.73 20.44
CA ILE D 425 -13.81 12.06 20.63
C ILE D 425 -12.91 11.26 19.72
N ASP D 426 -13.34 10.09 19.29
CA ASP D 426 -12.50 9.30 18.38
C ASP D 426 -12.45 9.88 16.97
N LYS D 427 -12.91 11.10 16.76
CA LYS D 427 -12.83 11.77 15.46
C LYS D 427 -11.64 12.71 15.39
N MET D 428 -10.52 12.33 16.00
CA MET D 428 -9.31 13.14 16.03
C MET D 428 -8.16 12.36 15.37
N SER D 429 -7.00 13.01 15.28
CA SER D 429 -5.79 12.36 14.80
C SER D 429 -4.61 13.12 15.39
N SER D 430 -3.91 12.50 16.34
CA SER D 430 -2.77 13.12 17.02
C SER D 430 -1.49 12.61 16.37
N ASP D 431 -1.18 13.12 15.18
CA ASP D 431 0.01 12.69 14.46
C ASP D 431 0.77 13.86 13.82
N TRP D 432 0.59 15.08 14.31
CA TRP D 432 1.31 16.24 13.78
C TRP D 432 1.46 17.27 14.90
N ARG D 433 2.07 18.41 14.56
CA ARG D 433 2.40 19.41 15.55
C ARG D 433 1.13 19.96 16.21
N GLY D 434 1.23 20.24 17.52
CA GLY D 434 0.06 20.59 18.28
C GLY D 434 -0.86 19.40 18.48
N ASP D 435 -0.42 18.43 19.26
CA ASP D 435 -1.18 17.21 19.53
C ASP D 435 -2.55 17.57 20.09
N PRO D 436 -3.63 17.33 19.33
CA PRO D 436 -4.96 17.78 19.77
C PRO D 436 -5.45 17.09 21.03
N ALA D 437 -4.72 16.10 21.55
CA ALA D 437 -5.09 15.45 22.80
C ALA D 437 -4.48 16.13 24.02
N SER D 438 -3.44 16.94 23.83
CA SER D 438 -2.74 17.55 24.95
C SER D 438 -3.64 18.49 25.74
N ALA D 439 -4.27 19.44 25.05
CA ALA D 439 -5.12 20.41 25.73
C ALA D 439 -6.30 19.71 26.41
N MET D 440 -6.90 18.73 25.72
CA MET D 440 -8.06 18.04 26.27
C MET D 440 -7.78 17.45 27.63
N LEU D 441 -6.52 17.07 27.88
CA LEU D 441 -6.12 16.63 29.21
C LEU D 441 -6.49 17.69 30.26
N GLU D 442 -5.96 18.90 30.09
CA GLU D 442 -6.25 19.97 31.04
C GLU D 442 -7.74 20.28 31.09
N VAL D 443 -8.41 20.21 29.94
CA VAL D 443 -9.86 20.47 29.92
C VAL D 443 -10.59 19.44 30.78
N LEU D 444 -10.16 18.19 30.71
CA LEU D 444 -10.85 17.11 31.39
C LEU D 444 -10.14 16.64 32.66
N ASP D 445 -9.06 17.31 33.05
CA ASP D 445 -8.31 16.94 34.23
C ASP D 445 -9.22 16.92 35.46
N PRO D 446 -9.40 15.77 36.11
CA PRO D 446 -10.13 15.75 37.38
C PRO D 446 -9.39 16.44 38.50
N GLU D 447 -8.23 17.04 38.23
CA GLU D 447 -7.48 17.82 39.20
C GLU D 447 -7.44 19.30 38.87
N GLN D 448 -7.26 19.65 37.59
CA GLN D 448 -7.19 21.06 37.20
C GLN D 448 -8.19 21.39 36.11
N ASN D 449 -9.45 20.97 36.29
CA ASN D 449 -10.55 21.50 35.52
C ASN D 449 -11.03 22.84 36.06
N ASN D 450 -10.19 23.48 36.86
CA ASN D 450 -10.41 24.84 37.33
C ASN D 450 -9.34 25.78 36.79
N THR D 451 -8.64 25.34 35.75
CA THR D 451 -7.61 26.14 35.09
C THR D 451 -7.67 25.77 33.60
N PHE D 452 -8.13 26.68 32.77
CA PHE D 452 -8.31 26.44 31.33
C PHE D 452 -7.33 27.32 30.57
N THR D 453 -6.12 26.80 30.33
CA THR D 453 -5.12 27.54 29.58
C THR D 453 -5.62 27.81 28.16
N ASP D 454 -5.29 28.99 27.65
CA ASP D 454 -5.63 29.33 26.27
C ASP D 454 -4.54 30.27 25.75
N HIS D 455 -4.82 30.94 24.63
CA HIS D 455 -3.85 31.84 24.02
C HIS D 455 -4.35 33.27 23.89
N TYR D 456 -5.65 33.49 23.82
CA TYR D 456 -6.25 34.81 23.96
C TYR D 456 -6.80 35.04 25.36
N LEU D 457 -7.57 34.08 25.87
CA LEU D 457 -7.95 34.06 27.29
C LEU D 457 -6.75 33.51 28.06
N ASP D 458 -5.75 34.38 28.23
CA ASP D 458 -4.49 33.95 28.82
C ASP D 458 -4.65 33.41 30.24
N VAL D 459 -5.66 33.87 30.97
CA VAL D 459 -5.91 33.33 32.31
C VAL D 459 -6.54 31.95 32.18
N PRO D 460 -6.02 30.95 32.87
CA PRO D 460 -6.72 29.66 32.91
C PRO D 460 -7.99 29.76 33.73
N TYR D 461 -9.14 29.68 33.06
CA TYR D 461 -10.42 29.96 33.71
C TYR D 461 -10.68 28.97 34.83
N ASP D 462 -11.25 29.47 35.93
CA ASP D 462 -11.62 28.66 37.07
C ASP D 462 -13.11 28.31 36.99
N LEU D 463 -13.40 27.05 36.70
CA LEU D 463 -14.77 26.55 36.62
C LEU D 463 -14.94 25.45 37.64
N SER D 464 -15.66 25.76 38.73
CA SER D 464 -15.79 24.87 39.87
C SER D 464 -16.49 23.58 39.50
N LYS D 465 -17.77 23.65 39.14
CA LYS D 465 -18.54 22.48 38.74
C LYS D 465 -18.76 22.53 37.24
N VAL D 466 -18.17 21.56 36.54
CA VAL D 466 -18.42 21.34 35.12
C VAL D 466 -18.70 19.85 34.97
N PHE D 467 -19.97 19.48 35.00
CA PHE D 467 -20.34 18.10 34.76
C PHE D 467 -19.99 17.73 33.32
N PHE D 468 -19.43 16.54 33.15
CA PHE D 468 -18.98 16.08 31.84
C PHE D 468 -19.69 14.80 31.44
N ILE D 469 -20.03 14.69 30.16
CA ILE D 469 -20.58 13.49 29.57
C ILE D 469 -19.95 13.34 28.19
N THR D 470 -19.04 12.39 28.05
CA THR D 470 -18.28 12.21 26.82
C THR D 470 -18.88 11.11 25.97
N THR D 471 -18.97 11.34 24.67
CA THR D 471 -19.53 10.38 23.74
C THR D 471 -18.50 9.99 22.70
N ALA D 472 -18.62 8.75 22.21
CA ALA D 472 -17.76 8.21 21.17
C ALA D 472 -18.38 6.90 20.69
N ASN D 473 -17.79 6.35 19.62
CA ASN D 473 -18.19 5.04 19.11
C ASN D 473 -17.06 4.03 19.07
N THR D 474 -15.80 4.48 19.02
CA THR D 474 -14.65 3.59 18.95
C THR D 474 -13.67 4.00 20.03
N LEU D 475 -13.25 3.02 20.84
CA LEU D 475 -12.29 3.31 21.91
C LEU D 475 -10.89 3.54 21.37
N GLN D 476 -10.61 3.12 20.14
CA GLN D 476 -9.24 3.08 19.65
C GLN D 476 -8.68 4.48 19.44
N THR D 477 -9.32 5.26 18.56
CA THR D 477 -8.79 6.58 18.21
C THR D 477 -8.88 7.57 19.38
N ILE D 478 -9.71 7.28 20.37
CA ILE D 478 -9.77 8.07 21.60
C ILE D 478 -8.37 8.23 22.15
N PRO D 479 -7.95 9.45 22.51
CA PRO D 479 -6.57 9.65 22.99
C PRO D 479 -6.24 8.74 24.15
N ARG D 480 -5.00 8.23 24.15
CA ARG D 480 -4.55 7.36 25.23
C ARG D 480 -4.44 8.09 26.56
N PRO D 481 -3.74 9.23 26.68
CA PRO D 481 -3.62 9.87 28.00
C PRO D 481 -4.94 10.34 28.57
N LEU D 482 -6.02 10.28 27.81
CA LEU D 482 -7.35 10.58 28.32
C LEU D 482 -8.15 9.34 28.67
N LEU D 483 -8.08 8.29 27.85
CA LEU D 483 -8.85 7.07 28.11
C LEU D 483 -8.54 6.51 29.49
N ASP D 484 -7.27 6.58 29.91
CA ASP D 484 -6.86 5.89 31.12
C ASP D 484 -7.46 6.46 32.39
N ARG D 485 -8.24 7.53 32.32
CA ARG D 485 -8.93 8.07 33.49
C ARG D 485 -10.40 8.33 33.17
N MET D 486 -11.05 7.35 32.55
CA MET D 486 -12.46 7.45 32.19
C MET D 486 -13.16 6.15 32.56
N GLU D 487 -14.12 6.23 33.47
CA GLU D 487 -14.95 5.08 33.84
C GLU D 487 -16.00 4.85 32.75
N VAL D 488 -15.51 4.42 31.60
CA VAL D 488 -16.34 4.37 30.40
C VAL D 488 -17.50 3.41 30.60
N ILE D 489 -18.67 3.82 30.12
CA ILE D 489 -19.87 2.99 30.11
C ILE D 489 -20.30 2.80 28.66
N GLU D 490 -20.43 1.55 28.25
CA GLU D 490 -20.81 1.25 26.88
C GLU D 490 -22.31 1.44 26.69
N ILE D 491 -22.71 1.63 25.44
CA ILE D 491 -24.13 1.68 25.10
C ILE D 491 -24.42 0.55 24.12
N PRO D 492 -25.20 -0.45 24.52
CA PRO D 492 -25.24 -1.70 23.77
C PRO D 492 -25.88 -1.62 22.39
N GLY D 493 -27.12 -1.16 22.33
CA GLY D 493 -27.95 -1.31 21.14
C GLY D 493 -29.31 -1.88 21.48
N TYR D 494 -30.20 -1.82 20.49
CA TYR D 494 -31.60 -2.07 20.72
C TYR D 494 -31.98 -3.50 20.35
N THR D 495 -33.19 -3.89 20.76
CA THR D 495 -33.77 -5.18 20.44
C THR D 495 -35.08 -4.96 19.71
N ASN D 496 -35.55 -6.01 19.05
CA ASN D 496 -36.74 -5.90 18.24
C ASN D 496 -38.01 -5.71 19.05
N MET D 497 -37.93 -5.69 20.38
CA MET D 497 -39.09 -5.32 21.19
C MET D 497 -39.07 -3.83 21.51
N GLU D 498 -37.98 -3.35 22.12
CA GLU D 498 -37.86 -1.94 22.43
C GLU D 498 -37.86 -1.10 21.15
N LYS D 499 -37.30 -1.63 20.06
CA LYS D 499 -37.39 -0.92 18.79
C LYS D 499 -38.85 -0.67 18.41
N GLN D 500 -39.75 -1.57 18.79
CA GLN D 500 -41.16 -1.29 18.61
C GLN D 500 -41.66 -0.32 19.67
N ALA D 501 -41.00 -0.27 20.83
CA ALA D 501 -41.48 0.56 21.92
C ALA D 501 -41.20 2.04 21.66
N ILE D 502 -39.93 2.37 21.34
CA ILE D 502 -39.56 3.76 21.12
C ILE D 502 -40.41 4.38 20.03
N ALA D 503 -40.39 3.77 18.84
CA ALA D 503 -41.17 4.30 17.73
C ALA D 503 -42.66 4.32 18.00
N ARG D 504 -43.14 3.61 19.03
CA ARG D 504 -44.57 3.62 19.30
C ARG D 504 -45.03 4.98 19.79
N GLN D 505 -44.21 5.65 20.61
CA GLN D 505 -44.61 6.90 21.22
C GLN D 505 -43.66 8.06 20.97
N TYR D 506 -42.40 7.79 20.63
CA TYR D 506 -41.42 8.86 20.49
C TYR D 506 -41.17 9.23 19.03
N LEU D 507 -40.70 8.27 18.24
CA LEU D 507 -40.28 8.59 16.87
C LEU D 507 -41.48 8.91 15.99
N TRP D 508 -42.53 8.09 16.08
CA TRP D 508 -43.70 8.28 15.21
C TRP D 508 -44.33 9.66 15.40
N PRO D 509 -44.72 10.07 16.61
CA PRO D 509 -45.31 11.41 16.73
C PRO D 509 -44.34 12.53 16.39
N LYS D 510 -43.14 12.49 16.96
CA LYS D 510 -42.16 13.55 16.75
C LYS D 510 -41.73 13.63 15.29
N GLN D 511 -42.21 12.72 14.46
CA GLN D 511 -42.13 12.87 13.02
C GLN D 511 -43.48 13.13 12.37
N VAL D 512 -44.58 12.85 13.06
CA VAL D 512 -45.89 13.10 12.49
C VAL D 512 -46.22 14.59 12.55
N ARG D 513 -46.04 15.20 13.73
CA ARG D 513 -46.25 16.65 13.85
C ARG D 513 -45.48 17.41 12.78
N GLU D 514 -44.15 17.23 12.77
CA GLU D 514 -43.32 17.90 11.79
C GLU D 514 -43.66 17.54 10.36
N SER D 515 -44.50 16.53 10.15
CA SER D 515 -45.03 16.21 8.83
C SER D 515 -46.33 16.93 8.55
N GLY D 516 -46.54 18.10 9.14
CA GLY D 516 -47.76 18.84 8.91
C GLY D 516 -48.96 18.23 9.60
N MET D 517 -49.27 16.97 9.28
CA MET D 517 -50.37 16.28 9.93
C MET D 517 -50.14 16.23 11.43
N GLU D 518 -50.96 16.94 12.19
CA GLU D 518 -50.78 17.04 13.65
C GLU D 518 -51.71 16.08 14.38
N GLY D 519 -51.93 14.89 13.81
CA GLY D 519 -52.83 13.94 14.41
C GLY D 519 -53.94 13.54 13.45
N ARG D 520 -53.65 13.62 12.15
CA ARG D 520 -54.62 13.27 11.12
C ARG D 520 -54.25 11.97 10.41
N ILE D 521 -53.37 11.18 11.00
CA ILE D 521 -52.98 9.89 10.44
C ILE D 521 -52.27 9.11 11.54
N GLU D 522 -52.45 7.79 11.54
CA GLU D 522 -51.87 6.97 12.60
C GLU D 522 -51.56 5.58 12.06
N VAL D 523 -50.45 5.02 12.52
CA VAL D 523 -49.99 3.70 12.11
C VAL D 523 -50.20 2.73 13.26
N THR D 524 -50.66 1.53 12.94
CA THR D 524 -50.92 0.52 13.95
C THR D 524 -49.62 -0.07 14.46
N ASP D 525 -49.67 -0.62 15.68
CA ASP D 525 -48.48 -1.24 16.26
C ASP D 525 -48.06 -2.47 15.51
N ALA D 526 -49.01 -3.21 14.92
CA ALA D 526 -48.67 -4.37 14.11
C ALA D 526 -47.93 -3.95 12.84
N ALA D 527 -48.34 -2.83 12.25
CA ALA D 527 -47.70 -2.36 11.02
C ALA D 527 -46.25 -1.99 11.27
N ILE D 528 -45.96 -1.37 12.40
CA ILE D 528 -44.59 -0.95 12.69
C ILE D 528 -43.65 -2.15 12.64
N LEU D 529 -44.12 -3.31 13.13
CA LEU D 529 -43.30 -4.51 13.15
C LEU D 529 -42.71 -4.82 11.78
N ARG D 530 -43.51 -4.68 10.72
CA ARG D 530 -42.98 -4.83 9.37
C ARG D 530 -41.83 -3.85 9.15
N VAL D 531 -42.11 -2.56 9.33
CA VAL D 531 -41.07 -1.56 9.22
C VAL D 531 -39.94 -1.82 10.21
N ILE D 532 -40.26 -2.48 11.33
CA ILE D 532 -39.20 -2.87 12.26
C ILE D 532 -38.32 -3.93 11.63
N SER D 533 -38.91 -4.87 10.88
CA SER D 533 -38.17 -5.99 10.33
C SER D 533 -37.82 -5.79 8.86
N GLU D 534 -38.83 -5.55 8.02
CA GLU D 534 -38.65 -5.66 6.58
C GLU D 534 -37.90 -4.47 5.97
N TYR D 535 -37.63 -3.42 6.73
CA TYR D 535 -36.80 -2.33 6.22
C TYR D 535 -35.73 -1.86 7.18
N THR D 536 -35.83 -2.18 8.47
CA THR D 536 -34.87 -1.69 9.46
C THR D 536 -33.81 -2.76 9.67
N ARG D 537 -32.58 -2.46 9.27
CA ARG D 537 -31.44 -3.34 9.45
C ARG D 537 -30.27 -2.57 10.01
N GLU D 538 -30.53 -1.80 11.06
CA GLU D 538 -29.53 -0.97 11.70
C GLU D 538 -29.46 -1.30 13.18
N ALA D 539 -28.27 -1.15 13.76
CA ALA D 539 -28.10 -1.42 15.17
C ALA D 539 -28.81 -0.37 16.02
N GLY D 540 -28.58 0.90 15.73
CA GLY D 540 -29.24 1.97 16.45
C GLY D 540 -30.68 2.16 16.03
N VAL D 541 -31.14 3.41 15.99
CA VAL D 541 -32.52 3.67 15.59
C VAL D 541 -32.54 4.81 14.57
N ARG D 542 -31.36 5.40 14.32
CA ARG D 542 -31.29 6.53 13.40
C ARG D 542 -31.84 6.17 12.02
N GLY D 543 -31.74 4.90 11.64
CA GLY D 543 -32.29 4.48 10.37
C GLY D 543 -33.79 4.29 10.39
N LEU D 544 -34.36 4.04 11.57
CA LEU D 544 -35.78 3.70 11.66
C LEU D 544 -36.65 4.92 11.36
N GLU D 545 -36.48 5.98 12.13
CA GLU D 545 -37.36 7.14 12.04
C GLU D 545 -37.46 7.68 10.62
N ARG D 546 -36.41 7.52 9.82
CA ARG D 546 -36.43 8.03 8.47
C ARG D 546 -37.50 7.36 7.62
N GLU D 547 -37.75 6.07 7.84
CA GLU D 547 -38.81 5.39 7.10
C GLU D 547 -40.17 5.96 7.48
N LEU D 548 -40.43 6.07 8.78
CA LEU D 548 -41.73 6.55 9.24
C LEU D 548 -42.02 7.94 8.70
N GLY D 549 -41.02 8.83 8.71
CA GLY D 549 -41.19 10.11 8.05
C GLY D 549 -41.59 9.95 6.60
N LYS D 550 -40.83 9.13 5.87
CA LYS D 550 -41.15 8.86 4.48
C LYS D 550 -42.58 8.38 4.32
N ILE D 551 -43.11 7.65 5.30
CA ILE D 551 -44.52 7.30 5.29
C ILE D 551 -45.36 8.56 5.43
N ALA D 552 -45.02 9.38 6.43
CA ALA D 552 -45.81 10.57 6.72
C ALA D 552 -45.82 11.52 5.53
N ARG D 553 -44.64 11.84 5.01
CA ARG D 553 -44.55 12.76 3.88
C ARG D 553 -45.36 12.26 2.71
N LYS D 554 -44.99 11.10 2.17
CA LYS D 554 -45.75 10.50 1.07
C LYS D 554 -47.21 10.29 1.46
N GLY D 555 -47.50 10.17 2.75
CA GLY D 555 -48.88 10.17 3.19
C GLY D 555 -49.50 11.55 3.10
N ALA D 556 -48.73 12.59 3.42
CA ALA D 556 -49.25 13.94 3.37
C ALA D 556 -49.68 14.30 1.95
N LYS D 557 -48.85 13.96 0.96
CA LYS D 557 -49.20 14.26 -0.43
C LYS D 557 -50.53 13.64 -0.82
N PHE D 558 -50.88 12.49 -0.22
CA PHE D 558 -52.15 11.87 -0.54
C PHE D 558 -53.32 12.78 -0.20
N TRP D 559 -53.19 13.57 0.86
CA TRP D 559 -54.26 14.52 1.20
C TRP D 559 -54.49 15.50 0.06
N LEU D 560 -53.45 16.24 -0.33
CA LEU D 560 -53.58 17.12 -1.48
C LEU D 560 -53.95 16.36 -2.74
N GLU D 561 -53.56 15.09 -2.84
CA GLU D 561 -54.05 14.26 -3.93
C GLU D 561 -55.55 14.02 -3.79
N GLY D 562 -55.97 13.57 -2.62
CA GLY D 562 -57.38 13.41 -2.33
C GLY D 562 -57.64 13.42 -0.85
N ALA D 563 -58.57 14.25 -0.40
CA ALA D 563 -58.82 14.40 1.02
C ALA D 563 -59.43 13.13 1.60
N TRP D 564 -59.36 13.02 2.92
CA TRP D 564 -60.06 11.98 3.65
C TRP D 564 -60.48 12.54 5.00
N GLU D 565 -61.58 12.00 5.52
CA GLU D 565 -62.18 12.54 6.73
C GLU D 565 -61.45 12.04 7.97
N GLY D 566 -61.24 12.95 8.92
CA GLY D 566 -60.61 12.57 10.18
C GLY D 566 -59.18 12.13 9.97
N LEU D 567 -58.80 11.05 10.64
CA LEU D 567 -57.47 10.48 10.51
C LEU D 567 -57.55 9.16 9.77
N ARG D 568 -56.64 8.96 8.82
CA ARG D 568 -56.56 7.71 8.07
C ARG D 568 -55.59 6.77 8.78
N THR D 569 -55.99 5.49 8.86
CA THR D 569 -55.19 4.49 9.53
C THR D 569 -54.33 3.73 8.54
N ILE D 570 -53.18 3.26 9.02
CA ILE D 570 -52.24 2.49 8.22
C ILE D 570 -51.86 1.24 9.01
N ASP D 571 -52.26 0.09 8.52
CA ASP D 571 -51.90 -1.19 9.11
C ASP D 571 -50.88 -1.89 8.23
N ALA D 572 -50.43 -3.06 8.70
CA ALA D 572 -49.40 -3.83 8.02
C ALA D 572 -49.83 -4.34 6.65
N SER D 573 -51.06 -4.06 6.23
CA SER D 573 -51.59 -4.53 4.96
C SER D 573 -51.46 -3.51 3.84
N ASP D 574 -50.90 -2.33 4.13
CA ASP D 574 -50.78 -1.29 3.11
C ASP D 574 -49.44 -0.56 3.14
N ILE D 575 -48.50 -1.00 3.96
CA ILE D 575 -47.23 -0.26 4.09
C ILE D 575 -46.48 -0.14 2.78
N PRO D 576 -46.32 -1.20 1.98
CA PRO D 576 -45.56 -1.05 0.72
C PRO D 576 -46.04 0.08 -0.15
N THR D 577 -47.30 0.49 -0.02
CA THR D 577 -47.81 1.60 -0.82
C THR D 577 -47.12 2.91 -0.47
N TYR D 578 -46.42 2.97 0.66
CA TYR D 578 -45.78 4.18 1.12
C TYR D 578 -44.26 4.12 1.00
N LEU D 579 -43.63 3.11 1.59
CA LEU D 579 -42.18 3.00 1.58
C LEU D 579 -41.64 2.30 0.36
N GLY D 580 -42.48 1.67 -0.45
CA GLY D 580 -42.02 1.00 -1.64
C GLY D 580 -42.02 -0.51 -1.52
N ILE D 581 -41.02 -1.15 -2.10
CA ILE D 581 -40.93 -2.60 -2.09
C ILE D 581 -39.96 -2.98 -0.97
N PRO D 582 -40.25 -4.03 -0.19
CA PRO D 582 -39.36 -4.42 0.91
C PRO D 582 -37.91 -4.62 0.48
N ARG D 583 -36.98 -4.46 1.39
CA ARG D 583 -35.56 -4.58 1.07
C ARG D 583 -34.83 -5.67 1.82
N TYR D 584 -35.42 -6.22 2.88
CA TYR D 584 -34.79 -7.32 3.62
C TYR D 584 -35.87 -8.29 4.04
N ARG D 585 -35.77 -9.52 3.55
CA ARG D 585 -36.72 -10.53 3.99
C ARG D 585 -36.53 -10.79 5.48
N PRO D 586 -37.57 -11.25 6.15
CA PRO D 586 -37.38 -11.76 7.51
C PRO D 586 -36.61 -13.07 7.49
N ASP D 587 -36.37 -13.64 8.67
CA ASP D 587 -35.64 -14.90 8.80
C ASP D 587 -36.47 -15.83 9.67
N LYS D 588 -37.39 -16.54 9.05
CA LYS D 588 -38.38 -17.33 9.77
C LYS D 588 -37.98 -18.81 9.75
N ALA D 589 -38.20 -19.48 10.87
CA ALA D 589 -37.86 -20.89 10.97
C ALA D 589 -38.68 -21.72 9.99
N GLU D 590 -38.20 -22.93 9.73
CA GLU D 590 -38.89 -23.82 8.80
C GLU D 590 -40.09 -24.46 9.46
N THR D 591 -40.00 -26.45 11.68
CA THR D 591 -41.25 -27.00 12.16
C THR D 591 -41.39 -28.45 11.71
N GLU D 592 -41.16 -28.69 10.42
CA GLU D 592 -41.17 -30.06 9.94
C GLU D 592 -39.75 -30.62 10.00
N PRO D 593 -39.56 -31.75 10.68
CA PRO D 593 -38.21 -32.32 10.76
C PRO D 593 -37.69 -32.68 9.38
N GLN D 594 -36.41 -32.38 9.16
CA GLN D 594 -35.78 -32.59 7.87
C GLN D 594 -34.51 -33.41 8.05
N VAL D 595 -34.13 -34.10 6.98
CA VAL D 595 -32.97 -34.99 7.02
C VAL D 595 -31.69 -34.16 6.92
N GLY D 596 -30.77 -34.39 7.83
CA GLY D 596 -29.46 -33.78 7.79
C GLY D 596 -29.47 -32.27 7.71
N THR D 597 -30.20 -31.63 8.61
CA THR D 597 -30.29 -30.18 8.64
C THR D 597 -30.36 -29.73 10.09
N ALA D 598 -30.04 -28.45 10.31
CA ALA D 598 -30.10 -27.91 11.65
C ALA D 598 -30.20 -26.40 11.59
N GLN D 599 -30.64 -25.80 12.69
CA GLN D 599 -30.82 -24.37 12.81
C GLN D 599 -29.63 -23.76 13.53
N GLY D 600 -28.79 -23.07 12.79
CA GLY D 600 -27.64 -22.41 13.37
C GLY D 600 -27.93 -20.95 13.63
N LEU D 601 -27.33 -20.43 14.69
CA LEU D 601 -27.52 -19.04 15.09
C LEU D 601 -26.21 -18.30 14.92
N ALA D 602 -26.26 -17.18 14.22
CA ALA D 602 -25.05 -16.44 13.89
C ALA D 602 -25.15 -15.02 14.43
N TRP D 603 -24.06 -14.56 15.03
CA TRP D 603 -23.94 -13.22 15.57
C TRP D 603 -23.47 -12.30 14.46
N THR D 604 -24.04 -11.11 14.39
CA THR D 604 -23.60 -10.08 13.48
C THR D 604 -23.63 -8.73 14.19
N PRO D 605 -22.79 -7.79 13.81
CA PRO D 605 -22.75 -6.51 14.52
C PRO D 605 -24.06 -5.73 14.51
N VAL D 606 -25.04 -6.19 13.73
CA VAL D 606 -26.27 -5.44 13.56
C VAL D 606 -27.43 -6.23 14.13
N GLY D 607 -27.16 -7.37 14.74
CA GLY D 607 -28.20 -8.15 15.35
C GLY D 607 -27.84 -9.62 15.33
N GLY D 608 -28.83 -10.45 15.06
CA GLY D 608 -28.61 -11.88 14.95
C GLY D 608 -29.28 -12.42 13.70
N THR D 609 -28.84 -13.60 13.29
CA THR D 609 -29.38 -14.25 12.11
C THR D 609 -29.52 -15.74 12.37
N LEU D 610 -30.53 -16.33 11.74
CA LEU D 610 -30.83 -17.74 11.90
C LEU D 610 -30.38 -18.49 10.64
N LEU D 611 -29.23 -19.13 10.70
CA LEU D 611 -28.67 -19.82 9.55
C LEU D 611 -29.04 -21.30 9.61
N THR D 612 -29.14 -21.92 8.44
CA THR D 612 -29.63 -23.27 8.32
C THR D 612 -28.56 -24.15 7.68
N ILE D 613 -27.72 -24.76 8.50
CA ILE D 613 -26.74 -25.70 7.99
C ILE D 613 -27.46 -26.89 7.40
N GLU D 614 -26.99 -27.36 6.25
CA GLU D 614 -27.59 -28.52 5.61
C GLU D 614 -26.49 -29.31 4.91
N VAL D 615 -26.56 -30.63 5.03
CA VAL D 615 -25.52 -31.51 4.52
C VAL D 615 -26.15 -32.65 3.75
N ALA D 616 -25.34 -33.30 2.92
CA ALA D 616 -25.79 -34.41 2.11
C ALA D 616 -24.81 -35.57 2.23
N ALA D 617 -25.34 -36.79 2.09
CA ALA D 617 -24.55 -38.01 2.14
C ALA D 617 -24.77 -38.77 0.85
N VAL D 618 -23.81 -38.69 -0.06
CA VAL D 618 -23.94 -39.32 -1.37
C VAL D 618 -22.86 -40.39 -1.52
N PRO D 619 -23.15 -41.47 -2.24
CA PRO D 619 -22.14 -42.52 -2.40
C PRO D 619 -20.91 -41.99 -3.12
N GLY D 620 -19.78 -41.97 -2.42
CA GLY D 620 -18.57 -41.41 -2.96
C GLY D 620 -17.35 -42.13 -2.42
N SER D 621 -16.24 -41.40 -2.39
CA SER D 621 -14.95 -41.96 -2.00
C SER D 621 -14.53 -41.57 -0.61
N GLY D 622 -15.25 -40.66 0.04
CA GLY D 622 -14.88 -40.19 1.35
C GLY D 622 -14.30 -38.80 1.39
N LYS D 623 -14.47 -38.02 0.33
CA LYS D 623 -14.01 -36.63 0.33
C LYS D 623 -14.84 -35.85 1.34
N LEU D 624 -14.51 -34.58 1.53
CA LEU D 624 -15.32 -33.70 2.35
C LEU D 624 -15.30 -32.33 1.72
N SER D 625 -16.43 -31.91 1.17
CA SER D 625 -16.54 -30.63 0.51
C SER D 625 -17.30 -29.67 1.40
N LEU D 626 -16.67 -28.54 1.70
CA LEU D 626 -17.23 -27.54 2.60
C LEU D 626 -17.51 -26.31 1.75
N THR D 627 -18.77 -26.12 1.38
CA THR D 627 -19.16 -25.11 0.41
C THR D 627 -20.06 -24.06 1.04
N GLY D 628 -20.07 -22.88 0.42
CA GLY D 628 -20.84 -21.76 0.92
C GLY D 628 -20.04 -20.59 1.42
N GLN D 629 -18.85 -20.35 0.87
CA GLN D 629 -18.00 -19.24 1.29
C GLN D 629 -17.68 -19.34 2.79
N LEU D 630 -17.42 -20.56 3.23
CA LEU D 630 -17.11 -20.81 4.63
C LEU D 630 -15.75 -20.22 4.98
N GLY D 631 -15.63 -19.73 6.20
CA GLY D 631 -14.36 -19.29 6.71
C GLY D 631 -13.45 -20.46 7.00
N GLU D 632 -12.16 -20.17 7.07
CA GLU D 632 -11.17 -21.22 7.29
C GLU D 632 -11.33 -21.84 8.67
N VAL D 633 -11.71 -21.04 9.66
CA VAL D 633 -11.87 -21.56 11.01
C VAL D 633 -13.01 -22.55 11.07
N MET D 634 -14.14 -22.20 10.46
CA MET D 634 -15.31 -23.06 10.53
C MET D 634 -15.04 -24.41 9.88
N LYS D 635 -14.32 -24.41 8.76
CA LYS D 635 -14.01 -25.67 8.09
C LYS D 635 -13.24 -26.60 9.02
N GLU D 636 -12.43 -26.04 9.90
CA GLU D 636 -11.75 -26.87 10.89
C GLU D 636 -12.76 -27.50 11.84
N SER D 637 -13.77 -26.75 12.23
CA SER D 637 -14.79 -27.28 13.13
C SER D 637 -15.61 -28.38 12.47
N ALA D 638 -15.72 -28.35 11.14
CA ALA D 638 -16.47 -29.38 10.46
C ALA D 638 -15.83 -30.76 10.66
N GLN D 639 -14.57 -30.91 10.28
CA GLN D 639 -13.87 -32.16 10.54
C GLN D 639 -13.86 -32.46 12.04
N ALA D 640 -13.70 -31.42 12.86
CA ALA D 640 -13.73 -31.61 14.30
C ALA D 640 -14.98 -32.37 14.73
N ALA D 641 -16.13 -32.00 14.17
CA ALA D 641 -17.34 -32.75 14.45
C ALA D 641 -17.30 -34.10 13.75
N LEU D 642 -16.93 -34.11 12.46
CA LEU D 642 -16.92 -35.35 11.71
C LEU D 642 -16.01 -36.39 12.35
N THR D 643 -14.80 -35.98 12.73
CA THR D 643 -13.88 -36.95 13.32
C THR D 643 -14.44 -37.52 14.61
N TYR D 644 -15.13 -36.70 15.39
CA TYR D 644 -15.78 -37.22 16.59
C TYR D 644 -16.73 -38.35 16.23
N LEU D 645 -17.54 -38.14 15.19
CA LEU D 645 -18.50 -39.15 14.79
C LEU D 645 -17.80 -40.43 14.33
N ARG D 646 -16.70 -40.29 13.61
CA ARG D 646 -16.02 -41.45 13.06
C ARG D 646 -15.60 -42.43 14.15
N ALA D 647 -15.29 -41.93 15.35
CA ALA D 647 -14.90 -42.79 16.46
C ALA D 647 -16.09 -43.29 17.26
N HIS D 648 -17.31 -42.95 16.85
CA HIS D 648 -18.49 -43.34 17.60
C HIS D 648 -19.56 -43.81 16.62
N THR D 649 -19.13 -44.59 15.63
CA THR D 649 -20.06 -45.03 14.58
C THR D 649 -21.14 -45.95 15.14
N GLN D 650 -20.80 -46.74 16.16
CA GLN D 650 -21.77 -47.68 16.71
C GLN D 650 -22.72 -46.99 17.68
N ASP D 651 -22.23 -45.94 18.35
CA ASP D 651 -23.00 -45.35 19.44
C ASP D 651 -24.21 -44.59 18.95
N TYR D 652 -24.17 -44.08 17.72
CA TYR D 652 -25.34 -43.41 17.13
C TYR D 652 -25.90 -44.20 15.95
N GLY D 653 -25.46 -45.44 15.77
CA GLY D 653 -25.94 -46.25 14.67
C GLY D 653 -25.62 -45.65 13.32
N LEU D 654 -24.42 -45.24 13.13
CA LEU D 654 -24.03 -44.67 11.86
C LEU D 654 -23.46 -45.74 10.95
N PRO D 655 -23.34 -45.47 9.65
CA PRO D 655 -22.66 -46.43 8.77
C PRO D 655 -21.26 -46.72 9.25
N GLU D 656 -20.91 -48.01 9.30
CA GLU D 656 -19.60 -48.41 9.81
C GLU D 656 -18.46 -47.81 8.99
N ASP D 657 -18.58 -47.82 7.66
CA ASP D 657 -17.53 -47.33 6.79
C ASP D 657 -17.90 -46.03 6.09
N PHE D 658 -18.55 -45.12 6.79
CA PHE D 658 -18.92 -43.85 6.16
C PHE D 658 -17.70 -42.96 5.98
N TYR D 659 -16.63 -43.23 6.72
CA TYR D 659 -15.37 -42.54 6.47
C TYR D 659 -14.84 -42.83 5.07
N ASN D 660 -15.26 -43.95 4.47
CA ASN D 660 -14.62 -44.49 3.29
C ASN D 660 -15.50 -44.44 2.05
N LYS D 661 -16.79 -44.64 2.18
CA LYS D 661 -17.66 -44.76 1.01
C LYS D 661 -18.68 -43.64 0.86
N VAL D 662 -18.77 -42.74 1.83
CA VAL D 662 -19.76 -41.67 1.80
C VAL D 662 -19.07 -40.33 1.71
N ASP D 663 -19.27 -39.65 0.59
CA ASP D 663 -18.69 -38.33 0.37
C ASP D 663 -19.67 -37.26 0.85
N LEU D 664 -19.36 -36.63 1.97
CA LEU D 664 -20.22 -35.63 2.56
C LEU D 664 -20.13 -34.34 1.77
N HIS D 665 -21.00 -33.40 2.13
CA HIS D 665 -21.00 -32.07 1.54
C HIS D 665 -21.78 -31.16 2.46
N VAL D 666 -21.13 -30.13 2.98
CA VAL D 666 -21.72 -29.22 3.94
C VAL D 666 -21.93 -27.87 3.27
N HIS D 667 -23.16 -27.38 3.27
CA HIS D 667 -23.49 -26.11 2.66
C HIS D 667 -24.18 -25.20 3.67
N VAL D 668 -23.98 -23.91 3.50
CA VAL D 668 -24.55 -22.91 4.41
C VAL D 668 -25.13 -21.76 3.60
N PRO D 669 -26.41 -21.75 3.29
CA PRO D 669 -26.99 -20.63 2.54
C PRO D 669 -26.98 -19.38 3.39
N ASP D 670 -26.83 -18.23 2.75
CA ASP D 670 -26.66 -18.11 1.30
C ASP D 670 -25.20 -18.28 0.92
N GLY D 671 -24.93 -18.31 -0.38
CA GLY D 671 -23.59 -18.59 -0.85
C GLY D 671 -22.67 -17.40 -1.01
N ALA D 672 -23.14 -16.18 -0.74
CA ALA D 672 -22.35 -15.00 -1.03
C ALA D 672 -21.82 -14.30 0.21
N THR D 673 -22.32 -14.62 1.39
CA THR D 673 -21.94 -13.90 2.60
C THR D 673 -20.89 -14.68 3.37
N PRO D 674 -19.70 -14.11 3.60
CA PRO D 674 -18.63 -14.86 4.26
C PRO D 674 -19.03 -15.25 5.68
N LYS D 675 -19.11 -16.55 5.92
CA LYS D 675 -19.45 -17.09 7.22
C LYS D 675 -18.20 -17.69 7.85
N ASP D 676 -17.96 -17.32 9.11
CA ASP D 676 -16.71 -17.61 9.78
C ASP D 676 -16.99 -17.87 11.24
N GLY D 677 -15.99 -18.42 11.93
CA GLY D 677 -16.08 -18.66 13.36
C GLY D 677 -16.52 -20.07 13.67
N PRO D 678 -15.96 -20.91 15.12
CA PRO D 678 -15.98 -22.32 15.37
C PRO D 678 -17.20 -22.75 16.12
N SER D 679 -18.12 -21.82 16.37
CA SER D 679 -19.23 -22.05 17.30
C SER D 679 -20.29 -23.00 16.76
N ALA D 680 -20.44 -23.01 15.46
CA ALA D 680 -21.55 -23.73 14.85
C ALA D 680 -21.36 -25.21 14.79
N GLY D 681 -20.24 -25.62 15.33
CA GLY D 681 -19.84 -27.00 15.32
C GLY D 681 -20.85 -27.92 15.93
N ILE D 682 -21.52 -27.53 17.01
CA ILE D 682 -22.53 -28.37 17.60
C ILE D 682 -23.59 -28.64 16.56
N THR D 683 -24.05 -27.64 15.83
CA THR D 683 -25.05 -27.90 14.84
C THR D 683 -24.57 -28.80 13.77
N MET D 684 -23.37 -28.55 13.27
CA MET D 684 -22.87 -29.36 12.17
C MET D 684 -22.79 -30.73 12.67
N ALA D 685 -22.32 -30.83 13.88
CA ALA D 685 -22.26 -32.15 14.49
C ALA D 685 -23.59 -32.88 14.38
N THR D 686 -24.69 -32.14 14.43
CA THR D 686 -26.00 -32.78 14.34
C THR D 686 -26.30 -33.22 12.92
N ALA D 687 -26.34 -32.27 11.99
CA ALA D 687 -26.79 -32.58 10.63
C ALA D 687 -25.95 -33.69 10.01
N ILE D 688 -24.63 -33.63 10.20
CA ILE D 688 -23.77 -34.70 9.67
C ILE D 688 -24.18 -36.03 10.29
N ALA D 689 -24.43 -36.03 11.60
CA ALA D 689 -24.89 -37.25 12.24
C ALA D 689 -26.25 -37.68 11.69
N SER D 690 -27.15 -36.73 11.49
CA SER D 690 -28.45 -37.07 10.95
C SER D 690 -28.34 -37.61 9.54
N ALA D 691 -27.66 -36.88 8.66
CA ALA D 691 -27.61 -37.24 7.25
C ALA D 691 -27.11 -38.66 7.05
N LEU D 692 -26.11 -39.06 7.84
CA LEU D 692 -25.59 -40.41 7.71
C LEU D 692 -26.58 -41.42 8.29
N SER D 693 -27.12 -41.13 9.46
CA SER D 693 -28.01 -42.08 10.12
C SER D 693 -29.40 -42.07 9.51
N ARG D 694 -29.68 -41.17 8.57
CA ARG D 694 -30.96 -41.09 7.88
C ARG D 694 -32.12 -40.78 8.83
N ARG D 695 -31.83 -40.38 10.03
CA ARG D 695 -32.90 -39.97 10.94
C ARG D 695 -33.02 -38.45 10.93
N PRO D 696 -34.19 -37.90 10.64
CA PRO D 696 -34.31 -36.45 10.50
C PRO D 696 -34.07 -35.74 11.82
N ALA D 697 -33.63 -34.49 11.72
CA ALA D 697 -33.36 -33.64 12.87
C ALA D 697 -34.40 -32.53 12.94
N ARG D 698 -35.16 -32.51 14.04
CA ARG D 698 -36.24 -31.55 14.19
C ARG D 698 -35.71 -30.13 14.15
N MET D 699 -36.48 -29.25 13.51
CA MET D 699 -36.03 -27.90 13.19
C MET D 699 -36.60 -26.86 14.14
N ASP D 700 -37.58 -27.23 14.97
CA ASP D 700 -38.14 -26.30 15.94
C ASP D 700 -37.20 -26.07 17.10
N ILE D 701 -35.97 -26.55 17.02
CA ILE D 701 -34.97 -26.38 18.05
C ILE D 701 -33.79 -25.62 17.46
N ALA D 702 -33.38 -24.57 18.16
CA ALA D 702 -32.17 -23.84 17.78
C ALA D 702 -31.02 -24.41 18.59
N MET D 703 -29.82 -24.35 18.00
CA MET D 703 -28.66 -24.88 18.69
C MET D 703 -27.43 -24.09 18.27
N THR D 704 -26.48 -23.98 19.19
CA THR D 704 -25.20 -23.34 18.91
C THR D 704 -24.23 -23.74 20.01
N GLY D 705 -23.11 -24.34 19.62
CA GLY D 705 -22.10 -24.70 20.59
C GLY D 705 -20.85 -25.21 19.92
N GLU D 706 -19.70 -24.66 20.31
CA GLU D 706 -18.43 -25.08 19.76
C GLU D 706 -18.08 -26.46 20.29
N VAL D 707 -17.60 -27.32 19.41
CA VAL D 707 -17.39 -28.73 19.73
C VAL D 707 -15.90 -29.01 19.85
N SER D 708 -15.55 -29.94 20.72
CA SER D 708 -14.21 -30.47 20.87
C SER D 708 -14.15 -31.86 20.27
N LEU D 709 -12.93 -32.40 20.18
CA LEU D 709 -12.75 -33.66 19.48
C LEU D 709 -13.36 -34.81 20.25
N ARG D 710 -12.96 -35.00 21.51
CA ARG D 710 -13.46 -36.13 22.26
C ARG D 710 -14.94 -35.98 22.61
N GLY D 711 -15.48 -34.78 22.47
CA GLY D 711 -16.92 -34.59 22.50
C GLY D 711 -17.44 -33.53 23.45
N LYS D 712 -16.58 -32.85 24.20
CA LYS D 712 -17.08 -31.84 25.13
C LYS D 712 -17.46 -30.56 24.39
N VAL D 713 -18.65 -30.06 24.68
CA VAL D 713 -19.15 -28.84 24.06
C VAL D 713 -18.58 -27.66 24.83
N MET D 714 -18.04 -26.70 24.11
CA MET D 714 -17.32 -25.60 24.72
C MET D 714 -18.14 -24.31 24.63
N PRO D 715 -17.74 -23.26 25.35
CA PRO D 715 -18.51 -22.02 25.34
C PRO D 715 -18.40 -21.27 24.03
N ILE D 716 -19.42 -20.45 23.76
CA ILE D 716 -19.51 -19.65 22.56
C ILE D 716 -19.59 -18.17 22.97
N GLY D 717 -19.64 -17.30 21.97
CA GLY D 717 -19.71 -15.87 22.21
C GLY D 717 -20.93 -15.27 21.55
N GLY D 718 -21.46 -14.23 22.19
CA GLY D 718 -22.60 -13.52 21.67
C GLY D 718 -23.93 -14.17 21.88
N VAL D 719 -24.16 -14.79 23.04
CA VAL D 719 -25.41 -15.52 23.28
C VAL D 719 -26.58 -14.56 23.27
N LYS D 720 -26.35 -13.29 23.62
CA LYS D 720 -27.44 -12.33 23.70
C LYS D 720 -28.09 -12.10 22.35
N GLU D 721 -27.30 -11.61 21.39
CA GLU D 721 -27.87 -11.28 20.09
C GLU D 721 -28.46 -12.51 19.41
N LYS D 722 -27.81 -13.66 19.56
CA LYS D 722 -28.27 -14.87 18.89
C LYS D 722 -29.64 -15.28 19.37
N LEU D 723 -29.82 -15.45 20.68
CA LEU D 723 -31.10 -15.91 21.21
C LEU D 723 -32.22 -14.95 20.84
N LEU D 724 -31.96 -13.65 20.94
CA LEU D 724 -32.96 -12.66 20.57
C LEU D 724 -33.39 -12.83 19.13
N ALA D 725 -32.44 -13.14 18.25
CA ALA D 725 -32.80 -13.48 16.88
C ALA D 725 -33.63 -14.75 16.83
N ALA D 726 -33.30 -15.72 17.68
CA ALA D 726 -34.00 -17.00 17.63
C ALA D 726 -35.46 -16.84 18.03
N HIS D 727 -35.75 -16.01 19.03
CA HIS D 727 -37.13 -15.87 19.48
C HIS D 727 -37.97 -15.14 18.45
N GLN D 728 -37.48 -14.00 17.96
CA GLN D 728 -38.24 -13.24 16.98
C GLN D 728 -38.45 -14.04 15.70
N ALA D 729 -37.69 -15.13 15.53
CA ALA D 729 -38.00 -16.06 14.46
C ALA D 729 -39.11 -17.02 14.83
N GLY D 730 -39.43 -17.15 16.11
CA GLY D 730 -40.49 -18.02 16.55
C GLY D 730 -40.06 -19.37 17.09
N ILE D 731 -38.82 -19.50 17.54
CA ILE D 731 -38.29 -20.75 18.06
C ILE D 731 -38.46 -20.75 19.58
N HIS D 732 -38.84 -21.89 20.13
CA HIS D 732 -39.11 -22.01 21.55
C HIS D 732 -38.26 -23.06 22.25
N LYS D 733 -37.24 -23.60 21.60
CA LYS D 733 -36.33 -24.54 22.25
C LYS D 733 -34.91 -24.30 21.77
N ILE D 734 -33.99 -24.15 22.72
CA ILE D 734 -32.61 -23.78 22.43
C ILE D 734 -31.68 -24.73 23.15
N VAL D 735 -30.53 -24.99 22.53
CA VAL D 735 -29.47 -25.80 23.11
C VAL D 735 -28.21 -24.94 23.21
N LEU D 736 -27.54 -25.02 24.35
CA LEU D 736 -26.49 -24.07 24.68
C LEU D 736 -25.53 -24.71 25.68
N PRO D 737 -24.24 -24.45 25.57
CA PRO D 737 -23.28 -25.10 26.48
C PRO D 737 -23.55 -24.72 27.93
N LYS D 738 -23.04 -25.56 28.83
CA LYS D 738 -23.28 -25.32 30.26
C LYS D 738 -22.58 -24.06 30.72
N ASP D 739 -21.44 -23.72 30.11
CA ASP D 739 -20.68 -22.55 30.52
C ASP D 739 -21.50 -21.28 30.33
N ASN D 740 -22.27 -21.21 29.26
CA ASN D 740 -23.03 -20.00 28.97
C ASN D 740 -24.30 -19.89 29.77
N GLU D 741 -24.49 -20.76 30.78
CA GLU D 741 -25.61 -20.56 31.69
C GLU D 741 -25.50 -19.23 32.42
N ALA D 742 -24.27 -18.75 32.63
CA ALA D 742 -24.08 -17.49 33.31
C ALA D 742 -24.70 -16.33 32.54
N GLN D 743 -24.31 -16.16 31.28
CA GLN D 743 -24.72 -15.00 30.50
C GLN D 743 -26.16 -15.08 30.02
N LEU D 744 -26.93 -16.04 30.52
CA LEU D 744 -28.36 -16.09 30.22
C LEU D 744 -29.13 -14.97 30.86
N GLU D 745 -28.55 -14.29 31.86
CA GLU D 745 -29.32 -13.29 32.58
C GLU D 745 -29.48 -12.01 31.78
N GLU D 746 -28.64 -11.81 30.77
CA GLU D 746 -28.70 -10.55 30.02
C GLU D 746 -29.94 -10.45 29.16
N LEU D 747 -30.55 -11.59 28.82
CA LEU D 747 -31.80 -11.56 28.08
C LEU D 747 -32.91 -10.92 28.90
N PRO D 748 -33.90 -10.32 28.25
CA PRO D 748 -35.09 -9.86 28.97
C PRO D 748 -35.79 -11.01 29.66
N LYS D 749 -36.53 -10.68 30.71
CA LYS D 749 -37.20 -11.70 31.51
C LYS D 749 -38.24 -12.45 30.67
N GLU D 750 -38.88 -11.75 29.73
CA GLU D 750 -39.96 -12.39 28.98
C GLU D 750 -39.44 -13.47 28.06
N VAL D 751 -38.40 -13.18 27.28
CA VAL D 751 -37.88 -14.16 26.34
C VAL D 751 -37.35 -15.38 27.07
N LEU D 752 -36.67 -15.17 28.20
CA LEU D 752 -36.16 -16.28 29.00
C LEU D 752 -37.30 -17.23 29.39
N GLU D 753 -38.47 -16.67 29.67
CA GLU D 753 -39.62 -17.50 29.98
C GLU D 753 -40.11 -18.23 28.75
N GLY D 754 -39.96 -17.62 27.57
CA GLY D 754 -40.49 -18.22 26.36
C GLY D 754 -39.69 -19.43 25.90
N LEU D 755 -38.40 -19.47 26.20
CA LEU D 755 -37.52 -20.51 25.70
C LEU D 755 -37.23 -21.53 26.80
N GLU D 756 -37.22 -22.80 26.40
CA GLU D 756 -36.83 -23.90 27.28
C GLU D 756 -35.39 -24.22 26.96
N ILE D 757 -34.46 -23.42 27.47
CA ILE D 757 -33.05 -23.49 27.11
C ILE D 757 -32.48 -24.76 27.69
N LYS D 758 -32.27 -25.75 26.82
CA LYS D 758 -31.60 -26.99 27.20
C LYS D 758 -30.12 -26.73 27.29
N LEU D 759 -29.52 -27.02 28.44
CA LEU D 759 -28.12 -26.74 28.70
C LEU D 759 -27.34 -28.03 28.71
N VAL D 760 -26.39 -28.16 27.78
CA VAL D 760 -25.66 -29.40 27.59
C VAL D 760 -24.18 -29.15 27.85
N GLU D 761 -23.44 -30.25 27.95
CA GLU D 761 -21.99 -30.20 28.09
C GLU D 761 -21.26 -31.06 27.06
N ASP D 762 -21.80 -32.21 26.69
CA ASP D 762 -21.19 -33.08 25.70
C ASP D 762 -22.18 -33.30 24.56
N VAL D 763 -21.64 -33.55 23.37
CA VAL D 763 -22.47 -33.74 22.19
C VAL D 763 -23.41 -34.93 22.30
N GLY D 764 -23.02 -35.96 23.06
CA GLY D 764 -23.89 -37.10 23.25
C GLY D 764 -25.25 -36.71 23.79
N GLU D 765 -25.30 -35.61 24.54
CA GLU D 765 -26.58 -35.09 25.01
C GLU D 765 -27.41 -34.56 23.86
N VAL D 766 -26.77 -33.91 22.89
CA VAL D 766 -27.53 -33.25 21.84
C VAL D 766 -28.09 -34.26 20.85
N LEU D 767 -27.28 -35.21 20.40
CA LEU D 767 -27.69 -36.15 19.35
C LEU D 767 -28.82 -37.07 19.80
N GLU D 768 -29.03 -37.25 21.09
CA GLU D 768 -30.23 -37.95 21.54
C GLU D 768 -31.42 -37.00 21.56
N TYR D 769 -31.16 -35.73 21.83
CA TYR D 769 -32.23 -34.74 21.91
C TYR D 769 -32.83 -34.45 20.55
N LEU D 770 -32.00 -34.30 19.51
CA LEU D 770 -32.43 -33.73 18.25
C LEU D 770 -32.90 -34.75 17.23
N LEU D 771 -32.37 -35.98 17.28
CA LEU D 771 -32.59 -36.96 16.23
C LEU D 771 -33.89 -37.71 16.44
N LEU D 772 -34.69 -37.81 15.39
CA LEU D 772 -35.84 -38.70 15.44
C LEU D 772 -35.38 -40.14 15.63
N PRO D 773 -36.06 -40.91 16.47
CA PRO D 773 -35.60 -42.27 16.76
C PRO D 773 -35.75 -43.26 15.60
N GLU D 774 -36.43 -42.87 14.51
CA GLU D 774 -36.75 -43.85 13.48
C GLU D 774 -36.11 -43.48 12.15
N PRO D 775 -35.79 -44.46 11.30
CA PRO D 775 -35.21 -44.17 9.98
C PRO D 775 -36.29 -43.99 8.92
N THR D 776 -36.20 -42.90 8.16
CA THR D 776 -37.21 -42.56 7.17
C THR D 776 -36.69 -42.61 5.74
N MET D 777 -35.38 -42.48 5.52
CA MET D 777 -34.81 -42.57 4.18
C MET D 777 -33.76 -43.65 4.18
N PRO D 778 -33.62 -44.37 3.08
CA PRO D 778 -32.63 -45.46 3.01
C PRO D 778 -31.21 -44.93 3.12
N PRO D 779 -30.29 -45.74 3.64
CA PRO D 779 -28.91 -45.28 3.78
C PRO D 779 -28.17 -45.29 2.44
N VAL D 780 -26.86 -45.06 2.52
CA VAL D 780 -26.01 -45.01 1.33
C VAL D 780 -25.66 -46.38 0.79
N VAL D 781 -25.17 -47.28 1.63
CA VAL D 781 -24.72 -48.59 1.17
C VAL D 781 -25.72 -49.68 1.58
N SER E 245 18.29 45.28 11.20
CA SER E 245 19.54 45.93 11.59
C SER E 245 20.75 45.10 11.17
N ASP E 246 20.77 43.84 11.59
CA ASP E 246 21.91 42.95 11.34
C ASP E 246 22.09 42.58 9.88
N LEU E 247 21.26 43.13 8.97
CA LEU E 247 21.39 42.79 7.56
C LEU E 247 22.80 43.09 7.03
N GLU E 248 23.42 44.15 7.50
CA GLU E 248 24.78 44.47 7.06
C GLU E 248 25.77 43.39 7.48
N ALA E 249 25.62 42.88 8.71
CA ALA E 249 26.46 41.78 9.15
C ALA E 249 26.30 40.57 8.25
N LEU E 250 25.11 40.36 7.71
CA LEU E 250 24.91 39.31 6.73
C LEU E 250 25.68 39.61 5.45
N ARG E 251 25.72 40.88 5.04
CA ARG E 251 26.52 41.26 3.88
C ARG E 251 28.01 41.21 4.19
N LYS E 252 28.38 41.21 5.47
CA LYS E 252 29.78 41.10 5.83
C LYS E 252 30.21 39.64 5.98
N LYS E 253 29.42 38.84 6.68
CA LYS E 253 29.75 37.42 6.84
C LYS E 253 29.87 36.73 5.49
N ILE E 254 28.91 37.00 4.59
CA ILE E 254 29.02 36.46 3.24
C ILE E 254 30.30 36.95 2.56
N GLU E 255 30.64 38.22 2.77
CA GLU E 255 31.87 38.78 2.25
C GLU E 255 33.08 38.39 3.09
N GLU E 256 32.94 37.41 3.98
CA GLU E 256 34.01 37.01 4.89
C GLU E 256 34.41 35.55 4.76
N VAL E 257 33.47 34.65 4.49
CA VAL E 257 33.77 33.23 4.49
C VAL E 257 33.67 32.66 3.09
N GLY E 258 34.04 31.40 2.92
CA GLY E 258 34.02 30.78 1.61
C GLY E 258 34.97 31.48 0.67
N MET E 259 34.55 31.69 -0.58
CA MET E 259 33.30 31.19 -1.15
C MET E 259 33.47 31.24 -2.66
N PRO E 260 33.00 30.22 -3.38
CA PRO E 260 33.07 30.26 -4.84
C PRO E 260 32.35 31.49 -5.38
N GLU E 261 32.95 32.12 -6.38
CA GLU E 261 32.42 33.39 -6.88
C GLU E 261 31.00 33.23 -7.40
N ALA E 262 30.71 32.12 -8.08
CA ALA E 262 29.39 31.92 -8.66
C ALA E 262 28.31 31.96 -7.59
N VAL E 263 28.43 31.10 -6.59
CA VAL E 263 27.44 31.10 -5.51
C VAL E 263 27.56 32.38 -4.69
N LYS E 264 28.75 32.96 -4.61
CA LYS E 264 28.96 34.16 -3.79
C LYS E 264 28.02 35.28 -4.20
N THR E 265 28.15 35.76 -5.44
CA THR E 265 27.23 36.78 -5.92
C THR E 265 25.80 36.27 -5.94
N LYS E 266 25.61 34.99 -6.27
CA LYS E 266 24.27 34.43 -6.28
C LYS E 266 23.66 34.43 -4.89
N ALA E 267 24.49 34.35 -3.86
CA ALA E 267 24.00 34.63 -2.51
C ALA E 267 23.93 36.13 -2.27
N LEU E 268 24.91 36.89 -2.76
CA LEU E 268 24.93 38.33 -2.54
C LEU E 268 23.76 39.01 -3.23
N LYS E 269 23.60 38.76 -4.53
CA LYS E 269 22.49 39.34 -5.26
C LYS E 269 21.16 38.97 -4.62
N GLU E 270 21.07 37.77 -4.07
CA GLU E 270 19.88 37.39 -3.33
C GLU E 270 19.67 38.29 -2.12
N LEU E 271 20.77 38.74 -1.50
CA LEU E 271 20.63 39.65 -0.37
C LEU E 271 20.11 41.02 -0.83
N ASP E 272 20.54 41.47 -2.00
CA ASP E 272 19.99 42.72 -2.53
C ASP E 272 18.49 42.63 -2.76
N ARG E 273 17.95 41.42 -2.87
CA ARG E 273 16.50 41.24 -2.84
C ARG E 273 15.97 41.37 -1.42
N LEU E 274 16.76 41.03 -0.41
CA LEU E 274 16.29 41.06 0.96
C LEU E 274 16.16 42.48 1.50
N GLU E 275 16.65 43.49 0.77
CA GLU E 275 16.46 44.88 1.15
C GLU E 275 15.15 45.45 0.66
N ARG E 276 14.18 44.61 0.34
CA ARG E 276 12.87 45.04 -0.15
C ARG E 276 11.75 44.51 0.74
N MET E 277 12.01 44.38 2.03
CA MET E 277 10.99 43.94 2.97
C MET E 277 11.03 44.82 4.21
N GLN E 278 9.90 45.43 4.53
CA GLN E 278 9.63 45.92 5.86
C GLN E 278 8.42 45.22 6.46
N GLN E 279 7.32 45.16 5.72
CA GLN E 279 6.20 44.33 6.12
C GLN E 279 6.57 42.87 5.98
N GLY E 280 6.41 42.11 7.05
CA GLY E 280 6.72 40.70 7.05
C GLY E 280 8.19 40.40 6.88
N SER E 281 8.54 39.72 5.80
CA SER E 281 7.56 39.31 4.79
C SER E 281 7.32 37.82 4.82
N PRO E 282 6.18 37.39 4.27
CA PRO E 282 5.95 35.94 4.13
C PRO E 282 6.97 35.24 3.27
N GLU E 283 7.72 35.98 2.45
CA GLU E 283 8.77 35.37 1.63
C GLU E 283 10.16 35.61 2.20
N ALA E 284 10.43 36.80 2.72
CA ALA E 284 11.79 37.14 3.13
C ALA E 284 12.28 36.24 4.25
N THR E 285 11.37 35.78 5.11
CA THR E 285 11.74 34.79 6.13
C THR E 285 12.39 33.59 5.49
N VAL E 286 11.77 33.05 4.42
CA VAL E 286 12.36 31.94 3.70
C VAL E 286 13.72 32.35 3.13
N ALA E 287 13.77 33.50 2.46
CA ALA E 287 15.05 34.01 1.99
C ALA E 287 16.02 34.20 3.14
N ARG E 288 15.53 34.66 4.29
CA ARG E 288 16.39 34.74 5.46
C ARG E 288 16.85 33.36 5.90
N THR E 289 15.94 32.39 5.94
CA THR E 289 16.32 31.04 6.34
C THR E 289 17.24 30.41 5.31
N TYR E 290 17.05 30.74 4.03
CA TYR E 290 17.97 30.24 3.00
C TYR E 290 19.38 30.81 3.21
N LEU E 291 19.48 32.12 3.37
CA LEU E 291 20.79 32.73 3.62
C LEU E 291 21.35 32.29 4.96
N ASP E 292 20.47 32.05 5.95
CA ASP E 292 20.91 31.60 7.26
C ASP E 292 21.78 30.36 7.18
N TRP E 293 21.66 29.57 6.12
CA TRP E 293 22.54 28.43 5.94
C TRP E 293 23.81 28.84 5.20
N LEU E 294 23.67 29.50 4.05
CA LEU E 294 24.83 29.91 3.27
C LEU E 294 25.79 30.76 4.08
N THR E 295 25.29 31.45 5.10
CA THR E 295 26.16 32.24 5.96
C THR E 295 26.86 31.38 7.00
N GLU E 296 26.24 30.28 7.43
CA GLU E 296 26.78 29.44 8.49
C GLU E 296 27.62 28.28 7.99
N VAL E 297 27.11 27.53 7.02
CA VAL E 297 27.87 26.39 6.51
C VAL E 297 29.17 26.92 5.90
N PRO E 298 30.32 26.48 6.39
CA PRO E 298 31.59 27.01 5.90
C PRO E 298 31.99 26.38 4.58
N TRP E 299 32.96 27.03 3.93
CA TRP E 299 33.42 26.59 2.62
C TRP E 299 34.94 26.68 2.57
N SER E 300 35.56 25.70 1.91
CA SER E 300 36.99 25.72 1.58
C SER E 300 37.85 25.97 2.82
N LYS E 301 37.52 25.29 3.91
CA LYS E 301 38.31 25.35 5.13
C LYS E 301 38.62 23.93 5.57
N ALA E 302 39.82 23.73 6.11
CA ALA E 302 40.24 22.41 6.54
C ALA E 302 41.14 22.54 7.76
N ASP E 303 40.87 21.68 8.75
CA ASP E 303 41.74 21.57 9.91
C ASP E 303 43.16 21.29 9.44
N PRO E 304 44.17 21.91 10.04
CA PRO E 304 45.55 21.56 9.71
C PRO E 304 45.86 20.13 10.14
N GLU E 305 45.41 19.19 9.32
CA GLU E 305 45.40 17.76 9.61
C GLU E 305 46.75 17.23 10.08
N VAL E 306 46.72 16.10 10.77
CA VAL E 306 47.93 15.43 11.25
C VAL E 306 48.22 14.26 10.32
N LEU E 307 49.45 14.17 9.83
CA LEU E 307 49.82 13.24 8.78
C LEU E 307 50.99 12.38 9.21
N ASP E 308 50.90 11.79 10.39
CA ASP E 308 51.96 10.95 10.95
C ASP E 308 51.48 9.50 10.91
N ILE E 309 51.89 8.77 9.87
CA ILE E 309 51.47 7.38 9.69
C ILE E 309 51.94 6.50 10.84
N ASN E 310 52.94 6.93 11.59
CA ASN E 310 53.34 6.21 12.79
C ASN E 310 52.55 6.64 14.01
N HIS E 311 51.96 7.83 13.99
CA HIS E 311 51.07 8.23 15.07
C HIS E 311 49.75 7.48 14.99
N THR E 312 49.17 7.37 13.79
CA THR E 312 47.96 6.59 13.66
C THR E 312 48.21 5.13 14.02
N ARG E 313 49.35 4.58 13.59
CA ARG E 313 49.73 3.25 14.04
C ARG E 313 49.99 3.22 15.53
N GLN E 314 50.27 4.38 16.13
CA GLN E 314 50.39 4.44 17.59
C GLN E 314 49.04 4.63 18.25
N VAL E 315 48.16 5.43 17.66
CA VAL E 315 46.88 5.68 18.29
C VAL E 315 45.91 4.55 17.99
N LEU E 316 45.95 3.99 16.78
CA LEU E 316 45.04 2.90 16.47
C LEU E 316 45.36 1.62 17.23
N ASP E 317 46.35 1.65 18.11
CA ASP E 317 46.62 0.51 18.98
C ASP E 317 46.03 0.69 20.37
N GLU E 318 46.07 1.91 20.92
CA GLU E 318 45.52 2.10 22.26
C GLU E 318 43.99 2.09 22.25
N ASP E 319 43.39 2.52 21.15
CA ASP E 319 41.94 2.70 21.09
C ASP E 319 41.18 1.42 20.79
N HIS E 320 41.77 0.51 20.03
CA HIS E 320 41.07 -0.70 19.61
C HIS E 320 42.06 -1.85 19.48
N TYR E 321 41.68 -3.00 20.01
CA TYR E 321 42.43 -4.23 19.84
C TYR E 321 41.87 -5.03 18.68
N GLY E 322 42.75 -5.74 17.98
CA GLY E 322 42.33 -6.52 16.84
C GLY E 322 42.32 -5.70 15.57
N LEU E 323 41.63 -6.24 14.56
CA LEU E 323 41.54 -5.62 13.24
C LEU E 323 42.92 -5.39 12.65
N LYS E 324 43.76 -6.42 12.73
CA LYS E 324 45.14 -6.30 12.29
C LYS E 324 45.22 -5.79 10.86
N ASP E 325 44.66 -6.55 9.93
CA ASP E 325 44.70 -6.20 8.52
C ASP E 325 43.57 -5.25 8.12
N VAL E 326 42.95 -4.59 9.09
CA VAL E 326 41.86 -3.66 8.81
C VAL E 326 42.24 -2.22 9.12
N LYS E 327 43.15 -1.99 10.07
CA LYS E 327 43.70 -0.65 10.23
C LYS E 327 44.55 -0.26 9.03
N GLU E 328 45.05 -1.24 8.28
CA GLU E 328 45.98 -0.95 7.19
C GLU E 328 45.36 -0.02 6.16
N ARG E 329 44.10 -0.28 5.79
CA ARG E 329 43.48 0.46 4.70
C ARG E 329 43.33 1.94 4.98
N ILE E 330 43.60 2.37 6.21
CA ILE E 330 43.77 3.80 6.50
C ILE E 330 45.23 4.20 6.39
N LEU E 331 46.13 3.37 6.92
CA LEU E 331 47.57 3.57 6.70
C LEU E 331 47.87 3.68 5.21
N GLU E 332 47.32 2.77 4.42
CA GLU E 332 47.47 2.86 2.98
C GLU E 332 46.91 4.17 2.46
N TYR E 333 45.75 4.59 2.97
CA TYR E 333 45.16 5.85 2.55
C TYR E 333 46.03 7.02 2.97
N LEU E 334 46.37 7.10 4.26
CA LEU E 334 47.21 8.18 4.74
C LEU E 334 48.58 8.16 4.09
N ALA E 335 49.01 7.02 3.56
CA ALA E 335 50.23 6.99 2.76
C ALA E 335 50.08 7.84 1.51
N VAL E 336 48.88 7.89 0.94
CA VAL E 336 48.68 8.66 -0.28
C VAL E 336 48.94 10.13 -0.03
N ARG E 337 48.14 10.74 0.84
CA ARG E 337 48.32 12.16 1.16
C ARG E 337 49.72 12.45 1.68
N GLN E 338 50.39 11.45 2.24
CA GLN E 338 51.80 11.58 2.61
C GLN E 338 52.72 10.97 1.56
N LEU E 339 52.31 10.99 0.30
CA LEU E 339 53.20 10.59 -0.78
C LEU E 339 53.54 11.72 -1.75
N THR E 340 52.59 12.62 -2.00
CA THR E 340 52.85 13.84 -2.75
C THR E 340 51.78 14.85 -2.38
N GLN E 341 52.14 16.13 -2.45
CA GLN E 341 51.23 17.20 -2.06
C GLN E 341 50.85 18.04 -3.29
N GLY E 342 49.85 18.88 -3.09
CA GLY E 342 49.13 19.50 -4.20
C GLY E 342 47.98 18.59 -4.57
N LEU E 343 48.28 17.32 -4.74
CA LEU E 343 47.30 16.23 -4.90
C LEU E 343 47.48 15.25 -3.75
N ASP E 344 46.83 14.09 -3.88
CA ASP E 344 46.87 12.93 -3.00
C ASP E 344 46.02 13.08 -1.75
N VAL E 345 45.49 14.26 -1.45
CA VAL E 345 44.61 14.39 -0.29
C VAL E 345 43.16 14.09 -0.68
N ARG E 346 42.82 14.31 -1.94
CA ARG E 346 41.50 14.03 -2.49
C ARG E 346 41.69 13.72 -3.98
N ASN E 347 40.67 13.99 -4.78
CA ASN E 347 40.62 13.52 -6.17
C ASN E 347 40.53 11.99 -6.17
N LYS E 348 39.35 11.50 -5.80
CA LYS E 348 39.02 10.08 -5.71
C LYS E 348 39.78 9.37 -4.60
N ALA E 349 39.56 9.80 -3.37
CA ALA E 349 39.84 8.97 -2.20
C ALA E 349 38.59 8.13 -1.95
N PRO E 350 38.56 6.86 -2.39
CA PRO E 350 37.30 6.12 -2.43
C PRO E 350 36.66 5.88 -1.07
N ILE E 351 35.48 5.28 -1.08
CA ILE E 351 34.63 5.21 0.10
C ILE E 351 34.82 3.86 0.77
N LEU E 352 35.23 3.88 2.04
CA LEU E 352 35.25 2.66 2.82
C LEU E 352 33.84 2.30 3.25
N VAL E 353 33.49 1.03 3.11
CA VAL E 353 32.22 0.50 3.62
C VAL E 353 32.56 -0.68 4.52
N LEU E 354 32.69 -0.41 5.82
CA LEU E 354 33.03 -1.45 6.77
C LEU E 354 31.85 -2.39 6.94
N VAL E 355 32.08 -3.67 6.69
CA VAL E 355 31.04 -4.67 6.88
C VAL E 355 31.50 -5.63 7.97
N GLY E 356 30.54 -6.14 8.74
CA GLY E 356 30.83 -7.08 9.79
C GLY E 356 29.60 -7.49 10.55
N PRO E 357 29.79 -8.34 11.56
CA PRO E 357 28.67 -8.76 12.39
C PRO E 357 28.21 -7.61 13.27
N PRO E 358 26.91 -7.50 13.51
CA PRO E 358 26.43 -6.45 14.42
C PRO E 358 27.07 -6.60 15.79
N GLY E 359 27.46 -5.46 16.35
CA GLY E 359 28.05 -5.44 17.67
C GLY E 359 29.55 -5.22 17.68
N VAL E 360 30.27 -5.88 16.78
CA VAL E 360 31.73 -5.71 16.76
C VAL E 360 32.05 -4.28 16.35
N GLY E 361 33.26 -3.84 16.69
CA GLY E 361 33.60 -2.46 16.50
C GLY E 361 33.63 -2.04 15.04
N LYS E 362 32.58 -1.33 14.62
CA LYS E 362 32.55 -0.64 13.34
C LYS E 362 32.35 0.86 13.54
N THR E 363 31.31 1.24 14.27
CA THR E 363 31.14 2.63 14.66
C THR E 363 32.17 3.05 15.70
N SER E 364 32.70 2.09 16.46
CA SER E 364 33.72 2.40 17.45
C SER E 364 34.95 3.01 16.78
N LEU E 365 35.32 2.47 15.61
CA LEU E 365 36.44 3.04 14.88
C LEU E 365 36.19 4.50 14.55
N GLY E 366 34.94 4.85 14.23
CA GLY E 366 34.62 6.23 13.94
C GLY E 366 35.00 7.17 15.07
N ARG E 367 34.83 6.73 16.31
CA ARG E 367 35.29 7.53 17.44
C ARG E 367 36.80 7.54 17.54
N SER E 368 37.49 6.67 16.83
CA SER E 368 38.94 6.56 16.92
C SER E 368 39.65 6.86 15.61
N ILE E 369 39.06 6.47 14.47
CA ILE E 369 39.63 6.83 13.18
C ILE E 369 39.82 8.34 13.10
N ALA E 370 38.81 9.09 13.55
CA ALA E 370 38.95 10.54 13.59
C ALA E 370 40.09 10.95 14.52
N ARG E 371 40.21 10.29 15.67
CA ARG E 371 41.28 10.62 16.60
C ARG E 371 42.65 10.39 15.99
N SER E 372 42.75 9.56 14.95
CA SER E 372 44.03 9.30 14.31
C SER E 372 44.62 10.57 13.72
N MET E 373 43.94 11.16 12.73
CA MET E 373 44.39 12.39 12.10
C MET E 373 43.69 13.61 12.69
N ASN E 374 43.12 13.49 13.89
CA ASN E 374 42.51 14.59 14.62
C ASN E 374 41.42 15.30 13.82
N ARG E 375 40.91 14.63 12.80
CA ARG E 375 39.82 15.18 12.01
C ARG E 375 38.53 15.19 12.84
N LYS E 376 37.66 16.15 12.54
CA LYS E 376 36.35 16.17 13.16
C LYS E 376 35.53 14.97 12.68
N PHE E 377 34.38 14.75 13.32
CA PHE E 377 33.68 13.49 13.12
C PHE E 377 32.23 13.63 13.51
N HIS E 378 31.36 12.89 12.83
CA HIS E 378 29.95 12.82 13.18
C HIS E 378 29.27 11.65 12.47
N ARG E 379 28.56 10.82 13.23
CA ARG E 379 27.75 9.78 12.62
C ARG E 379 26.47 10.37 12.05
N ILE E 380 25.86 9.65 11.13
CA ILE E 380 24.56 10.02 10.58
C ILE E 380 23.73 8.76 10.49
N SER E 381 22.59 8.74 11.18
CA SER E 381 21.74 7.56 11.23
C SER E 381 21.02 7.41 9.90
N LEU E 382 21.58 6.60 9.01
CA LEU E 382 20.90 6.22 7.78
C LEU E 382 20.03 4.98 7.95
N GLY E 383 20.20 4.24 9.04
CA GLY E 383 19.37 3.08 9.30
C GLY E 383 18.03 3.48 9.86
N GLY E 384 17.13 3.93 9.00
CA GLY E 384 15.85 4.43 9.48
C GLY E 384 15.27 5.55 8.65
N VAL E 385 16.01 6.03 7.66
CA VAL E 385 15.47 6.98 6.69
C VAL E 385 14.81 6.19 5.56
N ARG E 386 13.67 6.69 5.10
CA ARG E 386 12.87 6.00 4.10
C ARG E 386 12.31 6.98 3.07
N ASP E 387 13.10 8.01 2.74
CA ASP E 387 12.67 9.02 1.78
C ASP E 387 13.87 9.87 1.37
N GLU E 388 13.91 10.23 0.08
CA GLU E 388 15.00 11.05 -0.42
C GLU E 388 15.12 12.35 0.34
N ALA E 389 13.99 12.94 0.75
CA ALA E 389 13.98 14.28 1.32
C ALA E 389 14.93 14.41 2.49
N GLU E 390 15.23 13.32 3.18
CA GLU E 390 16.16 13.36 4.30
C GLU E 390 17.59 13.03 3.89
N ILE E 391 17.91 13.14 2.61
CA ILE E 391 19.30 13.13 2.15
C ILE E 391 19.53 14.45 1.43
N ARG E 392 18.77 14.69 0.37
CA ARG E 392 18.64 16.01 -0.22
C ARG E 392 17.36 16.63 0.31
N GLY E 393 17.49 17.75 1.01
CA GLY E 393 16.34 18.36 1.65
C GLY E 393 15.25 18.72 0.66
N HIS E 394 14.06 18.92 1.20
CA HIS E 394 12.91 19.30 0.38
C HIS E 394 13.17 20.62 -0.32
N ARG E 395 12.41 20.86 -1.38
CA ARG E 395 12.57 22.07 -2.17
C ARG E 395 12.24 23.29 -1.33
N ARG E 396 12.90 24.41 -1.64
CA ARG E 396 12.78 25.59 -0.78
C ARG E 396 11.37 26.17 -0.77
N THR E 397 10.60 25.95 -1.84
CA THR E 397 9.26 26.52 -1.90
C THR E 397 8.42 26.12 -0.70
N TYR E 398 8.51 24.87 -0.28
CA TYR E 398 7.71 24.39 0.83
C TYR E 398 8.00 25.19 2.09
N ILE E 399 6.99 25.30 2.95
CA ILE E 399 7.07 26.22 4.08
C ILE E 399 8.07 25.76 5.14
N GLY E 400 8.41 24.47 5.16
CA GLY E 400 9.44 23.98 6.06
C GLY E 400 10.74 23.79 5.32
N ALA E 401 11.05 22.55 4.96
CA ALA E 401 12.14 22.22 4.05
C ALA E 401 13.49 22.67 4.59
N MET E 402 13.86 22.09 5.70
CA MET E 402 15.26 22.11 6.11
C MET E 402 16.04 21.08 5.28
N PRO E 403 17.29 21.36 4.95
CA PRO E 403 18.03 20.46 4.05
C PRO E 403 18.28 19.12 4.72
N GLY E 404 18.80 18.19 3.92
CA GLY E 404 19.03 16.83 4.39
C GLY E 404 20.05 16.75 5.51
N LYS E 405 20.30 15.53 5.99
CA LYS E 405 21.27 15.35 7.06
C LYS E 405 22.65 15.84 6.65
N LEU E 406 23.01 15.64 5.38
CA LEU E 406 24.36 15.94 4.92
C LEU E 406 24.72 17.39 5.19
N ILE E 407 23.89 18.32 4.73
CA ILE E 407 24.17 19.73 4.97
C ILE E 407 24.22 20.02 6.46
N HIS E 408 23.33 19.37 7.23
CA HIS E 408 23.30 19.60 8.67
C HIS E 408 24.63 19.25 9.31
N ALA E 409 25.06 18.00 9.16
CA ALA E 409 26.35 17.60 9.69
C ALA E 409 27.47 18.46 9.13
N MET E 410 27.35 18.86 7.87
CA MET E 410 28.34 19.77 7.28
C MET E 410 28.24 21.18 7.83
N LYS E 411 27.36 21.43 8.79
CA LYS E 411 27.24 22.74 9.43
C LYS E 411 27.65 22.72 10.89
N GLN E 412 27.24 21.70 11.64
CA GLN E 412 27.67 21.57 13.03
C GLN E 412 29.19 21.50 13.12
N VAL E 413 29.81 20.70 12.25
CA VAL E 413 31.26 20.62 12.24
C VAL E 413 31.85 21.96 11.81
N GLY E 414 33.12 22.14 12.13
CA GLY E 414 33.77 23.42 11.90
C GLY E 414 34.17 23.69 10.47
N VAL E 415 34.71 22.67 9.80
CA VAL E 415 35.21 22.79 8.44
C VAL E 415 34.70 21.61 7.62
N ILE E 416 35.14 21.52 6.37
CA ILE E 416 34.51 20.64 5.39
C ILE E 416 35.06 19.22 5.40
N ASN E 417 36.20 18.96 6.02
CA ASN E 417 36.86 17.66 5.95
C ASN E 417 36.20 16.49 6.70
N PRO E 418 35.44 16.69 7.79
CA PRO E 418 35.30 15.63 8.80
C PRO E 418 34.79 14.31 8.24
N VAL E 419 35.14 13.23 8.94
CA VAL E 419 34.71 11.90 8.58
C VAL E 419 33.24 11.72 8.95
N ILE E 420 32.37 11.83 7.95
CA ILE E 420 30.95 11.72 8.16
C ILE E 420 30.59 10.25 8.07
N LEU E 421 30.32 9.64 9.21
CA LEU E 421 30.04 8.21 9.29
C LEU E 421 28.56 7.97 8.99
N LEU E 422 28.29 7.08 8.05
CA LEU E 422 26.93 6.75 7.64
C LEU E 422 26.61 5.36 8.19
N ASP E 423 26.00 5.34 9.38
CA ASP E 423 25.70 4.08 10.03
C ASP E 423 24.54 3.36 9.35
N GLU E 424 24.68 2.05 9.18
CA GLU E 424 23.60 1.19 8.70
C GLU E 424 23.07 1.68 7.36
N ILE E 425 23.97 1.80 6.39
CA ILE E 425 23.58 2.27 5.06
C ILE E 425 22.72 1.25 4.32
N ASP E 426 22.57 0.05 4.85
CA ASP E 426 21.83 -1.03 4.19
C ASP E 426 20.42 -1.14 4.75
N LYS E 427 19.77 -0.03 5.07
CA LYS E 427 18.48 -0.04 5.75
C LYS E 427 17.52 0.93 5.08
N MET E 428 17.39 0.84 3.76
CA MET E 428 16.56 1.76 3.00
C MET E 428 15.31 1.08 2.47
N SER E 429 14.25 1.88 2.30
CA SER E 429 13.00 1.47 1.69
C SER E 429 12.84 2.17 0.34
N SER E 430 11.70 1.95 -0.30
CA SER E 430 11.49 2.43 -1.67
C SER E 430 10.10 3.03 -1.84
N ASP E 431 9.64 3.78 -0.86
CA ASP E 431 8.34 4.46 -0.95
C ASP E 431 8.41 5.72 -0.10
N TRP E 432 7.23 6.27 0.24
CA TRP E 432 7.10 7.41 1.15
C TRP E 432 7.82 8.65 0.60
N ARG E 433 7.27 9.17 -0.50
CA ARG E 433 7.68 10.44 -1.08
C ARG E 433 9.05 10.36 -1.75
N GLY E 434 9.42 9.18 -2.24
CA GLY E 434 10.70 9.01 -2.89
C GLY E 434 11.42 7.75 -2.47
N ASP E 435 12.75 7.80 -2.47
CA ASP E 435 13.56 6.68 -2.08
C ASP E 435 14.86 7.25 -1.51
N PRO E 436 15.27 6.82 -0.33
CA PRO E 436 16.55 7.30 0.21
C PRO E 436 17.74 6.80 -0.58
N ALA E 437 17.79 5.49 -0.84
CA ALA E 437 18.97 4.89 -1.45
C ALA E 437 19.21 5.37 -2.87
N SER E 438 18.17 5.81 -3.57
CA SER E 438 18.36 6.29 -4.93
C SER E 438 19.05 7.65 -4.94
N ALA E 439 18.80 8.50 -3.95
CA ALA E 439 19.52 9.76 -3.82
C ALA E 439 20.90 9.59 -3.22
N MET E 440 21.30 8.36 -2.91
CA MET E 440 22.62 8.11 -2.36
C MET E 440 23.72 8.15 -3.41
N LEU E 441 23.35 8.19 -4.70
CA LEU E 441 24.36 8.14 -5.75
C LEU E 441 25.33 9.30 -5.64
N GLU E 442 24.84 10.53 -5.81
CA GLU E 442 25.74 11.67 -5.91
C GLU E 442 26.43 11.95 -4.57
N VAL E 443 25.73 11.78 -3.45
CA VAL E 443 26.36 12.02 -2.17
C VAL E 443 27.44 11.00 -1.90
N LEU E 444 27.31 9.80 -2.47
CA LEU E 444 28.32 8.75 -2.36
C LEU E 444 28.93 8.43 -3.71
N ASP E 445 29.25 9.47 -4.48
CA ASP E 445 29.86 9.29 -5.77
C ASP E 445 31.30 9.72 -5.70
N PRO E 446 32.25 8.89 -6.13
CA PRO E 446 33.67 9.25 -6.00
C PRO E 446 34.03 10.56 -6.67
N GLU E 447 33.48 10.85 -7.86
CA GLU E 447 33.83 12.06 -8.58
C GLU E 447 32.79 13.16 -8.44
N GLN E 448 31.52 12.84 -8.69
CA GLN E 448 30.49 13.88 -8.74
C GLN E 448 30.17 14.48 -7.39
N ASN E 449 30.74 13.97 -6.30
CA ASN E 449 30.39 14.50 -4.97
C ASN E 449 30.77 15.97 -4.85
N ASN E 450 31.75 16.43 -5.62
CA ASN E 450 32.08 17.84 -5.64
C ASN E 450 31.00 18.69 -6.31
N THR E 451 30.06 18.06 -7.02
CA THR E 451 28.96 18.75 -7.66
C THR E 451 27.63 18.45 -6.96
N PHE E 452 27.67 18.36 -5.64
CA PHE E 452 26.49 17.99 -4.86
C PHE E 452 25.54 19.18 -4.76
N THR E 453 24.31 19.00 -5.25
CA THR E 453 23.29 20.03 -5.23
C THR E 453 22.06 19.48 -4.53
N ASP E 454 21.64 20.16 -3.46
CA ASP E 454 20.41 19.78 -2.78
C ASP E 454 19.21 20.27 -3.59
N HIS E 455 18.03 20.16 -3.02
CA HIS E 455 16.86 20.88 -3.52
C HIS E 455 16.58 22.11 -2.68
N TYR E 456 17.47 22.43 -1.73
CA TYR E 456 17.30 23.56 -0.84
C TYR E 456 18.40 24.59 -1.01
N LEU E 457 19.28 24.42 -1.97
CA LEU E 457 20.38 25.34 -2.19
C LEU E 457 20.50 25.62 -3.68
N ASP E 458 21.48 26.45 -4.03
CA ASP E 458 21.76 26.88 -5.38
C ASP E 458 23.24 26.76 -5.67
N VAL E 459 23.80 25.59 -5.37
CA VAL E 459 25.25 25.42 -5.45
C VAL E 459 25.60 23.95 -5.67
N PRO E 460 26.57 23.66 -6.52
CA PRO E 460 27.21 22.34 -6.46
C PRO E 460 28.14 22.30 -5.26
N TYR E 461 27.73 21.63 -4.19
CA TYR E 461 28.50 21.69 -2.95
C TYR E 461 29.76 20.86 -3.08
N ASP E 462 30.85 21.37 -2.52
CA ASP E 462 32.17 20.76 -2.64
C ASP E 462 32.34 19.67 -1.59
N LEU E 463 32.07 18.43 -2.00
CA LEU E 463 32.60 17.30 -1.25
C LEU E 463 33.98 16.95 -1.77
N SER E 464 34.82 17.99 -1.89
CA SER E 464 36.16 17.86 -2.44
C SER E 464 37.21 17.77 -1.37
N LYS E 465 36.85 18.02 -0.11
CA LYS E 465 37.74 17.75 1.02
C LYS E 465 36.84 17.24 2.15
N VAL E 466 36.63 15.93 2.18
CA VAL E 466 35.82 15.31 3.23
C VAL E 466 36.09 13.82 3.21
N PHE E 467 36.22 13.23 4.39
CA PHE E 467 36.46 11.80 4.53
C PHE E 467 35.15 11.07 4.82
N PHE E 468 35.08 9.81 4.41
CA PHE E 468 33.86 9.03 4.56
C PHE E 468 34.17 7.66 5.13
N ILE E 469 33.26 7.16 5.96
CA ILE E 469 33.29 5.81 6.49
C ILE E 469 31.87 5.29 6.50
N THR E 470 31.68 4.02 6.19
CA THR E 470 30.35 3.44 6.10
C THR E 470 30.32 2.10 6.81
N THR E 471 29.16 1.80 7.40
CA THR E 471 28.96 0.56 8.13
C THR E 471 27.80 -0.22 7.52
N ALA E 472 27.93 -1.54 7.52
CA ALA E 472 26.88 -2.43 7.06
C ALA E 472 27.16 -3.82 7.61
N ASN E 473 26.15 -4.69 7.53
CA ASN E 473 26.33 -6.06 7.96
C ASN E 473 25.83 -7.04 6.91
N THR E 474 24.80 -6.65 6.17
CA THR E 474 24.19 -7.50 5.15
C THR E 474 24.25 -6.74 3.83
N LEU E 475 25.35 -6.92 3.10
CA LEU E 475 25.51 -6.25 1.81
C LEU E 475 24.44 -6.65 0.80
N GLN E 476 23.71 -7.73 1.05
CA GLN E 476 22.66 -8.15 0.13
C GLN E 476 21.59 -7.09 -0.03
N THR E 477 21.37 -6.28 1.01
CA THR E 477 20.26 -5.32 0.97
C THR E 477 20.62 -4.09 0.14
N ILE E 478 21.87 -3.65 0.19
CA ILE E 478 22.28 -2.45 -0.55
C ILE E 478 21.98 -2.64 -2.03
N PRO E 479 21.38 -1.67 -2.71
CA PRO E 479 21.18 -1.81 -4.16
C PRO E 479 22.50 -1.91 -4.90
N ARG E 480 22.52 -2.73 -5.95
CA ARG E 480 23.74 -3.04 -6.69
C ARG E 480 24.64 -1.84 -6.98
N PRO E 481 24.15 -0.71 -7.50
CA PRO E 481 25.07 0.40 -7.80
C PRO E 481 25.92 0.83 -6.62
N LEU E 482 25.29 1.11 -5.48
CA LEU E 482 26.01 1.63 -4.33
C LEU E 482 27.16 0.74 -3.92
N LEU E 483 27.04 -0.57 -4.13
CA LEU E 483 28.15 -1.47 -3.86
C LEU E 483 29.37 -1.08 -4.69
N ASP E 484 29.14 -0.64 -5.92
CA ASP E 484 30.24 -0.34 -6.82
C ASP E 484 30.93 0.98 -6.48
N ARG E 485 30.25 1.89 -5.81
CA ARG E 485 30.87 3.16 -5.42
C ARG E 485 31.47 3.08 -4.03
N MET E 486 32.29 2.06 -3.78
CA MET E 486 32.81 1.81 -2.45
C MET E 486 34.11 1.01 -2.56
N GLU E 487 34.65 0.61 -1.41
CA GLU E 487 35.78 -0.32 -1.33
C GLU E 487 35.51 -1.21 -0.13
N VAL E 488 34.92 -2.37 -0.38
CA VAL E 488 34.41 -3.19 0.72
C VAL E 488 35.57 -3.69 1.57
N ILE E 489 35.41 -3.59 2.88
CA ILE E 489 36.41 -4.05 3.84
C ILE E 489 35.68 -4.77 4.96
N GLU E 490 36.07 -6.01 5.21
CA GLU E 490 35.32 -6.88 6.11
C GLU E 490 35.87 -6.79 7.52
N ILE E 491 35.00 -6.60 8.48
CA ILE E 491 35.38 -6.73 9.89
C ILE E 491 35.36 -8.21 10.26
N PRO E 492 36.44 -8.76 10.81
CA PRO E 492 36.49 -10.21 10.99
C PRO E 492 35.48 -10.75 11.96
N GLY E 493 35.38 -10.15 13.15
CA GLY E 493 34.61 -10.75 14.23
C GLY E 493 35.53 -11.63 15.05
N TYR E 494 35.72 -11.29 16.33
CA TYR E 494 36.82 -11.88 17.06
C TYR E 494 36.47 -13.28 17.55
N THR E 495 37.51 -14.03 17.90
CA THR E 495 37.40 -15.40 18.35
C THR E 495 37.41 -15.47 19.87
N ASN E 496 37.30 -16.69 20.39
CA ASN E 496 37.20 -16.90 21.83
C ASN E 496 38.48 -16.47 22.54
N MET E 497 39.61 -17.06 22.16
CA MET E 497 40.87 -16.70 22.80
C MET E 497 41.17 -15.23 22.66
N GLU E 498 40.74 -14.61 21.55
CA GLU E 498 40.87 -13.17 21.44
C GLU E 498 39.83 -12.47 22.30
N LYS E 499 38.60 -13.00 22.32
CA LYS E 499 37.63 -12.49 23.28
C LYS E 499 38.09 -12.73 24.70
N GLN E 500 38.88 -13.78 24.92
CA GLN E 500 39.46 -13.99 26.24
C GLN E 500 40.45 -12.88 26.60
N ALA E 501 41.12 -12.32 25.59
CA ALA E 501 42.05 -11.23 25.82
C ALA E 501 41.36 -9.87 25.72
N ILE E 502 40.53 -9.68 24.69
CA ILE E 502 39.97 -8.37 24.41
C ILE E 502 39.15 -7.85 25.59
N ALA E 503 38.69 -8.73 26.47
CA ALA E 503 37.96 -8.26 27.65
C ALA E 503 38.91 -7.68 28.67
N ARG E 504 39.88 -8.48 29.14
CA ARG E 504 40.83 -8.03 30.14
C ARG E 504 41.73 -6.93 29.60
N GLN E 505 41.99 -6.93 28.29
CA GLN E 505 42.87 -5.93 27.72
C GLN E 505 42.24 -4.54 27.76
N TYR E 506 41.02 -4.41 27.24
CA TYR E 506 40.41 -3.10 27.03
C TYR E 506 39.17 -2.88 27.88
N LEU E 507 38.18 -3.77 27.80
CA LEU E 507 36.89 -3.47 28.41
C LEU E 507 36.94 -3.52 29.92
N TRP E 508 37.62 -4.52 30.49
CA TRP E 508 37.72 -4.60 31.94
C TRP E 508 38.37 -3.37 32.55
N PRO E 509 39.52 -2.88 32.07
CA PRO E 509 40.03 -1.61 32.57
C PRO E 509 39.18 -0.41 32.19
N LYS E 510 38.12 -0.62 31.41
CA LYS E 510 37.15 0.42 31.10
C LYS E 510 35.87 0.28 31.90
N GLN E 511 35.39 -0.94 32.10
CA GLN E 511 34.16 -1.15 32.86
C GLN E 511 34.38 -0.81 34.33
N VAL E 512 35.42 -1.38 34.94
CA VAL E 512 35.78 -0.99 36.30
C VAL E 512 35.95 0.51 36.39
N ARG E 513 36.72 1.07 35.44
CA ARG E 513 36.94 2.51 35.38
C ARG E 513 35.63 3.28 35.21
N GLU E 514 34.57 2.61 34.76
CA GLU E 514 33.25 3.22 34.64
C GLU E 514 32.31 2.82 35.77
N SER E 515 32.42 1.58 36.26
CA SER E 515 31.49 1.09 37.26
C SER E 515 31.64 1.80 38.60
N GLY E 516 32.82 2.31 38.89
CA GLY E 516 33.03 2.99 40.14
C GLY E 516 34.20 2.44 40.94
N MET E 517 34.35 1.12 40.95
CA MET E 517 35.54 0.53 41.54
C MET E 517 36.78 1.00 40.80
N GLU E 518 37.91 1.00 41.49
CA GLU E 518 39.17 1.46 40.90
C GLU E 518 40.28 0.48 41.25
N GLY E 519 40.03 -0.79 41.01
CA GLY E 519 40.96 -1.85 41.32
C GLY E 519 40.55 -2.73 42.47
N ARG E 520 39.57 -2.30 43.26
CA ARG E 520 39.11 -3.08 44.40
C ARG E 520 38.33 -4.32 43.98
N ILE E 521 38.20 -4.59 42.68
CA ILE E 521 37.61 -5.82 42.21
C ILE E 521 38.20 -6.15 40.85
N GLU E 522 38.51 -7.43 40.64
CA GLU E 522 38.96 -7.91 39.35
C GLU E 522 38.42 -9.32 39.14
N VAL E 523 38.83 -9.94 38.04
CA VAL E 523 38.34 -11.24 37.63
C VAL E 523 39.53 -12.12 37.27
N THR E 524 39.25 -13.41 37.14
CA THR E 524 40.19 -14.35 36.55
C THR E 524 39.78 -14.62 35.11
N ASP E 525 40.73 -14.48 34.19
CA ASP E 525 40.42 -14.64 32.77
C ASP E 525 39.70 -15.94 32.47
N ALA E 526 39.88 -16.95 33.31
CA ALA E 526 39.09 -18.17 33.18
C ALA E 526 37.61 -17.87 33.37
N ALA E 527 37.28 -17.07 34.39
CA ALA E 527 35.89 -16.66 34.57
C ALA E 527 35.40 -15.84 33.37
N ILE E 528 36.28 -15.01 32.81
CA ILE E 528 35.94 -14.27 31.59
C ILE E 528 35.47 -15.24 30.52
N LEU E 529 36.21 -16.33 30.34
CA LEU E 529 35.83 -17.33 29.36
C LEU E 529 34.46 -17.92 29.66
N ARG E 530 34.10 -18.00 30.94
CA ARG E 530 32.79 -18.57 31.30
C ARG E 530 31.67 -17.64 30.87
N VAL E 531 31.79 -16.35 31.18
CA VAL E 531 30.79 -15.38 30.74
C VAL E 531 30.64 -15.44 29.22
N ILE E 532 31.76 -15.36 28.52
CA ILE E 532 31.71 -15.33 27.06
C ILE E 532 31.05 -16.59 26.51
N SER E 533 31.46 -17.75 27.04
CA SER E 533 30.99 -19.01 26.48
C SER E 533 29.55 -19.31 26.89
N GLU E 534 29.16 -18.97 28.12
CA GLU E 534 27.88 -19.44 28.65
C GLU E 534 26.98 -18.29 29.12
N TYR E 535 27.22 -17.07 28.64
CA TYR E 535 26.30 -15.98 28.92
C TYR E 535 26.04 -15.07 27.73
N THR E 536 26.80 -15.18 26.65
CA THR E 536 26.54 -14.43 25.43
C THR E 536 26.74 -15.34 24.23
N ARG E 537 25.94 -15.11 23.20
CA ARG E 537 25.97 -15.89 21.97
C ARG E 537 26.11 -14.94 20.78
N GLU E 538 27.08 -14.04 20.87
CA GLU E 538 27.30 -13.04 19.84
C GLU E 538 28.77 -13.00 19.46
N ALA E 539 29.05 -12.74 18.18
CA ALA E 539 30.41 -12.55 17.72
C ALA E 539 30.92 -11.16 18.00
N GLY E 540 30.09 -10.28 18.53
CA GLY E 540 30.49 -8.93 18.87
C GLY E 540 30.87 -8.80 20.33
N VAL E 541 31.32 -7.60 20.68
CA VAL E 541 31.75 -7.32 22.04
C VAL E 541 30.79 -6.38 22.77
N ARG E 542 29.93 -5.64 22.06
CA ARG E 542 28.91 -4.86 22.72
C ARG E 542 28.08 -5.72 23.66
N GLY E 543 27.79 -6.95 23.24
CA GLY E 543 27.08 -7.86 24.13
C GLY E 543 27.89 -8.22 25.36
N LEU E 544 29.21 -8.16 25.26
CA LEU E 544 30.04 -8.50 26.41
C LEU E 544 30.08 -7.38 27.43
N GLU E 545 30.33 -6.15 26.98
CA GLU E 545 30.31 -5.01 27.89
C GLU E 545 28.97 -4.86 28.58
N ARG E 546 27.91 -5.41 27.99
CA ARG E 546 26.61 -5.44 28.65
C ARG E 546 26.70 -6.17 29.98
N GLU E 547 27.61 -7.15 30.09
CA GLU E 547 27.68 -8.00 31.27
C GLU E 547 28.83 -7.62 32.20
N LEU E 548 29.99 -7.25 31.67
CA LEU E 548 31.07 -6.80 32.54
C LEU E 548 30.61 -5.64 33.41
N GLY E 549 29.88 -4.70 32.82
CA GLY E 549 29.25 -3.66 33.63
C GLY E 549 28.27 -4.23 34.64
N LYS E 550 27.54 -5.27 34.24
CA LYS E 550 26.62 -5.91 35.17
C LYS E 550 27.38 -6.55 36.32
N ILE E 551 28.61 -7.00 36.08
CA ILE E 551 29.39 -7.63 37.15
C ILE E 551 29.76 -6.60 38.20
N ALA E 552 30.48 -5.55 37.78
CA ALA E 552 31.05 -4.62 38.75
C ALA E 552 30.00 -3.73 39.38
N ARG E 553 29.01 -3.29 38.59
CA ARG E 553 27.95 -2.47 39.17
C ARG E 553 27.18 -3.22 40.25
N LYS E 554 27.16 -4.56 40.18
CA LYS E 554 26.59 -5.33 41.28
C LYS E 554 27.51 -5.27 42.50
N GLY E 555 28.82 -5.33 42.26
CA GLY E 555 29.77 -5.13 43.35
C GLY E 555 29.72 -3.75 43.94
N ALA E 556 29.17 -2.77 43.20
CA ALA E 556 29.06 -1.42 43.71
C ALA E 556 28.19 -1.36 44.95
N LYS E 557 27.01 -1.99 44.89
CA LYS E 557 26.19 -2.15 46.08
C LYS E 557 26.93 -2.96 47.13
N PHE E 558 27.70 -3.95 46.70
CA PHE E 558 28.49 -4.74 47.64
C PHE E 558 29.56 -3.91 48.32
N TRP E 559 30.01 -2.83 47.69
CA TRP E 559 30.98 -1.93 48.30
C TRP E 559 30.32 -0.85 49.16
N LEU E 560 29.07 -0.50 48.86
CA LEU E 560 28.35 0.45 49.70
C LEU E 560 27.72 -0.24 50.91
N GLU E 561 27.23 -1.47 50.73
CA GLU E 561 26.70 -2.21 51.87
C GLU E 561 27.77 -2.46 52.92
N GLY E 562 29.03 -2.51 52.50
CA GLY E 562 30.15 -2.68 53.41
C GLY E 562 31.43 -2.93 52.65
N ALA E 563 32.50 -2.25 53.03
CA ALA E 563 33.76 -2.39 52.30
C ALA E 563 34.42 -3.73 52.63
N TRP E 564 35.60 -3.93 52.07
CA TRP E 564 36.38 -5.12 52.33
C TRP E 564 37.85 -4.79 52.14
N GLU E 565 38.70 -5.54 52.82
CA GLU E 565 40.15 -5.36 52.73
C GLU E 565 40.69 -6.14 51.54
N GLY E 566 41.52 -5.46 50.74
CA GLY E 566 42.06 -6.07 49.54
C GLY E 566 41.04 -6.14 48.43
N LEU E 567 41.50 -6.21 47.19
CA LEU E 567 40.59 -6.27 46.06
C LEU E 567 39.91 -7.63 46.01
N ARG E 568 38.66 -7.63 45.58
CA ARG E 568 37.87 -8.86 45.45
C ARG E 568 38.11 -9.46 44.07
N THR E 569 38.70 -10.65 44.04
CA THR E 569 38.86 -11.38 42.79
C THR E 569 37.71 -12.36 42.64
N ILE E 570 37.02 -12.29 41.51
CA ILE E 570 35.88 -13.15 41.25
C ILE E 570 36.33 -14.36 40.46
N ASP E 571 35.99 -15.55 40.94
CA ASP E 571 36.32 -16.79 40.27
C ASP E 571 35.14 -17.26 39.44
N ALA E 572 35.38 -18.32 38.67
CA ALA E 572 34.36 -18.82 37.75
C ALA E 572 33.12 -19.28 38.49
N SER E 573 33.29 -19.85 39.68
CA SER E 573 32.13 -20.33 40.44
C SER E 573 31.24 -19.18 40.89
N ASP E 574 31.81 -17.99 41.09
CA ASP E 574 31.03 -16.86 41.57
C ASP E 574 30.32 -16.11 40.44
N ILE E 575 30.62 -16.44 39.19
CA ILE E 575 29.99 -15.75 38.06
C ILE E 575 28.47 -15.73 38.16
N PRO E 576 27.78 -16.86 38.40
CA PRO E 576 26.31 -16.79 38.45
C PRO E 576 25.80 -15.85 39.52
N THR E 577 26.48 -15.76 40.66
CA THR E 577 26.03 -14.89 41.73
C THR E 577 25.86 -13.45 41.26
N TYR E 578 26.72 -13.00 40.37
CA TYR E 578 26.59 -11.68 39.77
C TYR E 578 25.76 -11.69 38.50
N LEU E 579 25.58 -12.85 37.88
CA LEU E 579 24.90 -12.96 36.59
C LEU E 579 23.65 -13.83 36.65
N GLY E 580 23.24 -14.27 37.83
CA GLY E 580 22.03 -15.06 37.95
C GLY E 580 22.16 -16.45 37.36
N ILE E 581 21.41 -16.71 36.30
CA ILE E 581 21.28 -18.04 35.71
C ILE E 581 21.92 -18.02 34.33
N PRO E 582 22.84 -18.94 34.02
CA PRO E 582 23.42 -18.97 32.67
C PRO E 582 22.35 -19.27 31.63
N ARG E 583 22.07 -18.29 30.77
CA ARG E 583 20.94 -18.41 29.86
C ARG E 583 21.32 -18.92 28.48
N TYR E 584 22.60 -18.91 28.13
CA TYR E 584 23.06 -19.38 26.84
C TYR E 584 23.96 -20.59 27.05
N ARG E 585 23.35 -21.77 27.12
CA ARG E 585 24.12 -22.99 27.21
C ARG E 585 25.01 -23.11 25.97
N PRO E 586 26.29 -23.40 26.13
CA PRO E 586 27.20 -23.40 24.97
C PRO E 586 26.86 -24.49 23.96
N ASP E 587 27.61 -24.53 22.86
CA ASP E 587 27.36 -25.45 21.76
C ASP E 587 28.32 -26.62 21.87
N LYS E 588 27.85 -27.73 22.43
CA LYS E 588 28.68 -28.91 22.60
C LYS E 588 28.31 -29.98 21.59
N ALA E 589 29.24 -30.91 21.38
CA ALA E 589 29.07 -32.00 20.43
C ALA E 589 28.77 -33.28 21.19
N GLU E 590 28.19 -34.26 20.50
CA GLU E 590 27.84 -35.53 21.11
C GLU E 590 27.61 -36.59 20.05
N THR E 591 29.52 -38.23 22.00
CA THR E 591 30.37 -38.29 20.81
C THR E 591 30.20 -39.61 20.10
N GLU E 592 29.60 -40.58 20.79
CA GLU E 592 29.35 -41.87 20.18
C GLU E 592 28.48 -41.70 18.95
N PRO E 593 28.90 -42.21 17.80
CA PRO E 593 28.12 -42.00 16.58
C PRO E 593 26.73 -42.62 16.66
N GLN E 594 25.75 -41.90 16.13
CA GLN E 594 24.38 -42.39 16.03
C GLN E 594 24.09 -42.76 14.58
N VAL E 595 22.93 -43.39 14.38
CA VAL E 595 22.52 -43.79 13.05
C VAL E 595 21.60 -42.74 12.45
N GLY E 596 21.83 -42.43 11.18
CA GLY E 596 21.02 -41.44 10.49
C GLY E 596 21.07 -40.07 11.10
N THR E 597 22.28 -39.56 11.35
CA THR E 597 22.49 -38.24 11.93
C THR E 597 23.88 -37.76 11.55
N ALA E 598 24.00 -36.44 11.38
CA ALA E 598 25.27 -35.85 10.98
C ALA E 598 25.40 -34.46 11.58
N GLN E 599 26.64 -34.01 11.68
CA GLN E 599 26.98 -32.73 12.29
C GLN E 599 27.30 -31.72 11.21
N GLY E 600 26.35 -30.84 10.93
CA GLY E 600 26.53 -29.84 9.89
C GLY E 600 26.93 -28.51 10.49
N LEU E 601 27.50 -27.65 9.66
CA LEU E 601 27.88 -26.30 10.07
C LEU E 601 26.88 -25.30 9.52
N ALA E 602 26.86 -24.12 10.13
CA ALA E 602 25.89 -23.10 9.78
C ALA E 602 26.51 -21.73 9.94
N TRP E 603 25.98 -20.77 9.19
CA TRP E 603 26.48 -19.41 9.21
C TRP E 603 25.33 -18.46 9.46
N THR E 604 25.56 -17.47 10.31
CA THR E 604 24.65 -16.35 10.54
C THR E 604 25.48 -15.18 11.04
N PRO E 605 25.09 -13.95 10.67
CA PRO E 605 25.91 -12.79 11.03
C PRO E 605 26.26 -12.72 12.50
N VAL E 606 25.35 -13.10 13.39
CA VAL E 606 25.61 -13.00 14.82
C VAL E 606 26.77 -13.91 15.21
N GLY E 607 27.03 -14.95 14.44
CA GLY E 607 28.21 -15.76 14.66
C GLY E 607 28.00 -17.16 14.12
N GLY E 608 29.11 -17.78 13.73
CA GLY E 608 29.07 -19.11 13.17
C GLY E 608 28.61 -20.13 14.20
N THR E 609 27.85 -21.12 13.73
CA THR E 609 27.30 -22.14 14.61
C THR E 609 27.20 -23.45 13.86
N LEU E 610 26.95 -24.52 14.61
CA LEU E 610 26.80 -25.85 14.02
C LEU E 610 25.40 -26.36 14.34
N LEU E 611 24.87 -27.20 13.46
CA LEU E 611 23.60 -27.84 13.65
C LEU E 611 23.74 -29.35 13.46
N THR E 612 22.72 -30.07 13.91
CA THR E 612 22.67 -31.51 13.78
C THR E 612 21.47 -31.87 12.91
N ILE E 613 21.74 -32.50 11.79
CA ILE E 613 20.69 -32.93 10.87
C ILE E 613 20.35 -34.38 11.15
N GLU E 614 19.06 -34.66 11.29
CA GLU E 614 18.56 -35.97 11.70
C GLU E 614 17.66 -36.51 10.61
N VAL E 615 17.72 -37.82 10.39
CA VAL E 615 16.93 -38.47 9.36
C VAL E 615 16.36 -39.76 9.91
N ALA E 616 15.09 -40.00 9.62
CA ALA E 616 14.41 -41.19 10.08
C ALA E 616 13.82 -41.94 8.89
N ALA E 617 14.04 -43.23 8.85
CA ALA E 617 13.50 -44.10 7.81
C ALA E 617 12.43 -44.99 8.41
N VAL E 618 11.22 -44.92 7.85
CA VAL E 618 10.07 -45.64 8.39
C VAL E 618 9.32 -46.27 7.23
N PRO E 619 8.87 -47.52 7.39
CA PRO E 619 8.14 -48.17 6.31
C PRO E 619 6.92 -47.37 5.89
N GLY E 620 6.77 -47.20 4.58
CA GLY E 620 5.69 -46.40 4.05
C GLY E 620 5.57 -46.43 2.54
N SER E 621 5.39 -45.26 1.92
CA SER E 621 5.11 -45.19 0.50
C SER E 621 6.23 -44.56 -0.32
N GLY E 622 7.24 -43.98 0.30
CA GLY E 622 8.27 -43.28 -0.45
C GLY E 622 8.08 -41.78 -0.41
N LYS E 623 7.19 -41.33 0.46
CA LYS E 623 6.92 -39.92 0.65
C LYS E 623 8.14 -39.28 1.30
N LEU E 624 8.33 -37.99 1.04
CA LEU E 624 9.42 -37.22 1.61
C LEU E 624 8.85 -36.06 2.41
N SER E 625 9.37 -35.87 3.62
CA SER E 625 8.93 -34.82 4.51
C SER E 625 10.14 -34.08 5.05
N LEU E 626 10.13 -32.76 4.94
CA LEU E 626 11.24 -31.92 5.39
C LEU E 626 10.71 -30.93 6.41
N THR E 627 11.04 -31.16 7.67
CA THR E 627 10.58 -30.31 8.75
C THR E 627 11.73 -29.53 9.34
N GLY E 628 11.41 -28.71 10.33
CA GLY E 628 12.37 -27.81 10.93
C GLY E 628 12.35 -26.41 10.36
N GLN E 629 11.27 -26.02 9.69
CA GLN E 629 11.15 -24.68 9.12
C GLN E 629 12.32 -24.37 8.20
N LEU E 630 12.43 -25.13 7.11
CA LEU E 630 13.56 -24.98 6.21
C LEU E 630 13.25 -24.00 5.09
N GLY E 631 14.29 -23.44 4.51
CA GLY E 631 14.13 -22.57 3.37
C GLY E 631 13.93 -23.36 2.10
N GLU E 632 13.58 -22.64 1.04
CA GLU E 632 13.27 -23.28 -0.23
C GLU E 632 14.48 -23.91 -0.88
N VAL E 633 15.62 -23.23 -0.86
CA VAL E 633 16.82 -23.77 -1.47
C VAL E 633 17.27 -25.03 -0.76
N MET E 634 17.14 -25.06 0.56
CA MET E 634 17.62 -26.20 1.34
C MET E 634 16.86 -27.47 0.98
N LYS E 635 15.55 -27.37 0.83
CA LYS E 635 14.76 -28.51 0.37
C LYS E 635 15.27 -29.01 -0.97
N GLU E 636 15.50 -28.10 -1.91
CA GLU E 636 15.98 -28.51 -3.23
C GLU E 636 17.30 -29.23 -3.12
N SER E 637 18.07 -28.96 -2.07
CA SER E 637 19.32 -29.68 -1.87
C SER E 637 19.05 -31.13 -1.47
N ALA E 638 18.10 -31.35 -0.56
CA ALA E 638 17.83 -32.70 -0.10
C ALA E 638 17.36 -33.59 -1.24
N GLN E 639 16.38 -33.13 -2.01
CA GLN E 639 15.91 -33.91 -3.16
C GLN E 639 17.05 -34.19 -4.12
N ALA E 640 18.04 -33.31 -4.17
CA ALA E 640 19.22 -33.59 -5.00
C ALA E 640 20.04 -34.73 -4.42
N ALA E 641 20.51 -34.56 -3.18
CA ALA E 641 21.32 -35.60 -2.56
C ALA E 641 20.59 -36.93 -2.51
N LEU E 642 19.29 -36.91 -2.20
CA LEU E 642 18.53 -38.15 -2.17
C LEU E 642 18.56 -38.84 -3.52
N THR E 643 18.38 -38.09 -4.60
CA THR E 643 18.41 -38.69 -5.93
C THR E 643 19.77 -39.30 -6.22
N TYR E 644 20.84 -38.60 -5.88
CA TYR E 644 22.18 -39.15 -6.07
C TYR E 644 22.30 -40.49 -5.36
N LEU E 645 21.65 -40.61 -4.20
CA LEU E 645 21.65 -41.89 -3.51
C LEU E 645 20.90 -42.95 -4.28
N ARG E 646 19.73 -42.62 -4.82
CA ARG E 646 18.97 -43.61 -5.59
C ARG E 646 19.75 -44.06 -6.81
N ALA E 647 20.61 -43.20 -7.34
CA ALA E 647 21.39 -43.58 -8.51
C ALA E 647 22.50 -44.55 -8.13
N HIS E 648 22.83 -44.63 -6.85
CA HIS E 648 23.88 -45.53 -6.36
C HIS E 648 23.35 -46.29 -5.15
N THR E 649 22.70 -47.42 -5.40
CA THR E 649 22.17 -48.20 -4.28
C THR E 649 23.11 -49.33 -3.91
N GLN E 650 23.53 -50.14 -4.89
CA GLN E 650 24.35 -51.31 -4.58
C GLN E 650 25.72 -50.90 -4.05
N ASP E 651 26.13 -49.67 -4.32
CA ASP E 651 27.44 -49.22 -3.87
C ASP E 651 27.49 -49.07 -2.36
N TYR E 652 26.61 -48.25 -1.80
CA TYR E 652 26.63 -47.93 -0.38
C TYR E 652 25.73 -48.83 0.44
N GLY E 653 25.21 -49.91 -0.14
CA GLY E 653 24.45 -50.87 0.64
C GLY E 653 23.08 -50.40 1.05
N LEU E 654 22.28 -49.93 0.13
CA LEU E 654 20.96 -49.46 0.47
C LEU E 654 19.90 -50.41 -0.06
N PRO E 655 18.78 -50.57 0.64
CA PRO E 655 17.70 -51.41 0.12
C PRO E 655 17.14 -50.82 -1.16
N GLU E 656 17.45 -51.46 -2.28
CA GLU E 656 17.19 -50.88 -3.59
C GLU E 656 15.73 -50.48 -3.78
N ASP E 657 14.80 -51.21 -3.16
CA ASP E 657 13.40 -50.88 -3.30
C ASP E 657 12.96 -49.75 -2.38
N PHE E 658 13.90 -49.03 -1.76
CA PHE E 658 13.51 -48.01 -0.80
C PHE E 658 12.85 -46.82 -1.46
N TYR E 659 12.99 -46.66 -2.77
CA TYR E 659 12.45 -45.46 -3.42
C TYR E 659 10.95 -45.37 -3.30
N ASN E 660 10.27 -46.50 -3.08
CA ASN E 660 8.82 -46.49 -2.99
C ASN E 660 8.35 -47.42 -1.89
N LYS E 661 9.22 -47.70 -0.92
CA LYS E 661 8.80 -48.52 0.21
C LYS E 661 9.35 -47.99 1.53
N VAL E 662 9.97 -46.81 1.53
CA VAL E 662 10.51 -46.23 2.75
C VAL E 662 10.27 -44.73 2.71
N ASP E 663 9.72 -44.21 3.80
CA ASP E 663 9.39 -42.79 3.88
C ASP E 663 10.41 -42.08 4.76
N LEU E 664 11.01 -41.02 4.22
CA LEU E 664 12.06 -40.27 4.90
C LEU E 664 11.46 -39.10 5.65
N HIS E 665 12.25 -38.51 6.54
CA HIS E 665 11.85 -37.32 7.28
C HIS E 665 13.12 -36.62 7.73
N VAL E 666 13.49 -35.55 7.04
CA VAL E 666 14.70 -34.79 7.37
C VAL E 666 14.31 -33.67 8.33
N HIS E 667 14.69 -33.83 9.59
CA HIS E 667 14.38 -32.85 10.62
C HIS E 667 15.66 -32.13 11.03
N VAL E 668 15.57 -30.82 11.20
CA VAL E 668 16.75 -30.04 11.55
C VAL E 668 16.38 -29.06 12.66
N PRO E 669 16.69 -29.38 13.92
CA PRO E 669 16.40 -28.43 15.00
C PRO E 669 17.27 -27.21 14.87
N ASP E 670 16.92 -26.08 15.47
CA ASP E 670 15.73 -25.92 16.31
C ASP E 670 14.47 -25.81 15.46
N GLY E 671 13.35 -26.27 16.01
CA GLY E 671 12.12 -26.26 15.24
C GLY E 671 11.61 -24.88 14.90
N ALA E 672 12.19 -23.83 15.51
CA ALA E 672 11.68 -22.49 15.29
C ALA E 672 12.47 -21.75 14.23
N THR E 673 13.78 -21.89 14.26
CA THR E 673 14.69 -21.04 13.48
C THR E 673 14.55 -21.31 11.99
N PRO E 674 14.06 -20.37 11.19
CA PRO E 674 14.04 -20.57 9.75
C PRO E 674 15.44 -20.59 9.18
N LYS E 675 15.75 -21.67 8.47
CA LYS E 675 17.10 -21.93 7.98
C LYS E 675 17.09 -21.94 6.46
N ASP E 676 18.25 -21.73 5.87
CA ASP E 676 18.30 -21.52 4.43
C ASP E 676 19.69 -21.85 3.92
N GLY E 677 19.78 -22.01 2.60
CA GLY E 677 21.05 -22.20 1.94
C GLY E 677 21.24 -23.61 1.43
N PRO E 678 22.30 -24.09 0.17
CA PRO E 678 22.73 -25.38 -0.42
C PRO E 678 24.03 -25.95 0.13
N SER E 679 24.57 -25.37 1.20
CA SER E 679 25.89 -25.75 1.71
C SER E 679 25.87 -27.05 2.47
N ALA E 680 24.67 -27.49 2.79
CA ALA E 680 24.48 -28.64 3.65
C ALA E 680 24.19 -29.90 2.93
N GLY E 681 24.30 -29.82 1.63
CA GLY E 681 24.04 -30.97 0.81
C GLY E 681 24.94 -32.11 1.16
N ILE E 682 26.21 -31.86 1.42
CA ILE E 682 27.14 -32.90 1.77
C ILE E 682 26.66 -33.55 3.02
N THR E 683 26.25 -32.80 4.01
CA THR E 683 25.74 -33.42 5.22
C THR E 683 24.50 -34.25 5.10
N MET E 684 23.50 -33.83 4.32
CA MET E 684 22.31 -34.63 4.25
C MET E 684 22.69 -35.93 3.67
N ALA E 685 23.41 -35.84 2.60
CA ALA E 685 23.88 -37.01 1.87
C ALA E 685 24.43 -38.06 2.83
N THR E 686 25.09 -37.61 3.89
CA THR E 686 25.62 -38.53 4.88
C THR E 686 24.50 -39.17 5.69
N ALA E 687 23.67 -38.34 6.31
CA ALA E 687 22.64 -38.85 7.21
C ALA E 687 21.72 -39.81 6.48
N ILE E 688 21.13 -39.37 5.37
CA ILE E 688 20.18 -40.21 4.64
C ILE E 688 20.83 -41.54 4.28
N ALA E 689 22.09 -41.50 3.87
CA ALA E 689 22.81 -42.74 3.59
C ALA E 689 22.85 -43.62 4.83
N SER E 690 23.19 -43.03 5.98
CA SER E 690 23.21 -43.81 7.21
C SER E 690 21.84 -44.35 7.55
N ALA E 691 20.82 -43.50 7.49
CA ALA E 691 19.48 -43.88 7.93
C ALA E 691 19.00 -45.13 7.23
N LEU E 692 19.28 -45.24 5.94
CA LEU E 692 18.87 -46.44 5.21
C LEU E 692 19.85 -47.57 5.43
N SER E 693 21.15 -47.26 5.39
CA SER E 693 22.16 -48.31 5.48
C SER E 693 22.19 -48.93 6.87
N ARG E 694 21.64 -48.23 7.86
CA ARG E 694 21.67 -48.58 9.27
C ARG E 694 23.05 -48.38 9.88
N ARG E 695 24.06 -48.06 9.08
CA ARG E 695 25.39 -47.80 9.62
C ARG E 695 25.37 -46.47 10.35
N PRO E 696 25.89 -46.39 11.57
CA PRO E 696 25.96 -45.11 12.27
C PRO E 696 27.01 -44.21 11.63
N ALA E 697 26.68 -42.93 11.54
CA ALA E 697 27.58 -41.93 10.99
C ALA E 697 28.33 -41.27 12.12
N ARG E 698 29.64 -41.08 11.94
CA ARG E 698 30.46 -40.49 12.97
C ARG E 698 29.92 -39.12 13.34
N MET E 699 30.24 -38.69 14.57
CA MET E 699 29.86 -37.36 15.03
C MET E 699 31.08 -36.53 15.38
N ASP E 700 32.26 -37.13 15.38
CA ASP E 700 33.49 -36.38 15.57
C ASP E 700 33.78 -35.44 14.42
N ILE E 701 33.16 -35.67 13.26
CA ILE E 701 33.47 -34.96 12.03
C ILE E 701 32.30 -34.05 11.68
N ALA E 702 32.55 -32.76 11.65
CA ALA E 702 31.60 -31.79 11.13
C ALA E 702 31.96 -31.47 9.70
N MET E 703 30.94 -31.36 8.85
CA MET E 703 31.19 -31.26 7.42
C MET E 703 30.38 -30.11 6.86
N THR E 704 30.66 -29.78 5.60
CA THR E 704 29.92 -28.76 4.87
C THR E 704 30.30 -28.83 3.40
N GLY E 705 29.34 -28.53 2.54
CA GLY E 705 29.60 -28.52 1.11
C GLY E 705 28.36 -28.77 0.28
N GLU E 706 28.22 -28.03 -0.81
CA GLU E 706 27.14 -28.26 -1.75
C GLU E 706 27.31 -29.62 -2.41
N VAL E 707 26.20 -30.16 -2.90
CA VAL E 707 26.21 -31.44 -3.59
C VAL E 707 25.58 -31.28 -4.95
N SER E 708 26.18 -31.91 -5.94
CA SER E 708 25.69 -31.87 -7.31
C SER E 708 25.14 -33.23 -7.68
N LEU E 709 24.12 -33.23 -8.53
CA LEU E 709 23.33 -34.43 -8.77
C LEU E 709 24.20 -35.61 -9.19
N ARG E 710 25.16 -35.39 -10.09
CA ARG E 710 26.00 -36.49 -10.54
C ARG E 710 27.10 -36.82 -9.53
N GLY E 711 27.02 -36.28 -8.32
CA GLY E 711 27.91 -36.68 -7.26
C GLY E 711 29.02 -35.73 -6.93
N LYS E 712 29.17 -34.63 -7.68
CA LYS E 712 30.24 -33.70 -7.38
C LYS E 712 30.00 -33.01 -6.05
N VAL E 713 31.07 -32.44 -5.51
CA VAL E 713 31.02 -31.61 -4.32
C VAL E 713 31.46 -30.21 -4.71
N MET E 714 30.69 -29.20 -4.32
CA MET E 714 30.89 -27.85 -4.79
C MET E 714 31.28 -26.93 -3.65
N PRO E 715 31.98 -25.85 -3.94
CA PRO E 715 32.42 -24.94 -2.88
C PRO E 715 31.26 -24.14 -2.30
N ILE E 716 31.48 -23.65 -1.09
CA ILE E 716 30.48 -22.92 -0.32
C ILE E 716 31.05 -21.54 0.01
N GLY E 717 30.26 -20.78 0.74
CA GLY E 717 30.69 -19.48 1.23
C GLY E 717 30.73 -19.43 2.74
N GLY E 718 31.47 -18.48 3.29
CA GLY E 718 31.58 -18.34 4.73
C GLY E 718 32.14 -19.57 5.40
N VAL E 719 33.42 -19.84 5.16
CA VAL E 719 34.06 -20.98 5.81
C VAL E 719 34.87 -20.52 7.02
N LYS E 720 35.26 -19.25 7.05
CA LYS E 720 35.97 -18.71 8.21
C LYS E 720 35.11 -18.82 9.47
N GLU E 721 33.91 -18.23 9.42
CA GLU E 721 33.03 -18.25 10.58
C GLU E 721 32.66 -19.68 10.96
N LYS E 722 32.59 -20.57 9.97
CA LYS E 722 32.19 -21.94 10.27
C LYS E 722 33.26 -22.66 11.08
N LEU E 723 34.45 -22.84 10.50
CA LEU E 723 35.50 -23.58 11.18
C LEU E 723 35.82 -23.01 12.55
N LEU E 724 35.59 -21.71 12.73
CA LEU E 724 35.71 -21.13 14.06
C LEU E 724 34.83 -21.87 15.05
N ALA E 725 33.51 -21.81 14.85
CA ALA E 725 32.59 -22.44 15.77
C ALA E 725 32.82 -23.94 15.86
N ALA E 726 33.23 -24.57 14.76
CA ALA E 726 33.48 -25.99 14.78
C ALA E 726 34.63 -26.36 15.70
N HIS E 727 35.57 -25.45 15.92
CA HIS E 727 36.67 -25.73 16.83
C HIS E 727 36.26 -25.53 18.27
N GLN E 728 35.42 -24.53 18.53
CA GLN E 728 34.99 -24.25 19.89
C GLN E 728 34.18 -25.40 20.45
N ALA E 729 33.30 -25.97 19.64
CA ALA E 729 32.51 -27.11 20.09
C ALA E 729 33.35 -28.36 20.32
N GLY E 730 34.61 -28.33 19.94
CA GLY E 730 35.49 -29.45 20.17
C GLY E 730 35.63 -30.42 19.02
N ILE E 731 34.83 -30.27 17.97
CA ILE E 731 34.96 -31.12 16.79
C ILE E 731 36.28 -30.75 16.11
N HIS E 732 37.14 -31.76 15.95
CA HIS E 732 38.50 -31.54 15.50
C HIS E 732 38.74 -32.14 14.13
N LYS E 733 37.66 -32.43 13.40
CA LYS E 733 37.82 -33.06 12.09
C LYS E 733 36.76 -32.48 11.16
N ILE E 734 37.21 -31.81 10.12
CA ILE E 734 36.29 -31.18 9.18
C ILE E 734 36.42 -31.86 7.82
N VAL E 735 35.28 -31.98 7.14
CA VAL E 735 35.23 -32.37 5.74
C VAL E 735 34.83 -31.13 4.95
N LEU E 736 35.55 -30.89 3.85
CA LEU E 736 35.48 -29.60 3.17
C LEU E 736 35.70 -29.84 1.68
N PRO E 737 35.04 -29.09 0.81
CA PRO E 737 35.28 -29.24 -0.62
C PRO E 737 36.69 -28.83 -1.00
N LYS E 738 37.24 -29.58 -1.96
CA LYS E 738 38.62 -29.32 -2.40
C LYS E 738 38.79 -27.88 -2.87
N ASP E 739 37.79 -27.32 -3.52
CA ASP E 739 37.92 -26.00 -4.10
C ASP E 739 37.91 -24.88 -3.07
N ASN E 740 37.58 -25.18 -1.82
CA ASN E 740 37.67 -24.21 -0.74
C ASN E 740 39.06 -24.15 -0.14
N GLU E 741 39.96 -25.03 -0.57
CA GLU E 741 41.31 -25.08 -0.01
C GLU E 741 41.93 -23.70 0.08
N ALA E 742 41.73 -22.87 -0.94
CA ALA E 742 42.28 -21.53 -0.93
C ALA E 742 41.77 -20.74 0.26
N GLN E 743 40.51 -20.94 0.63
CA GLN E 743 39.91 -20.16 1.72
C GLN E 743 40.44 -20.55 3.08
N LEU E 744 41.27 -21.59 3.18
CA LEU E 744 41.80 -21.98 4.48
C LEU E 744 42.65 -20.89 5.10
N GLU E 745 43.28 -20.06 4.27
CA GLU E 745 44.19 -19.05 4.79
C GLU E 745 43.46 -17.95 5.56
N GLU E 746 42.14 -18.02 5.65
CA GLU E 746 41.40 -17.01 6.40
C GLU E 746 41.52 -17.26 7.90
N LEU E 747 41.71 -18.50 8.29
CA LEU E 747 41.71 -18.82 9.72
C LEU E 747 42.98 -18.31 10.38
N PRO E 748 42.95 -18.01 11.67
CA PRO E 748 44.19 -17.74 12.40
C PRO E 748 45.11 -18.96 12.40
N LYS E 749 46.40 -18.72 12.62
CA LYS E 749 47.38 -19.79 12.58
C LYS E 749 47.10 -20.85 13.64
N GLU E 750 46.44 -20.46 14.73
CA GLU E 750 46.17 -21.40 15.81
C GLU E 750 45.01 -22.32 15.48
N VAL E 751 43.96 -21.79 14.85
CA VAL E 751 42.81 -22.61 14.50
C VAL E 751 43.22 -23.72 13.55
N LEU E 752 43.96 -23.35 12.50
CA LEU E 752 44.44 -24.32 11.52
C LEU E 752 45.07 -25.54 12.19
N GLU E 753 46.04 -25.31 13.07
CA GLU E 753 46.77 -26.43 13.65
C GLU E 753 45.95 -27.16 14.69
N GLY E 754 44.90 -26.53 15.22
CA GLY E 754 44.08 -27.17 16.23
C GLY E 754 43.41 -28.43 15.72
N LEU E 755 42.75 -28.33 14.58
CA LEU E 755 42.00 -29.44 14.01
C LEU E 755 42.59 -29.85 12.67
N GLU E 756 42.25 -31.06 12.24
CA GLU E 756 42.63 -31.57 10.95
C GLU E 756 41.51 -31.28 9.96
N ILE E 757 41.88 -30.88 8.74
CA ILE E 757 40.91 -30.57 7.70
C ILE E 757 41.04 -31.63 6.62
N LYS E 758 39.91 -32.24 6.27
CA LYS E 758 39.86 -33.21 5.19
C LYS E 758 39.31 -32.54 3.94
N LEU E 759 40.08 -32.59 2.86
CA LEU E 759 39.69 -31.99 1.59
C LEU E 759 39.12 -33.07 0.68
N VAL E 760 37.88 -32.88 0.22
CA VAL E 760 37.21 -33.83 -0.65
C VAL E 760 36.73 -33.12 -1.89
N GLU E 761 36.41 -33.93 -2.91
CA GLU E 761 35.86 -33.39 -4.14
C GLU E 761 34.71 -34.23 -4.68
N ASP E 762 34.38 -35.35 -4.03
CA ASP E 762 33.37 -36.25 -4.56
C ASP E 762 32.73 -36.99 -3.38
N VAL E 763 31.40 -37.16 -3.47
CA VAL E 763 30.63 -37.72 -2.36
C VAL E 763 31.06 -39.14 -2.00
N GLY E 764 31.42 -39.96 -2.99
CA GLY E 764 31.91 -41.29 -2.67
C GLY E 764 33.02 -41.28 -1.63
N GLU E 765 33.78 -40.20 -1.57
CA GLU E 765 34.81 -40.07 -0.55
C GLU E 765 34.19 -39.83 0.82
N VAL E 766 33.27 -38.89 0.91
CA VAL E 766 32.78 -38.47 2.22
C VAL E 766 31.93 -39.56 2.86
N LEU E 767 31.32 -40.42 2.06
CA LEU E 767 30.53 -41.50 2.62
C LEU E 767 31.42 -42.50 3.34
N GLU E 768 32.32 -43.14 2.61
CA GLU E 768 33.18 -44.17 3.17
C GLU E 768 34.09 -43.63 4.27
N TYR E 769 34.25 -42.32 4.38
CA TYR E 769 35.05 -41.77 5.45
C TYR E 769 34.23 -41.57 6.72
N LEU E 770 32.90 -41.55 6.60
CA LEU E 770 32.04 -41.20 7.71
C LEU E 770 31.18 -42.35 8.22
N LEU E 771 30.97 -43.38 7.41
CA LEU E 771 30.11 -44.49 7.80
C LEU E 771 30.93 -45.55 8.51
N LEU E 772 30.52 -45.92 9.71
CA LEU E 772 31.08 -47.09 10.36
C LEU E 772 30.76 -48.29 9.49
N PRO E 773 31.63 -49.31 9.45
CA PRO E 773 31.47 -50.36 8.43
C PRO E 773 30.21 -51.21 8.61
N GLU E 774 29.79 -51.47 9.84
CA GLU E 774 28.72 -52.45 10.00
C GLU E 774 27.45 -51.80 10.50
N PRO E 775 26.28 -52.23 10.00
CA PRO E 775 25.02 -51.69 10.49
C PRO E 775 24.78 -52.04 11.95
N THR E 776 24.31 -51.05 12.71
CA THR E 776 24.03 -51.19 14.14
C THR E 776 22.52 -51.12 14.40
N MET E 777 21.72 -51.51 13.42
CA MET E 777 20.28 -51.66 13.52
C MET E 777 19.81 -52.67 12.49
N PRO E 778 18.81 -53.50 12.80
CA PRO E 778 18.27 -54.39 11.78
C PRO E 778 17.64 -53.62 10.65
N PRO E 779 17.53 -54.21 9.45
CA PRO E 779 17.02 -53.45 8.30
C PRO E 779 15.53 -53.15 8.40
N VAL E 780 14.99 -52.47 7.39
CA VAL E 780 13.58 -52.09 7.41
C VAL E 780 12.69 -53.32 7.38
N VAL E 781 12.92 -54.21 6.42
CA VAL E 781 12.12 -55.42 6.30
C VAL E 781 13.00 -56.64 6.19
N SER F 245 6.03 51.59 35.84
CA SER F 245 6.92 50.77 36.66
C SER F 245 6.88 49.32 36.21
N ASP F 246 7.49 49.02 35.08
CA ASP F 246 7.54 47.67 34.54
C ASP F 246 8.90 47.23 34.02
N LEU F 247 9.85 48.16 33.84
CA LEU F 247 11.14 47.80 33.25
C LEU F 247 11.94 46.89 34.19
N GLU F 248 12.26 47.38 35.38
CA GLU F 248 13.11 46.65 36.32
C GLU F 248 12.34 45.64 37.15
N ALA F 249 11.14 45.24 36.73
CA ALA F 249 10.42 44.17 37.42
C ALA F 249 11.16 42.86 37.35
N LEU F 250 12.08 42.70 36.39
CA LEU F 250 12.97 41.56 36.29
C LEU F 250 14.39 41.91 36.74
N ARG F 251 14.50 42.78 37.75
CA ARG F 251 15.75 43.24 38.34
C ARG F 251 15.80 43.02 39.85
N LYS F 252 14.68 43.20 40.55
CA LYS F 252 14.57 42.86 41.96
C LYS F 252 13.96 41.49 42.18
N LYS F 253 13.92 40.65 41.14
CA LYS F 253 13.35 39.31 41.20
C LYS F 253 14.33 38.22 40.81
N ILE F 254 15.28 38.52 39.91
CA ILE F 254 16.20 37.51 39.42
C ILE F 254 17.24 37.10 40.47
N GLU F 255 17.37 37.88 41.54
CA GLU F 255 18.44 37.61 42.51
C GLU F 255 18.18 36.39 43.36
N GLU F 256 16.93 35.93 43.44
CA GLU F 256 16.63 34.76 44.26
C GLU F 256 17.11 33.48 43.60
N VAL F 257 16.73 33.27 42.33
CA VAL F 257 17.12 32.08 41.57
C VAL F 257 17.81 32.53 40.30
N GLY F 258 18.95 31.91 40.01
CA GLY F 258 19.74 32.38 38.88
C GLY F 258 20.26 33.79 39.12
N MET F 259 20.93 34.32 38.10
CA MET F 259 21.20 33.58 36.87
C MET F 259 22.70 33.48 36.66
N PRO F 260 23.24 32.25 36.62
CA PRO F 260 24.67 32.09 36.39
C PRO F 260 25.12 32.59 35.04
N GLU F 261 26.44 32.53 34.79
CA GLU F 261 27.02 33.07 33.57
C GLU F 261 26.47 32.43 32.30
N ALA F 262 25.75 31.32 32.41
CA ALA F 262 25.21 30.67 31.21
C ALA F 262 24.05 31.46 30.63
N VAL F 263 22.96 31.61 31.39
CA VAL F 263 21.77 32.28 30.88
C VAL F 263 21.81 33.79 31.09
N LYS F 264 22.47 34.26 32.15
CA LYS F 264 22.50 35.70 32.44
C LYS F 264 23.20 36.46 31.32
N THR F 265 24.17 35.83 30.64
CA THR F 265 24.80 36.48 29.49
C THR F 265 23.78 36.88 28.45
N LYS F 266 22.66 36.17 28.38
CA LYS F 266 21.53 36.60 27.56
C LYS F 266 20.68 37.63 28.28
N ALA F 267 20.60 37.54 29.61
CA ALA F 267 19.74 38.42 30.41
C ALA F 267 20.37 39.76 30.72
N LEU F 268 21.53 40.07 30.12
CA LEU F 268 22.10 41.41 30.18
C LEU F 268 21.99 42.15 28.86
N LYS F 269 21.93 41.41 27.74
CA LYS F 269 21.81 42.01 26.42
C LYS F 269 20.36 42.31 26.05
N GLU F 270 19.50 41.28 26.09
CA GLU F 270 18.11 41.48 25.74
C GLU F 270 17.38 42.32 26.79
N LEU F 271 17.75 42.16 28.07
CA LEU F 271 17.17 43.03 29.10
C LEU F 271 17.48 44.48 28.83
N ASP F 272 18.64 44.76 28.22
CA ASP F 272 18.96 46.08 27.72
C ASP F 272 18.38 46.33 26.34
N ARG F 273 17.35 45.58 25.95
CA ARG F 273 16.66 45.77 24.69
C ARG F 273 15.15 45.85 24.91
N LEU F 274 14.65 45.13 25.91
CA LEU F 274 13.23 45.09 26.23
C LEU F 274 12.79 46.23 27.16
N GLU F 275 13.58 47.31 27.22
CA GLU F 275 13.33 48.37 28.18
C GLU F 275 12.23 49.34 27.75
N ARG F 276 11.95 49.44 26.44
CA ARG F 276 11.09 50.48 25.91
C ARG F 276 9.61 50.07 25.85
N MET F 277 9.18 49.16 26.71
CA MET F 277 7.82 48.62 26.62
C MET F 277 6.79 49.62 27.17
N GLN F 278 6.73 50.77 26.49
CA GLN F 278 5.70 51.77 26.71
C GLN F 278 4.88 52.06 25.46
N GLN F 279 5.55 52.28 24.33
CA GLN F 279 4.89 52.48 23.05
C GLN F 279 4.83 51.18 22.26
N GLY F 280 4.20 50.17 22.87
CA GLY F 280 4.13 48.85 22.27
C GLY F 280 5.04 47.85 22.96
N SER F 281 5.94 47.23 22.21
CA SER F 281 6.07 47.46 20.77
C SER F 281 5.78 46.16 20.00
N PRO F 282 5.39 46.27 18.73
CA PRO F 282 5.03 45.07 17.96
C PRO F 282 6.18 44.11 17.70
N GLU F 283 7.37 44.36 18.25
CA GLU F 283 8.51 43.46 18.04
C GLU F 283 9.01 42.82 19.32
N ALA F 284 8.70 43.38 20.49
CA ALA F 284 9.28 42.94 21.76
C ALA F 284 8.20 42.68 22.79
N THR F 285 7.16 41.95 22.41
CA THR F 285 6.10 41.59 23.35
C THR F 285 6.38 40.27 24.06
N VAL F 286 7.11 39.36 23.41
CA VAL F 286 7.39 38.05 24.02
C VAL F 286 8.31 38.19 25.22
N ALA F 287 9.09 39.28 25.28
CA ALA F 287 10.10 39.43 26.32
C ALA F 287 9.52 39.33 27.73
N ARG F 288 8.23 39.62 27.92
CA ARG F 288 7.62 39.41 29.22
C ARG F 288 7.38 37.94 29.51
N THR F 289 7.42 37.09 28.48
CA THR F 289 7.40 35.65 28.66
C THR F 289 8.68 34.98 28.16
N TYR F 290 9.43 35.65 27.28
CA TYR F 290 10.72 35.14 26.83
C TYR F 290 11.67 34.99 28.01
N LEU F 291 11.96 36.10 28.70
CA LEU F 291 12.85 36.11 29.84
C LEU F 291 12.18 35.67 31.13
N ASP F 292 10.87 35.39 31.10
CA ASP F 292 10.15 35.09 32.33
C ASP F 292 10.53 33.71 32.86
N TRP F 293 10.24 32.65 32.08
CA TRP F 293 10.50 31.30 32.56
C TRP F 293 11.99 31.08 32.84
N LEU F 294 12.86 31.80 32.12
CA LEU F 294 14.29 31.73 32.42
C LEU F 294 14.58 32.20 33.83
N THR F 295 13.76 33.08 34.36
CA THR F 295 13.84 33.51 35.76
C THR F 295 13.03 32.63 36.69
N GLU F 296 12.28 31.67 36.16
CA GLU F 296 11.46 30.77 36.97
C GLU F 296 12.04 29.37 37.08
N VAL F 297 12.76 28.89 36.07
CA VAL F 297 13.37 27.56 36.13
C VAL F 297 14.30 27.51 37.33
N PRO F 298 14.32 26.42 38.10
CA PRO F 298 15.22 26.35 39.25
C PRO F 298 16.68 26.50 38.86
N TRP F 299 17.46 27.02 39.79
CA TRP F 299 18.89 27.24 39.61
C TRP F 299 19.54 27.24 40.99
N SER F 300 20.44 26.29 41.22
CA SER F 300 21.08 26.07 42.52
C SER F 300 20.06 25.65 43.56
N LYS F 301 18.81 25.45 43.16
CA LYS F 301 17.75 24.99 44.04
C LYS F 301 17.27 23.64 43.53
N ALA F 302 17.45 22.60 44.35
CA ALA F 302 17.01 21.25 44.00
C ALA F 302 16.97 20.43 45.28
N ASP F 303 15.79 19.89 45.61
CA ASP F 303 15.63 19.06 46.79
C ASP F 303 16.62 17.90 46.74
N PRO F 304 17.65 17.92 47.59
CA PRO F 304 18.71 16.91 47.47
C PRO F 304 18.20 15.50 47.72
N GLU F 305 19.08 14.54 47.51
CA GLU F 305 18.74 13.13 47.56
C GLU F 305 19.74 12.37 48.41
N VAL F 306 19.25 11.48 49.25
CA VAL F 306 20.09 10.56 50.01
C VAL F 306 20.24 9.31 49.14
N LEU F 307 21.27 9.32 48.30
CA LEU F 307 21.53 8.18 47.43
C LEU F 307 21.81 6.91 48.21
N ASP F 308 22.17 7.04 49.48
CA ASP F 308 22.35 5.86 50.32
C ASP F 308 21.07 5.04 50.35
N ILE F 309 21.22 3.72 50.21
CA ILE F 309 20.06 2.86 50.06
C ILE F 309 19.21 2.85 51.31
N ASN F 310 19.83 3.06 52.48
CA ASN F 310 19.13 2.93 53.75
C ASN F 310 17.89 3.82 53.82
N HIS F 311 17.82 4.84 52.98
CA HIS F 311 16.64 5.69 52.92
C HIS F 311 15.79 5.45 51.68
N THR F 312 16.39 5.02 50.57
CA THR F 312 15.62 4.82 49.35
C THR F 312 14.87 3.50 49.37
N ARG F 313 15.56 2.43 49.75
CA ARG F 313 14.94 1.10 49.72
C ARG F 313 13.72 1.03 50.65
N GLN F 314 13.86 1.55 51.87
CA GLN F 314 12.81 1.41 52.87
C GLN F 314 11.48 1.91 52.35
N VAL F 315 11.49 3.02 51.60
CA VAL F 315 10.23 3.57 51.10
C VAL F 315 9.61 2.64 50.07
N LEU F 316 10.42 1.89 49.34
CA LEU F 316 9.89 1.00 48.31
C LEU F 316 9.13 -0.17 48.93
N ASP F 317 9.59 -0.68 50.06
CA ASP F 317 8.78 -1.65 50.80
C ASP F 317 7.50 -1.01 51.32
N GLU F 318 7.55 0.28 51.63
CA GLU F 318 6.35 1.03 51.98
C GLU F 318 5.51 1.39 50.77
N ASP F 319 5.93 1.00 49.57
CA ASP F 319 5.25 1.36 48.33
C ASP F 319 4.34 0.24 47.83
N HIS F 320 4.91 -0.93 47.57
CA HIS F 320 4.16 -2.09 47.09
C HIS F 320 4.39 -3.27 48.03
N TYR F 321 3.92 -4.44 47.62
CA TYR F 321 4.03 -5.66 48.40
C TYR F 321 4.87 -6.67 47.64
N GLY F 322 5.90 -7.21 48.30
CA GLY F 322 6.77 -8.18 47.68
C GLY F 322 7.92 -7.53 46.96
N LEU F 323 8.24 -8.03 45.76
CA LEU F 323 9.26 -7.46 44.89
C LEU F 323 10.63 -7.41 45.53
N LYS F 324 10.89 -8.28 46.53
CA LYS F 324 12.21 -8.39 47.11
C LYS F 324 13.27 -8.75 46.07
N ASP F 325 12.86 -9.28 44.93
CA ASP F 325 13.75 -9.55 43.82
C ASP F 325 13.72 -8.45 42.78
N VAL F 326 13.10 -7.30 43.09
CA VAL F 326 12.87 -6.23 42.12
C VAL F 326 13.63 -4.97 42.52
N LYS F 327 13.37 -4.46 43.73
CA LYS F 327 13.91 -3.17 44.14
C LYS F 327 15.42 -3.13 44.05
N GLU F 328 16.08 -4.19 44.54
CA GLU F 328 17.53 -4.17 44.65
C GLU F 328 18.21 -3.97 43.30
N ARG F 329 17.55 -4.33 42.22
CA ARG F 329 18.13 -4.12 40.90
C ARG F 329 18.26 -2.65 40.54
N ILE F 330 17.74 -1.75 41.37
CA ILE F 330 18.06 -0.34 41.27
C ILE F 330 18.99 0.12 42.39
N LEU F 331 18.91 -0.51 43.56
CA LEU F 331 19.95 -0.34 44.57
C LEU F 331 21.32 -0.71 44.02
N GLU F 332 21.36 -1.65 43.08
CA GLU F 332 22.58 -1.97 42.36
C GLU F 332 22.78 -1.07 41.14
N TYR F 333 21.99 0.00 41.04
CA TYR F 333 22.10 0.98 39.97
C TYR F 333 22.50 2.36 40.47
N LEU F 334 21.90 2.81 41.58
CA LEU F 334 22.23 4.11 42.14
C LEU F 334 23.64 4.17 42.71
N ALA F 335 24.25 3.02 42.99
CA ALA F 335 25.56 3.01 43.63
C ALA F 335 26.61 3.63 42.74
N VAL F 336 26.49 3.46 41.42
CA VAL F 336 27.48 4.00 40.50
C VAL F 336 27.55 5.52 40.55
N ARG F 337 26.50 6.16 41.08
CA ARG F 337 26.48 7.62 41.13
C ARG F 337 27.00 8.16 42.46
N GLN F 338 26.50 7.65 43.58
CA GLN F 338 26.97 8.12 44.88
C GLN F 338 28.43 7.75 45.10
N LEU F 339 28.76 6.47 44.90
CA LEU F 339 30.10 5.98 45.24
C LEU F 339 31.18 6.70 44.46
N THR F 340 30.83 7.29 43.31
CA THR F 340 31.78 8.04 42.50
C THR F 340 31.05 9.28 41.98
N GLN F 341 31.34 10.42 42.60
CA GLN F 341 30.77 11.70 42.20
C GLN F 341 31.76 12.47 41.33
N GLY F 342 31.24 13.43 40.58
CA GLY F 342 32.05 14.22 39.67
C GLY F 342 32.51 13.42 38.47
N LEU F 343 33.23 12.33 38.72
CA LEU F 343 33.54 11.33 37.73
C LEU F 343 32.67 10.11 37.96
N ASP F 344 32.36 9.40 36.89
CA ASP F 344 31.55 8.18 36.90
C ASP F 344 30.16 8.40 37.47
N VAL F 345 29.75 9.65 37.70
CA VAL F 345 28.39 9.95 38.11
C VAL F 345 27.53 10.38 36.93
N ARG F 346 28.13 11.09 35.96
CA ARG F 346 27.51 11.37 34.67
C ARG F 346 28.54 10.98 33.62
N ASN F 347 28.57 9.70 33.27
CA ASN F 347 29.51 9.16 32.30
C ASN F 347 28.83 8.13 31.41
N LYS F 348 27.62 8.45 30.93
CA LYS F 348 26.84 7.57 30.07
C LYS F 348 26.49 6.27 30.80
N ALA F 349 25.74 6.43 31.88
CA ALA F 349 25.31 5.29 32.67
C ALA F 349 24.14 4.58 32.00
N PRO F 350 23.98 3.26 32.24
CA PRO F 350 22.90 2.52 31.58
C PRO F 350 21.53 2.78 32.20
N ILE F 351 20.66 3.49 31.47
CA ILE F 351 19.36 3.86 32.01
C ILE F 351 18.49 2.61 32.12
N LEU F 352 17.53 2.66 33.05
CA LEU F 352 16.80 1.48 33.49
C LEU F 352 15.93 0.90 32.37
N VAL F 353 15.32 -0.24 32.67
CA VAL F 353 14.19 -0.79 31.92
C VAL F 353 13.58 -1.93 32.73
N LEU F 354 12.27 -2.09 32.66
CA LEU F 354 11.56 -3.08 33.47
C LEU F 354 10.68 -3.94 32.58
N VAL F 355 10.30 -5.11 33.10
CA VAL F 355 9.42 -6.04 32.40
C VAL F 355 8.58 -6.79 33.43
N GLY F 356 7.45 -7.34 32.97
CA GLY F 356 6.56 -8.08 33.82
C GLY F 356 5.26 -8.40 33.10
N PRO F 357 4.34 -9.06 33.78
CA PRO F 357 3.05 -9.39 33.16
C PRO F 357 2.19 -8.15 33.04
N PRO F 358 1.15 -8.17 32.20
CA PRO F 358 0.30 -6.99 32.07
C PRO F 358 -0.80 -6.96 33.12
N GLY F 359 -0.44 -7.27 34.36
CA GLY F 359 -1.37 -7.16 35.46
C GLY F 359 -0.89 -6.17 36.50
N VAL F 360 0.42 -6.06 36.66
CA VAL F 360 1.00 -5.26 37.73
C VAL F 360 1.11 -3.81 37.28
N GLY F 361 0.89 -2.89 38.21
CA GLY F 361 1.18 -1.49 37.98
C GLY F 361 2.66 -1.26 38.14
N LYS F 362 3.34 -1.03 37.02
CA LYS F 362 4.79 -1.02 36.98
C LYS F 362 5.40 0.34 37.29
N THR F 363 4.95 1.40 36.62
CA THR F 363 5.46 2.73 36.91
C THR F 363 4.84 3.35 38.15
N SER F 364 3.91 2.65 38.81
CA SER F 364 3.46 3.07 40.12
C SER F 364 4.63 3.26 41.08
N LEU F 365 5.70 2.49 40.88
CA LEU F 365 6.92 2.71 41.66
C LEU F 365 7.59 4.02 41.29
N GLY F 366 7.39 4.49 40.06
CA GLY F 366 8.03 5.69 39.56
C GLY F 366 7.87 6.91 40.43
N ARG F 367 6.62 7.31 40.69
CA ARG F 367 6.36 8.44 41.57
C ARG F 367 7.02 8.25 42.93
N SER F 368 7.15 6.99 43.38
CA SER F 368 7.78 6.68 44.65
C SER F 368 9.27 6.49 44.53
N ILE F 369 9.91 7.11 43.54
CA ILE F 369 11.36 7.11 43.43
C ILE F 369 11.89 8.46 43.85
N ALA F 370 11.37 9.52 43.22
CA ALA F 370 11.68 10.88 43.68
C ALA F 370 11.12 11.09 45.08
N ARG F 371 9.87 10.69 45.30
CA ARG F 371 9.28 10.71 46.63
C ARG F 371 10.15 9.97 47.62
N SER F 372 10.81 8.90 47.17
CA SER F 372 11.72 8.17 48.04
C SER F 372 12.97 8.98 48.33
N MET F 373 13.42 9.79 47.37
CA MET F 373 14.62 10.59 47.52
C MET F 373 14.32 12.07 47.75
N ASN F 374 13.08 12.39 48.10
CA ASN F 374 12.58 13.73 48.45
C ASN F 374 12.48 14.64 47.23
N ARG F 375 12.86 14.20 46.05
CA ARG F 375 12.81 15.04 44.87
C ARG F 375 11.36 15.21 44.41
N LYS F 376 11.18 15.87 43.27
CA LYS F 376 9.88 16.03 42.64
C LYS F 376 9.86 15.24 41.32
N PHE F 377 8.76 15.37 40.60
CA PHE F 377 8.56 14.53 39.41
C PHE F 377 7.70 15.29 38.41
N HIS F 378 8.08 15.19 37.14
CA HIS F 378 7.32 15.72 36.00
C HIS F 378 7.19 14.61 34.96
N ARG F 379 6.47 14.88 33.88
CA ARG F 379 6.34 13.86 32.86
C ARG F 379 5.87 14.48 31.56
N ILE F 380 6.50 14.08 30.45
CA ILE F 380 6.10 14.44 29.10
C ILE F 380 6.01 13.16 28.28
N SER F 381 4.98 13.06 27.45
CA SER F 381 4.75 11.85 26.67
C SER F 381 5.71 11.82 25.49
N LEU F 382 6.83 11.10 25.65
CA LEU F 382 7.81 10.99 24.58
C LEU F 382 7.23 10.31 23.35
N GLY F 383 6.35 9.32 23.55
CA GLY F 383 5.61 8.78 22.42
C GLY F 383 4.84 9.87 21.68
N GLY F 384 4.23 10.79 22.43
CA GLY F 384 3.63 11.97 21.86
C GLY F 384 4.60 13.06 21.46
N VAL F 385 5.86 12.96 21.90
CA VAL F 385 6.90 13.85 21.43
C VAL F 385 7.25 13.47 20.00
N ARG F 386 6.68 14.19 19.04
CA ARG F 386 6.97 13.90 17.64
C ARG F 386 7.09 15.16 16.80
N ASP F 387 7.18 16.34 17.42
CA ASP F 387 7.18 17.59 16.67
C ASP F 387 8.01 18.64 17.40
N GLU F 388 8.03 19.84 16.82
CA GLU F 388 8.83 20.94 17.33
C GLU F 388 8.06 21.90 18.24
N ALA F 389 6.73 21.91 18.17
CA ALA F 389 5.95 22.54 19.24
C ALA F 389 6.13 21.80 20.55
N GLU F 390 6.58 20.55 20.47
CA GLU F 390 7.06 19.77 21.61
C GLU F 390 8.48 20.23 21.93
N ILE F 391 9.27 19.39 22.59
CA ILE F 391 10.52 19.71 23.26
C ILE F 391 11.38 20.73 22.51
N ARG F 392 11.32 20.72 21.18
CA ARG F 392 12.10 21.68 20.41
C ARG F 392 11.57 23.10 20.62
N GLY F 393 12.37 24.09 20.20
CA GLY F 393 12.14 25.47 20.59
C GLY F 393 11.32 26.28 19.59
N HIS F 394 10.91 27.46 20.04
CA HIS F 394 10.18 28.45 19.25
C HIS F 394 11.03 29.71 19.12
N ARG F 395 11.37 30.08 17.89
CA ARG F 395 12.27 31.21 17.66
C ARG F 395 11.65 32.51 18.17
N ARG F 396 12.50 33.39 18.70
CA ARG F 396 12.11 34.66 19.32
C ARG F 396 11.62 35.70 18.30
N THR F 397 11.56 35.40 17.01
CA THR F 397 11.07 36.38 16.04
C THR F 397 9.59 36.68 16.28
N TYR F 398 8.81 35.66 16.63
CA TYR F 398 7.36 35.80 16.68
C TYR F 398 6.94 36.82 17.74
N ILE F 399 5.70 37.28 17.60
CA ILE F 399 5.07 38.10 18.63
C ILE F 399 4.44 37.24 19.71
N GLY F 400 4.37 35.92 19.50
CA GLY F 400 3.93 34.99 20.51
C GLY F 400 4.22 33.55 20.15
N ALA F 401 4.82 32.82 21.09
CA ALA F 401 5.18 31.42 20.89
C ALA F 401 5.68 30.86 22.22
N MET F 402 5.47 29.56 22.42
CA MET F 402 5.89 28.93 23.66
C MET F 402 7.11 28.05 23.44
N PRO F 403 8.04 28.03 24.39
CA PRO F 403 9.24 27.19 24.24
C PRO F 403 8.92 25.70 24.23
N GLY F 404 9.96 24.88 24.08
CA GLY F 404 9.77 23.45 24.15
C GLY F 404 9.44 22.98 25.56
N LYS F 405 8.77 21.83 25.63
CA LYS F 405 8.30 21.33 26.92
C LYS F 405 9.42 20.90 27.84
N LEU F 406 10.66 20.84 27.35
CA LEU F 406 11.79 20.54 28.22
C LEU F 406 11.94 21.61 29.30
N ILE F 407 12.12 22.86 28.88
CA ILE F 407 12.22 23.97 29.83
C ILE F 407 10.88 24.16 30.53
N HIS F 408 9.78 24.00 29.81
CA HIS F 408 8.46 24.05 30.44
C HIS F 408 8.37 23.03 31.57
N ALA F 409 8.79 21.80 31.31
CA ALA F 409 8.87 20.80 32.36
C ALA F 409 9.75 21.31 33.51
N MET F 410 10.89 21.90 33.16
CA MET F 410 11.72 22.55 34.17
C MET F 410 10.96 23.69 34.84
N LYS F 411 10.05 24.34 34.11
CA LYS F 411 9.30 25.46 34.69
C LYS F 411 8.29 24.97 35.72
N GLN F 412 7.43 24.03 35.34
CA GLN F 412 6.39 23.57 36.25
C GLN F 412 6.99 23.05 37.55
N VAL F 413 8.16 22.44 37.47
CA VAL F 413 8.86 21.98 38.66
C VAL F 413 9.75 23.10 39.18
N GLY F 414 10.16 22.98 40.44
CA GLY F 414 11.10 23.90 41.03
C GLY F 414 12.39 23.21 41.38
N VAL F 415 12.65 22.08 40.73
CA VAL F 415 13.82 21.23 41.00
C VAL F 415 14.52 20.97 39.67
N ILE F 416 15.82 21.22 39.62
CA ILE F 416 16.56 21.15 38.36
C ILE F 416 16.67 19.75 37.81
N ASN F 417 16.45 18.71 38.63
CA ASN F 417 16.53 17.33 38.19
C ASN F 417 15.16 16.66 38.36
N PRO F 418 14.20 16.96 37.48
CA PRO F 418 12.87 16.35 37.58
C PRO F 418 12.85 14.98 36.91
N VAL F 419 12.65 13.93 37.71
CA VAL F 419 12.55 12.59 37.16
C VAL F 419 11.38 12.55 36.18
N ILE F 420 11.59 11.85 35.06
CA ILE F 420 10.59 11.75 34.01
C ILE F 420 10.56 10.32 33.51
N LEU F 421 9.44 9.63 33.74
CA LEU F 421 9.22 8.35 33.10
C LEU F 421 9.17 8.53 31.59
N LEU F 422 9.64 7.51 30.86
CA LEU F 422 9.54 7.57 29.42
C LEU F 422 8.09 7.37 29.01
N ASP F 423 7.29 8.42 29.21
CA ASP F 423 5.84 8.35 29.04
C ASP F 423 5.46 7.92 27.64
N GLU F 424 4.90 6.72 27.50
CA GLU F 424 4.29 6.22 26.28
C GLU F 424 5.23 6.24 25.08
N ILE F 425 6.54 6.33 25.29
CA ILE F 425 7.50 6.19 24.21
C ILE F 425 7.49 4.78 23.62
N ASP F 426 6.77 3.85 24.26
CA ASP F 426 6.69 2.50 23.74
C ASP F 426 6.06 2.45 22.35
N LYS F 427 5.28 3.46 21.99
CA LYS F 427 4.69 3.58 20.66
C LYS F 427 5.34 4.73 19.88
N MET F 428 6.65 4.89 20.05
CA MET F 428 7.34 6.05 19.52
C MET F 428 7.45 6.00 18.01
N SER F 429 6.83 6.97 17.33
CA SER F 429 7.13 7.22 15.94
C SER F 429 8.29 8.20 15.84
N SER F 430 8.77 8.41 14.62
CA SER F 430 9.93 9.28 14.41
C SER F 430 9.71 10.16 13.18
N ASP F 431 8.53 10.77 13.09
CA ASP F 431 8.18 11.60 11.94
C ASP F 431 8.90 12.95 12.04
N TRP F 432 8.49 13.89 11.19
CA TRP F 432 9.17 15.17 11.03
C TRP F 432 9.17 16.04 12.28
N ARG F 433 9.81 17.19 12.19
CA ARG F 433 9.91 18.16 13.29
C ARG F 433 10.74 17.62 14.44
N GLY F 434 11.78 16.85 14.10
CA GLY F 434 12.72 16.36 15.08
C GLY F 434 12.29 15.04 15.68
N ASP F 435 13.11 14.01 15.50
CA ASP F 435 12.82 12.73 16.13
C ASP F 435 13.07 12.85 17.63
N PRO F 436 12.16 12.35 18.46
CA PRO F 436 12.35 12.48 19.92
C PRO F 436 13.59 11.79 20.42
N ALA F 437 14.27 11.02 19.56
CA ALA F 437 15.51 10.36 19.97
C ALA F 437 16.70 11.32 19.90
N SER F 438 16.79 12.12 18.83
CA SER F 438 17.87 13.08 18.72
C SER F 438 17.84 14.10 19.85
N ALA F 439 16.64 14.46 20.32
CA ALA F 439 16.52 15.38 21.43
C ALA F 439 17.14 14.81 22.70
N MET F 440 16.92 13.52 22.96
CA MET F 440 17.51 12.89 24.13
C MET F 440 19.03 12.81 24.02
N LEU F 441 19.57 12.72 22.81
CA LEU F 441 21.01 12.56 22.63
C LEU F 441 21.77 13.70 23.29
N GLU F 442 21.24 14.92 23.21
CA GLU F 442 21.87 16.05 23.88
C GLU F 442 21.96 15.82 25.38
N VAL F 443 20.80 15.64 26.03
CA VAL F 443 20.78 15.57 27.48
C VAL F 443 21.35 14.24 27.97
N LEU F 444 21.17 13.16 27.21
CA LEU F 444 21.62 11.86 27.70
C LEU F 444 23.14 11.75 27.67
N ASP F 445 23.77 12.25 26.61
CA ASP F 445 25.22 12.23 26.50
C ASP F 445 25.84 12.94 27.69
N PRO F 446 26.76 12.30 28.42
CA PRO F 446 27.31 12.94 29.63
C PRO F 446 28.16 14.17 29.36
N GLU F 447 28.57 14.40 28.11
CA GLU F 447 29.35 15.57 27.74
C GLU F 447 28.60 16.48 26.77
N GLN F 448 27.27 16.38 26.73
CA GLN F 448 26.49 17.22 25.82
C GLN F 448 25.32 17.87 26.54
N ASN F 449 24.87 17.26 27.64
CA ASN F 449 23.72 17.81 28.37
C ASN F 449 23.96 19.26 28.78
N ASN F 450 25.19 19.59 29.15
CA ASN F 450 25.52 20.97 29.50
C ASN F 450 25.53 21.89 28.29
N THR F 451 25.27 21.37 27.09
CA THR F 451 25.41 22.11 25.84
C THR F 451 24.12 22.05 25.03
N PHE F 452 23.00 22.36 25.67
CA PHE F 452 21.73 22.35 24.96
C PHE F 452 21.62 23.57 24.05
N THR F 453 20.50 23.68 23.34
CA THR F 453 20.30 24.73 22.36
C THR F 453 18.81 24.79 22.01
N ASP F 454 18.24 25.99 22.04
CA ASP F 454 16.83 26.20 21.81
C ASP F 454 16.61 27.02 20.53
N HIS F 455 15.34 27.22 20.22
CA HIS F 455 14.92 28.37 19.43
C HIS F 455 14.35 29.47 20.30
N TYR F 456 13.72 29.09 21.41
CA TYR F 456 13.31 30.05 22.43
C TYR F 456 14.49 30.90 22.88
N LEU F 457 15.68 30.32 22.90
CA LEU F 457 16.92 31.05 23.13
C LEU F 457 17.92 30.67 22.05
N ASP F 458 19.15 31.15 22.18
CA ASP F 458 20.27 30.63 21.42
C ASP F 458 21.39 30.17 22.34
N VAL F 459 21.24 30.37 23.64
CA VAL F 459 22.35 30.25 24.58
C VAL F 459 22.51 28.79 24.98
N PRO F 460 23.73 28.25 24.98
CA PRO F 460 23.93 26.90 25.52
C PRO F 460 23.43 26.78 26.95
N TYR F 461 22.35 26.04 27.13
CA TYR F 461 21.64 25.95 28.40
C TYR F 461 22.04 24.66 29.10
N ASP F 462 22.47 24.79 30.35
CA ASP F 462 23.03 23.66 31.10
C ASP F 462 21.92 22.75 31.59
N LEU F 463 21.72 21.62 30.92
CA LEU F 463 20.79 20.58 31.39
C LEU F 463 21.53 19.74 32.43
N SER F 464 21.34 20.08 33.71
CA SER F 464 22.09 19.43 34.78
C SER F 464 21.74 17.95 34.87
N LYS F 465 20.46 17.62 35.04
CA LYS F 465 20.07 16.23 35.23
C LYS F 465 18.58 16.07 34.98
N VAL F 466 18.21 15.03 34.24
CA VAL F 466 16.84 14.53 34.25
C VAL F 466 16.91 13.01 34.29
N PHE F 467 16.73 12.44 35.48
CA PHE F 467 16.89 11.00 35.67
C PHE F 467 15.67 10.30 35.06
N PHE F 468 15.77 10.02 33.76
CA PHE F 468 14.75 9.23 33.10
C PHE F 468 14.64 7.87 33.77
N ILE F 469 13.41 7.45 34.05
CA ILE F 469 13.14 6.10 34.52
C ILE F 469 12.48 5.37 33.35
N THR F 470 13.28 4.68 32.56
CA THR F 470 12.78 3.97 31.41
C THR F 470 12.08 2.69 31.86
N THR F 471 10.87 2.48 31.35
CA THR F 471 10.09 1.29 31.68
C THR F 471 8.93 1.13 30.72
N ALA F 472 8.81 -0.05 30.13
CA ALA F 472 7.70 -0.38 29.23
C ALA F 472 7.72 -1.89 29.02
N ASN F 473 6.91 -2.34 28.07
CA ASN F 473 6.95 -3.73 27.62
C ASN F 473 7.24 -3.83 26.13
N THR F 474 7.80 -2.79 25.54
CA THR F 474 8.22 -2.79 24.14
C THR F 474 9.66 -2.29 24.07
N LEU F 475 10.51 -3.03 23.37
CA LEU F 475 11.94 -2.68 23.27
C LEU F 475 12.45 -2.90 21.85
N GLN F 476 11.60 -2.69 20.84
CA GLN F 476 12.00 -2.92 19.46
C GLN F 476 12.02 -1.65 18.63
N THR F 477 10.91 -0.92 18.51
CA THR F 477 10.89 0.26 17.64
C THR F 477 11.71 1.41 18.18
N ILE F 478 12.20 1.29 19.41
CA ILE F 478 13.08 2.32 19.98
C ILE F 478 14.36 2.40 19.16
N PRO F 479 14.85 3.58 18.83
CA PRO F 479 16.11 3.67 18.08
C PRO F 479 17.27 3.15 18.90
N ARG F 480 18.31 2.69 18.20
CA ARG F 480 19.46 2.11 18.90
C ARG F 480 20.26 3.14 19.71
N PRO F 481 20.30 4.44 19.35
CA PRO F 481 20.89 5.41 20.30
C PRO F 481 20.13 5.50 21.60
N LEU F 482 18.94 4.91 21.69
CA LEU F 482 18.26 4.67 22.96
C LEU F 482 18.16 3.19 23.29
N LEU F 483 18.78 2.33 22.47
CA LEU F 483 18.90 0.90 22.75
C LEU F 483 20.35 0.54 23.05
N ASP F 484 21.08 1.47 23.68
CA ASP F 484 22.45 1.24 24.08
C ASP F 484 22.67 1.40 25.58
N ARG F 485 21.66 1.79 26.34
CA ARG F 485 21.79 2.00 27.78
C ARG F 485 20.53 1.44 28.45
N MET F 486 20.61 0.18 28.89
CA MET F 486 19.48 -0.52 29.48
C MET F 486 19.94 -1.24 30.74
N GLU F 487 18.97 -1.67 31.54
CA GLU F 487 19.22 -2.54 32.68
C GLU F 487 17.91 -3.18 33.07
N VAL F 488 17.83 -4.50 32.95
CA VAL F 488 16.56 -5.21 33.03
C VAL F 488 16.13 -5.36 34.49
N ILE F 489 14.82 -5.23 34.71
CA ILE F 489 14.17 -5.58 35.96
C ILE F 489 12.92 -6.39 35.61
N GLU F 490 12.72 -7.50 36.33
CA GLU F 490 11.74 -8.50 35.97
C GLU F 490 10.73 -8.71 37.08
N ILE F 491 9.48 -8.96 36.70
CA ILE F 491 8.41 -9.32 37.64
C ILE F 491 7.61 -10.47 37.03
N PRO F 492 7.30 -11.52 37.80
CA PRO F 492 6.61 -12.67 37.22
C PRO F 492 5.10 -12.67 37.42
N GLY F 493 4.57 -11.78 38.25
CA GLY F 493 3.17 -11.81 38.60
C GLY F 493 2.88 -12.68 39.81
N TYR F 494 1.65 -12.58 40.29
CA TYR F 494 1.25 -13.20 41.55
C TYR F 494 0.36 -14.41 41.29
N THR F 495 -0.12 -15.00 42.39
CA THR F 495 -0.99 -16.16 42.32
C THR F 495 -2.17 -16.01 43.27
N ASN F 496 -2.93 -17.10 43.48
CA ASN F 496 -4.11 -17.02 44.34
C ASN F 496 -3.71 -16.75 45.79
N MET F 497 -2.65 -17.39 46.27
CA MET F 497 -2.19 -17.16 47.63
C MET F 497 -1.18 -16.03 47.73
N GLU F 498 -0.83 -15.40 46.62
CA GLU F 498 0.04 -14.22 46.62
C GLU F 498 -0.74 -12.93 46.42
N LYS F 499 -1.59 -12.89 45.39
CA LYS F 499 -2.43 -11.72 45.18
C LYS F 499 -3.31 -11.45 46.39
N GLN F 500 -3.80 -12.51 47.04
CA GLN F 500 -4.64 -12.36 48.23
C GLN F 500 -3.98 -11.52 49.30
N ALA F 501 -2.65 -11.52 49.37
CA ALA F 501 -1.97 -10.61 50.28
C ALA F 501 -2.06 -9.18 49.79
N ILE F 502 -1.55 -8.91 48.58
CA ILE F 502 -1.52 -7.54 48.07
C ILE F 502 -2.93 -7.01 47.85
N ALA F 503 -3.90 -7.90 47.62
CA ALA F 503 -5.28 -7.46 47.48
C ALA F 503 -5.78 -6.84 48.77
N ARG F 504 -5.87 -7.63 49.83
CA ARG F 504 -6.43 -7.15 51.09
C ARG F 504 -5.51 -6.11 51.74
N GLN F 505 -4.21 -6.38 51.78
CA GLN F 505 -3.30 -5.51 52.52
C GLN F 505 -3.16 -4.15 51.84
N TYR F 506 -3.07 -4.13 50.52
CA TYR F 506 -2.82 -2.87 49.81
C TYR F 506 -3.93 -2.46 48.86
N LEU F 507 -4.48 -3.39 48.09
CA LEU F 507 -5.29 -3.01 46.94
C LEU F 507 -6.67 -2.49 47.37
N TRP F 508 -7.30 -3.15 48.33
CA TRP F 508 -8.67 -2.76 48.69
C TRP F 508 -8.76 -1.33 49.19
N PRO F 509 -7.97 -0.88 50.18
CA PRO F 509 -8.10 0.51 50.65
C PRO F 509 -7.72 1.54 49.62
N LYS F 510 -7.23 1.14 48.44
CA LYS F 510 -6.76 2.11 47.46
C LYS F 510 -7.90 2.96 46.93
N GLN F 511 -9.00 2.32 46.52
CA GLN F 511 -10.09 3.03 45.87
C GLN F 511 -11.19 3.49 46.83
N VAL F 512 -11.25 2.91 48.03
CA VAL F 512 -12.35 3.22 48.94
C VAL F 512 -12.37 4.71 49.27
N ARG F 513 -11.21 5.31 49.48
CA ARG F 513 -11.15 6.74 49.74
C ARG F 513 -11.56 7.53 48.51
N GLU F 514 -10.93 7.25 47.38
CA GLU F 514 -11.28 7.96 46.14
C GLU F 514 -12.74 7.74 45.78
N SER F 515 -13.32 6.61 46.18
CA SER F 515 -14.74 6.38 45.96
C SER F 515 -15.58 7.44 46.67
N GLY F 516 -15.43 7.53 47.98
CA GLY F 516 -16.26 8.39 48.79
C GLY F 516 -16.55 7.75 50.12
N MET F 517 -16.17 6.48 50.24
CA MET F 517 -16.27 5.77 51.50
C MET F 517 -14.96 5.86 52.26
N GLU F 518 -14.97 5.38 53.50
CA GLU F 518 -13.79 5.40 54.34
C GLU F 518 -13.46 4.04 54.95
N GLY F 519 -14.24 3.01 54.66
CA GLY F 519 -14.02 1.70 55.23
C GLY F 519 -15.28 1.02 55.74
N ARG F 520 -16.44 1.60 55.41
CA ARG F 520 -17.70 0.98 55.75
C ARG F 520 -18.12 -0.09 54.75
N ILE F 521 -17.22 -0.49 53.87
CA ILE F 521 -17.46 -1.54 52.88
C ILE F 521 -16.27 -2.48 52.90
N GLU F 522 -16.51 -3.76 53.16
CA GLU F 522 -15.45 -4.71 53.43
C GLU F 522 -15.53 -5.90 52.48
N VAL F 523 -14.38 -6.29 51.94
CA VAL F 523 -14.26 -7.44 51.07
C VAL F 523 -13.62 -8.55 51.88
N THR F 524 -14.41 -9.56 52.25
CA THR F 524 -13.88 -10.63 53.09
C THR F 524 -12.82 -11.43 52.33
N ASP F 525 -11.89 -11.99 53.10
CA ASP F 525 -10.78 -12.72 52.48
C ASP F 525 -11.28 -13.93 51.71
N ALA F 526 -12.34 -14.57 52.20
CA ALA F 526 -12.95 -15.65 51.44
C ALA F 526 -13.55 -15.15 50.14
N ALA F 527 -14.07 -13.92 50.13
CA ALA F 527 -14.62 -13.34 48.91
C ALA F 527 -13.54 -12.84 47.97
N ILE F 528 -12.32 -12.66 48.47
CA ILE F 528 -11.21 -12.33 47.58
C ILE F 528 -10.98 -13.46 46.59
N LEU F 529 -11.31 -14.69 46.98
CA LEU F 529 -11.06 -15.85 46.13
C LEU F 529 -11.72 -15.70 44.76
N ARG F 530 -13.05 -15.60 44.74
CA ARG F 530 -13.77 -15.67 43.47
C ARG F 530 -13.49 -14.50 42.55
N VAL F 531 -12.96 -13.39 43.07
CA VAL F 531 -12.54 -12.31 42.19
C VAL F 531 -11.11 -12.52 41.70
N ILE F 532 -10.34 -13.39 42.36
CA ILE F 532 -9.04 -13.78 41.83
C ILE F 532 -9.21 -14.54 40.53
N SER F 533 -10.28 -15.34 40.42
CA SER F 533 -10.45 -16.26 39.30
C SER F 533 -11.38 -15.72 38.22
N GLU F 534 -12.63 -15.39 38.56
CA GLU F 534 -13.61 -15.02 37.56
C GLU F 534 -13.19 -13.75 36.83
N TYR F 535 -13.09 -12.64 37.55
CA TYR F 535 -12.83 -11.34 36.94
C TYR F 535 -11.35 -11.08 36.71
N THR F 536 -10.49 -11.66 37.53
CA THR F 536 -9.04 -11.46 37.42
C THR F 536 -8.42 -12.60 36.65
N ARG F 537 -7.62 -12.27 35.63
CA ARG F 537 -6.86 -13.27 34.90
C ARG F 537 -5.39 -12.90 34.68
N GLU F 538 -5.06 -11.62 34.65
CA GLU F 538 -3.68 -11.16 34.46
C GLU F 538 -3.17 -10.69 35.81
N ALA F 539 -2.36 -11.52 36.45
CA ALA F 539 -1.92 -11.31 37.83
C ALA F 539 -1.25 -9.96 38.00
N GLY F 540 -1.76 -9.17 38.93
CA GLY F 540 -1.17 -7.89 39.26
C GLY F 540 -2.24 -6.90 39.71
N VAL F 541 -1.83 -5.63 39.79
CA VAL F 541 -2.70 -4.59 40.33
C VAL F 541 -3.23 -3.71 39.21
N ARG F 542 -2.43 -3.52 38.15
CA ARG F 542 -2.88 -2.68 37.05
C ARG F 542 -4.12 -3.24 36.37
N GLY F 543 -4.24 -4.57 36.32
CA GLY F 543 -5.45 -5.16 35.80
C GLY F 543 -6.67 -4.83 36.66
N LEU F 544 -6.45 -4.60 37.94
CA LEU F 544 -7.50 -4.15 38.84
C LEU F 544 -7.48 -2.65 39.06
N GLU F 545 -6.87 -1.90 38.13
CA GLU F 545 -6.88 -0.44 38.23
C GLU F 545 -8.31 0.09 38.16
N ARG F 546 -8.98 -0.13 37.02
CA ARG F 546 -10.37 0.27 36.91
C ARG F 546 -11.31 -0.67 37.65
N GLU F 547 -10.79 -1.77 38.18
CA GLU F 547 -11.59 -2.79 38.83
C GLU F 547 -11.56 -2.62 40.34
N LEU F 548 -12.54 -3.24 41.00
CA LEU F 548 -12.71 -3.23 42.45
C LEU F 548 -13.19 -1.86 42.91
N GLY F 549 -13.20 -0.89 42.00
CA GLY F 549 -13.79 0.41 42.25
C GLY F 549 -15.25 0.38 41.87
N LYS F 550 -15.61 -0.62 41.06
CA LYS F 550 -17.01 -0.87 40.74
C LYS F 550 -17.81 -1.13 42.01
N ILE F 551 -17.31 -2.01 42.87
CA ILE F 551 -17.95 -2.24 44.16
C ILE F 551 -17.97 -0.95 44.97
N ALA F 552 -16.83 -0.26 45.01
CA ALA F 552 -16.77 1.03 45.70
C ALA F 552 -17.68 2.05 45.04
N ARG F 553 -17.95 1.90 43.75
CA ARG F 553 -18.96 2.72 43.11
C ARG F 553 -20.36 2.17 43.31
N LYS F 554 -20.47 0.91 43.73
CA LYS F 554 -21.78 0.29 43.93
C LYS F 554 -22.30 0.51 45.34
N GLY F 555 -21.45 0.30 46.35
CA GLY F 555 -21.89 0.38 47.72
C GLY F 555 -22.47 1.73 48.09
N ALA F 556 -21.82 2.81 47.64
CA ALA F 556 -22.28 4.15 47.95
C ALA F 556 -23.73 4.34 47.50
N LYS F 557 -24.04 3.94 46.27
CA LYS F 557 -25.41 3.98 45.79
C LYS F 557 -26.33 3.20 46.73
N PHE F 558 -25.96 1.96 47.03
CA PHE F 558 -26.72 1.19 48.01
C PHE F 558 -26.72 1.88 49.37
N TRP F 559 -25.53 2.29 49.84
CA TRP F 559 -25.44 3.07 51.06
C TRP F 559 -26.34 4.31 51.00
N LEU F 560 -26.64 4.78 49.80
CA LEU F 560 -27.65 5.82 49.60
C LEU F 560 -29.03 5.24 49.30
N GLU F 561 -29.10 4.02 48.77
CA GLU F 561 -30.39 3.35 48.65
C GLU F 561 -30.81 2.69 49.96
N GLY F 562 -29.85 2.31 50.80
CA GLY F 562 -30.14 1.84 52.14
C GLY F 562 -28.87 1.79 52.96
N ALA F 563 -28.88 2.42 54.13
CA ALA F 563 -27.69 2.53 54.97
C ALA F 563 -27.72 1.41 56.00
N TRP F 564 -26.75 0.51 55.90
CA TRP F 564 -26.69 -0.64 56.79
C TRP F 564 -26.03 -0.26 58.11
N GLU F 565 -25.87 -1.26 58.98
CA GLU F 565 -25.21 -1.05 60.26
C GLU F 565 -23.71 -1.17 60.09
N GLY F 566 -22.98 -0.17 60.60
CA GLY F 566 -21.53 -0.12 60.55
C GLY F 566 -20.99 -0.46 59.17
N LEU F 567 -19.85 -1.14 59.16
CA LEU F 567 -19.29 -1.62 57.90
C LEU F 567 -19.96 -2.93 57.50
N ARG F 568 -20.29 -3.04 56.23
CA ARG F 568 -20.84 -4.27 55.68
C ARG F 568 -19.76 -5.02 54.95
N THR F 569 -19.72 -6.33 55.15
CA THR F 569 -18.70 -7.19 54.57
C THR F 569 -19.26 -7.95 53.39
N ILE F 570 -18.41 -8.18 52.40
CA ILE F 570 -18.78 -8.95 51.21
C ILE F 570 -18.39 -10.41 51.46
N ASP F 571 -19.39 -11.26 51.65
CA ASP F 571 -19.12 -12.69 51.79
C ASP F 571 -18.74 -13.28 50.43
N ALA F 572 -18.35 -14.56 50.45
CA ALA F 572 -17.95 -15.24 49.22
C ALA F 572 -19.12 -15.29 48.24
N SER F 573 -20.30 -15.71 48.72
CA SER F 573 -21.47 -15.82 47.85
C SER F 573 -21.94 -14.48 47.31
N ASP F 574 -21.44 -13.37 47.84
CA ASP F 574 -21.86 -12.04 47.41
C ASP F 574 -21.05 -11.50 46.24
N ILE F 575 -20.06 -12.26 45.75
CA ILE F 575 -19.33 -11.84 44.56
C ILE F 575 -20.26 -11.69 43.36
N PRO F 576 -21.17 -12.62 43.07
CA PRO F 576 -22.13 -12.36 41.99
C PRO F 576 -23.13 -11.25 42.30
N THR F 577 -23.14 -10.71 43.51
CA THR F 577 -24.08 -9.64 43.83
C THR F 577 -23.56 -8.28 43.36
N TYR F 578 -22.43 -7.85 43.92
CA TYR F 578 -21.92 -6.53 43.57
C TYR F 578 -21.17 -6.57 42.25
N LEU F 579 -20.23 -7.49 42.13
CA LEU F 579 -19.52 -7.64 40.86
C LEU F 579 -20.41 -8.27 39.81
N GLY F 580 -20.90 -9.48 40.07
CA GLY F 580 -21.91 -10.07 39.21
C GLY F 580 -21.45 -11.22 38.36
N ILE F 581 -21.51 -11.03 37.04
CA ILE F 581 -21.43 -12.12 36.08
C ILE F 581 -19.96 -12.48 35.86
N PRO F 582 -19.61 -13.77 35.83
CA PRO F 582 -18.23 -14.16 35.51
C PRO F 582 -18.01 -14.09 34.01
N ARG F 583 -17.16 -13.16 33.58
CA ARG F 583 -16.82 -13.02 32.17
C ARG F 583 -15.68 -13.92 31.74
N TYR F 584 -14.86 -14.41 32.67
CA TYR F 584 -13.80 -15.37 32.37
C TYR F 584 -13.90 -16.54 33.34
N ARG F 585 -13.32 -17.67 32.95
CA ARG F 585 -13.42 -18.90 33.72
C ARG F 585 -12.06 -19.55 33.90
N PRO F 586 -11.89 -20.32 34.97
CA PRO F 586 -10.59 -20.95 35.24
C PRO F 586 -10.32 -22.13 34.32
N ASP F 587 -9.09 -22.62 34.40
CA ASP F 587 -8.61 -23.76 33.60
C ASP F 587 -8.71 -25.07 34.38
N LYS F 588 -9.91 -25.43 34.83
CA LYS F 588 -10.08 -26.63 35.64
C LYS F 588 -9.81 -27.88 34.82
N ALA F 589 -9.03 -28.80 35.38
CA ALA F 589 -8.72 -30.05 34.70
C ALA F 589 -9.82 -31.06 34.95
N GLU F 590 -10.28 -31.70 33.87
CA GLU F 590 -11.38 -32.67 33.96
C GLU F 590 -10.96 -33.92 34.72
N THR F 591 -7.91 -33.89 35.11
CA THR F 591 -7.88 -34.54 36.43
C THR F 591 -8.17 -36.02 36.31
N GLU F 592 -9.16 -36.36 35.49
CA GLU F 592 -9.56 -37.74 35.31
C GLU F 592 -8.90 -38.30 34.06
N PRO F 593 -8.08 -39.34 34.18
CA PRO F 593 -7.35 -39.85 33.01
C PRO F 593 -8.31 -40.36 31.95
N GLN F 594 -8.12 -39.90 30.72
CA GLN F 594 -8.89 -40.37 29.59
C GLN F 594 -7.95 -40.77 28.47
N VAL F 595 -8.53 -41.25 27.38
CA VAL F 595 -7.77 -41.81 26.27
C VAL F 595 -7.40 -40.70 25.31
N GLY F 596 -6.12 -40.64 24.94
CA GLY F 596 -5.67 -39.74 23.90
C GLY F 596 -5.87 -38.27 24.22
N THR F 597 -5.40 -37.83 25.38
CA THR F 597 -5.50 -36.43 25.74
C THR F 597 -4.46 -36.11 26.79
N ALA F 598 -3.70 -35.06 26.55
CA ALA F 598 -2.61 -34.69 27.45
C ALA F 598 -2.63 -33.19 27.67
N GLN F 599 -2.49 -32.79 28.92
CA GLN F 599 -2.49 -31.38 29.30
C GLN F 599 -1.25 -30.73 28.69
N GLY F 600 -1.42 -29.53 28.18
CA GLY F 600 -0.33 -28.79 27.60
C GLY F 600 -0.30 -27.37 28.11
N LEU F 601 0.91 -26.86 28.29
CA LEU F 601 1.06 -25.50 28.77
C LEU F 601 1.51 -24.60 27.63
N ALA F 602 1.20 -23.31 27.77
CA ALA F 602 1.52 -22.33 26.75
C ALA F 602 1.54 -20.96 27.37
N TRP F 603 2.53 -20.16 27.01
CA TRP F 603 2.67 -18.85 27.61
C TRP F 603 2.58 -17.78 26.52
N THR F 604 2.08 -16.63 26.93
CA THR F 604 1.90 -15.48 26.06
C THR F 604 2.10 -14.23 26.89
N PRO F 605 2.55 -13.13 26.28
CA PRO F 605 2.83 -11.92 27.07
C PRO F 605 1.68 -11.44 27.93
N VAL F 606 0.50 -12.09 27.87
CA VAL F 606 -0.55 -11.71 28.80
C VAL F 606 -0.49 -12.57 30.05
N GLY F 607 0.24 -13.69 30.00
CA GLY F 607 0.32 -14.57 31.14
C GLY F 607 0.72 -15.98 30.78
N GLY F 608 -0.05 -16.96 31.25
CA GLY F 608 0.19 -18.34 30.92
C GLY F 608 -1.10 -19.13 30.93
N THR F 609 -1.27 -20.03 29.96
CA THR F 609 -2.52 -20.75 29.84
C THR F 609 -2.24 -22.24 29.76
N LEU F 610 -3.25 -23.03 30.11
CA LEU F 610 -3.19 -24.48 30.01
C LEU F 610 -4.05 -24.94 28.85
N LEU F 611 -3.41 -25.39 27.78
CA LEU F 611 -4.11 -25.83 26.59
C LEU F 611 -4.23 -27.34 26.60
N THR F 612 -5.47 -27.82 26.64
CA THR F 612 -5.73 -29.24 26.51
C THR F 612 -5.61 -29.64 25.06
N ILE F 613 -4.80 -30.67 24.79
CA ILE F 613 -4.58 -31.15 23.44
C ILE F 613 -5.26 -32.50 23.29
N GLU F 614 -6.09 -32.62 22.26
CA GLU F 614 -6.86 -33.83 21.99
C GLU F 614 -6.39 -34.42 20.67
N VAL F 615 -6.45 -35.74 20.57
CA VAL F 615 -6.20 -36.43 19.31
C VAL F 615 -7.17 -37.59 19.22
N ALA F 616 -7.36 -38.09 18.00
CA ALA F 616 -8.23 -39.23 17.77
C ALA F 616 -7.60 -40.15 16.76
N ALA F 617 -7.94 -41.43 16.84
CA ALA F 617 -7.46 -42.45 15.91
C ALA F 617 -8.66 -43.15 15.29
N VAL F 618 -8.91 -42.89 14.03
CA VAL F 618 -10.05 -43.47 13.34
C VAL F 618 -9.54 -44.30 12.17
N PRO F 619 -10.25 -45.35 11.80
CA PRO F 619 -9.80 -46.17 10.67
C PRO F 619 -9.75 -45.34 9.39
N GLY F 620 -8.55 -45.19 8.85
CA GLY F 620 -8.37 -44.39 7.67
C GLY F 620 -7.20 -44.88 6.86
N SER F 621 -6.71 -44.01 5.98
CA SER F 621 -5.63 -44.35 5.07
C SER F 621 -4.33 -43.64 5.39
N GLY F 622 -4.16 -43.16 6.61
CA GLY F 622 -2.90 -42.60 7.05
C GLY F 622 -2.77 -41.10 6.96
N LYS F 623 -3.82 -40.40 6.56
CA LYS F 623 -3.73 -38.95 6.47
C LYS F 623 -3.58 -38.34 7.86
N LEU F 624 -2.97 -37.16 7.90
CA LEU F 624 -2.82 -36.40 9.14
C LEU F 624 -3.59 -35.09 8.99
N SER F 625 -4.49 -34.83 9.92
CA SER F 625 -5.28 -33.60 9.89
C SER F 625 -4.99 -32.82 11.16
N LEU F 626 -4.61 -31.56 10.99
CA LEU F 626 -4.23 -30.71 12.11
C LEU F 626 -5.13 -29.47 12.14
N THR F 627 -5.92 -29.35 13.21
CA THR F 627 -6.86 -28.25 13.33
C THR F 627 -6.47 -27.39 14.51
N GLY F 628 -7.36 -26.46 14.85
CA GLY F 628 -7.10 -25.51 15.91
C GLY F 628 -6.38 -24.26 15.49
N GLN F 629 -6.33 -23.96 14.20
CA GLN F 629 -5.63 -22.80 13.67
C GLN F 629 -4.17 -22.81 14.10
N LEU F 630 -3.56 -23.99 14.05
CA LEU F 630 -2.14 -24.12 14.31
C LEU F 630 -1.34 -23.33 13.29
N GLY F 631 -0.08 -23.07 13.63
CA GLY F 631 0.84 -22.49 12.68
C GLY F 631 1.67 -23.57 12.04
N GLU F 632 2.38 -23.25 10.95
CA GLU F 632 3.22 -24.23 10.31
C GLU F 632 4.29 -24.74 11.27
N VAL F 633 4.83 -23.85 12.11
CA VAL F 633 5.94 -24.23 12.97
C VAL F 633 5.55 -25.37 13.90
N MET F 634 4.28 -25.43 14.27
CA MET F 634 3.84 -26.47 15.18
C MET F 634 3.34 -27.70 14.44
N LYS F 635 2.73 -27.51 13.27
CA LYS F 635 2.33 -28.65 12.45
C LYS F 635 3.51 -29.56 12.18
N GLU F 636 4.63 -28.99 11.76
CA GLU F 636 5.84 -29.78 11.54
C GLU F 636 6.25 -30.55 12.78
N SER F 637 6.21 -29.89 13.94
CA SER F 637 6.56 -30.57 15.18
C SER F 637 5.69 -31.79 15.40
N ALA F 638 4.42 -31.72 15.00
CA ALA F 638 3.53 -32.87 15.15
C ALA F 638 4.06 -34.05 14.35
N GLN F 639 4.32 -33.86 13.06
CA GLN F 639 4.90 -34.93 12.26
C GLN F 639 6.20 -35.43 12.87
N ALA F 640 7.02 -34.51 13.40
CA ALA F 640 8.26 -34.91 14.06
C ALA F 640 7.99 -35.88 15.19
N ALA F 641 7.14 -35.49 16.13
CA ALA F 641 6.76 -36.41 17.20
C ALA F 641 6.09 -37.64 16.63
N LEU F 642 5.34 -37.49 15.54
CA LEU F 642 4.66 -38.63 14.95
C LEU F 642 5.66 -39.64 14.40
N THR F 643 6.71 -39.15 13.74
CA THR F 643 7.67 -40.05 13.11
C THR F 643 8.42 -40.85 14.15
N TYR F 644 8.76 -40.23 15.28
CA TYR F 644 9.44 -40.93 16.35
C TYR F 644 8.64 -42.15 16.78
N LEU F 645 7.32 -41.98 16.87
CA LEU F 645 6.47 -43.12 17.18
C LEU F 645 6.45 -44.11 16.03
N ARG F 646 6.39 -43.61 14.80
CA ARG F 646 6.36 -44.48 13.63
C ARG F 646 7.56 -45.43 13.61
N ALA F 647 8.69 -44.99 14.17
CA ALA F 647 9.90 -45.80 14.19
C ALA F 647 10.03 -46.61 15.46
N HIS F 648 9.04 -46.58 16.33
CA HIS F 648 9.13 -47.28 17.61
C HIS F 648 7.80 -47.95 17.93
N THR F 649 7.23 -48.62 16.93
CA THR F 649 5.88 -49.15 17.07
C THR F 649 5.83 -50.32 18.05
N GLN F 650 6.97 -50.96 18.30
CA GLN F 650 7.01 -52.08 19.23
C GLN F 650 7.42 -51.70 20.64
N ASP F 651 8.15 -50.59 20.81
CA ASP F 651 8.57 -50.19 22.15
C ASP F 651 7.40 -49.71 22.97
N TYR F 652 6.37 -49.16 22.33
CA TYR F 652 5.14 -48.76 22.99
C TYR F 652 3.95 -49.59 22.54
N GLY F 653 4.19 -50.74 21.91
CA GLY F 653 3.14 -51.67 21.54
C GLY F 653 2.02 -51.09 20.71
N LEU F 654 2.33 -50.17 19.84
CA LEU F 654 1.35 -49.52 18.99
C LEU F 654 0.91 -50.48 17.89
N PRO F 655 -0.13 -50.14 17.12
CA PRO F 655 -0.45 -50.95 15.94
C PRO F 655 0.77 -51.12 15.06
N GLU F 656 1.09 -52.38 14.76
CA GLU F 656 2.33 -52.71 14.06
C GLU F 656 2.44 -51.93 12.76
N ASP F 657 1.36 -51.84 12.01
CA ASP F 657 1.32 -51.06 10.77
C ASP F 657 0.13 -50.13 10.83
N PHE F 658 0.33 -48.95 11.40
CA PHE F 658 -0.67 -47.90 11.35
C PHE F 658 -0.31 -46.80 10.37
N TYR F 659 0.77 -46.94 9.62
CA TYR F 659 1.20 -45.88 8.72
C TYR F 659 0.23 -45.72 7.56
N ASN F 660 -0.61 -46.73 7.30
CA ASN F 660 -1.60 -46.61 6.23
C ASN F 660 -2.94 -47.21 6.64
N LYS F 661 -3.22 -47.33 7.93
CA LYS F 661 -4.48 -47.89 8.39
C LYS F 661 -5.15 -47.06 9.47
N VAL F 662 -4.55 -45.94 9.88
CA VAL F 662 -5.07 -45.13 10.96
C VAL F 662 -5.05 -43.67 10.54
N ASP F 663 -6.21 -43.05 10.50
CA ASP F 663 -6.34 -41.64 10.16
C ASP F 663 -6.26 -40.82 11.42
N LEU F 664 -5.16 -40.08 11.58
CA LEU F 664 -4.93 -39.27 12.75
C LEU F 664 -5.63 -37.93 12.63
N HIS F 665 -5.86 -37.31 13.78
CA HIS F 665 -6.47 -35.99 13.82
C HIS F 665 -6.06 -35.34 15.14
N VAL F 666 -5.32 -34.25 15.05
CA VAL F 666 -4.80 -33.56 16.22
C VAL F 666 -5.55 -32.26 16.37
N HIS F 667 -6.10 -32.02 17.54
CA HIS F 667 -6.93 -30.85 17.79
C HIS F 667 -6.48 -30.14 19.07
N VAL F 668 -6.62 -28.82 19.06
CA VAL F 668 -6.24 -27.99 20.19
C VAL F 668 -7.31 -26.95 20.46
N PRO F 669 -8.28 -27.23 21.29
CA PRO F 669 -9.34 -26.25 21.55
C PRO F 669 -8.80 -25.04 22.30
N ASP F 670 -9.40 -23.87 22.10
CA ASP F 670 -10.51 -23.70 21.18
C ASP F 670 -10.02 -23.41 19.78
N GLY F 671 -10.94 -23.43 18.81
CA GLY F 671 -10.53 -23.24 17.43
C GLY F 671 -10.27 -21.80 17.06
N ALA F 672 -10.80 -20.86 17.85
CA ALA F 672 -10.76 -19.46 17.44
C ALA F 672 -9.34 -18.92 17.45
N THR F 673 -8.72 -18.87 18.62
CA THR F 673 -7.46 -18.15 18.75
C THR F 673 -6.32 -18.93 18.09
N PRO F 674 -5.46 -18.25 17.36
CA PRO F 674 -4.35 -18.93 16.69
C PRO F 674 -3.22 -19.23 17.66
N LYS F 675 -2.64 -20.42 17.56
CA LYS F 675 -1.56 -20.82 18.45
C LYS F 675 -0.43 -21.41 17.61
N ASP F 676 0.77 -21.40 18.19
CA ASP F 676 1.98 -21.71 17.45
C ASP F 676 3.07 -22.04 18.47
N GLY F 677 4.28 -22.28 17.98
CA GLY F 677 5.40 -22.61 18.83
C GLY F 677 5.66 -24.10 18.85
N PRO F 678 6.99 -24.48 18.69
CA PRO F 678 7.42 -25.88 18.83
C PRO F 678 7.47 -26.58 20.22
N SER F 679 7.22 -25.93 21.36
CA SER F 679 7.46 -26.52 22.70
C SER F 679 6.48 -27.61 23.10
N ALA F 680 5.54 -27.85 22.20
CA ALA F 680 4.45 -28.78 22.41
C ALA F 680 4.83 -30.09 21.78
N GLY F 681 5.82 -30.41 21.81
CA GLY F 681 6.16 -31.67 21.17
C GLY F 681 5.71 -32.89 21.94
N ILE F 682 6.30 -33.12 23.11
CA ILE F 682 5.96 -34.31 23.89
C ILE F 682 4.49 -34.34 24.27
N THR F 683 3.83 -33.18 24.26
CA THR F 683 2.38 -33.19 24.45
C THR F 683 1.70 -33.97 23.33
N MET F 684 1.93 -33.56 22.09
CA MET F 684 1.37 -34.29 20.97
C MET F 684 1.97 -35.68 20.84
N ALA F 685 3.21 -35.85 21.29
CA ALA F 685 3.82 -37.17 21.28
C ALA F 685 3.05 -38.11 22.19
N THR F 686 2.83 -37.72 23.44
CA THR F 686 2.06 -38.55 24.35
C THR F 686 0.63 -38.70 23.87
N ALA F 687 0.06 -37.63 23.35
CA ALA F 687 -1.30 -37.68 22.85
C ALA F 687 -1.47 -38.78 21.82
N ILE F 688 -0.65 -38.74 20.76
CA ILE F 688 -0.74 -39.76 19.72
C ILE F 688 -0.46 -41.13 20.30
N ALA F 689 0.59 -41.24 21.11
CA ALA F 689 0.94 -42.52 21.70
C ALA F 689 -0.22 -43.09 22.51
N SER F 690 -0.87 -42.24 23.30
CA SER F 690 -2.03 -42.70 24.06
C SER F 690 -3.14 -43.15 23.13
N ALA F 691 -3.46 -42.32 22.13
CA ALA F 691 -4.61 -42.61 21.28
C ALA F 691 -4.40 -43.88 20.47
N LEU F 692 -3.18 -44.13 20.00
CA LEU F 692 -2.96 -45.30 19.19
C LEU F 692 -3.03 -46.58 20.02
N SER F 693 -2.26 -46.66 21.10
CA SER F 693 -2.25 -47.87 21.90
C SER F 693 -3.49 -47.99 22.77
N ARG F 694 -4.36 -46.98 22.73
CA ARG F 694 -5.60 -46.92 23.49
C ARG F 694 -5.38 -46.78 24.99
N ARG F 695 -4.13 -46.79 25.44
CA ARG F 695 -3.87 -46.63 26.87
C ARG F 695 -4.10 -45.19 27.26
N PRO F 696 -4.94 -44.91 28.24
CA PRO F 696 -5.19 -43.51 28.64
C PRO F 696 -3.94 -42.87 29.18
N ALA F 697 -3.87 -41.55 29.02
CA ALA F 697 -2.73 -40.77 29.45
C ALA F 697 -3.15 -39.92 30.65
N ARG F 698 -2.40 -40.03 31.74
CA ARG F 698 -2.72 -39.30 32.95
C ARG F 698 -2.83 -37.82 32.65
N MET F 699 -3.85 -37.17 33.22
CA MET F 699 -4.11 -35.79 32.86
C MET F 699 -3.93 -34.83 34.02
N ASP F 700 -3.40 -35.28 35.16
CA ASP F 700 -3.02 -34.38 36.22
C ASP F 700 -1.53 -34.08 36.20
N ILE F 701 -0.83 -34.47 35.14
CA ILE F 701 0.56 -34.09 34.92
C ILE F 701 0.59 -33.12 33.76
N ALA F 702 1.10 -31.92 34.01
CA ALA F 702 1.31 -30.93 32.97
C ALA F 702 2.74 -31.05 32.48
N MET F 703 2.95 -30.85 31.18
CA MET F 703 4.26 -31.09 30.59
C MET F 703 4.45 -30.25 29.35
N THR F 704 5.71 -29.93 29.06
CA THR F 704 6.08 -29.21 27.85
C THR F 704 7.44 -29.71 27.38
N GLY F 705 7.63 -29.75 26.07
CA GLY F 705 8.92 -30.10 25.52
C GLY F 705 8.92 -29.94 24.01
N GLU F 706 10.11 -29.87 23.45
CA GLU F 706 10.31 -29.89 22.01
C GLU F 706 11.02 -31.18 21.65
N VAL F 707 10.56 -31.83 20.58
CA VAL F 707 10.96 -33.19 20.26
C VAL F 707 11.83 -33.18 19.02
N SER F 708 12.83 -34.06 19.00
CA SER F 708 13.61 -34.36 17.82
C SER F 708 13.44 -35.82 17.46
N LEU F 709 13.58 -36.13 16.17
CA LEU F 709 13.31 -37.48 15.67
C LEU F 709 14.05 -38.56 16.44
N ARG F 710 15.28 -38.27 16.86
CA ARG F 710 15.98 -39.22 17.71
C ARG F 710 15.28 -39.44 19.03
N GLY F 711 14.51 -38.47 19.51
CA GLY F 711 13.85 -38.56 20.79
C GLY F 711 14.39 -37.61 21.83
N LYS F 712 15.53 -36.95 21.57
CA LYS F 712 16.05 -36.00 22.51
C LYS F 712 15.09 -34.83 22.68
N VAL F 713 14.82 -34.49 23.93
CA VAL F 713 13.96 -33.37 24.27
C VAL F 713 14.83 -32.13 24.34
N MET F 714 14.33 -31.03 23.82
CA MET F 714 15.17 -29.86 23.80
C MET F 714 14.66 -28.79 24.74
N PRO F 715 15.48 -27.80 25.09
CA PRO F 715 14.99 -26.70 25.92
C PRO F 715 13.80 -25.97 25.34
N ILE F 716 13.13 -25.18 26.17
CA ILE F 716 12.02 -24.33 25.73
C ILE F 716 12.13 -22.99 26.42
N GLY F 717 11.16 -22.11 26.15
CA GLY F 717 11.08 -20.82 26.81
C GLY F 717 9.85 -20.72 27.68
N GLY F 718 9.79 -19.64 28.45
CA GLY F 718 8.65 -19.40 29.31
C GLY F 718 8.41 -20.47 30.34
N VAL F 719 9.43 -20.87 31.09
CA VAL F 719 9.24 -21.91 32.09
C VAL F 719 8.44 -21.39 33.28
N LYS F 720 8.77 -20.19 33.76
CA LYS F 720 8.07 -19.67 34.93
C LYS F 720 6.59 -19.42 34.63
N GLU F 721 6.31 -18.66 33.57
CA GLU F 721 4.93 -18.32 33.27
C GLU F 721 4.08 -19.56 33.07
N LYS F 722 4.67 -20.62 32.52
CA LYS F 722 3.94 -21.86 32.38
C LYS F 722 3.66 -22.48 33.74
N LEU F 723 4.71 -22.74 34.52
CA LEU F 723 4.53 -23.37 35.82
C LEU F 723 3.63 -22.54 36.73
N LEU F 724 3.85 -21.22 36.76
CA LEU F 724 2.99 -20.34 37.53
C LEU F 724 1.53 -20.58 37.19
N ALA F 725 1.18 -20.48 35.91
CA ALA F 725 -0.18 -20.79 35.49
C ALA F 725 -0.57 -22.22 35.86
N ALA F 726 0.39 -23.14 35.82
CA ALA F 726 0.07 -24.52 36.14
C ALA F 726 -0.29 -24.69 37.60
N HIS F 727 0.33 -23.90 38.48
CA HIS F 727 0.04 -24.04 39.90
C HIS F 727 -1.34 -23.50 40.24
N GLN F 728 -1.59 -22.24 39.90
CA GLN F 728 -2.90 -21.66 40.20
C GLN F 728 -4.01 -22.36 39.43
N ALA F 729 -3.66 -23.27 38.53
CA ALA F 729 -4.64 -24.17 37.97
C ALA F 729 -4.80 -25.46 38.77
N GLY F 730 -3.96 -25.66 39.78
CA GLY F 730 -4.12 -26.79 40.68
C GLY F 730 -3.32 -28.03 40.35
N ILE F 731 -2.59 -28.03 39.25
CA ILE F 731 -1.84 -29.21 38.82
C ILE F 731 -0.52 -29.21 39.58
N HIS F 732 -0.14 -30.38 40.11
CA HIS F 732 1.03 -30.49 40.96
C HIS F 732 2.22 -31.15 40.28
N LYS F 733 2.01 -32.20 39.49
CA LYS F 733 3.11 -32.98 38.94
C LYS F 733 3.43 -32.48 37.53
N ILE F 734 4.70 -32.15 37.30
CA ILE F 734 5.13 -31.49 36.07
C ILE F 734 6.23 -32.31 35.42
N VAL F 735 6.34 -32.19 34.10
CA VAL F 735 7.42 -32.80 33.32
C VAL F 735 8.08 -31.70 32.51
N LEU F 736 9.42 -31.63 32.59
CA LEU F 736 10.15 -30.53 32.01
C LEU F 736 11.48 -31.02 31.46
N PRO F 737 11.95 -30.49 30.33
CA PRO F 737 13.24 -30.91 29.79
C PRO F 737 14.36 -30.58 30.75
N LYS F 738 15.41 -31.40 30.71
CA LYS F 738 16.48 -31.25 31.69
C LYS F 738 17.14 -29.88 31.61
N ASP F 739 17.59 -29.49 30.42
CA ASP F 739 18.35 -28.25 30.28
C ASP F 739 17.56 -27.02 30.71
N ASN F 740 16.27 -27.16 30.98
CA ASN F 740 15.50 -26.07 31.55
C ASN F 740 15.48 -26.09 33.07
N GLU F 741 16.18 -27.04 33.69
CA GLU F 741 16.25 -27.09 35.15
C GLU F 741 16.83 -25.80 35.71
N ALA F 742 17.77 -25.19 35.00
CA ALA F 742 18.46 -24.01 35.51
C ALA F 742 17.48 -22.89 35.79
N GLN F 743 16.59 -22.60 34.85
CA GLN F 743 15.69 -21.45 34.99
C GLN F 743 14.69 -21.62 36.12
N LEU F 744 14.67 -22.77 36.80
CA LEU F 744 13.70 -22.99 37.86
C LEU F 744 13.82 -21.97 38.98
N GLU F 745 15.05 -21.51 39.26
CA GLU F 745 15.24 -20.58 40.37
C GLU F 745 14.43 -19.31 40.19
N GLU F 746 13.95 -19.06 38.98
CA GLU F 746 13.08 -17.90 38.74
C GLU F 746 11.67 -18.14 39.25
N LEU F 747 11.39 -19.31 39.80
CA LEU F 747 10.06 -19.57 40.30
C LEU F 747 9.98 -19.33 41.81
N PRO F 748 8.90 -18.71 42.29
CA PRO F 748 8.77 -18.48 43.73
C PRO F 748 8.85 -19.75 44.54
N LYS F 749 9.37 -19.61 45.76
CA LYS F 749 9.74 -20.77 46.56
C LYS F 749 8.54 -21.66 46.87
N GLU F 750 7.43 -21.08 47.29
CA GLU F 750 6.24 -21.87 47.61
C GLU F 750 5.74 -22.66 46.42
N VAL F 751 6.02 -22.21 45.20
CA VAL F 751 5.58 -22.95 44.02
C VAL F 751 6.49 -24.13 43.76
N LEU F 752 7.78 -24.00 44.10
CA LEU F 752 8.67 -25.15 44.05
C LEU F 752 8.18 -26.26 44.96
N GLU F 753 7.91 -25.93 46.22
CA GLU F 753 7.47 -26.95 47.18
C GLU F 753 6.19 -27.61 46.72
N GLY F 754 5.27 -26.84 46.15
CA GLY F 754 4.03 -27.42 45.68
C GLY F 754 4.22 -28.31 44.48
N LEU F 755 4.96 -27.82 43.49
CA LEU F 755 5.10 -28.55 42.22
C LEU F 755 6.12 -29.67 42.36
N GLU F 756 5.70 -30.88 42.00
CA GLU F 756 6.62 -31.99 41.82
C GLU F 756 7.07 -32.00 40.37
N ILE F 757 8.34 -31.68 40.14
CA ILE F 757 8.90 -31.59 38.81
C ILE F 757 9.72 -32.85 38.54
N LYS F 758 9.47 -33.47 37.41
CA LYS F 758 10.33 -34.53 36.91
C LYS F 758 11.05 -34.03 35.68
N LEU F 759 12.37 -34.17 35.65
CA LEU F 759 13.18 -33.66 34.57
C LEU F 759 13.51 -34.80 33.61
N VAL F 760 13.38 -34.54 32.31
CA VAL F 760 13.64 -35.53 31.29
C VAL F 760 14.58 -34.92 30.27
N GLU F 761 15.21 -35.79 29.47
CA GLU F 761 15.98 -35.37 28.30
C GLU F 761 15.61 -36.20 27.08
N ASP F 762 14.95 -37.33 27.28
CA ASP F 762 14.55 -38.23 26.21
C ASP F 762 13.08 -38.57 26.35
N VAL F 763 12.40 -38.73 25.22
CA VAL F 763 10.95 -38.89 25.25
C VAL F 763 10.55 -40.21 25.89
N GLY F 764 11.36 -41.26 25.74
CA GLY F 764 10.95 -42.59 26.20
C GLY F 764 10.52 -42.60 27.66
N GLU F 765 11.24 -41.87 28.51
CA GLU F 765 10.92 -41.85 29.93
C GLU F 765 9.69 -41.00 30.22
N VAL F 766 9.31 -40.12 29.28
CA VAL F 766 8.05 -39.41 29.43
C VAL F 766 6.87 -40.34 29.23
N LEU F 767 6.91 -41.12 28.14
CA LEU F 767 5.80 -42.01 27.84
C LEU F 767 5.60 -43.04 28.93
N GLU F 768 6.71 -43.55 29.49
CA GLU F 768 6.59 -44.50 30.58
C GLU F 768 5.91 -43.87 31.78
N TYR F 769 6.13 -42.57 31.98
CA TYR F 769 5.51 -41.89 33.11
C TYR F 769 3.99 -41.80 32.94
N LEU F 770 3.54 -41.35 31.78
CA LEU F 770 2.17 -40.85 31.64
C LEU F 770 1.16 -41.91 31.26
N LEU F 771 1.58 -43.05 30.72
CA LEU F 771 0.67 -44.07 30.23
C LEU F 771 0.28 -45.01 31.35
N LEU F 772 -1.02 -45.24 31.50
CA LEU F 772 -1.49 -46.32 32.34
C LEU F 772 -1.10 -47.66 31.71
N PRO F 773 -0.62 -48.60 32.52
CA PRO F 773 0.05 -49.78 31.96
C PRO F 773 -0.78 -50.61 30.99
N GLU F 774 -2.08 -50.76 31.22
CA GLU F 774 -2.86 -51.72 30.45
C GLU F 774 -3.96 -51.02 29.68
N PRO F 775 -4.21 -51.43 28.42
CA PRO F 775 -5.22 -50.76 27.60
C PRO F 775 -6.63 -50.84 28.16
N THR F 776 -7.42 -49.78 27.91
CA THR F 776 -8.82 -49.73 28.31
C THR F 776 -9.75 -49.66 27.12
N MET F 777 -9.30 -50.03 25.93
CA MET F 777 -10.11 -49.97 24.73
C MET F 777 -9.49 -50.87 23.66
N PRO F 778 -10.29 -51.64 22.93
CA PRO F 778 -9.75 -52.46 21.84
C PRO F 778 -9.05 -51.59 20.81
N PRO F 779 -8.07 -52.15 20.10
CA PRO F 779 -7.38 -51.36 19.07
C PRO F 779 -8.31 -51.01 17.92
N VAL F 780 -7.85 -50.09 17.08
CA VAL F 780 -8.64 -49.56 15.96
C VAL F 780 -9.00 -50.68 15.00
N VAL F 781 -8.09 -51.64 14.83
CA VAL F 781 -8.23 -52.71 13.84
C VAL F 781 -8.47 -52.13 12.46
N UNK G 1 -3.74 46.17 7.78
CA UNK G 1 -3.35 46.21 6.38
C UNK G 1 -2.24 45.21 6.12
N UNK G 2 -2.64 43.99 5.79
CA UNK G 2 -1.71 42.91 5.49
C UNK G 2 -2.20 42.21 4.24
N UNK G 3 -1.31 41.49 3.58
CA UNK G 3 -1.72 40.74 2.39
C UNK G 3 -1.57 39.27 2.64
N UNK G 4 -2.63 38.50 2.52
CA UNK G 4 -2.51 37.09 2.76
C UNK G 4 -1.65 36.48 1.70
N UNK G 5 -0.82 35.52 2.09
CA UNK G 5 0.07 34.86 1.15
C UNK G 5 -0.32 33.39 1.03
N UNK G 6 -0.31 32.88 -0.19
CA UNK G 6 -0.75 31.52 -0.46
C UNK G 6 0.10 30.49 0.22
N UNK G 7 -0.53 29.38 0.59
CA UNK G 7 0.15 28.30 1.28
C UNK G 7 1.20 27.69 0.37
N UNK G 8 2.31 27.25 0.92
CA UNK G 8 3.33 26.74 0.06
C UNK G 8 2.96 25.55 -0.78
N UNK G 9 2.41 24.51 -0.11
CA UNK G 9 2.00 23.19 -0.66
C UNK G 9 1.72 22.30 0.52
N UNK G 10 1.88 20.99 0.32
CA UNK G 10 1.64 19.99 1.37
C UNK G 10 2.76 18.99 1.47
N UNK G 11 2.97 18.45 2.66
CA UNK G 11 3.99 17.45 2.91
C UNK G 11 3.73 16.72 4.22
PG AGS H . -22.53 15.89 -13.14
S1G AGS H . -21.81 17.70 -13.22
O2G AGS H . -24.08 15.91 -13.03
O3G AGS H . -21.93 15.13 -11.92
PB AGS H . -23.14 13.90 -14.72
O1B AGS H . -23.96 13.63 -13.53
O2B AGS H . -22.22 12.76 -15.14
O3B AGS H . -22.18 15.09 -14.41
PA AGS H . -25.34 15.08 -15.70
O1A AGS H . -25.03 16.52 -15.70
O2A AGS H . -25.92 14.56 -14.40
O3A AGS H . -24.04 14.23 -15.96
O5' AGS H . -26.26 14.78 -16.95
C5' AGS H . -26.89 15.84 -17.66
C4' AGS H . -27.13 15.39 -19.08
O4' AGS H . -28.10 14.32 -19.10
C3' AGS H . -27.67 16.47 -20.01
O3' AGS H . -27.14 16.31 -21.32
C2' AGS H . -29.17 16.20 -19.99
O2' AGS H . -29.81 16.66 -21.17
C1' AGS H . -29.19 14.69 -19.91
N9 AGS H . -30.41 14.12 -19.34
C8 AGS H . -30.53 13.49 -18.14
N7 AGS H . -31.75 13.08 -17.86
C5 AGS H . -32.47 13.48 -18.98
C6 AGS H . -33.84 13.35 -19.31
N6 AGS H . -34.74 12.75 -18.52
N1 AGS H . -34.24 13.84 -20.49
C2 AGS H . -33.34 14.44 -21.28
N3 AGS H . -32.04 14.62 -21.07
C4 AGS H . -31.66 14.12 -19.89
C2 4KZ I . -21.84 -10.61 -15.05
C3 4KZ I . -22.61 -9.57 -15.57
C5 4KZ I . -21.57 -9.81 -17.63
C6 4KZ I . -20.80 -10.86 -17.13
C7 4KZ I . -21.98 -11.05 -13.64
C10 4KZ I . -23.34 -10.96 -11.60
C11 4KZ I . -23.43 -9.90 -10.51
O19 4KZ I . -25.20 -11.60 -12.96
C18 4KZ I . -24.67 -11.60 -11.86
N20 4KZ I . -25.08 -12.29 -10.84
C21 4KZ I . -25.82 -13.48 -10.99
C22 4KZ I . -24.70 -14.51 -11.09
C23 4KZ I . -24.49 -15.01 -12.49
C24 4KZ I . -24.00 -14.19 -13.46
C25 4KZ I . -23.81 -14.68 -14.75
C26 4KZ I . -24.10 -15.98 -15.09
C27 4KZ I . -24.61 -16.80 -14.11
C28 4KZ I . -24.78 -16.29 -12.82
B29 4KZ I . -26.64 -13.65 -9.72
O30 4KZ I . -25.78 -13.60 -8.56
O31 4KZ I . -27.67 -12.64 -9.56
C12 4KZ I . -23.38 -10.53 -9.12
C13 4KZ I . -22.33 -11.38 -8.82
C14 4KZ I . -22.27 -11.95 -7.55
C15 4KZ I . -23.25 -11.72 -6.59
C16 4KZ I . -24.30 -10.87 -6.89
C17 4KZ I . -24.36 -10.28 -8.15
N9 4KZ I . -22.87 -10.43 -12.86
O8 4KZ I . -21.32 -12.00 -13.27
N1 4KZ I . -20.94 -11.25 -15.85
N4 4KZ I . -22.45 -9.18 -16.84
PG AGS J . 2.33 10.67 -27.48
S1G AGS J . 3.82 9.75 -26.63
O2G AGS J . 2.50 12.20 -27.36
O3G AGS J . 0.99 10.26 -26.81
PB AGS J . 1.87 11.47 -29.91
O1B AGS J . 1.12 12.45 -29.11
O2B AGS J . 1.05 10.86 -31.05
O3B AGS J . 2.28 10.29 -28.99
PA AGS J . 2.89 12.70 -32.03
O1A AGS J . 3.61 13.97 -32.25
O2A AGS J . 1.37 12.77 -32.19
O3A AGS J . 3.11 12.12 -30.59
O5' AGS J . 3.53 11.60 -32.95
C5' AGS J . 3.35 11.63 -34.37
C4' AGS J . 4.69 11.92 -35.00
O4' AGS J . 4.68 11.47 -36.37
C3' AGS J . 5.08 13.39 -35.05
O3' AGS J . 6.49 13.54 -34.96
C2' AGS J . 4.57 13.82 -36.42
O2' AGS J . 5.30 14.93 -36.93
C1' AGS J . 4.83 12.57 -37.24
N9 AGS J . 3.92 12.40 -38.37
C8 AGS J . 4.04 12.95 -39.62
N7 AGS J . 3.08 12.63 -40.44
C5 AGS J . 2.26 11.80 -39.69
C6 AGS J . 1.07 11.13 -39.97
N6 AGS J . 0.47 11.17 -41.16
N1 AGS J . 0.51 10.38 -39.00
C2 AGS J . 1.12 10.33 -37.80
N3 AGS J . 2.24 10.93 -37.42
C4 AGS J . 2.77 11.65 -38.40
C2 4KZ K . 0.40 -12.49 -27.70
C3 4KZ K . 1.56 -13.02 -27.15
C5 4KZ K . 2.79 -11.97 -28.81
C6 4KZ K . 1.63 -11.44 -29.36
C7 4KZ K . -0.93 -12.75 -27.10
C10 4KZ K . -3.27 -12.09 -27.32
C11 4KZ K . -3.39 -10.67 -26.85
O19 4KZ K . -3.87 -12.01 -29.55
C18 4KZ K . -4.21 -12.29 -28.42
N20 4KZ K . -5.25 -12.97 -28.05
C21 4KZ K . -5.70 -13.99 -28.91
C22 4KZ K . -5.20 -15.23 -28.16
C23 4KZ K . -3.97 -15.89 -28.73
C24 4KZ K . -3.83 -15.96 -30.11
C25 4KZ K . -2.72 -16.63 -30.66
C26 4KZ K . -1.75 -17.18 -29.85
C27 4KZ K . -1.89 -17.10 -28.47
C28 4KZ K . -3.01 -16.47 -27.92
B29 4KZ K . -7.22 -13.94 -29.08
O30 4KZ K . -7.88 -13.93 -27.80
O31 4KZ K . -7.63 -12.75 -29.76
C12 4KZ K . -4.78 -10.48 -26.25
C13 4KZ K . -5.68 -9.56 -26.78
C14 4KZ K . -6.95 -9.39 -26.22
C15 4KZ K . -7.32 -10.17 -25.12
C16 4KZ K . -6.42 -11.09 -24.59
C17 4KZ K . -5.15 -11.25 -25.16
N9 4KZ K . -1.94 -12.28 -27.82
O8 4KZ K . -1.04 -13.27 -26.01
N1 4KZ K . 0.46 -11.70 -28.79
N4 4KZ K . 2.72 -12.75 -27.73
PG AGS L . 25.73 4.38 -13.22
S1G AGS L . 26.76 3.60 -11.75
O2G AGS L . 24.60 5.30 -12.69
O3G AGS L . 25.11 3.23 -14.07
PB AGS L . 27.69 4.39 -15.00
O1B AGS L . 27.73 4.91 -16.37
O2B AGS L . 27.24 2.93 -14.88
O3B AGS L . 26.68 5.20 -14.12
PA AGS L . 30.01 5.70 -14.75
O1A AGS L . 30.11 6.63 -13.61
O2A AGS L . 29.36 6.30 -15.99
O3A AGS L . 29.13 4.43 -14.38
O5' AGS L . 31.44 5.13 -15.06
C5' AGS L . 32.48 6.06 -15.40
C4' AGS L . 33.82 5.39 -15.25
O4' AGS L . 33.96 4.37 -16.26
C3' AGS L . 35.01 6.33 -15.41
O3' AGS L . 36.01 6.04 -14.44
C2' AGS L . 35.49 6.05 -16.83
O2' AGS L . 36.89 6.26 -16.97
C1' AGS L . 35.18 4.57 -16.95
N9 AGS L . 35.01 4.10 -18.33
C8 AGS L . 33.83 3.83 -18.97
N7 AGS L . 33.99 3.44 -20.22
C5 AGS L . 35.36 3.46 -20.40
C6 AGS L . 36.17 3.14 -21.50
N6 AGS L . 35.70 2.73 -22.68
N1 AGS L . 37.51 3.26 -21.35
C2 AGS L . 37.99 3.67 -20.17
N3 AGS L . 37.31 4.00 -19.06
C4 AGS L . 36.00 3.87 -19.25
C2 4KZ M . 21.88 -17.23 -15.79
C3 4KZ M . 22.00 -17.80 -14.54
C5 4KZ M . 24.24 -17.16 -14.45
C6 4KZ M . 24.14 -16.59 -15.71
C7 4KZ M . 20.58 -17.27 -16.51
C10 4KZ M . 19.41 -16.85 -18.64
C11 4KZ M . 18.94 -15.42 -18.90
O19 4KZ M . 20.79 -17.24 -20.53
C18 4KZ M . 19.75 -17.48 -19.95
N20 4KZ M . 18.88 -18.37 -20.37
C21 4KZ M . 19.22 -19.31 -21.43
C22 4KZ M . 18.77 -20.72 -21.01
C23 4KZ M . 19.49 -21.20 -19.77
C24 4KZ M . 20.38 -22.27 -19.82
C25 4KZ M . 21.06 -22.74 -18.69
C26 4KZ M . 20.86 -22.09 -17.48
C27 4KZ M . 19.97 -21.01 -17.42
C28 4KZ M . 19.30 -20.55 -18.56
B29 4KZ M . 18.63 -18.83 -22.77
O30 4KZ M . 17.36 -18.18 -22.57
O31 4KZ M . 19.45 -17.86 -23.43
C12 4KZ M . 17.74 -15.42 -19.83
C13 4KZ M . 17.83 -14.90 -21.12
C14 4KZ M . 16.70 -14.91 -21.95
C15 4KZ M . 15.48 -15.40 -21.50
C16 4KZ M . 15.38 -15.92 -20.21
C17 4KZ M . 16.50 -15.92 -19.39
N9 4KZ M . 20.56 -16.85 -17.78
O8 4KZ M . 19.58 -17.67 -15.96
N1 4KZ M . 22.96 -16.62 -16.36
N4 4KZ M . 23.18 -17.75 -13.89
PB ADP N . -26.47 9.96 17.96
O1B ADP N . -27.18 8.67 18.27
O2B ADP N . -25.23 9.81 17.11
O3B ADP N . -26.27 10.83 19.17
PA ADP N . -28.64 11.78 17.46
O1A ADP N . -28.52 12.08 18.94
O2A ADP N . -28.61 12.93 16.49
O3A ADP N . -27.50 10.73 16.99
O5' ADP N . -30.00 10.97 17.25
C5' ADP N . -30.31 9.81 18.04
C4' ADP N . -31.82 9.59 17.97
O4' ADP N . -32.17 8.36 18.58
C3' ADP N . -32.57 10.68 18.71
O3' ADP N . -33.40 11.39 17.77
C2' ADP N . -33.46 9.98 19.71
O2' ADP N . -34.80 10.44 19.58
C1' ADP N . -33.36 8.51 19.35
N9 ADP N . -33.25 7.68 20.56
C8 ADP N . -32.16 6.98 20.90
N7 ADP N . -32.34 6.31 22.07
C5 ADP N . -33.59 6.58 22.49
C6 ADP N . -34.41 6.19 23.65
N6 ADP N . -33.93 5.36 24.60
N1 ADP N . -35.65 6.69 23.72
C2 ADP N . -36.13 7.51 22.77
N3 ADP N . -35.45 7.91 21.69
C4 ADP N . -34.18 7.47 21.49
C2 4KZ O . -22.41 -14.74 10.01
C3 4KZ O . -23.50 -14.10 10.60
C5 4KZ O . -24.45 -13.75 8.51
C6 4KZ O . -23.38 -14.39 7.91
C7 4KZ O . -21.29 -15.31 10.83
C10 4KZ O . -20.10 -15.39 12.96
C11 4KZ O . -19.50 -14.27 13.78
O19 4KZ O . -21.49 -16.06 14.79
C18 4KZ O . -20.75 -16.40 13.87
N20 4KZ O . -20.46 -17.66 13.64
C21 4KZ O . -20.92 -18.74 14.47
C22 4KZ O . -20.90 -20.02 13.62
C23 4KZ O . -21.98 -20.01 12.56
C24 4KZ O . -21.68 -20.25 11.23
C25 4KZ O . -22.67 -20.26 10.26
C26 4KZ O . -23.99 -20.04 10.62
C27 4KZ O . -24.28 -19.82 11.95
C28 4KZ O . -23.28 -19.80 12.92
B29 4KZ O . -20.04 -18.88 15.75
O30 4KZ O . -18.64 -18.82 15.40
O31 4KZ O . -20.26 -17.82 16.68
C12 4KZ O . -18.33 -14.77 14.57
C13 4KZ O . -17.18 -15.18 13.90
C14 4KZ O . -16.07 -15.63 14.61
C15 4KZ O . -16.13 -15.67 16.00
C16 4KZ O . -17.27 -15.24 16.69
C17 4KZ O . -18.38 -14.78 15.97
N9 4KZ O . -21.05 -14.79 12.03
O8 4KZ O . -20.66 -16.27 10.38
N1 4KZ O . -22.39 -14.87 8.67
N4 4KZ O . -24.49 -13.62 9.84
PB ADP P . 28.43 -2.50 15.63
O1B ADP P . 28.86 -3.76 14.92
O2B ADP P . 27.15 -2.65 16.42
O3B ADP P . 28.50 -1.27 14.76
PA ADP P . 29.95 -0.75 17.18
O1A ADP P . 31.14 -0.35 16.33
O2A ADP P . 28.70 0.09 17.16
O3A ADP P . 29.55 -2.26 16.75
O5' ADP P . 30.41 -0.91 18.70
C5' ADP P . 31.34 -1.93 19.04
C4' ADP P . 31.60 -1.95 20.55
O4' ADP P . 32.56 -2.94 20.83
C3' ADP P . 32.15 -0.62 21.02
O3' ADP P . 31.32 -0.14 22.07
C2' ADP P . 33.54 -0.92 21.56
O2' ADP P . 33.64 -0.43 22.90
C1' ADP P . 33.66 -2.43 21.57
N9 ADP P . 34.90 -2.85 20.90
C8 ADP P . 35.00 -3.18 19.60
N7 ADP P . 36.27 -3.55 19.28
C5 ADP P . 37.00 -3.47 20.40
C6 ADP P . 38.41 -3.71 20.76
N6 ADP P . 39.31 -4.14 19.85
N1 ADP P . 38.75 -3.50 22.05
C2 ADP P . 37.88 -3.08 22.97
N3 ADP P . 36.58 -2.84 22.71
C4 ADP P . 36.09 -3.01 21.46
C2 4KZ Q . 20.94 -20.50 9.97
C3 4KZ Q . 21.65 -19.61 10.73
C5 4KZ Q . 20.88 -20.66 12.67
C6 4KZ Q . 20.15 -21.55 11.89
C7 4KZ Q . 20.97 -20.43 8.48
C10 4KZ Q . 22.36 -20.25 6.49
C11 4KZ Q . 22.55 -18.86 5.92
O19 4KZ Q . 24.49 -21.05 7.04
C18 4KZ Q . 23.56 -21.08 6.24
N20 4KZ Q . 23.37 -21.95 5.27
C21 4KZ Q . 23.79 -23.32 5.46
C22 4KZ Q . 22.47 -24.06 5.52
C23 4KZ Q . 22.30 -24.94 6.71
C24 4KZ Q . 22.45 -24.42 7.98
C25 4KZ Q . 22.26 -25.22 9.09
C26 4KZ Q . 21.89 -26.53 8.95
C27 4KZ Q . 21.72 -27.06 7.68
C28 4KZ Q . 21.92 -26.26 6.56
B29 4KZ Q . 24.65 -23.76 4.29
O30 4KZ Q . 23.81 -24.23 3.23
O31 4KZ Q . 25.41 -22.62 3.85
C12 4KZ Q . 22.73 -18.98 4.42
C13 4KZ Q . 23.96 -18.78 3.80
C14 4KZ Q . 24.09 -18.93 2.41
C15 4KZ Q . 22.99 -19.27 1.64
C16 4KZ Q . 21.76 -19.45 2.26
C17 4KZ Q . 21.64 -19.32 3.64
N9 4KZ Q . 22.15 -20.27 7.92
O8 4KZ Q . 19.96 -20.55 7.84
N1 4KZ Q . 20.20 -21.47 10.56
N4 4KZ Q . 21.61 -19.71 12.07
C2 4KZ R . -0.60 -19.22 22.53
C3 4KZ R . -0.81 -18.32 23.55
C5 4KZ R . -2.98 -19.10 23.76
C6 4KZ R . -2.77 -20.00 22.73
C7 4KZ R . 0.73 -19.28 21.86
C10 4KZ R . 3.03 -19.85 22.13
C11 4KZ R . 3.70 -18.51 21.93
O19 4KZ R . 3.37 -20.69 24.29
C18 4KZ R . 3.73 -20.71 23.12
N20 4KZ R . 4.57 -21.54 22.55
C21 4KZ R . 4.83 -22.84 23.06
C22 4KZ R . 4.12 -23.68 21.98
C23 4KZ R . 2.75 -24.25 22.33
C24 4KZ R . 2.07 -24.97 21.35
C25 4KZ R . 0.81 -25.52 21.62
C26 4KZ R . 0.21 -25.35 22.84
C27 4KZ R . 0.90 -24.64 23.80
C28 4KZ R . 2.16 -24.07 23.56
B29 4KZ R . 6.33 -23.09 23.24
O30 4KZ R . 7.04 -22.89 22.00
O31 4KZ R . 6.95 -22.20 24.19
C12 4KZ R . 5.04 -18.70 21.26
C13 4KZ R . 6.16 -18.01 21.77
C14 4KZ R . 7.42 -18.17 21.17
C15 4KZ R . 7.56 -19.03 20.07
C16 4KZ R . 6.47 -19.71 19.57
C17 4KZ R . 5.21 -19.54 20.15
N9 4KZ R . 1.70 -19.70 22.63
O8 4KZ R . 0.89 -18.97 20.69
N1 4KZ R . -1.57 -20.04 22.14
N4 4KZ R . -2.00 -18.28 24.15
#